data_8ECJ
#
_entry.id   8ECJ
#
_entity_poly.entity_id   1
_entity_poly.type   'polypeptide(L)'
_entity_poly.pdbx_seq_one_letter_code
;MADISRAEVATLIQEAYSDTLLAAAKQGSTVLSAFQNVNMGTKTTHLPVLATLPEAGWVGESATEPEGVIPTSKVTWANR
TLVAEEVAVIIPVPEAVIDDATVAILTEVAEQGGQAIGKKLDQAVIFGIDKPASWVSPALVPAAVAAGQAIAHVSGVANE
FDLVGASNKVAEKVALAGWAPDTLLSSLALRYQVANVRDADGNLAFRDGSFLGFNTHFNRNGAWAPTSAVGVIADSSRVK
IGVRQDITVKFLDQATLGTGENQINLAERDMVALRLKARFAYVLGVSATSVGANQTPVGVVTPDVTA
;
_entity_poly.pdbx_strand_id   A,F,G,E,B,C,D,H,I
#
# COMPACT_ATOMS: atom_id res chain seq x y z
N ALA A 2 -89.64 -14.20 108.89
CA ALA A 2 -88.97 -15.41 109.34
C ALA A 2 -87.61 -15.67 108.66
N ASP A 3 -87.28 -14.91 107.62
CA ASP A 3 -85.97 -14.94 106.95
C ASP A 3 -85.61 -13.56 106.40
N ILE A 4 -84.31 -13.26 106.33
CA ILE A 4 -83.80 -12.03 105.72
C ILE A 4 -83.54 -12.29 104.23
N SER A 5 -84.32 -11.67 103.35
CA SER A 5 -84.02 -11.68 101.91
C SER A 5 -83.01 -10.61 101.53
N ARG A 6 -82.37 -10.74 100.36
CA ARG A 6 -81.55 -9.65 99.81
C ARG A 6 -82.17 -8.27 99.53
N ALA A 7 -83.50 -8.13 99.53
CA ALA A 7 -84.18 -6.85 99.54
C ALA A 7 -84.13 -6.20 100.93
N GLU A 8 -84.35 -6.97 101.99
CA GLU A 8 -84.38 -6.49 103.38
C GLU A 8 -83.00 -6.08 103.90
N VAL A 9 -81.93 -6.49 103.24
CA VAL A 9 -80.57 -6.01 103.51
C VAL A 9 -80.31 -4.60 102.94
N ALA A 10 -81.18 -4.12 102.03
CA ALA A 10 -81.10 -2.79 101.42
C ALA A 10 -79.70 -2.45 100.89
N THR A 11 -79.27 -1.19 101.01
CA THR A 11 -78.01 -0.67 100.45
C THR A 11 -76.74 -1.17 101.16
N LEU A 12 -76.83 -2.12 102.10
CA LEU A 12 -75.63 -2.79 102.63
C LEU A 12 -74.95 -3.65 101.57
N ILE A 13 -75.71 -4.17 100.61
CA ILE A 13 -75.19 -4.76 99.39
C ILE A 13 -75.06 -3.64 98.35
N GLN A 14 -73.83 -3.38 97.91
CA GLN A 14 -73.50 -2.29 96.99
C GLN A 14 -73.20 -2.83 95.60
N GLU A 15 -73.83 -2.27 94.57
CA GLU A 15 -73.45 -2.50 93.18
C GLU A 15 -72.06 -1.91 92.89
N ALA A 16 -71.37 -2.43 91.89
CA ALA A 16 -69.98 -2.11 91.58
C ALA A 16 -69.79 -1.62 90.14
N TYR A 17 -68.71 -0.90 89.91
CA TYR A 17 -68.34 -0.37 88.60
C TYR A 17 -67.01 -0.75 87.94
N SER A 18 -66.95 -0.72 86.60
CA SER A 18 -65.71 -1.02 85.86
C SER A 18 -65.57 -0.23 84.56
N ASP A 19 -64.34 0.15 84.23
CA ASP A 19 -63.96 0.79 82.97
C ASP A 19 -63.81 -0.20 81.81
N THR A 20 -63.82 -1.51 82.07
CA THR A 20 -63.17 -2.50 81.19
C THR A 20 -63.67 -2.49 79.76
N LEU A 21 -64.96 -2.21 79.52
CA LEU A 21 -65.54 -2.15 78.18
C LEU A 21 -65.70 -0.72 77.63
N LEU A 22 -65.35 0.31 78.40
CA LEU A 22 -65.62 1.71 78.06
C LEU A 22 -64.71 2.23 76.95
N ALA A 23 -63.42 1.94 77.04
CA ALA A 23 -62.42 2.45 76.11
C ALA A 23 -62.68 1.97 74.68
N ALA A 24 -62.71 2.90 73.73
CA ALA A 24 -62.90 2.65 72.31
C ALA A 24 -61.86 3.45 71.49
N ALA A 25 -61.22 2.79 70.52
CA ALA A 25 -60.25 3.42 69.63
C ALA A 25 -60.90 4.39 68.65
N LYS A 26 -60.24 5.51 68.36
CA LYS A 26 -60.67 6.50 67.38
C LYS A 26 -59.84 6.36 66.10
N GLN A 27 -60.50 6.39 64.95
CA GLN A 27 -59.89 6.24 63.63
C GLN A 27 -59.88 7.57 62.90
N GLY A 28 -58.70 8.04 62.49
CA GLY A 28 -58.54 9.30 61.78
C GLY A 28 -59.03 9.27 60.34
N SER A 29 -58.94 10.39 59.63
CA SER A 29 -59.12 10.41 58.18
C SER A 29 -58.05 9.57 57.49
N THR A 30 -58.43 8.89 56.42
CA THR A 30 -57.55 8.15 55.51
C THR A 30 -56.80 9.13 54.62
N VAL A 31 -57.50 10.09 54.04
CA VAL A 31 -56.90 10.97 53.03
C VAL A 31 -55.88 11.92 53.65
N LEU A 32 -56.06 12.35 54.91
CA LEU A 32 -55.09 13.21 55.60
C LEU A 32 -53.77 12.51 55.94
N SER A 33 -53.67 11.19 55.82
CA SER A 33 -52.42 10.45 56.00
C SER A 33 -51.93 9.78 54.72
N ALA A 34 -52.81 9.53 53.75
CA ALA A 34 -52.45 9.02 52.44
C ALA A 34 -51.76 10.07 51.55
N PHE A 35 -52.09 11.36 51.71
CA PHE A 35 -51.73 12.43 50.79
C PHE A 35 -51.12 13.63 51.52
N GLN A 36 -50.44 14.51 50.79
CA GLN A 36 -49.84 15.70 51.39
C GLN A 36 -50.91 16.69 51.87
N ASN A 37 -50.78 17.15 53.11
CA ASN A 37 -51.57 18.25 53.64
C ASN A 37 -50.92 19.58 53.25
N VAL A 38 -51.62 20.40 52.49
CA VAL A 38 -51.16 21.69 51.99
C VAL A 38 -51.81 22.78 52.85
N ASN A 39 -51.01 23.64 53.45
CA ASN A 39 -51.53 24.75 54.25
C ASN A 39 -52.25 25.78 53.38
N MET A 40 -53.32 26.40 53.86
CA MET A 40 -54.01 27.50 53.16
C MET A 40 -54.21 28.67 54.12
N GLY A 41 -54.09 29.90 53.63
CA GLY A 41 -54.32 31.12 54.41
C GLY A 41 -55.60 31.88 54.02
N THR A 42 -56.36 31.35 53.07
CA THR A 42 -57.51 31.99 52.43
C THR A 42 -58.39 30.90 51.80
N LYS A 43 -59.60 31.24 51.36
CA LYS A 43 -60.53 30.25 50.80
C LYS A 43 -59.98 29.56 49.55
N THR A 44 -59.38 30.29 48.62
CA THR A 44 -58.92 29.73 47.34
C THR A 44 -57.41 29.76 47.19
N THR A 45 -56.81 28.63 46.86
CA THR A 45 -55.42 28.53 46.38
C THR A 45 -55.41 28.04 44.94
N HIS A 46 -54.71 28.72 44.06
CA HIS A 46 -54.46 28.34 42.67
C HIS A 46 -53.14 27.58 42.54
N LEU A 47 -53.16 26.50 41.78
CA LEU A 47 -52.00 25.65 41.51
C LEU A 47 -51.81 25.52 40.00
N PRO A 48 -50.75 26.09 39.41
CA PRO A 48 -50.44 25.88 38.01
C PRO A 48 -49.92 24.46 37.76
N VAL A 49 -50.30 23.87 36.63
CA VAL A 49 -49.84 22.57 36.16
C VAL A 49 -49.44 22.62 34.70
N LEU A 50 -48.49 21.80 34.28
CA LEU A 50 -48.12 21.66 32.87
C LEU A 50 -49.30 21.10 32.06
N ALA A 51 -49.58 21.62 30.88
CA ALA A 51 -50.76 21.22 30.11
C ALA A 51 -50.48 20.68 28.70
N THR A 52 -49.39 21.08 28.05
CA THR A 52 -48.94 20.51 26.76
C THR A 52 -47.43 20.50 26.61
N LEU A 53 -46.93 19.63 25.74
CA LEU A 53 -45.52 19.39 25.47
C LEU A 53 -45.11 20.00 24.12
N PRO A 54 -43.87 20.52 23.96
CA PRO A 54 -43.36 20.98 22.67
C PRO A 54 -42.96 19.81 21.77
N GLU A 55 -42.80 20.05 20.48
CA GLU A 55 -42.33 19.05 19.51
C GLU A 55 -41.11 19.54 18.75
N ALA A 56 -40.03 18.76 18.77
CA ALA A 56 -38.87 18.99 17.92
C ALA A 56 -39.05 18.42 16.51
N GLY A 57 -38.13 18.73 15.62
CA GLY A 57 -38.04 18.13 14.28
C GLY A 57 -36.61 17.92 13.85
N TRP A 58 -36.40 17.04 12.87
CA TRP A 58 -35.13 16.91 12.18
C TRP A 58 -34.95 18.04 11.17
N VAL A 59 -33.71 18.51 11.02
CA VAL A 59 -33.37 19.73 10.29
C VAL A 59 -32.21 19.47 9.34
N GLY A 60 -32.31 19.93 8.09
CA GLY A 60 -31.24 19.82 7.10
C GLY A 60 -30.15 20.88 7.26
N GLU A 61 -29.35 21.06 6.22
CA GLU A 61 -28.59 22.30 6.01
C GLU A 61 -28.96 22.92 4.67
N SER A 62 -29.43 24.16 4.69
CA SER A 62 -29.47 25.02 3.51
C SER A 62 -29.63 26.48 3.94
N ALA A 63 -29.36 27.42 3.03
CA ALA A 63 -29.76 28.82 3.16
C ALA A 63 -31.02 29.16 2.36
N THR A 64 -31.65 28.18 1.70
CA THR A 64 -32.61 28.41 0.61
C THR A 64 -33.84 27.53 0.65
N GLU A 65 -33.72 26.28 1.11
CA GLU A 65 -34.81 25.30 1.09
C GLU A 65 -35.75 25.44 2.29
N PRO A 66 -36.99 24.92 2.23
CA PRO A 66 -37.89 24.93 3.37
C PRO A 66 -37.38 24.09 4.53
N GLU A 67 -36.80 22.92 4.26
CA GLU A 67 -36.02 22.19 5.25
C GLU A 67 -34.66 22.86 5.50
N GLY A 68 -34.15 22.76 6.72
CA GLY A 68 -33.04 23.60 7.18
C GLY A 68 -33.50 24.77 8.04
N VAL A 69 -34.79 25.12 7.99
CA VAL A 69 -35.47 26.00 8.95
C VAL A 69 -35.88 25.19 10.18
N ILE A 70 -35.43 25.60 11.36
CA ILE A 70 -35.81 24.94 12.63
C ILE A 70 -37.30 25.21 12.90
N PRO A 71 -38.11 24.20 13.26
CA PRO A 71 -39.53 24.41 13.53
C PRO A 71 -39.76 25.17 14.84
N THR A 72 -40.75 26.05 14.87
CA THR A 72 -41.24 26.63 16.13
C THR A 72 -42.23 25.70 16.82
N SER A 73 -42.24 25.68 18.15
CA SER A 73 -43.21 24.95 18.97
C SER A 73 -43.53 25.68 20.27
N LYS A 74 -44.31 25.05 21.15
CA LYS A 74 -45.04 25.70 22.24
C LYS A 74 -45.10 24.81 23.48
N VAL A 75 -45.09 25.42 24.66
CA VAL A 75 -45.39 24.80 25.96
C VAL A 75 -46.57 25.55 26.55
N THR A 76 -47.48 24.89 27.26
CA THR A 76 -48.61 25.55 27.92
C THR A 76 -48.86 24.99 29.31
N TRP A 77 -49.57 25.75 30.13
CA TRP A 77 -49.96 25.41 31.50
C TRP A 77 -51.45 25.65 31.73
N ALA A 78 -52.01 25.04 32.76
CA ALA A 78 -53.40 25.14 33.17
C ALA A 78 -53.49 25.34 34.68
N ASN A 79 -54.66 25.68 35.18
CA ASN A 79 -54.91 25.97 36.59
C ASN A 79 -55.74 24.88 37.25
N ARG A 80 -55.38 24.49 38.48
CA ARG A 80 -56.16 23.65 39.38
C ARG A 80 -56.35 24.41 40.68
N THR A 81 -57.48 24.27 41.37
CA THR A 81 -57.76 25.05 42.58
C THR A 81 -58.12 24.20 43.78
N LEU A 82 -57.60 24.59 44.94
CA LEU A 82 -58.09 24.19 46.26
C LEU A 82 -59.07 25.25 46.72
N VAL A 83 -60.33 24.89 47.00
CA VAL A 83 -61.33 25.80 47.58
C VAL A 83 -61.77 25.27 48.93
N ALA A 84 -61.52 26.01 50.02
CA ALA A 84 -61.80 25.56 51.37
C ALA A 84 -63.29 25.63 51.72
N GLU A 85 -63.79 24.59 52.36
CA GLU A 85 -65.18 24.41 52.77
C GLU A 85 -65.23 23.88 54.20
N GLU A 86 -66.28 24.19 54.95
CA GLU A 86 -66.35 23.94 56.39
C GLU A 86 -67.20 22.73 56.75
N VAL A 87 -66.66 21.85 57.59
CA VAL A 87 -67.37 20.71 58.17
C VAL A 87 -67.35 20.86 59.70
N ALA A 88 -68.50 20.74 60.33
CA ALA A 88 -68.68 21.11 61.73
C ALA A 88 -69.83 20.38 62.41
N VAL A 89 -69.78 20.30 63.74
CA VAL A 89 -70.86 19.77 64.60
C VAL A 89 -70.87 20.50 65.94
N ILE A 90 -72.04 20.72 66.53
CA ILE A 90 -72.20 21.22 67.92
C ILE A 90 -72.79 20.12 68.78
N ILE A 91 -72.22 19.88 69.96
CA ILE A 91 -72.65 18.84 70.90
C ILE A 91 -72.91 19.44 72.28
N PRO A 92 -74.17 19.74 72.65
CA PRO A 92 -74.55 20.31 73.94
C PRO A 92 -74.73 19.28 75.04
N VAL A 93 -74.39 19.63 76.28
CA VAL A 93 -74.46 18.76 77.47
C VAL A 93 -74.69 19.59 78.75
N PRO A 94 -75.42 19.11 79.77
CA PRO A 94 -75.58 19.84 81.02
C PRO A 94 -74.28 19.88 81.82
N GLU A 95 -73.94 21.00 82.45
CA GLU A 95 -72.64 21.08 83.13
C GLU A 95 -72.58 20.24 84.41
N ALA A 96 -73.72 20.00 85.06
CA ALA A 96 -73.83 19.05 86.15
C ALA A 96 -73.46 17.62 85.73
N VAL A 97 -73.85 17.18 84.53
CA VAL A 97 -73.48 15.87 83.99
C VAL A 97 -71.97 15.76 83.81
N ILE A 98 -71.28 16.82 83.39
CA ILE A 98 -69.82 16.82 83.29
C ILE A 98 -69.19 16.67 84.67
N ASP A 99 -69.71 17.34 85.69
CA ASP A 99 -69.19 17.25 87.06
C ASP A 99 -69.49 15.92 87.74
N ASP A 100 -70.66 15.35 87.50
CA ASP A 100 -71.06 14.05 88.06
C ASP A 100 -70.24 12.87 87.51
N ALA A 101 -69.86 12.92 86.23
CA ALA A 101 -69.22 11.80 85.56
C ALA A 101 -67.80 11.48 86.07
N THR A 102 -67.42 10.21 86.00
CA THR A 102 -66.12 9.69 86.44
C THR A 102 -65.01 9.78 85.39
N VAL A 103 -65.35 10.10 84.14
CA VAL A 103 -64.41 10.33 83.03
C VAL A 103 -64.66 11.70 82.41
N ALA A 104 -63.64 12.27 81.76
CA ALA A 104 -63.75 13.56 81.10
C ALA A 104 -64.65 13.49 79.86
N ILE A 105 -65.96 13.69 80.04
CA ILE A 105 -66.94 13.62 78.96
C ILE A 105 -66.56 14.57 77.82
N LEU A 106 -66.11 15.79 78.11
CA LEU A 106 -65.71 16.73 77.06
C LEU A 106 -64.54 16.21 76.21
N THR A 107 -63.57 15.52 76.81
CA THR A 107 -62.45 14.94 76.06
C THR A 107 -62.94 13.85 75.12
N GLU A 108 -63.78 12.93 75.58
CA GLU A 108 -64.33 11.92 74.69
C GLU A 108 -65.22 12.52 73.61
N VAL A 109 -66.07 13.49 73.95
CA VAL A 109 -66.95 14.17 72.98
C VAL A 109 -66.15 14.90 71.90
N ALA A 110 -65.06 15.57 72.27
CA ALA A 110 -64.17 16.19 71.31
C ALA A 110 -63.55 15.16 70.36
N GLU A 111 -63.09 14.02 70.87
CA GLU A 111 -62.52 12.96 70.03
C GLU A 111 -63.56 12.29 69.12
N GLN A 112 -64.76 12.01 69.62
CA GLN A 112 -65.86 11.48 68.81
C GLN A 112 -66.26 12.46 67.70
N GLY A 113 -66.34 13.76 67.98
CA GLY A 113 -66.62 14.77 66.97
C GLY A 113 -65.51 14.94 65.96
N GLY A 114 -64.25 14.85 66.38
CA GLY A 114 -63.10 14.83 65.47
C GLY A 114 -63.13 13.65 64.51
N GLN A 115 -63.46 12.46 65.00
CA GLN A 115 -63.70 11.29 64.16
C GLN A 115 -64.87 11.48 63.18
N ALA A 116 -65.98 12.08 63.62
CA ALA A 116 -67.13 12.33 62.75
C ALA A 116 -66.80 13.27 61.59
N ILE A 117 -65.94 14.27 61.82
CA ILE A 117 -65.37 15.13 60.79
C ILE A 117 -64.44 14.35 59.86
N GLY A 118 -63.55 13.53 60.41
CA GLY A 118 -62.64 12.68 59.62
C GLY A 118 -63.36 11.76 58.64
N LYS A 119 -64.45 11.11 59.08
CA LYS A 119 -65.33 10.32 58.21
C LYS A 119 -65.91 11.16 57.08
N LYS A 120 -66.47 12.33 57.39
CA LYS A 120 -67.17 13.17 56.41
C LYS A 120 -66.20 13.70 55.34
N LEU A 121 -64.96 14.00 55.69
CA LEU A 121 -63.90 14.35 54.73
C LEU A 121 -63.57 13.18 53.79
N ASP A 122 -63.28 12.00 54.32
CA ASP A 122 -62.96 10.83 53.51
C ASP A 122 -64.08 10.49 52.51
N GLN A 123 -65.33 10.53 52.94
CA GLN A 123 -66.48 10.31 52.07
C GLN A 123 -66.52 11.26 50.88
N ALA A 124 -66.21 12.55 51.10
CA ALA A 124 -66.25 13.56 50.07
C ALA A 124 -65.11 13.43 49.08
N VAL A 125 -63.88 13.26 49.56
CA VAL A 125 -62.69 13.16 48.70
C VAL A 125 -62.65 11.89 47.87
N ILE A 126 -62.95 10.73 48.46
CA ILE A 126 -62.81 9.45 47.75
C ILE A 126 -64.01 9.19 46.85
N PHE A 127 -65.23 9.29 47.38
CA PHE A 127 -66.43 8.84 46.68
C PHE A 127 -67.27 9.96 46.09
N GLY A 128 -67.06 11.20 46.52
CA GLY A 128 -67.93 12.32 46.17
C GLY A 128 -69.21 12.40 46.99
N ILE A 129 -69.33 11.59 48.04
CA ILE A 129 -70.50 11.56 48.92
C ILE A 129 -70.53 12.85 49.74
N ASP A 130 -71.61 13.62 49.64
CA ASP A 130 -71.74 14.96 50.24
C ASP A 130 -70.60 15.92 49.84
N LYS A 131 -69.98 15.75 48.67
CA LYS A 131 -68.93 16.67 48.21
C LYS A 131 -69.49 18.08 48.02
N PRO A 132 -68.81 19.13 48.50
CA PRO A 132 -69.20 20.51 48.24
C PRO A 132 -69.25 20.84 46.75
N ALA A 133 -70.22 21.64 46.32
CA ALA A 133 -70.37 22.03 44.92
C ALA A 133 -69.20 22.88 44.39
N SER A 134 -68.49 23.55 45.29
CA SER A 134 -67.33 24.40 44.98
C SER A 134 -66.04 23.62 44.74
N TRP A 135 -65.93 22.34 45.11
CA TRP A 135 -64.74 21.54 44.80
C TRP A 135 -64.78 21.09 43.33
N VAL A 136 -64.05 21.76 42.44
CA VAL A 136 -64.09 21.51 40.99
C VAL A 136 -63.37 20.23 40.55
N SER A 137 -62.41 19.72 41.32
CA SER A 137 -61.85 18.39 41.04
C SER A 137 -62.91 17.32 41.29
N PRO A 138 -63.16 16.39 40.35
CA PRO A 138 -64.02 15.25 40.61
C PRO A 138 -63.40 14.35 41.69
N ALA A 139 -64.21 13.75 42.56
CA ALA A 139 -63.70 12.86 43.61
C ALA A 139 -63.00 11.64 43.03
N LEU A 140 -62.13 10.97 43.80
CA LEU A 140 -61.21 9.95 43.26
C LEU A 140 -61.90 8.84 42.46
N VAL A 141 -63.01 8.29 42.94
CA VAL A 141 -63.75 7.25 42.21
C VAL A 141 -64.39 7.81 40.92
N PRO A 142 -65.19 8.89 40.93
CA PRO A 142 -65.68 9.52 39.71
C PRO A 142 -64.60 9.94 38.71
N ALA A 143 -63.47 10.48 39.19
CA ALA A 143 -62.36 10.89 38.34
C ALA A 143 -61.77 9.70 37.59
N ALA A 144 -61.47 8.61 38.29
CA ALA A 144 -60.97 7.38 37.68
C ALA A 144 -61.94 6.79 36.67
N VAL A 145 -63.24 6.80 36.94
CA VAL A 145 -64.27 6.34 36.00
C VAL A 145 -64.32 7.22 34.75
N ALA A 146 -64.34 8.55 34.89
CA ALA A 146 -64.39 9.47 33.76
C ALA A 146 -63.15 9.38 32.87
N ALA A 147 -61.98 9.13 33.46
CA ALA A 147 -60.73 8.91 32.76
C ALA A 147 -60.64 7.56 32.02
N GLY A 148 -61.61 6.65 32.17
CA GLY A 148 -61.52 5.29 31.63
C GLY A 148 -60.48 4.42 32.34
N GLN A 149 -60.17 4.72 33.60
CA GLN A 149 -59.21 4.00 34.44
C GLN A 149 -59.91 3.21 35.55
N ALA A 150 -61.17 2.84 35.33
CA ALA A 150 -61.92 1.91 36.16
C ALA A 150 -61.88 0.51 35.55
N ILE A 151 -61.51 -0.49 36.35
CA ILE A 151 -61.55 -1.91 35.98
C ILE A 151 -62.57 -2.61 36.87
N ALA A 152 -63.54 -3.30 36.31
CA ALA A 152 -64.45 -4.12 37.09
C ALA A 152 -63.75 -5.38 37.61
N HIS A 153 -63.84 -5.63 38.91
CA HIS A 153 -63.40 -6.88 39.53
C HIS A 153 -64.21 -8.08 38.99
N VAL A 154 -63.56 -9.22 38.79
CA VAL A 154 -64.21 -10.49 38.49
C VAL A 154 -63.96 -11.47 39.63
N SER A 155 -65.01 -11.74 40.39
CA SER A 155 -65.02 -12.60 41.56
C SER A 155 -65.05 -14.08 41.19
N GLY A 156 -64.87 -14.95 42.18
CA GLY A 156 -64.78 -16.40 41.98
C GLY A 156 -63.34 -16.86 41.85
N VAL A 157 -63.05 -17.67 40.84
CA VAL A 157 -61.71 -18.25 40.63
C VAL A 157 -60.69 -17.15 40.34
N ALA A 158 -59.46 -17.30 40.84
CA ALA A 158 -58.35 -16.42 40.49
C ALA A 158 -58.20 -16.31 38.97
N ASN A 159 -58.03 -15.10 38.46
CA ASN A 159 -58.05 -14.78 37.04
C ASN A 159 -57.41 -13.41 36.82
N GLU A 160 -57.10 -13.01 35.59
CA GLU A 160 -56.39 -11.74 35.36
C GLU A 160 -57.16 -10.48 35.82
N PHE A 161 -58.46 -10.55 36.06
CA PHE A 161 -59.30 -9.51 36.66
C PHE A 161 -59.75 -9.84 38.09
N ASP A 162 -59.11 -10.79 38.77
CA ASP A 162 -59.38 -11.03 40.18
C ASP A 162 -58.90 -9.85 41.04
N LEU A 163 -58.98 -10.00 42.34
CA LEU A 163 -58.74 -8.93 43.28
C LEU A 163 -57.32 -8.33 43.18
N VAL A 164 -56.34 -9.16 42.87
CA VAL A 164 -54.95 -8.75 42.61
C VAL A 164 -54.76 -8.32 41.17
N GLY A 165 -55.31 -9.06 40.21
CA GLY A 165 -55.15 -8.81 38.79
C GLY A 165 -55.81 -7.53 38.33
N ALA A 166 -57.01 -7.22 38.79
CA ALA A 166 -57.64 -5.94 38.49
C ALA A 166 -56.85 -4.78 39.08
N SER A 167 -56.29 -4.93 40.28
CA SER A 167 -55.41 -3.92 40.86
C SER A 167 -54.16 -3.69 40.01
N ASN A 168 -53.54 -4.77 39.52
CA ASN A 168 -52.41 -4.67 38.60
C ASN A 168 -52.79 -4.00 37.28
N LYS A 169 -53.95 -4.33 36.69
CA LYS A 169 -54.41 -3.69 35.46
C LYS A 169 -54.65 -2.20 35.62
N VAL A 170 -55.18 -1.78 36.77
CA VAL A 170 -55.33 -0.36 37.10
C VAL A 170 -53.98 0.32 37.24
N ALA A 171 -53.02 -0.27 37.94
CA ALA A 171 -51.69 0.31 38.05
C ALA A 171 -50.98 0.41 36.70
N GLU A 172 -51.17 -0.56 35.81
CA GLU A 172 -50.67 -0.48 34.44
C GLU A 172 -51.24 0.75 33.73
N LYS A 173 -52.56 0.97 33.77
CA LYS A 173 -53.16 2.16 33.17
C LYS A 173 -52.60 3.45 33.76
N VAL A 174 -52.46 3.55 35.08
CA VAL A 174 -51.92 4.76 35.71
C VAL A 174 -50.44 4.97 35.34
N ALA A 175 -49.63 3.93 35.26
CA ALA A 175 -48.25 4.03 34.83
C ALA A 175 -48.12 4.39 33.35
N LEU A 176 -48.96 3.86 32.47
CA LEU A 176 -48.99 4.22 31.06
C LEU A 176 -49.56 5.62 30.81
N ALA A 177 -50.29 6.21 31.73
CA ALA A 177 -50.63 7.63 31.73
C ALA A 177 -49.41 8.52 32.05
N GLY A 178 -48.30 7.94 32.50
CA GLY A 178 -47.06 8.64 32.84
C GLY A 178 -46.93 8.98 34.32
N TRP A 179 -47.90 8.60 35.15
CA TRP A 179 -47.85 8.78 36.60
C TRP A 179 -47.14 7.62 37.30
N ALA A 180 -46.89 7.72 38.60
CA ALA A 180 -46.27 6.66 39.38
C ALA A 180 -47.26 6.14 40.43
N PRO A 181 -48.07 5.11 40.12
CA PRO A 181 -49.05 4.60 41.06
C PRO A 181 -48.33 3.97 42.24
N ASP A 182 -48.54 4.51 43.43
CA ASP A 182 -47.75 4.14 44.61
C ASP A 182 -48.58 3.90 45.85
N THR A 183 -49.88 4.17 45.79
CA THR A 183 -50.76 4.22 46.94
C THR A 183 -52.05 3.48 46.63
N LEU A 184 -52.52 2.66 47.55
CA LEU A 184 -53.77 1.91 47.46
C LEU A 184 -54.66 2.25 48.66
N LEU A 185 -55.87 2.72 48.42
CA LEU A 185 -56.89 2.94 49.44
C LEU A 185 -57.93 1.83 49.36
N SER A 186 -58.33 1.26 50.49
CA SER A 186 -59.43 0.29 50.54
C SER A 186 -60.04 0.16 51.93
N SER A 187 -61.20 -0.48 52.08
CA SER A 187 -61.64 -0.96 53.40
C SER A 187 -60.76 -2.10 53.87
N LEU A 188 -60.87 -2.46 55.14
CA LEU A 188 -60.13 -3.59 55.70
C LEU A 188 -60.51 -4.93 55.07
N ALA A 189 -61.63 -5.02 54.35
CA ALA A 189 -62.12 -6.23 53.70
C ALA A 189 -61.21 -6.71 52.56
N LEU A 190 -60.51 -5.83 51.86
CA LEU A 190 -59.62 -6.21 50.76
C LEU A 190 -58.54 -7.17 51.24
N ARG A 191 -58.02 -6.94 52.44
CA ARG A 191 -56.99 -7.77 53.07
C ARG A 191 -57.49 -9.18 53.36
N TYR A 192 -58.70 -9.31 53.89
CA TYR A 192 -59.31 -10.62 54.13
C TYR A 192 -59.66 -11.32 52.82
N GLN A 193 -60.14 -10.62 51.80
CA GLN A 193 -60.55 -11.24 50.56
C GLN A 193 -59.38 -11.72 49.71
N VAL A 194 -58.26 -11.01 49.64
CA VAL A 194 -57.05 -11.52 48.97
C VAL A 194 -56.49 -12.74 49.67
N ALA A 195 -56.53 -12.80 50.99
CA ALA A 195 -56.13 -13.99 51.75
C ALA A 195 -57.05 -15.21 51.55
N ASN A 196 -58.11 -15.13 50.74
CA ASN A 196 -59.08 -16.21 50.56
C ASN A 196 -59.44 -16.53 49.10
N VAL A 197 -59.05 -15.74 48.09
CA VAL A 197 -59.32 -16.08 46.69
C VAL A 197 -58.60 -17.37 46.29
N ARG A 198 -59.28 -18.22 45.52
CA ARG A 198 -58.86 -19.59 45.21
C ARG A 198 -58.50 -19.78 43.76
N ASP A 199 -57.47 -20.57 43.47
CA ASP A 199 -57.23 -21.03 42.12
C ASP A 199 -58.28 -22.05 41.66
N ALA A 200 -58.24 -22.51 40.41
CA ALA A 200 -59.27 -23.39 39.87
C ALA A 200 -59.35 -24.76 40.58
N ASP A 201 -58.30 -25.18 41.28
CA ASP A 201 -58.31 -26.40 42.10
C ASP A 201 -58.79 -26.16 43.53
N GLY A 202 -58.99 -24.91 43.93
CA GLY A 202 -59.53 -24.54 45.24
C GLY A 202 -58.47 -24.26 46.30
N ASN A 203 -57.19 -24.22 45.94
CA ASN A 203 -56.12 -23.81 46.86
C ASN A 203 -56.09 -22.29 47.01
N LEU A 204 -55.51 -21.78 48.09
CA LEU A 204 -55.27 -20.36 48.27
C LEU A 204 -54.30 -19.84 47.20
N ALA A 205 -54.72 -18.87 46.38
CA ALA A 205 -53.88 -18.39 45.28
C ALA A 205 -52.75 -17.46 45.74
N PHE A 206 -52.95 -16.68 46.81
CA PHE A 206 -52.03 -15.65 47.29
C PHE A 206 -51.72 -15.84 48.79
N ARG A 207 -50.91 -16.85 49.12
CA ARG A 207 -50.50 -17.13 50.52
C ARG A 207 -49.60 -16.04 51.11
N ASP A 208 -48.88 -15.31 50.26
CA ASP A 208 -48.20 -14.05 50.61
C ASP A 208 -48.95 -12.86 49.97
N GLY A 209 -49.23 -11.81 50.74
CA GLY A 209 -50.08 -10.69 50.31
C GLY A 209 -49.48 -9.91 49.13
N SER A 210 -50.21 -9.86 48.01
CA SER A 210 -49.63 -9.44 46.71
C SER A 210 -49.65 -7.92 46.46
N PHE A 211 -49.98 -7.09 47.44
CA PHE A 211 -50.00 -5.62 47.31
C PHE A 211 -48.67 -4.94 47.63
N LEU A 212 -47.57 -5.69 47.68
CA LEU A 212 -46.24 -5.10 47.62
C LEU A 212 -46.13 -4.19 46.38
N GLY A 213 -45.40 -3.09 46.51
CA GLY A 213 -45.35 -2.04 45.50
C GLY A 213 -46.45 -0.98 45.62
N PHE A 214 -47.38 -1.12 46.58
CA PHE A 214 -48.25 -0.03 47.04
C PHE A 214 -48.02 0.24 48.53
N ASN A 215 -48.01 1.51 48.93
CA ASN A 215 -48.39 1.89 50.29
C ASN A 215 -49.89 1.67 50.44
N THR A 216 -50.31 0.81 51.37
CA THR A 216 -51.72 0.47 51.52
C THR A 216 -52.29 1.18 52.72
N HIS A 217 -53.38 1.94 52.54
CA HIS A 217 -54.11 2.59 53.62
C HIS A 217 -55.49 1.98 53.74
N PHE A 218 -55.84 1.49 54.92
CA PHE A 218 -57.14 0.89 55.16
C PHE A 218 -58.07 1.88 55.87
N ASN A 219 -59.24 2.11 55.31
CA ASN A 219 -60.25 2.97 55.92
C ASN A 219 -60.98 2.23 57.04
N ARG A 220 -60.82 2.69 58.29
CA ARG A 220 -61.50 2.11 59.46
C ARG A 220 -62.59 3.00 60.06
N ASN A 221 -62.69 4.28 59.67
CA ASN A 221 -63.68 5.22 60.21
C ASN A 221 -65.09 5.08 59.63
N GLY A 222 -65.34 4.07 58.80
CA GLY A 222 -66.67 3.82 58.24
C GLY A 222 -67.04 4.69 57.05
N ALA A 223 -66.11 5.45 56.48
CA ALA A 223 -66.34 6.22 55.27
C ALA A 223 -66.44 5.37 53.99
N TRP A 224 -65.79 4.20 53.94
CA TRP A 224 -65.70 3.42 52.70
C TRP A 224 -67.07 3.01 52.16
N ALA A 225 -67.31 3.21 50.86
CA ALA A 225 -68.51 2.79 50.18
C ALA A 225 -68.22 1.54 49.32
N PRO A 226 -68.45 0.31 49.83
CA PRO A 226 -68.07 -0.92 49.14
C PRO A 226 -68.87 -1.19 47.85
N THR A 227 -70.01 -0.54 47.66
CA THR A 227 -70.79 -0.59 46.42
C THR A 227 -70.24 0.35 45.33
N SER A 228 -69.37 1.30 45.68
CA SER A 228 -68.71 2.18 44.71
C SER A 228 -67.37 1.65 44.26
N ALA A 229 -66.52 1.19 45.18
CA ALA A 229 -65.19 0.70 44.85
C ALA A 229 -64.69 -0.41 45.78
N VAL A 230 -63.86 -1.29 45.24
CA VAL A 230 -63.09 -2.30 45.97
C VAL A 230 -61.78 -1.72 46.44
N GLY A 231 -61.11 -0.92 45.61
CA GLY A 231 -59.89 -0.21 45.96
C GLY A 231 -59.60 0.91 44.98
N VAL A 232 -58.96 1.96 45.46
CA VAL A 232 -58.56 3.14 44.67
C VAL A 232 -57.05 3.19 44.64
N ILE A 233 -56.46 3.26 43.45
CA ILE A 233 -55.01 3.25 43.24
C ILE A 233 -54.61 4.60 42.69
N ALA A 234 -53.65 5.27 43.32
CA ALA A 234 -53.27 6.63 42.97
C ALA A 234 -51.76 6.84 42.97
N ASP A 235 -51.31 7.81 42.21
CA ASP A 235 -50.04 8.46 42.45
C ASP A 235 -50.24 9.50 43.55
N SER A 236 -49.84 9.17 44.77
CA SER A 236 -50.06 10.05 45.92
C SER A 236 -49.35 11.39 45.83
N SER A 237 -48.43 11.60 44.90
CA SER A 237 -47.84 12.92 44.69
C SER A 237 -48.82 13.91 44.06
N ARG A 238 -49.88 13.41 43.40
CA ARG A 238 -50.81 14.21 42.60
C ARG A 238 -52.15 14.49 43.25
N VAL A 239 -52.38 14.01 44.48
CA VAL A 239 -53.55 14.39 45.27
C VAL A 239 -53.06 15.26 46.41
N LYS A 240 -53.65 16.43 46.61
CA LYS A 240 -53.34 17.29 47.75
C LYS A 240 -54.61 17.56 48.53
N ILE A 241 -54.52 17.55 49.85
CA ILE A 241 -55.61 17.96 50.72
C ILE A 241 -55.25 19.32 51.31
N GLY A 242 -56.05 20.33 51.04
CA GLY A 242 -55.83 21.66 51.58
C GLY A 242 -56.40 21.73 52.99
N VAL A 243 -55.58 22.03 53.98
CA VAL A 243 -56.02 22.16 55.37
C VAL A 243 -56.06 23.64 55.72
N ARG A 244 -57.17 24.31 55.38
CA ARG A 244 -57.37 25.72 55.73
C ARG A 244 -57.50 25.91 57.23
N GLN A 245 -58.14 24.98 57.91
CA GLN A 245 -58.22 24.94 59.36
C GLN A 245 -58.39 23.49 59.81
N ASP A 246 -57.43 22.97 60.57
CA ASP A 246 -57.50 21.63 61.15
C ASP A 246 -58.66 21.54 62.16
N ILE A 247 -58.99 20.36 62.69
CA ILE A 247 -60.08 20.22 63.65
C ILE A 247 -59.79 21.06 64.90
N THR A 248 -60.69 22.01 65.18
CA THR A 248 -60.64 22.95 66.29
C THR A 248 -61.89 22.83 67.15
N VAL A 249 -61.72 22.98 68.46
CA VAL A 249 -62.79 22.97 69.45
C VAL A 249 -62.99 24.37 69.98
N LYS A 250 -64.23 24.87 69.96
CA LYS A 250 -64.64 26.00 70.80
C LYS A 250 -65.62 25.51 71.86
N PHE A 251 -65.29 25.78 73.11
CA PHE A 251 -66.16 25.55 74.25
C PHE A 251 -67.19 26.67 74.35
N LEU A 252 -68.47 26.35 74.15
CA LEU A 252 -69.58 27.28 74.22
C LEU A 252 -70.26 27.17 75.57
N ASP A 253 -70.39 28.27 76.29
CA ASP A 253 -71.06 28.34 77.60
C ASP A 253 -72.02 29.51 77.74
N GLN A 254 -72.22 30.29 76.66
CA GLN A 254 -73.16 31.41 76.59
C GLN A 254 -74.00 31.42 75.31
N ALA A 255 -73.68 30.58 74.32
CA ALA A 255 -74.37 30.56 73.04
C ALA A 255 -75.85 30.18 73.15
N THR A 256 -76.62 30.51 72.13
CA THR A 256 -78.01 30.07 71.93
C THR A 256 -78.07 29.12 70.76
N LEU A 257 -78.68 27.95 70.94
CA LEU A 257 -78.85 26.94 69.89
C LEU A 257 -80.32 26.86 69.50
N GLY A 258 -80.63 26.81 68.21
CA GLY A 258 -82.00 26.81 67.71
C GLY A 258 -82.69 28.18 67.80
N THR A 259 -83.99 28.21 67.54
CA THR A 259 -84.82 29.43 67.55
C THR A 259 -86.28 29.08 67.88
N GLY A 260 -87.05 30.06 68.34
CA GLY A 260 -88.46 29.88 68.67
C GLY A 260 -88.69 28.84 69.78
N GLU A 261 -89.64 27.93 69.58
CA GLU A 261 -89.94 26.87 70.55
C GLU A 261 -88.78 25.88 70.77
N ASN A 262 -87.87 25.77 69.80
CA ASN A 262 -86.72 24.85 69.85
C ASN A 262 -85.49 25.43 70.56
N GLN A 263 -85.57 26.67 71.04
CA GLN A 263 -84.43 27.43 71.50
C GLN A 263 -83.85 26.93 72.82
N ILE A 264 -82.53 26.72 72.87
CA ILE A 264 -81.77 26.42 74.07
C ILE A 264 -80.82 27.59 74.34
N ASN A 265 -81.01 28.28 75.46
CA ASN A 265 -80.06 29.28 75.95
C ASN A 265 -79.08 28.57 76.90
N LEU A 266 -77.84 28.33 76.51
CA LEU A 266 -76.95 27.45 77.29
C LEU A 266 -76.68 27.97 78.70
N ALA A 267 -76.44 29.28 78.87
CA ALA A 267 -76.08 29.85 80.16
C ALA A 267 -77.17 29.69 81.22
N GLU A 268 -78.42 30.07 80.92
CA GLU A 268 -79.50 30.03 81.92
C GLU A 268 -80.04 28.62 82.17
N ARG A 269 -79.83 27.68 81.25
CA ARG A 269 -80.12 26.26 81.45
C ARG A 269 -78.94 25.49 82.06
N ASP A 270 -77.86 26.18 82.43
CA ASP A 270 -76.65 25.63 83.04
C ASP A 270 -75.96 24.53 82.20
N MET A 271 -76.09 24.63 80.89
CA MET A 271 -75.48 23.75 79.91
C MET A 271 -74.20 24.36 79.33
N VAL A 272 -73.44 23.55 78.63
CA VAL A 272 -72.33 23.95 77.77
C VAL A 272 -72.43 23.15 76.48
N ALA A 273 -71.67 23.50 75.46
CA ALA A 273 -71.54 22.71 74.26
C ALA A 273 -70.11 22.77 73.75
N LEU A 274 -69.69 21.78 72.97
CA LEU A 274 -68.50 21.90 72.14
C LEU A 274 -68.94 22.11 70.71
N ARG A 275 -68.40 23.14 70.06
CA ARG A 275 -68.41 23.25 68.60
C ARG A 275 -67.10 22.70 68.10
N LEU A 276 -67.18 21.68 67.25
CA LEU A 276 -66.05 21.07 66.56
C LEU A 276 -66.13 21.57 65.13
N LYS A 277 -65.06 22.12 64.56
CA LYS A 277 -65.04 22.46 63.13
C LYS A 277 -63.67 22.37 62.49
N ALA A 278 -63.67 22.16 61.19
CA ALA A 278 -62.49 22.17 60.33
C ALA A 278 -62.85 22.75 58.96
N ARG A 279 -61.87 23.30 58.25
CA ARG A 279 -62.03 23.74 56.86
C ARG A 279 -61.04 23.02 55.96
N PHE A 280 -61.55 22.36 54.94
CA PHE A 280 -60.79 21.47 54.06
C PHE A 280 -61.05 21.78 52.60
N ALA A 281 -60.09 21.46 51.75
CA ALA A 281 -60.16 21.54 50.29
C ALA A 281 -59.50 20.32 49.67
N TYR A 282 -59.80 20.00 48.43
CA TYR A 282 -59.20 18.88 47.73
C TYR A 282 -58.91 19.22 46.28
N VAL A 283 -57.76 18.78 45.77
CA VAL A 283 -57.38 18.95 44.36
C VAL A 283 -56.75 17.68 43.81
N LEU A 284 -57.09 17.37 42.57
CA LEU A 284 -56.54 16.27 41.80
C LEU A 284 -55.69 16.82 40.67
N GLY A 285 -54.41 16.49 40.65
CA GLY A 285 -53.44 17.08 39.72
C GLY A 285 -53.46 16.54 38.30
N VAL A 286 -54.62 16.43 37.67
CA VAL A 286 -54.77 16.08 36.25
C VAL A 286 -54.02 17.09 35.39
N SER A 287 -53.03 16.66 34.63
CA SER A 287 -52.12 17.54 33.89
C SER A 287 -51.47 16.79 32.73
N ALA A 288 -50.54 17.40 32.00
CA ALA A 288 -49.65 16.65 31.15
C ALA A 288 -48.60 15.88 31.95
N THR A 289 -48.07 14.83 31.33
CA THR A 289 -46.93 14.01 31.75
C THR A 289 -46.04 13.83 30.53
N SER A 290 -44.85 13.24 30.67
CA SER A 290 -43.97 12.94 29.54
C SER A 290 -44.63 12.12 28.42
N VAL A 291 -45.73 11.43 28.70
CA VAL A 291 -46.47 10.59 27.75
C VAL A 291 -47.56 11.36 27.00
N GLY A 292 -48.05 12.49 27.50
CA GLY A 292 -49.06 13.30 26.80
C GLY A 292 -49.83 14.27 27.69
N ALA A 293 -50.74 15.03 27.06
CA ALA A 293 -51.64 15.96 27.74
C ALA A 293 -52.77 15.25 28.49
N ASN A 294 -53.35 15.91 29.49
CA ASN A 294 -54.59 15.51 30.17
C ASN A 294 -54.61 14.07 30.70
N GLN A 295 -53.72 13.75 31.63
CA GLN A 295 -53.53 12.42 32.18
C GLN A 295 -54.02 12.36 33.63
N THR A 296 -54.97 11.47 33.95
CA THR A 296 -55.53 11.36 35.31
C THR A 296 -54.66 10.46 36.21
N PRO A 297 -54.29 10.88 37.43
CA PRO A 297 -53.33 10.15 38.26
C PRO A 297 -53.93 9.09 39.19
N VAL A 298 -55.19 8.70 38.98
CA VAL A 298 -55.93 7.79 39.84
C VAL A 298 -56.78 6.84 39.02
N GLY A 299 -56.79 5.57 39.41
CA GLY A 299 -57.63 4.52 38.84
C GLY A 299 -58.36 3.76 39.93
N VAL A 300 -59.37 2.97 39.57
CA VAL A 300 -60.24 2.31 40.56
C VAL A 300 -60.58 0.88 40.15
N VAL A 301 -60.60 -0.03 41.13
CA VAL A 301 -61.19 -1.37 40.95
C VAL A 301 -62.63 -1.29 41.42
N THR A 302 -63.60 -1.39 40.52
CA THR A 302 -65.03 -1.34 40.87
C THR A 302 -65.55 -2.73 41.23
N PRO A 303 -66.59 -2.86 42.08
CA PRO A 303 -67.07 -4.15 42.54
C PRO A 303 -67.70 -4.99 41.43
N ASP A 304 -67.77 -6.30 41.66
CA ASP A 304 -68.34 -7.24 40.71
C ASP A 304 -69.88 -7.24 40.80
N VAL A 305 -70.54 -6.72 39.76
CA VAL A 305 -72.00 -6.66 39.66
C VAL A 305 -72.56 -7.68 38.67
N THR A 306 -71.76 -8.65 38.23
CA THR A 306 -72.10 -9.57 37.13
C THR A 306 -71.86 -11.03 37.47
N ALA A 307 -70.69 -11.41 37.99
CA ALA A 307 -70.31 -12.81 38.16
C ALA A 307 -70.98 -13.48 39.39
N ALA B 2 -77.58 44.43 57.70
CA ALA B 2 -77.74 43.61 58.90
C ALA B 2 -76.73 42.46 59.00
N ASP B 3 -76.06 42.12 57.89
CA ASP B 3 -75.10 41.01 57.79
C ASP B 3 -74.10 41.26 56.65
N ILE B 4 -72.84 40.86 56.79
CA ILE B 4 -71.84 40.95 55.71
C ILE B 4 -71.56 39.54 55.17
N SER B 5 -71.81 39.30 53.88
CA SER B 5 -71.50 38.02 53.23
C SER B 5 -70.13 38.03 52.57
N ARG B 6 -69.50 36.87 52.35
CA ARG B 6 -68.25 36.83 51.55
C ARG B 6 -68.21 37.43 50.14
N ALA B 7 -69.34 37.59 49.44
CA ALA B 7 -69.43 38.33 48.19
C ALA B 7 -69.26 39.84 48.39
N GLU B 8 -69.64 40.37 49.54
CA GLU B 8 -69.61 41.79 49.88
C GLU B 8 -68.26 42.25 50.41
N VAL B 9 -67.31 41.34 50.62
CA VAL B 9 -65.95 41.61 51.11
C VAL B 9 -64.95 41.53 49.95
N ALA B 10 -65.42 41.77 48.72
CA ALA B 10 -64.72 41.42 47.49
C ALA B 10 -63.30 41.97 47.43
N THR B 11 -62.31 41.10 47.26
CA THR B 11 -60.88 41.42 47.15
C THR B 11 -60.22 42.09 48.36
N LEU B 12 -60.93 42.26 49.48
CA LEU B 12 -60.26 42.29 50.79
C LEU B 12 -59.77 40.89 51.19
N ILE B 13 -60.43 39.84 50.69
CA ILE B 13 -59.96 38.45 50.73
C ILE B 13 -59.16 38.18 49.45
N GLN B 14 -57.85 37.92 49.59
CA GLN B 14 -56.96 37.62 48.48
C GLN B 14 -56.98 36.13 48.11
N GLU B 15 -56.62 35.77 46.89
CA GLU B 15 -56.47 34.37 46.44
C GLU B 15 -54.99 33.99 46.39
N ALA B 16 -54.63 32.83 46.92
CA ALA B 16 -53.24 32.41 47.09
C ALA B 16 -52.75 31.53 45.94
N TYR B 17 -51.44 31.26 45.90
CA TYR B 17 -50.81 30.32 44.99
C TYR B 17 -49.91 29.21 45.55
N SER B 18 -49.85 28.06 44.87
CA SER B 18 -48.97 26.96 45.27
C SER B 18 -48.40 26.22 44.06
N ASP B 19 -47.08 26.07 44.01
CA ASP B 19 -46.39 25.31 42.97
C ASP B 19 -46.29 23.80 43.30
N THR B 20 -46.96 23.30 44.33
CA THR B 20 -46.83 21.89 44.76
C THR B 20 -47.30 20.87 43.74
N LEU B 21 -48.05 21.26 42.71
CA LEU B 21 -48.39 20.40 41.55
C LEU B 21 -47.57 20.70 40.29
N LEU B 22 -46.72 21.73 40.28
CA LEU B 22 -46.10 22.24 39.05
C LEU B 22 -44.94 21.39 38.53
N ALA B 23 -44.13 20.83 39.42
CA ALA B 23 -42.86 20.21 39.08
C ALA B 23 -43.02 18.80 38.46
N ALA B 24 -43.21 18.73 37.15
CA ALA B 24 -43.11 17.50 36.37
C ALA B 24 -41.65 17.06 36.18
N ALA B 25 -41.34 15.77 36.41
CA ALA B 25 -40.05 15.17 36.12
C ALA B 25 -39.89 14.82 34.63
N LYS B 26 -38.67 14.89 34.11
CA LYS B 26 -38.35 14.72 32.69
C LYS B 26 -37.64 13.40 32.43
N GLN B 27 -37.98 12.75 31.32
CA GLN B 27 -37.49 11.44 30.93
C GLN B 27 -36.49 11.56 29.78
N GLY B 28 -35.32 10.97 29.91
CA GLY B 28 -34.26 11.00 28.89
C GLY B 28 -34.59 10.13 27.67
N SER B 29 -33.72 10.14 26.66
CA SER B 29 -33.77 9.16 25.58
C SER B 29 -33.48 7.76 26.11
N THR B 30 -34.18 6.77 25.58
CA THR B 30 -33.95 5.35 25.87
C THR B 30 -32.70 4.87 25.17
N VAL B 31 -32.48 5.26 23.91
CA VAL B 31 -31.37 4.73 23.15
C VAL B 31 -30.03 5.26 23.64
N LEU B 32 -29.98 6.47 24.19
CA LEU B 32 -28.77 7.01 24.82
C LEU B 32 -28.38 6.32 26.13
N SER B 33 -29.22 5.47 26.73
CA SER B 33 -28.85 4.65 27.89
C SER B 33 -28.79 3.17 27.58
N ALA B 34 -29.57 2.68 26.61
CA ALA B 34 -29.54 1.27 26.20
C ALA B 34 -28.26 0.89 25.43
N PHE B 35 -27.65 1.82 24.71
CA PHE B 35 -26.59 1.55 23.74
C PHE B 35 -25.38 2.46 23.92
N GLN B 36 -24.24 2.10 23.34
CA GLN B 36 -23.02 2.91 23.49
C GLN B 36 -23.16 4.26 22.80
N ASN B 37 -22.79 5.33 23.50
CA ASN B 37 -22.69 6.68 22.95
C ASN B 37 -21.29 6.90 22.38
N VAL B 38 -21.14 6.77 21.06
CA VAL B 38 -19.92 7.04 20.32
C VAL B 38 -19.72 8.54 20.21
N ASN B 39 -18.63 9.08 20.74
CA ASN B 39 -18.31 10.49 20.59
C ASN B 39 -17.85 10.78 19.14
N MET B 40 -18.39 11.80 18.50
CA MET B 40 -18.04 12.21 17.13
C MET B 40 -17.50 13.63 17.08
N GLY B 41 -16.43 13.88 16.34
CA GLY B 41 -15.86 15.21 16.10
C GLY B 41 -16.05 15.73 14.68
N THR B 42 -16.93 15.10 13.89
CA THR B 42 -17.09 15.29 12.44
C THR B 42 -18.46 14.75 12.03
N LYS B 43 -19.00 15.14 10.87
CA LYS B 43 -20.32 14.67 10.44
C LYS B 43 -20.36 13.16 10.16
N THR B 44 -19.38 12.62 9.44
CA THR B 44 -19.38 11.21 9.01
C THR B 44 -18.25 10.41 9.63
N THR B 45 -18.58 9.27 10.23
CA THR B 45 -17.62 8.22 10.62
C THR B 45 -17.90 6.97 9.81
N HIS B 46 -16.86 6.33 9.29
CA HIS B 46 -16.92 5.07 8.56
C HIS B 46 -16.46 3.93 9.45
N LEU B 47 -17.25 2.87 9.49
CA LEU B 47 -16.96 1.65 10.24
C LEU B 47 -16.93 0.47 9.27
N PRO B 48 -15.77 -0.18 9.04
CA PRO B 48 -15.71 -1.36 8.20
C PRO B 48 -16.27 -2.58 8.94
N VAL B 49 -16.89 -3.51 8.21
CA VAL B 49 -17.46 -4.76 8.73
C VAL B 49 -17.19 -5.92 7.78
N LEU B 50 -17.08 -7.14 8.29
CA LEU B 50 -16.96 -8.34 7.45
C LEU B 50 -18.25 -8.56 6.65
N ALA B 51 -18.17 -8.89 5.37
CA ALA B 51 -19.35 -8.93 4.49
C ALA B 51 -19.50 -10.21 3.67
N THR B 52 -18.48 -11.06 3.60
CA THR B 52 -18.51 -12.33 2.86
C THR B 52 -17.44 -13.26 3.41
N LEU B 53 -17.84 -14.48 3.71
CA LEU B 53 -16.97 -15.55 4.16
C LEU B 53 -16.35 -16.27 2.95
N PRO B 54 -15.11 -16.78 3.05
CA PRO B 54 -14.52 -17.62 2.02
C PRO B 54 -15.14 -19.02 2.05
N GLU B 55 -14.82 -19.86 1.06
CA GLU B 55 -15.42 -21.17 0.90
C GLU B 55 -14.38 -22.21 0.43
N ALA B 56 -14.03 -23.14 1.31
CA ALA B 56 -13.16 -24.27 1.00
C ALA B 56 -13.92 -25.38 0.25
N GLY B 57 -13.18 -26.31 -0.35
CA GLY B 57 -13.77 -27.49 -0.99
C GLY B 57 -12.90 -28.73 -0.80
N TRP B 58 -13.53 -29.91 -0.85
CA TRP B 58 -12.81 -31.18 -0.92
C TRP B 58 -12.18 -31.30 -2.31
N VAL B 59 -10.91 -31.71 -2.37
CA VAL B 59 -10.10 -31.70 -3.59
C VAL B 59 -9.41 -33.05 -3.79
N GLY B 60 -9.33 -33.53 -5.03
CA GLY B 60 -8.71 -34.81 -5.36
C GLY B 60 -7.19 -34.74 -5.42
N GLU B 61 -6.57 -35.80 -5.93
CA GLU B 61 -5.22 -35.72 -6.49
C GLU B 61 -5.31 -35.96 -7.99
N SER B 62 -4.79 -35.05 -8.79
CA SER B 62 -4.57 -35.28 -10.22
C SER B 62 -3.66 -34.19 -10.78
N ALA B 63 -2.69 -34.58 -11.61
CA ALA B 63 -1.92 -33.62 -12.40
C ALA B 63 -2.68 -33.12 -13.64
N THR B 64 -3.82 -33.71 -14.01
CA THR B 64 -4.52 -33.41 -15.28
C THR B 64 -6.01 -33.09 -15.15
N GLU B 65 -6.75 -33.75 -14.28
CA GLU B 65 -8.21 -33.63 -14.19
C GLU B 65 -8.64 -32.45 -13.32
N PRO B 66 -9.74 -31.73 -13.64
CA PRO B 66 -10.09 -30.49 -12.95
C PRO B 66 -10.40 -30.66 -11.46
N GLU B 67 -10.87 -31.82 -11.01
CA GLU B 67 -11.07 -32.11 -9.58
C GLU B 67 -9.78 -32.10 -8.74
N GLY B 68 -8.60 -32.12 -9.36
CA GLY B 68 -7.32 -32.04 -8.66
C GLY B 68 -6.88 -30.63 -8.26
N VAL B 69 -7.62 -29.59 -8.67
CA VAL B 69 -7.22 -28.19 -8.52
C VAL B 69 -7.89 -27.56 -7.30
N ILE B 70 -7.11 -26.95 -6.42
CA ILE B 70 -7.60 -26.28 -5.22
C ILE B 70 -8.48 -25.07 -5.61
N PRO B 71 -9.69 -24.88 -5.06
CA PRO B 71 -10.54 -23.75 -5.41
C PRO B 71 -9.92 -22.42 -4.97
N THR B 72 -10.06 -21.38 -5.79
CA THR B 72 -9.87 -20.00 -5.30
C THR B 72 -11.13 -19.46 -4.66
N SER B 73 -11.00 -18.57 -3.68
CA SER B 73 -12.11 -17.91 -2.99
C SER B 73 -11.69 -16.55 -2.43
N LYS B 74 -12.64 -15.74 -1.94
CA LYS B 74 -12.39 -14.41 -1.38
C LYS B 74 -13.14 -14.14 -0.10
N VAL B 75 -12.49 -13.47 0.84
CA VAL B 75 -13.13 -12.73 1.94
C VAL B 75 -13.50 -11.35 1.39
N THR B 76 -14.60 -10.72 1.83
CA THR B 76 -14.85 -9.30 1.53
C THR B 76 -15.37 -8.54 2.74
N TRP B 77 -15.22 -7.22 2.69
CA TRP B 77 -15.68 -6.27 3.71
C TRP B 77 -16.62 -5.24 3.10
N ALA B 78 -17.45 -4.64 3.94
CA ALA B 78 -18.36 -3.56 3.60
C ALA B 78 -18.25 -2.43 4.61
N ASN B 79 -18.88 -1.31 4.29
CA ASN B 79 -18.79 -0.07 5.05
C ASN B 79 -20.15 0.33 5.63
N ARG B 80 -20.20 0.58 6.94
CA ARG B 80 -21.36 1.14 7.65
C ARG B 80 -21.01 2.54 8.16
N THR B 81 -21.88 3.52 8.00
CA THR B 81 -21.60 4.91 8.43
C THR B 81 -22.46 5.41 9.57
N LEU B 82 -21.86 6.08 10.54
CA LEU B 82 -22.54 7.07 11.37
C LEU B 82 -22.56 8.39 10.61
N VAL B 83 -23.73 8.96 10.34
CA VAL B 83 -23.88 10.31 9.77
C VAL B 83 -24.65 11.18 10.74
N ALA B 84 -24.07 12.27 11.22
CA ALA B 84 -24.68 13.13 12.22
C ALA B 84 -25.71 14.07 11.60
N GLU B 85 -26.93 14.03 12.08
CA GLU B 85 -28.05 14.86 11.65
C GLU B 85 -28.62 15.64 12.81
N GLU B 86 -29.20 16.80 12.52
CA GLU B 86 -29.59 17.77 13.54
C GLU B 86 -31.07 17.70 13.88
N VAL B 87 -31.39 17.69 15.17
CA VAL B 87 -32.74 17.75 15.71
C VAL B 87 -32.87 18.99 16.57
N ALA B 88 -33.91 19.79 16.36
CA ALA B 88 -34.02 21.12 16.97
C ALA B 88 -35.45 21.63 17.08
N VAL B 89 -35.66 22.64 17.93
CA VAL B 89 -36.91 23.38 18.09
C VAL B 89 -36.64 24.82 18.53
N ILE B 90 -37.50 25.76 18.15
CA ILE B 90 -37.52 27.12 18.70
C ILE B 90 -38.81 27.33 19.48
N ILE B 91 -38.76 27.90 20.68
CA ILE B 91 -39.96 28.13 21.49
C ILE B 91 -40.03 29.62 21.86
N PRO B 92 -40.80 30.43 21.12
CA PRO B 92 -40.94 31.87 21.36
C PRO B 92 -41.96 32.20 22.46
N VAL B 93 -41.76 33.29 23.17
CA VAL B 93 -42.60 33.74 24.30
C VAL B 93 -42.52 35.26 24.48
N PRO B 94 -43.58 35.96 24.95
CA PRO B 94 -43.50 37.40 25.16
C PRO B 94 -42.58 37.79 26.30
N GLU B 95 -41.80 38.85 26.14
CA GLU B 95 -40.87 39.31 27.17
C GLU B 95 -41.62 39.80 28.41
N ALA B 96 -42.83 40.38 28.25
CA ALA B 96 -43.73 40.71 29.35
C ALA B 96 -44.15 39.48 30.18
N VAL B 97 -44.41 38.34 29.54
CA VAL B 97 -44.80 37.09 30.23
C VAL B 97 -43.63 36.56 31.03
N ILE B 98 -42.42 36.58 30.47
CA ILE B 98 -41.21 36.21 31.20
C ILE B 98 -40.98 37.12 32.41
N ASP B 99 -41.27 38.40 32.29
CA ASP B 99 -41.15 39.36 33.39
C ASP B 99 -42.19 39.18 34.50
N ASP B 100 -43.44 38.87 34.16
CA ASP B 100 -44.53 38.74 35.15
C ASP B 100 -44.59 37.39 35.87
N ALA B 101 -44.12 36.30 35.26
CA ALA B 101 -44.17 34.98 35.86
C ALA B 101 -43.32 34.86 37.14
N THR B 102 -43.82 34.13 38.13
CA THR B 102 -43.15 33.92 39.44
C THR B 102 -42.09 32.83 39.42
N VAL B 103 -42.08 31.98 38.39
CA VAL B 103 -41.09 30.91 38.16
C VAL B 103 -40.32 31.19 36.89
N ALA B 104 -39.09 30.69 36.79
CA ALA B 104 -38.28 30.83 35.58
C ALA B 104 -38.83 30.00 34.42
N ILE B 105 -39.80 30.54 33.67
CA ILE B 105 -40.42 29.88 32.51
C ILE B 105 -39.37 29.37 31.52
N LEU B 106 -38.33 30.16 31.24
CA LEU B 106 -37.30 29.72 30.29
C LEU B 106 -36.51 28.50 30.77
N THR B 107 -36.36 28.27 32.06
CA THR B 107 -35.77 27.02 32.58
C THR B 107 -36.68 25.84 32.33
N GLU B 108 -37.99 25.97 32.54
CA GLU B 108 -38.93 24.89 32.20
C GLU B 108 -38.98 24.64 30.70
N VAL B 109 -39.01 25.69 29.87
CA VAL B 109 -38.98 25.55 28.42
C VAL B 109 -37.71 24.84 27.96
N ALA B 110 -36.54 25.14 28.54
CA ALA B 110 -35.31 24.45 28.23
C ALA B 110 -35.39 22.96 28.57
N GLU B 111 -35.89 22.60 29.75
CA GLU B 111 -36.04 21.19 30.14
C GLU B 111 -37.09 20.44 29.32
N GLN B 112 -38.23 21.05 29.04
CA GLN B 112 -39.27 20.46 28.19
C GLN B 112 -38.81 20.26 26.75
N GLY B 113 -38.08 21.22 26.18
CA GLY B 113 -37.49 21.09 24.85
C GLY B 113 -36.41 20.01 24.79
N GLY B 114 -35.59 19.88 25.83
CA GLY B 114 -34.64 18.77 25.95
C GLY B 114 -35.33 17.40 25.92
N GLN B 115 -36.41 17.22 26.67
CA GLN B 115 -37.20 16.00 26.64
C GLN B 115 -37.83 15.74 25.26
N ALA B 116 -38.31 16.76 24.56
CA ALA B 116 -38.87 16.63 23.22
C ALA B 116 -37.84 16.20 22.17
N ILE B 117 -36.59 16.63 22.30
CA ILE B 117 -35.48 16.15 21.47
C ILE B 117 -35.16 14.69 21.79
N GLY B 118 -35.11 14.32 23.07
CA GLY B 118 -34.93 12.92 23.49
C GLY B 118 -36.00 11.99 22.94
N LYS B 119 -37.27 12.40 22.95
CA LYS B 119 -38.36 11.65 22.31
C LYS B 119 -38.11 11.44 20.82
N LYS B 120 -37.75 12.49 20.10
CA LYS B 120 -37.59 12.47 18.64
C LYS B 120 -36.43 11.57 18.20
N LEU B 121 -35.35 11.50 18.97
CA LEU B 121 -34.28 10.53 18.76
C LEU B 121 -34.76 9.09 18.91
N ASP B 122 -35.43 8.73 20.00
CA ASP B 122 -35.96 7.36 20.18
C ASP B 122 -36.92 6.96 19.05
N GLN B 123 -37.82 7.85 18.64
CA GLN B 123 -38.74 7.61 17.55
C GLN B 123 -38.03 7.26 16.25
N ALA B 124 -36.94 7.97 15.91
CA ALA B 124 -36.17 7.68 14.71
C ALA B 124 -35.42 6.35 14.83
N VAL B 125 -34.69 6.13 15.93
CA VAL B 125 -33.82 4.96 16.06
C VAL B 125 -34.60 3.66 16.25
N ILE B 126 -35.61 3.64 17.10
CA ILE B 126 -36.33 2.41 17.42
C ILE B 126 -37.35 2.09 16.32
N PHE B 127 -38.16 3.06 15.91
CA PHE B 127 -39.32 2.82 15.04
C PHE B 127 -39.15 3.32 13.60
N GLY B 128 -38.13 4.13 13.30
CA GLY B 128 -37.94 4.73 11.98
C GLY B 128 -38.87 5.91 11.70
N ILE B 129 -39.54 6.45 12.70
CA ILE B 129 -40.48 7.57 12.56
C ILE B 129 -39.67 8.85 12.32
N ASP B 130 -39.97 9.59 11.24
CA ASP B 130 -39.24 10.79 10.81
C ASP B 130 -37.72 10.61 10.60
N LYS B 131 -37.21 9.37 10.50
CA LYS B 131 -35.77 9.10 10.43
C LYS B 131 -35.10 9.89 9.28
N PRO B 132 -33.97 10.59 9.51
CA PRO B 132 -33.23 11.27 8.46
C PRO B 132 -32.86 10.37 7.29
N ALA B 133 -33.00 10.86 6.06
CA ALA B 133 -32.76 10.06 4.85
C ALA B 133 -31.29 9.67 4.64
N SER B 134 -30.35 10.34 5.31
CA SER B 134 -28.92 10.02 5.31
C SER B 134 -28.55 8.89 6.28
N TRP B 135 -29.41 8.51 7.22
CA TRP B 135 -29.20 7.32 8.05
C TRP B 135 -29.57 6.08 7.24
N VAL B 136 -28.58 5.44 6.61
CA VAL B 136 -28.80 4.28 5.74
C VAL B 136 -29.09 2.99 6.50
N SER B 137 -28.72 2.91 7.79
CA SER B 137 -29.10 1.78 8.65
C SER B 137 -30.61 1.74 8.84
N PRO B 138 -31.30 0.60 8.71
CA PRO B 138 -32.70 0.48 9.05
C PRO B 138 -32.89 0.67 10.56
N ALA B 139 -33.96 1.33 10.99
CA ALA B 139 -34.32 1.44 12.40
C ALA B 139 -34.63 0.08 13.01
N LEU B 140 -34.56 -0.08 14.33
CA LEU B 140 -34.55 -1.39 14.98
C LEU B 140 -35.79 -2.25 14.64
N VAL B 141 -37.00 -1.70 14.71
CA VAL B 141 -38.21 -2.45 14.38
C VAL B 141 -38.30 -2.79 12.89
N PRO B 142 -38.13 -1.86 11.93
CA PRO B 142 -38.08 -2.20 10.52
C PRO B 142 -36.99 -3.21 10.15
N ALA B 143 -35.82 -3.14 10.77
CA ALA B 143 -34.75 -4.11 10.57
C ALA B 143 -35.19 -5.52 10.97
N ALA B 144 -35.73 -5.67 12.18
CA ALA B 144 -36.21 -6.94 12.70
C ALA B 144 -37.31 -7.55 11.81
N VAL B 145 -38.27 -6.75 11.35
CA VAL B 145 -39.34 -7.20 10.46
C VAL B 145 -38.80 -7.63 9.11
N ALA B 146 -37.96 -6.83 8.45
CA ALA B 146 -37.41 -7.15 7.14
C ALA B 146 -36.51 -8.40 7.17
N ALA B 147 -35.80 -8.62 8.27
CA ALA B 147 -34.97 -9.80 8.49
C ALA B 147 -35.77 -11.08 8.79
N GLY B 148 -37.08 -11.00 9.03
CA GLY B 148 -37.90 -12.15 9.45
C GLY B 148 -37.72 -12.54 10.93
N GLN B 149 -37.18 -11.64 11.75
CA GLN B 149 -36.93 -11.84 13.18
C GLN B 149 -38.02 -11.24 14.06
N ALA B 150 -39.26 -11.26 13.57
CA ALA B 150 -40.46 -10.80 14.25
C ALA B 150 -41.33 -11.98 14.72
N ILE B 151 -41.83 -11.94 15.97
CA ILE B 151 -42.72 -12.95 16.55
C ILE B 151 -43.93 -12.25 17.16
N ALA B 152 -45.14 -12.73 16.94
CA ALA B 152 -46.34 -12.09 17.48
C ALA B 152 -46.68 -12.61 18.87
N HIS B 153 -46.78 -11.72 19.85
CA HIS B 153 -47.18 -12.04 21.21
C HIS B 153 -48.64 -12.49 21.27
N VAL B 154 -48.93 -13.62 21.91
CA VAL B 154 -50.29 -14.11 22.13
C VAL B 154 -50.69 -13.84 23.58
N SER B 155 -51.71 -13.00 23.78
CA SER B 155 -52.18 -12.61 25.12
C SER B 155 -53.15 -13.64 25.71
N GLY B 156 -53.42 -13.54 27.01
CA GLY B 156 -54.30 -14.45 27.75
C GLY B 156 -53.53 -15.36 28.70
N VAL B 157 -53.93 -16.64 28.76
CA VAL B 157 -53.27 -17.67 29.56
C VAL B 157 -51.77 -17.78 29.22
N ALA B 158 -50.93 -18.20 30.17
CA ALA B 158 -49.52 -18.48 29.93
C ALA B 158 -49.35 -19.44 28.74
N ASN B 159 -48.35 -19.21 27.92
CA ASN B 159 -48.32 -19.68 26.54
C ASN B 159 -46.88 -19.69 26.03
N GLU B 160 -46.48 -20.57 25.13
CA GLU B 160 -45.15 -20.45 24.51
C GLU B 160 -44.94 -19.13 23.74
N PHE B 161 -46.01 -18.39 23.42
CA PHE B 161 -46.01 -17.03 22.88
C PHE B 161 -46.46 -15.93 23.86
N ASP B 162 -46.54 -16.17 25.17
CA ASP B 162 -46.76 -15.09 26.13
C ASP B 162 -45.56 -14.13 26.14
N LEU B 163 -45.57 -13.06 26.92
CA LEU B 163 -44.50 -12.06 26.86
C LEU B 163 -43.11 -12.66 27.11
N VAL B 164 -43.00 -13.62 28.02
CA VAL B 164 -41.74 -14.33 28.27
C VAL B 164 -41.41 -15.25 27.10
N GLY B 165 -42.39 -16.00 26.60
CA GLY B 165 -42.19 -16.97 25.55
C GLY B 165 -41.88 -16.36 24.20
N ALA B 166 -42.63 -15.36 23.77
CA ALA B 166 -42.38 -14.66 22.52
C ALA B 166 -41.01 -13.99 22.55
N SER B 167 -40.60 -13.43 23.68
CA SER B 167 -39.26 -12.87 23.83
C SER B 167 -38.17 -13.92 23.72
N ASN B 168 -38.36 -15.11 24.29
CA ASN B 168 -37.43 -16.22 24.15
C ASN B 168 -37.33 -16.66 22.68
N LYS B 169 -38.45 -16.75 21.96
CA LYS B 169 -38.46 -17.10 20.54
C LYS B 169 -37.72 -16.07 19.68
N VAL B 170 -37.80 -14.79 20.01
CA VAL B 170 -37.04 -13.74 19.32
C VAL B 170 -35.56 -13.83 19.62
N ALA B 171 -35.16 -13.99 20.88
CA ALA B 171 -33.76 -14.16 21.24
C ALA B 171 -33.15 -15.40 20.58
N GLU B 172 -33.90 -16.49 20.45
CA GLU B 172 -33.48 -17.66 19.69
C GLU B 172 -33.13 -17.30 18.24
N LYS B 173 -33.98 -16.54 17.53
CA LYS B 173 -33.65 -16.11 16.16
C LYS B 173 -32.39 -15.25 16.10
N VAL B 174 -32.22 -14.30 17.02
CA VAL B 174 -30.99 -13.48 17.06
C VAL B 174 -29.76 -14.34 17.34
N ALA B 175 -29.85 -15.31 18.25
CA ALA B 175 -28.76 -16.25 18.52
C ALA B 175 -28.43 -17.15 17.32
N LEU B 176 -29.43 -17.62 16.58
CA LEU B 176 -29.22 -18.41 15.36
C LEU B 176 -28.70 -17.59 14.18
N ALA B 177 -28.73 -16.27 14.24
CA ALA B 177 -28.00 -15.39 13.31
C ALA B 177 -26.51 -15.25 13.67
N GLY B 178 -26.07 -15.77 14.81
CA GLY B 178 -24.71 -15.68 15.29
C GLY B 178 -24.43 -14.49 16.22
N TRP B 179 -25.44 -13.67 16.51
CA TRP B 179 -25.35 -12.55 17.45
C TRP B 179 -25.71 -12.96 18.88
N ALA B 180 -25.43 -12.13 19.88
CA ALA B 180 -25.70 -12.42 21.28
C ALA B 180 -26.76 -11.45 21.82
N PRO B 181 -28.05 -11.80 21.82
CA PRO B 181 -29.09 -10.90 22.31
C PRO B 181 -28.88 -10.62 23.80
N ASP B 182 -28.87 -9.36 24.20
CA ASP B 182 -28.54 -8.99 25.58
C ASP B 182 -29.33 -7.81 26.13
N THR B 183 -30.22 -7.24 25.32
CA THR B 183 -30.89 -5.98 25.62
C THR B 183 -32.33 -6.06 25.17
N LEU B 184 -33.26 -5.66 26.02
CA LEU B 184 -34.69 -5.57 25.75
C LEU B 184 -35.16 -4.13 25.94
N LEU B 185 -35.75 -3.53 24.91
CA LEU B 185 -36.44 -2.24 24.97
C LEU B 185 -37.94 -2.49 25.00
N SER B 186 -38.68 -1.79 25.84
CA SER B 186 -40.14 -1.94 25.93
C SER B 186 -40.81 -0.70 26.50
N SER B 187 -42.12 -0.54 26.37
CA SER B 187 -42.89 0.33 27.26
C SER B 187 -43.04 -0.32 28.64
N LEU B 188 -43.49 0.42 29.65
CA LEU B 188 -43.82 -0.14 30.97
C LEU B 188 -44.93 -1.20 30.93
N ALA B 189 -45.74 -1.29 29.88
CA ALA B 189 -46.83 -2.24 29.80
C ALA B 189 -46.34 -3.66 30.04
N LEU B 190 -45.22 -4.05 29.43
CA LEU B 190 -44.60 -5.35 29.61
C LEU B 190 -44.29 -5.67 31.07
N ARG B 191 -43.84 -4.70 31.87
CA ARG B 191 -43.47 -4.93 33.28
C ARG B 191 -44.68 -5.28 34.13
N TYR B 192 -45.76 -4.53 33.98
CA TYR B 192 -47.01 -4.81 34.65
C TYR B 192 -47.69 -6.05 34.09
N GLN B 193 -47.60 -6.32 32.79
CA GLN B 193 -48.27 -7.46 32.20
C GLN B 193 -47.62 -8.79 32.58
N VAL B 194 -46.29 -8.90 32.58
CA VAL B 194 -45.63 -10.13 33.05
C VAL B 194 -46.00 -10.45 34.50
N ALA B 195 -46.11 -9.44 35.36
CA ALA B 195 -46.52 -9.62 36.74
C ALA B 195 -47.95 -10.15 36.92
N ASN B 196 -48.76 -10.26 35.86
CA ASN B 196 -50.14 -10.70 35.92
C ASN B 196 -50.51 -11.77 34.88
N VAL B 197 -49.56 -12.34 34.13
CA VAL B 197 -49.87 -13.50 33.27
C VAL B 197 -50.29 -14.67 34.15
N ARG B 198 -51.41 -15.31 33.83
CA ARG B 198 -51.97 -16.41 34.64
C ARG B 198 -51.85 -17.74 33.93
N ASP B 199 -51.55 -18.80 34.64
CA ASP B 199 -51.67 -20.14 34.07
C ASP B 199 -53.15 -20.57 33.98
N ALA B 200 -53.43 -21.79 33.53
CA ALA B 200 -54.81 -22.25 33.35
C ALA B 200 -55.60 -22.41 34.66
N ASP B 201 -54.95 -22.54 35.82
CA ASP B 201 -55.63 -22.56 37.12
C ASP B 201 -55.86 -21.15 37.67
N GLY B 202 -55.16 -20.16 37.15
CA GLY B 202 -55.36 -18.76 37.46
C GLY B 202 -54.31 -18.18 38.39
N ASN B 203 -53.38 -18.98 38.90
CA ASN B 203 -52.24 -18.50 39.67
C ASN B 203 -51.30 -17.67 38.78
N LEU B 204 -50.44 -16.84 39.37
CA LEU B 204 -49.41 -16.13 38.62
C LEU B 204 -48.44 -17.10 37.95
N ALA B 205 -48.20 -16.96 36.65
CA ALA B 205 -47.26 -17.80 35.92
C ALA B 205 -45.80 -17.41 36.16
N PHE B 206 -45.52 -16.12 36.41
CA PHE B 206 -44.18 -15.54 36.50
C PHE B 206 -44.02 -14.68 37.76
N ARG B 207 -44.05 -15.33 38.93
CA ARG B 207 -44.00 -14.65 40.24
C ARG B 207 -42.64 -13.99 40.54
N ASP B 208 -41.61 -14.29 39.76
CA ASP B 208 -40.25 -13.74 39.89
C ASP B 208 -39.63 -13.34 38.52
N GLY B 209 -38.57 -12.54 38.57
CA GLY B 209 -37.94 -11.94 37.39
C GLY B 209 -37.52 -12.99 36.34
N SER B 210 -38.12 -12.90 35.15
CA SER B 210 -38.01 -13.93 34.10
C SER B 210 -37.35 -13.44 32.80
N PHE B 211 -36.96 -12.17 32.72
CA PHE B 211 -36.16 -11.59 31.64
C PHE B 211 -34.66 -11.56 31.94
N LEU B 212 -34.17 -12.46 32.78
CA LEU B 212 -32.73 -12.59 33.02
C LEU B 212 -31.99 -12.84 31.70
N GLY B 213 -30.77 -12.36 31.60
CA GLY B 213 -30.01 -12.36 30.35
C GLY B 213 -30.31 -11.17 29.43
N PHE B 214 -31.40 -10.42 29.67
CA PHE B 214 -31.60 -9.10 29.07
C PHE B 214 -31.34 -8.00 30.09
N ASN B 215 -30.54 -7.02 29.72
CA ASN B 215 -30.64 -5.68 30.29
C ASN B 215 -31.95 -5.08 29.79
N THR B 216 -32.86 -4.67 30.67
CA THR B 216 -34.19 -4.17 30.24
C THR B 216 -34.29 -2.68 30.43
N HIS B 217 -34.62 -1.95 29.37
CA HIS B 217 -34.84 -0.51 29.38
C HIS B 217 -36.29 -0.19 29.03
N PHE B 218 -36.93 0.63 29.85
CA PHE B 218 -38.33 1.02 29.62
C PHE B 218 -38.40 2.43 29.04
N ASN B 219 -39.06 2.59 27.90
CA ASN B 219 -39.31 3.88 27.29
C ASN B 219 -40.39 4.63 28.08
N ARG B 220 -40.06 5.83 28.59
CA ARG B 220 -40.98 6.66 29.39
C ARG B 220 -41.23 8.06 28.83
N ASN B 221 -40.50 8.47 27.81
CA ASN B 221 -40.67 9.76 27.12
C ASN B 221 -41.78 9.76 26.04
N GLY B 222 -42.60 8.71 25.97
CA GLY B 222 -43.72 8.63 25.03
C GLY B 222 -43.33 8.38 23.58
N ALA B 223 -42.09 8.01 23.28
CA ALA B 223 -41.66 7.61 21.94
C ALA B 223 -42.22 6.25 21.50
N TRP B 224 -42.58 5.37 22.44
CA TRP B 224 -43.00 4.02 22.12
C TRP B 224 -44.27 4.00 21.27
N ALA B 225 -44.27 3.19 20.21
CA ALA B 225 -45.42 2.96 19.33
C ALA B 225 -45.97 1.55 19.61
N PRO B 226 -46.94 1.38 20.51
CA PRO B 226 -47.37 0.04 20.97
C PRO B 226 -48.04 -0.80 19.89
N THR B 227 -48.53 -0.18 18.81
CA THR B 227 -49.03 -0.88 17.62
C THR B 227 -47.92 -1.47 16.76
N SER B 228 -46.68 -0.96 16.85
CA SER B 228 -45.54 -1.49 16.10
C SER B 228 -44.80 -2.61 16.84
N ALA B 229 -44.57 -2.47 18.14
CA ALA B 229 -43.86 -3.47 18.92
C ALA B 229 -44.34 -3.56 20.36
N VAL B 230 -44.36 -4.77 20.91
CA VAL B 230 -44.48 -5.05 22.34
C VAL B 230 -43.13 -4.91 23.02
N GLY B 231 -42.06 -5.38 22.39
CA GLY B 231 -40.69 -5.23 22.85
C GLY B 231 -39.68 -5.47 21.74
N VAL B 232 -38.51 -4.86 21.81
CA VAL B 232 -37.41 -5.00 20.84
C VAL B 232 -36.22 -5.65 21.53
N ILE B 233 -35.67 -6.72 20.96
CA ILE B 233 -34.54 -7.46 21.53
C ILE B 233 -33.34 -7.32 20.62
N ALA B 234 -32.20 -6.89 21.14
CA ALA B 234 -31.02 -6.62 20.33
C ALA B 234 -29.74 -7.15 20.96
N ASP B 235 -28.74 -7.46 20.15
CA ASP B 235 -27.36 -7.52 20.59
C ASP B 235 -26.82 -6.09 20.66
N SER B 236 -26.78 -5.52 21.86
CA SER B 236 -26.39 -4.13 22.03
C SER B 236 -24.94 -3.83 21.65
N SER B 237 -24.09 -4.83 21.38
CA SER B 237 -22.75 -4.56 20.86
C SER B 237 -22.80 -4.07 19.41
N ARG B 238 -23.89 -4.33 18.69
CA ARG B 238 -24.05 -4.02 17.26
C ARG B 238 -24.95 -2.83 16.99
N VAL B 239 -25.42 -2.13 18.01
CA VAL B 239 -26.13 -0.85 17.89
C VAL B 239 -25.27 0.23 18.50
N LYS B 240 -24.94 1.28 17.75
CA LYS B 240 -24.19 2.43 18.27
C LYS B 240 -24.97 3.72 18.03
N ILE B 241 -24.99 4.62 19.01
CA ILE B 241 -25.55 5.96 18.85
C ILE B 241 -24.39 6.95 18.83
N GLY B 242 -24.23 7.70 17.76
CA GLY B 242 -23.21 8.74 17.67
C GLY B 242 -23.73 10.04 18.22
N VAL B 243 -23.04 10.65 19.18
CA VAL B 243 -23.42 11.93 19.77
C VAL B 243 -22.46 13.00 19.28
N ARG B 244 -22.82 13.67 18.19
CA ARG B 244 -21.97 14.72 17.60
C ARG B 244 -22.07 16.04 18.35
N GLN B 245 -23.25 16.37 18.87
CA GLN B 245 -23.46 17.52 19.74
C GLN B 245 -24.59 17.20 20.68
N ASP B 246 -24.32 17.14 21.98
CA ASP B 246 -25.34 17.00 23.01
C ASP B 246 -26.20 18.28 23.10
N ILE B 247 -27.38 18.21 23.70
CA ILE B 247 -28.39 19.28 23.62
C ILE B 247 -27.85 20.62 24.15
N THR B 248 -27.99 21.66 23.33
CA THR B 248 -27.57 23.05 23.62
C THR B 248 -28.76 24.00 23.55
N VAL B 249 -28.74 25.05 24.37
CA VAL B 249 -29.73 26.13 24.43
C VAL B 249 -29.09 27.46 24.00
N LYS B 250 -29.73 28.23 23.12
CA LYS B 250 -29.42 29.63 22.87
C LYS B 250 -30.63 30.51 23.11
N PHE B 251 -30.49 31.57 23.88
CA PHE B 251 -31.50 32.60 24.06
C PHE B 251 -31.52 33.58 22.89
N LEU B 252 -32.66 33.74 22.23
CA LEU B 252 -32.85 34.65 21.11
C LEU B 252 -33.71 35.85 21.54
N ASP B 253 -33.25 37.06 21.28
CA ASP B 253 -33.98 38.29 21.59
C ASP B 253 -34.06 39.29 20.43
N GLN B 254 -33.37 39.05 19.32
CA GLN B 254 -33.43 39.88 18.11
C GLN B 254 -33.74 39.09 16.83
N ALA B 255 -33.73 37.76 16.90
CA ALA B 255 -33.88 36.90 15.72
C ALA B 255 -35.25 37.04 15.04
N THR B 256 -35.32 36.71 13.76
CA THR B 256 -36.57 36.68 13.00
C THR B 256 -36.95 35.24 12.71
N LEU B 257 -38.18 34.85 13.03
CA LEU B 257 -38.67 33.49 12.84
C LEU B 257 -39.69 33.46 11.70
N GLY B 258 -39.60 32.48 10.81
CA GLY B 258 -40.48 32.38 9.65
C GLY B 258 -40.24 33.46 8.61
N THR B 259 -41.15 33.59 7.65
CA THR B 259 -41.05 34.54 6.54
C THR B 259 -42.45 34.91 5.99
N GLY B 260 -42.55 36.02 5.26
CA GLY B 260 -43.82 36.47 4.66
C GLY B 260 -44.92 36.70 5.69
N GLU B 261 -46.11 36.17 5.43
CA GLU B 261 -47.28 36.30 6.31
C GLU B 261 -47.12 35.65 7.69
N ASN B 262 -46.14 34.76 7.85
CA ASN B 262 -45.84 34.08 9.12
C ASN B 262 -44.61 34.65 9.85
N GLN B 263 -44.06 35.79 9.41
CA GLN B 263 -42.83 36.35 9.97
C GLN B 263 -43.03 36.92 11.37
N ILE B 264 -42.24 36.47 12.34
CA ILE B 264 -42.22 36.96 13.72
C ILE B 264 -40.87 37.62 13.95
N ASN B 265 -40.82 38.94 13.87
CA ASN B 265 -39.64 39.72 14.26
C ASN B 265 -39.61 39.85 15.78
N LEU B 266 -38.78 39.08 16.49
CA LEU B 266 -38.88 38.97 17.95
C LEU B 266 -38.72 40.32 18.67
N ALA B 267 -37.79 41.18 18.25
CA ALA B 267 -37.51 42.42 18.96
C ALA B 267 -38.67 43.42 18.92
N GLU B 268 -39.26 43.67 17.75
CA GLU B 268 -40.36 44.63 17.62
C GLU B 268 -41.71 44.10 18.11
N ARG B 269 -41.87 42.79 18.28
CA ARG B 269 -43.01 42.19 18.98
C ARG B 269 -42.82 42.09 20.49
N ASP B 270 -41.69 42.55 21.02
CA ASP B 270 -41.32 42.42 22.43
C ASP B 270 -41.35 40.96 22.91
N MET B 271 -40.67 40.09 22.18
CA MET B 271 -40.60 38.66 22.42
C MET B 271 -39.16 38.18 22.53
N VAL B 272 -39.00 36.98 23.07
CA VAL B 272 -37.77 36.23 23.19
C VAL B 272 -38.05 34.79 22.80
N ALA B 273 -37.03 33.98 22.55
CA ALA B 273 -37.22 32.56 22.30
C ALA B 273 -36.04 31.75 22.82
N LEU B 274 -36.23 30.46 23.05
CA LEU B 274 -35.12 29.51 23.14
C LEU B 274 -34.98 28.75 21.83
N ARG B 275 -33.76 28.58 21.35
CA ARG B 275 -33.41 27.58 20.34
C ARG B 275 -32.73 26.42 21.04
N LEU B 276 -33.29 25.23 20.90
CA LEU B 276 -32.77 23.97 21.40
C LEU B 276 -32.26 23.18 20.19
N LYS B 277 -31.03 22.65 20.23
CA LYS B 277 -30.52 21.77 19.17
C LYS B 277 -29.55 20.71 19.66
N ALA B 278 -29.48 19.60 18.95
CA ALA B 278 -28.51 18.52 19.14
C ALA B 278 -28.20 17.85 17.80
N ARG B 279 -27.06 17.18 17.67
CA ARG B 279 -26.71 16.39 16.48
C ARG B 279 -26.44 14.94 16.85
N PHE B 280 -27.14 14.00 16.22
CA PHE B 280 -27.06 12.58 16.52
C PHE B 280 -26.88 11.74 15.26
N ALA B 281 -26.30 10.56 15.42
CA ALA B 281 -26.12 9.57 14.37
C ALA B 281 -26.49 8.18 14.88
N TYR B 282 -26.82 7.27 14.00
CA TYR B 282 -27.16 5.89 14.32
C TYR B 282 -26.55 4.95 13.30
N VAL B 283 -26.03 3.81 13.75
CA VAL B 283 -25.59 2.72 12.88
C VAL B 283 -26.00 1.38 13.47
N LEU B 284 -26.46 0.48 12.60
CA LEU B 284 -26.74 -0.91 12.94
C LEU B 284 -25.70 -1.79 12.26
N GLY B 285 -24.96 -2.56 13.04
CA GLY B 285 -23.82 -3.34 12.57
C GLY B 285 -24.19 -4.65 11.88
N VAL B 286 -25.13 -4.61 10.95
CA VAL B 286 -25.49 -5.74 10.08
C VAL B 286 -24.26 -6.14 9.26
N SER B 287 -23.82 -7.38 9.40
CA SER B 287 -22.59 -7.89 8.80
C SER B 287 -22.65 -9.40 8.63
N ALA B 288 -21.61 -10.00 8.07
CA ALA B 288 -21.40 -11.42 8.22
C ALA B 288 -21.09 -11.81 9.67
N THR B 289 -21.43 -13.04 10.02
CA THR B 289 -21.08 -13.77 11.24
C THR B 289 -20.66 -15.17 10.84
N SER B 290 -20.15 -15.99 11.75
CA SER B 290 -19.81 -17.39 11.45
C SER B 290 -20.93 -18.20 10.81
N VAL B 291 -22.19 -17.81 11.00
CA VAL B 291 -23.35 -18.48 10.38
C VAL B 291 -23.48 -18.13 8.90
N GLY B 292 -23.18 -16.90 8.48
CA GLY B 292 -23.35 -16.48 7.09
C GLY B 292 -23.29 -14.97 6.91
N ALA B 293 -23.46 -14.51 5.67
CA ALA B 293 -23.45 -13.09 5.32
C ALA B 293 -24.74 -12.37 5.75
N ASN B 294 -24.69 -11.05 5.88
CA ASN B 294 -25.85 -10.16 6.04
C ASN B 294 -26.82 -10.54 7.17
N GLN B 295 -26.34 -10.67 8.40
CA GLN B 295 -27.11 -11.11 9.56
C GLN B 295 -27.56 -9.92 10.42
N THR B 296 -28.86 -9.76 10.65
CA THR B 296 -29.41 -8.64 11.44
C THR B 296 -29.33 -8.90 12.95
N PRO B 297 -28.75 -8.01 13.77
CA PRO B 297 -28.52 -8.23 15.19
C PRO B 297 -29.70 -7.84 16.10
N VAL B 298 -30.92 -7.79 15.58
CA VAL B 298 -32.10 -7.32 16.30
C VAL B 298 -33.35 -8.04 15.86
N GLY B 299 -34.24 -8.33 16.80
CA GLY B 299 -35.54 -8.95 16.60
C GLY B 299 -36.63 -8.21 17.37
N VAL B 300 -37.90 -8.47 17.06
CA VAL B 300 -39.03 -7.75 17.66
C VAL B 300 -40.16 -8.69 18.06
N VAL B 301 -40.75 -8.46 19.22
CA VAL B 301 -42.03 -9.06 19.59
C VAL B 301 -43.12 -8.11 19.13
N THR B 302 -43.90 -8.46 18.12
CA THR B 302 -45.01 -7.62 17.68
C THR B 302 -46.20 -7.82 18.59
N PRO B 303 -47.15 -6.87 18.69
CA PRO B 303 -48.46 -7.17 19.24
C PRO B 303 -49.17 -8.20 18.36
N ASP B 304 -50.34 -8.68 18.80
CA ASP B 304 -51.24 -9.47 17.96
C ASP B 304 -52.67 -8.92 18.00
N VAL B 305 -53.32 -8.94 16.84
CA VAL B 305 -54.43 -8.06 16.51
C VAL B 305 -55.79 -8.65 16.86
N THR B 306 -55.93 -9.98 16.78
CA THR B 306 -57.04 -10.71 17.40
C THR B 306 -56.54 -12.02 18.02
N ALA B 307 -57.08 -12.34 19.20
CA ALA B 307 -56.61 -13.42 20.07
C ALA B 307 -55.08 -13.40 20.28
N ALA C 2 -1.73 93.04 0.69
CA ALA C 2 -1.75 94.21 1.55
C ALA C 2 -2.44 93.97 2.90
N ASP C 3 -3.15 92.86 3.07
CA ASP C 3 -4.02 92.59 4.22
C ASP C 3 -4.18 91.08 4.48
N ILE C 4 -4.56 90.69 5.68
CA ILE C 4 -5.08 89.36 5.98
C ILE C 4 -6.53 89.22 6.47
N SER C 5 -7.46 89.01 5.55
CA SER C 5 -8.88 88.94 5.87
C SER C 5 -9.23 87.67 6.65
N ARG C 6 -10.35 87.66 7.37
CA ARG C 6 -10.88 86.44 7.98
C ARG C 6 -11.17 85.21 7.09
N ALA C 7 -11.32 85.38 5.77
CA ALA C 7 -11.42 84.28 4.83
C ALA C 7 -10.05 83.68 4.53
N GLU C 8 -8.98 84.47 4.49
CA GLU C 8 -7.65 84.05 4.05
C GLU C 8 -6.89 83.23 5.10
N VAL C 9 -7.29 83.31 6.37
CA VAL C 9 -6.82 82.37 7.41
C VAL C 9 -7.56 81.03 7.35
N ALA C 10 -8.68 80.97 6.63
CA ALA C 10 -9.50 79.78 6.45
C ALA C 10 -9.69 78.99 7.75
N THR C 11 -9.34 77.70 7.76
CA THR C 11 -9.70 76.75 8.81
C THR C 11 -8.83 76.85 10.08
N LEU C 12 -7.91 77.81 10.16
CA LEU C 12 -7.24 78.14 11.43
C LEU C 12 -8.24 78.68 12.46
N ILE C 13 -9.31 79.33 12.00
CA ILE C 13 -10.45 79.67 12.85
C ILE C 13 -11.42 78.48 12.88
N GLN C 14 -11.51 77.80 14.02
CA GLN C 14 -12.46 76.71 14.24
C GLN C 14 -13.84 77.24 14.60
N GLU C 15 -14.89 76.54 14.16
CA GLU C 15 -16.25 76.73 14.67
C GLU C 15 -16.50 75.91 15.94
N ALA C 16 -17.55 76.24 16.68
CA ALA C 16 -17.85 75.64 17.99
C ALA C 16 -19.35 75.34 18.14
N TYR C 17 -19.68 74.49 19.09
CA TYR C 17 -21.01 73.89 19.27
C TYR C 17 -21.54 74.12 20.68
N SER C 18 -22.86 74.28 20.84
CA SER C 18 -23.52 74.51 22.13
C SER C 18 -24.73 73.60 22.33
N ASP C 19 -24.84 73.07 23.54
CA ASP C 19 -25.95 72.21 23.98
C ASP C 19 -27.21 73.00 24.39
N THR C 20 -27.11 74.32 24.51
CA THR C 20 -28.03 75.15 25.30
C THR C 20 -29.46 75.23 24.79
N LEU C 21 -29.73 75.03 23.49
CA LEU C 21 -31.09 74.96 22.95
C LEU C 21 -31.68 73.53 22.99
N LEU C 22 -30.87 72.51 23.27
CA LEU C 22 -31.34 71.14 23.54
C LEU C 22 -31.55 70.93 25.05
N ALA C 23 -30.81 71.65 25.89
CA ALA C 23 -30.69 71.42 27.33
C ALA C 23 -31.96 71.60 28.17
N ALA C 24 -33.06 72.09 27.58
CA ALA C 24 -34.36 72.15 28.25
C ALA C 24 -34.84 70.77 28.72
N ALA C 25 -35.48 70.71 29.88
CA ALA C 25 -36.11 69.48 30.37
C ALA C 25 -37.30 69.09 29.49
N LYS C 26 -37.45 67.79 29.19
CA LYS C 26 -38.55 67.29 28.35
C LYS C 26 -39.88 67.29 29.09
N GLN C 27 -40.98 67.25 28.35
CA GLN C 27 -42.33 67.37 28.89
C GLN C 27 -42.86 66.02 29.40
N GLY C 28 -42.85 65.82 30.71
CA GLY C 28 -43.33 64.58 31.34
C GLY C 28 -44.85 64.40 31.27
N SER C 29 -45.34 63.20 31.56
CA SER C 29 -46.78 62.91 31.59
C SER C 29 -47.45 63.72 32.69
N THR C 30 -48.51 64.44 32.34
CA THR C 30 -49.33 65.21 33.28
C THR C 30 -49.89 64.29 34.35
N VAL C 31 -50.37 63.11 33.96
CA VAL C 31 -51.02 62.21 34.91
C VAL C 31 -50.04 61.56 35.88
N LEU C 32 -48.76 61.42 35.53
CA LEU C 32 -47.75 60.86 36.43
C LEU C 32 -47.29 61.85 37.51
N SER C 33 -47.54 63.16 37.34
CA SER C 33 -47.27 64.16 38.36
C SER C 33 -48.53 64.62 39.10
N ALA C 34 -49.70 64.57 38.46
CA ALA C 34 -50.96 64.96 39.07
C ALA C 34 -51.48 63.96 40.12
N PHE C 35 -51.16 62.67 39.97
CA PHE C 35 -51.79 61.56 40.69
C PHE C 35 -50.75 60.61 41.28
N GLN C 36 -51.15 59.73 42.19
CA GLN C 36 -50.25 58.75 42.77
C GLN C 36 -49.83 57.69 41.74
N ASN C 37 -48.53 57.41 41.67
CA ASN C 37 -47.99 56.32 40.90
C ASN C 37 -47.90 55.08 41.79
N VAL C 38 -48.59 54.01 41.41
CA VAL C 38 -48.67 52.75 42.16
C VAL C 38 -47.75 51.74 41.51
N ASN C 39 -46.78 51.20 42.24
CA ASN C 39 -45.89 50.18 41.71
C ASN C 39 -46.66 48.87 41.47
N MET C 40 -46.44 48.21 40.34
CA MET C 40 -47.05 46.92 40.02
C MET C 40 -45.97 45.88 39.73
N GLY C 41 -46.17 44.62 40.13
CA GLY C 41 -45.27 43.51 39.83
C GLY C 41 -45.77 42.52 38.77
N THR C 42 -47.03 42.67 38.34
CA THR C 42 -47.78 41.73 37.49
C THR C 42 -48.71 42.54 36.58
N LYS C 43 -49.28 41.96 35.52
CA LYS C 43 -50.24 42.64 34.66
C LYS C 43 -51.46 43.18 35.42
N THR C 44 -52.09 42.39 36.27
CA THR C 44 -53.33 42.80 36.98
C THR C 44 -53.12 42.97 38.48
N THR C 45 -53.61 44.08 39.03
CA THR C 45 -53.68 44.38 40.46
C THR C 45 -55.11 44.69 40.85
N HIS C 46 -55.61 44.11 41.94
CA HIS C 46 -56.98 44.28 42.42
C HIS C 46 -57.02 45.28 43.58
N LEU C 47 -57.91 46.27 43.50
CA LEU C 47 -58.13 47.28 44.53
C LEU C 47 -59.56 47.15 45.06
N PRO C 48 -59.77 46.85 46.35
CA PRO C 48 -61.10 46.95 46.92
C PRO C 48 -61.48 48.42 47.11
N VAL C 49 -62.74 48.75 46.90
CA VAL C 49 -63.31 50.09 47.14
C VAL C 49 -64.59 49.97 47.95
N LEU C 50 -64.90 50.98 48.77
CA LEU C 50 -66.11 50.97 49.58
C LEU C 50 -67.38 51.06 48.71
N ALA C 51 -68.40 50.27 48.98
CA ALA C 51 -69.61 50.16 48.17
C ALA C 51 -70.91 50.41 48.93
N THR C 52 -70.97 50.17 50.24
CA THR C 52 -72.04 50.70 51.12
C THR C 52 -71.50 51.04 52.49
N LEU C 53 -72.10 52.05 53.13
CA LEU C 53 -71.77 52.53 54.47
C LEU C 53 -72.77 52.00 55.50
N PRO C 54 -72.34 51.68 56.73
CA PRO C 54 -73.25 51.30 57.80
C PRO C 54 -74.04 52.51 58.29
N GLU C 55 -75.09 52.28 59.07
CA GLU C 55 -75.78 53.33 59.82
C GLU C 55 -75.97 52.90 61.27
N ALA C 56 -75.65 53.79 62.21
CA ALA C 56 -75.78 53.57 63.65
C ALA C 56 -77.12 54.08 64.19
N GLY C 57 -77.32 54.04 65.50
CA GLY C 57 -78.46 54.67 66.15
C GLY C 57 -78.23 54.97 67.62
N TRP C 58 -79.00 55.90 68.16
CA TRP C 58 -79.08 56.17 69.60
C TRP C 58 -79.85 55.06 70.31
N VAL C 59 -79.44 54.70 71.52
CA VAL C 59 -79.93 53.54 72.26
C VAL C 59 -80.26 53.93 73.69
N GLY C 60 -81.46 53.62 74.17
CA GLY C 60 -81.86 53.89 75.56
C GLY C 60 -81.31 52.84 76.52
N GLU C 61 -81.13 53.16 77.80
CA GLU C 61 -80.92 52.11 78.80
C GLU C 61 -82.26 51.45 79.08
N SER C 62 -82.50 50.28 78.47
CA SER C 62 -83.65 49.43 78.79
C SER C 62 -83.33 47.96 78.55
N ALA C 63 -83.89 47.08 79.38
CA ALA C 63 -83.89 45.64 79.19
C ALA C 63 -85.21 45.10 78.62
N THR C 64 -86.19 45.96 78.36
CA THR C 64 -87.56 45.55 78.00
C THR C 64 -88.12 46.26 76.78
N GLU C 65 -87.76 47.52 76.53
CA GLU C 65 -88.31 48.31 75.42
C GLU C 65 -87.49 48.16 74.12
N PRO C 66 -88.09 48.29 72.93
CA PRO C 66 -87.38 48.14 71.67
C PRO C 66 -86.24 49.14 71.46
N GLU C 67 -86.35 50.35 72.01
CA GLU C 67 -85.29 51.37 71.97
C GLU C 67 -84.03 50.99 72.77
N GLY C 68 -84.08 49.93 73.58
CA GLY C 68 -82.90 49.44 74.28
C GLY C 68 -81.94 48.62 73.43
N VAL C 69 -82.30 48.30 72.18
CA VAL C 69 -81.59 47.35 71.32
C VAL C 69 -80.67 48.08 70.34
N ILE C 70 -79.40 47.71 70.30
CA ILE C 70 -78.40 48.25 69.37
C ILE C 70 -78.69 47.76 67.95
N PRO C 71 -78.80 48.62 66.92
CA PRO C 71 -79.02 48.17 65.55
C PRO C 71 -77.84 47.35 65.00
N THR C 72 -78.13 46.28 64.26
CA THR C 72 -77.15 45.65 63.37
C THR C 72 -77.13 46.37 62.03
N SER C 73 -75.98 46.41 61.37
CA SER C 73 -75.81 47.00 60.04
C SER C 73 -74.62 46.36 59.34
N LYS C 74 -74.60 46.37 58.01
CA LYS C 74 -73.48 45.89 57.20
C LYS C 74 -72.63 47.00 56.61
N VAL C 75 -71.46 46.62 56.13
CA VAL C 75 -70.53 47.41 55.31
C VAL C 75 -70.20 46.54 54.12
N THR C 76 -70.07 47.09 52.91
CA THR C 76 -69.75 46.28 51.73
C THR C 76 -68.75 46.97 50.84
N TRP C 77 -67.97 46.19 50.10
CA TRP C 77 -66.93 46.62 49.18
C TRP C 77 -67.17 46.04 47.79
N ALA C 78 -66.66 46.73 46.78
CA ALA C 78 -66.59 46.28 45.39
C ALA C 78 -65.13 46.25 44.93
N ASN C 79 -64.87 45.86 43.69
CA ASN C 79 -63.51 45.75 43.15
C ASN C 79 -63.31 46.68 41.95
N ARG C 80 -62.10 47.25 41.85
CA ARG C 80 -61.56 47.95 40.68
C ARG C 80 -60.20 47.32 40.35
N THR C 81 -59.75 47.42 39.11
CA THR C 81 -58.47 46.81 38.68
C THR C 81 -57.57 47.81 37.97
N LEU C 82 -56.28 47.74 38.28
CA LEU C 82 -55.21 48.25 37.42
C LEU C 82 -54.79 47.11 36.51
N VAL C 83 -54.88 47.28 35.19
CA VAL C 83 -54.37 46.31 34.21
C VAL C 83 -53.28 46.97 33.37
N ALA C 84 -52.06 46.47 33.44
CA ALA C 84 -50.92 47.05 32.77
C ALA C 84 -50.91 46.75 31.28
N GLU C 85 -50.71 47.79 30.49
CA GLU C 85 -50.68 47.76 29.03
C GLU C 85 -49.41 48.45 28.53
N GLU C 86 -48.85 47.96 27.43
CA GLU C 86 -47.55 48.40 26.96
C GLU C 86 -47.66 49.47 25.89
N VAL C 87 -46.90 50.55 26.06
CA VAL C 87 -46.72 51.63 25.08
C VAL C 87 -45.25 51.70 24.72
N ALA C 88 -44.94 51.79 23.44
CA ALA C 88 -43.57 51.63 22.95
C ALA C 88 -43.32 52.29 21.59
N VAL C 89 -42.06 52.51 21.26
CA VAL C 89 -41.58 53.03 19.97
C VAL C 89 -40.20 52.47 19.65
N ILE C 90 -39.87 52.30 18.38
CA ILE C 90 -38.51 51.96 17.93
C ILE C 90 -37.99 53.07 17.03
N ILE C 91 -36.78 53.55 17.33
CA ILE C 91 -36.13 54.66 16.61
C ILE C 91 -34.82 54.14 16.00
N PRO C 92 -34.80 53.73 14.71
CA PRO C 92 -33.63 53.23 14.03
C PRO C 92 -32.75 54.35 13.47
N VAL C 93 -31.43 54.15 13.50
CA VAL C 93 -30.42 55.15 13.16
C VAL C 93 -29.12 54.46 12.72
N PRO C 94 -28.33 54.99 11.78
CA PRO C 94 -27.08 54.36 11.38
C PRO C 94 -26.07 54.30 12.52
N GLU C 95 -25.33 53.19 12.63
CA GLU C 95 -24.32 53.07 13.68
C GLU C 95 -23.21 54.11 13.53
N ALA C 96 -22.88 54.48 12.29
CA ALA C 96 -21.98 55.58 12.00
C ALA C 96 -22.48 56.92 12.57
N VAL C 97 -23.78 57.23 12.45
CA VAL C 97 -24.35 58.43 13.04
C VAL C 97 -24.19 58.43 14.55
N ILE C 98 -24.45 57.30 15.21
CA ILE C 98 -24.27 57.18 16.65
C ILE C 98 -22.81 57.28 17.07
N ASP C 99 -21.89 56.67 16.35
CA ASP C 99 -20.45 56.75 16.65
C ASP C 99 -19.89 58.16 16.43
N ASP C 100 -20.34 58.87 15.40
CA ASP C 100 -19.87 60.20 15.08
C ASP C 100 -20.25 61.25 16.13
N ALA C 101 -21.42 61.14 16.76
CA ALA C 101 -21.98 62.19 17.58
C ALA C 101 -21.31 62.36 18.95
N THR C 102 -20.91 63.60 19.26
CA THR C 102 -20.28 64.00 20.54
C THR C 102 -21.31 64.29 21.63
N VAL C 103 -22.38 65.04 21.32
CA VAL C 103 -23.61 65.06 22.13
C VAL C 103 -24.24 63.66 22.07
N ALA C 104 -24.67 63.12 23.20
CA ALA C 104 -25.18 61.76 23.26
C ALA C 104 -26.54 61.66 22.57
N ILE C 105 -26.56 61.38 21.26
CA ILE C 105 -27.80 61.16 20.51
C ILE C 105 -28.67 60.13 21.21
N LEU C 106 -28.09 59.08 21.79
CA LEU C 106 -28.89 58.05 22.46
C LEU C 106 -29.68 58.58 23.65
N THR C 107 -29.18 59.57 24.40
CA THR C 107 -29.97 60.15 25.50
C THR C 107 -30.98 61.16 24.98
N GLU C 108 -30.66 61.97 23.98
CA GLU C 108 -31.67 62.86 23.39
C GLU C 108 -32.80 62.08 22.72
N VAL C 109 -32.48 61.01 21.99
CA VAL C 109 -33.46 60.07 21.43
C VAL C 109 -34.25 59.40 22.54
N ALA C 110 -33.61 58.87 23.58
CA ALA C 110 -34.33 58.24 24.68
C ALA C 110 -35.26 59.21 25.41
N GLU C 111 -34.84 60.45 25.65
CA GLU C 111 -35.65 61.48 26.26
C GLU C 111 -36.82 61.92 25.37
N GLN C 112 -36.61 62.11 24.07
CA GLN C 112 -37.70 62.38 23.14
C GLN C 112 -38.68 61.21 23.03
N GLY C 113 -38.19 59.97 23.08
CA GLY C 113 -39.03 58.79 23.13
C GLY C 113 -39.85 58.72 24.42
N GLY C 114 -39.24 59.05 25.56
CA GLY C 114 -39.95 59.16 26.84
C GLY C 114 -41.06 60.21 26.81
N GLN C 115 -40.83 61.37 26.20
CA GLN C 115 -41.90 62.37 26.00
C GLN C 115 -43.01 61.84 25.09
N ALA C 116 -42.69 61.15 24.00
CA ALA C 116 -43.69 60.58 23.10
C ALA C 116 -44.56 59.52 23.77
N ILE C 117 -43.95 58.69 24.62
CA ILE C 117 -44.67 57.73 25.48
C ILE C 117 -45.56 58.47 26.49
N GLY C 118 -45.06 59.53 27.12
CA GLY C 118 -45.85 60.32 28.07
C GLY C 118 -47.06 61.00 27.46
N LYS C 119 -46.95 61.54 26.24
CA LYS C 119 -48.11 62.05 25.48
C LYS C 119 -49.17 60.98 25.33
N LYS C 120 -48.78 59.77 24.94
CA LYS C 120 -49.71 58.68 24.67
C LYS C 120 -50.42 58.21 25.95
N LEU C 121 -49.73 58.19 27.09
CA LEU C 121 -50.36 57.94 28.39
C LEU C 121 -51.39 59.01 28.77
N ASP C 122 -51.03 60.30 28.69
CA ASP C 122 -51.96 61.39 29.01
C ASP C 122 -53.20 61.37 28.13
N GLN C 123 -53.04 61.16 26.81
CA GLN C 123 -54.17 61.01 25.88
C GLN C 123 -55.13 59.90 26.30
N ALA C 124 -54.61 58.76 26.72
CA ALA C 124 -55.42 57.62 27.14
C ALA C 124 -56.17 57.92 28.43
N VAL C 125 -55.46 58.36 29.48
CA VAL C 125 -56.04 58.58 30.81
C VAL C 125 -57.04 59.73 30.82
N ILE C 126 -56.70 60.87 30.20
CA ILE C 126 -57.53 62.07 30.31
C ILE C 126 -58.69 62.04 29.32
N PHE C 127 -58.45 61.70 28.06
CA PHE C 127 -59.45 61.83 26.99
C PHE C 127 -60.00 60.50 26.48
N GLY C 128 -59.39 59.38 26.82
CA GLY C 128 -59.75 58.07 26.27
C GLY C 128 -59.23 57.82 24.86
N ILE C 129 -58.41 58.72 24.32
CA ILE C 129 -57.85 58.62 22.97
C ILE C 129 -56.84 57.47 22.94
N ASP C 130 -57.06 56.48 22.07
CA ASP C 130 -56.29 55.23 22.02
C ASP C 130 -56.25 54.45 23.34
N LYS C 131 -57.24 54.60 24.22
CA LYS C 131 -57.29 53.86 25.49
C LYS C 131 -57.29 52.35 25.22
N PRO C 132 -56.43 51.56 25.88
CA PRO C 132 -56.47 50.11 25.77
C PRO C 132 -57.80 49.52 26.21
N ALA C 133 -58.29 48.50 25.51
CA ALA C 133 -59.61 47.92 25.80
C ALA C 133 -59.70 47.20 27.16
N SER C 134 -58.56 46.77 27.70
CA SER C 134 -58.50 46.12 29.02
C SER C 134 -58.65 47.08 30.20
N TRP C 135 -58.51 48.39 29.99
CA TRP C 135 -58.78 49.40 31.01
C TRP C 135 -60.29 49.61 31.13
N VAL C 136 -60.92 48.99 32.13
CA VAL C 136 -62.37 49.07 32.34
C VAL C 136 -62.83 50.39 32.98
N SER C 137 -61.93 51.16 33.59
CA SER C 137 -62.24 52.51 34.07
C SER C 137 -62.45 53.48 32.91
N PRO C 138 -63.51 54.30 32.90
CA PRO C 138 -63.67 55.33 31.89
C PRO C 138 -62.60 56.42 32.06
N ALA C 139 -62.10 57.00 30.98
CA ALA C 139 -61.14 58.09 31.04
C ALA C 139 -61.75 59.35 31.67
N LEU C 140 -60.94 60.27 32.19
CA LEU C 140 -61.43 61.37 33.05
C LEU C 140 -62.52 62.24 32.38
N VAL C 141 -62.36 62.61 31.11
CA VAL C 141 -63.38 63.38 30.39
C VAL C 141 -64.64 62.55 30.14
N PRO C 142 -64.61 61.36 29.52
CA PRO C 142 -65.79 60.50 29.39
C PRO C 142 -66.49 60.17 30.71
N ALA C 143 -65.75 59.96 31.79
CA ALA C 143 -66.31 59.69 33.12
C ALA C 143 -67.15 60.86 33.62
N ALA C 144 -66.60 62.08 33.59
CA ALA C 144 -67.30 63.28 34.00
C ALA C 144 -68.55 63.54 33.17
N VAL C 145 -68.47 63.36 31.85
CA VAL C 145 -69.61 63.52 30.93
C VAL C 145 -70.70 62.50 31.21
N ALA C 146 -70.35 61.22 31.38
CA ALA C 146 -71.32 60.16 31.66
C ALA C 146 -72.01 60.34 33.03
N ALA C 147 -71.29 60.81 34.03
CA ALA C 147 -71.82 61.13 35.35
C ALA C 147 -72.73 62.37 35.39
N GLY C 148 -72.80 63.17 34.33
CA GLY C 148 -73.53 64.45 34.33
C GLY C 148 -72.79 65.59 35.04
N GLN C 149 -71.47 65.45 35.23
CA GLN C 149 -70.60 66.42 35.90
C GLN C 149 -69.78 67.24 34.89
N ALA C 150 -70.38 67.56 33.75
CA ALA C 150 -69.81 68.38 32.70
C ALA C 150 -70.55 69.73 32.60
N ILE C 151 -69.83 70.84 32.55
CA ILE C 151 -70.39 72.19 32.37
C ILE C 151 -69.79 72.80 31.11
N ALA C 152 -70.59 73.39 30.22
CA ALA C 152 -70.06 74.08 29.05
C ALA C 152 -69.69 75.53 29.37
N HIS C 153 -68.44 75.90 29.10
CA HIS C 153 -67.95 77.27 29.25
C HIS C 153 -68.64 78.22 28.25
N VAL C 154 -69.27 79.27 28.75
CA VAL C 154 -69.82 80.38 27.95
C VAL C 154 -68.74 81.45 27.80
N SER C 155 -68.33 81.77 26.57
CA SER C 155 -67.33 82.80 26.31
C SER C 155 -67.94 84.20 26.23
N GLY C 156 -67.10 85.23 26.13
CA GLY C 156 -67.53 86.63 26.03
C GLY C 156 -67.47 87.35 27.37
N VAL C 157 -68.49 88.16 27.66
CA VAL C 157 -68.59 88.95 28.89
C VAL C 157 -68.67 88.03 30.12
N ALA C 158 -68.02 88.39 31.22
CA ALA C 158 -68.05 87.63 32.46
C ALA C 158 -69.48 87.30 32.91
N ASN C 159 -69.71 86.07 33.33
CA ASN C 159 -70.99 85.53 33.76
C ASN C 159 -70.78 84.22 34.53
N GLU C 160 -71.81 83.66 35.16
CA GLU C 160 -71.63 82.46 36.00
C GLU C 160 -71.12 81.21 35.25
N PHE C 161 -71.07 81.20 33.92
CA PHE C 161 -70.48 80.14 33.10
C PHE C 161 -69.19 80.55 32.37
N ASP C 162 -68.55 81.66 32.74
CA ASP C 162 -67.21 81.98 32.24
C ASP C 162 -66.16 80.97 32.73
N LEU C 163 -64.87 81.15 32.41
CA LEU C 163 -63.85 80.15 32.75
C LEU C 163 -63.76 79.83 34.23
N VAL C 164 -63.89 80.83 35.11
CA VAL C 164 -63.91 80.62 36.56
C VAL C 164 -65.27 80.12 37.00
N GLY C 165 -66.35 80.72 36.50
CA GLY C 165 -67.71 80.34 36.83
C GLY C 165 -67.97 78.86 36.56
N ALA C 166 -67.66 78.38 35.36
CA ALA C 166 -67.80 76.97 35.04
C ALA C 166 -66.88 76.09 35.88
N SER C 167 -65.64 76.51 36.17
CA SER C 167 -64.75 75.75 37.05
C SER C 167 -65.33 75.60 38.46
N ASN C 168 -65.91 76.64 39.03
CA ASN C 168 -66.60 76.57 40.31
C ASN C 168 -67.83 75.68 40.25
N LYS C 169 -68.67 75.75 39.20
CA LYS C 169 -69.83 74.86 39.05
C LYS C 169 -69.44 73.40 38.94
N VAL C 170 -68.38 73.08 38.22
CA VAL C 170 -67.84 71.71 38.15
C VAL C 170 -67.35 71.26 39.51
N ALA C 171 -66.52 72.05 40.19
CA ALA C 171 -66.02 71.71 41.51
C ALA C 171 -67.17 71.51 42.51
N GLU C 172 -68.20 72.35 42.47
CA GLU C 172 -69.40 72.22 43.29
C GLU C 172 -70.09 70.88 43.03
N LYS C 173 -70.29 70.46 41.78
CA LYS C 173 -70.86 69.14 41.48
C LYS C 173 -70.02 68.00 42.05
N VAL C 174 -68.69 68.05 41.95
CA VAL C 174 -67.82 67.03 42.56
C VAL C 174 -67.97 67.04 44.09
N ALA C 175 -68.06 68.20 44.72
CA ALA C 175 -68.28 68.32 46.16
C ALA C 175 -69.67 67.84 46.59
N LEU C 176 -70.72 68.06 45.80
CA LEU C 176 -72.05 67.54 46.03
C LEU C 176 -72.15 66.02 45.79
N ALA C 177 -71.21 65.40 45.09
CA ALA C 177 -71.06 63.94 45.04
C ALA C 177 -70.34 63.38 46.29
N GLY C 178 -69.83 64.22 47.16
CA GLY C 178 -69.14 63.83 48.38
C GLY C 178 -67.64 63.62 48.22
N TRP C 179 -67.05 64.05 47.11
CA TRP C 179 -65.59 64.03 46.87
C TRP C 179 -65.02 65.44 47.01
N ALA C 180 -63.85 65.62 47.60
CA ALA C 180 -63.21 66.93 47.65
C ALA C 180 -62.32 67.16 46.42
N PRO C 181 -62.71 67.99 45.43
CA PRO C 181 -61.84 68.32 44.32
C PRO C 181 -60.61 69.07 44.83
N ASP C 182 -59.45 68.79 44.26
CA ASP C 182 -58.18 69.42 44.70
C ASP C 182 -57.19 69.67 43.57
N THR C 183 -57.53 69.26 42.35
CA THR C 183 -56.61 69.21 41.22
C THR C 183 -57.30 69.70 39.97
N LEU C 184 -56.61 70.49 39.16
CA LEU C 184 -57.04 70.97 37.85
C LEU C 184 -56.01 70.61 36.79
N LEU C 185 -56.44 69.97 35.71
CA LEU C 185 -55.63 69.71 34.53
C LEU C 185 -56.08 70.65 33.41
N SER C 186 -55.17 71.28 32.69
CA SER C 186 -55.51 72.08 31.50
C SER C 186 -54.32 72.28 30.58
N SER C 187 -54.49 72.87 29.40
CA SER C 187 -53.38 73.41 28.61
C SER C 187 -52.83 74.69 29.25
N LEU C 188 -51.58 75.05 28.96
CA LEU C 188 -50.95 76.22 29.56
C LEU C 188 -51.67 77.52 29.19
N ALA C 189 -52.29 77.60 28.02
CA ALA C 189 -53.02 78.77 27.57
C ALA C 189 -54.16 79.18 28.50
N LEU C 190 -54.74 78.26 29.28
CA LEU C 190 -55.81 78.61 30.21
C LEU C 190 -55.36 79.65 31.23
N ARG C 191 -54.10 79.61 31.66
CA ARG C 191 -53.52 80.58 32.61
C ARG C 191 -53.67 82.01 32.14
N TYR C 192 -53.57 82.23 30.84
CA TYR C 192 -53.68 83.56 30.24
C TYR C 192 -55.07 83.87 29.69
N GLN C 193 -55.89 82.86 29.39
CA GLN C 193 -57.31 83.07 29.07
C GLN C 193 -58.11 83.49 30.30
N VAL C 194 -57.89 82.85 31.45
CA VAL C 194 -58.57 83.20 32.72
C VAL C 194 -58.26 84.62 33.13
N ALA C 195 -56.99 85.02 33.09
CA ALA C 195 -56.53 86.32 33.54
C ALA C 195 -57.10 87.52 32.77
N ASN C 196 -57.77 87.30 31.63
CA ASN C 196 -58.27 88.37 30.77
C ASN C 196 -59.76 88.27 30.46
N VAL C 197 -60.56 87.58 31.28
CA VAL C 197 -62.03 87.70 31.18
C VAL C 197 -62.45 89.07 31.71
N ARG C 198 -63.31 89.78 30.98
CA ARG C 198 -63.76 91.14 31.31
C ARG C 198 -65.25 91.19 31.58
N ASP C 199 -65.68 91.98 32.54
CA ASP C 199 -67.10 92.19 32.81
C ASP C 199 -67.71 93.27 31.89
N ALA C 200 -69.03 93.49 31.99
CA ALA C 200 -69.60 94.74 31.47
C ALA C 200 -69.02 95.91 32.29
N ASP C 201 -68.71 97.03 31.65
CA ASP C 201 -67.77 98.06 32.10
C ASP C 201 -66.27 97.72 31.91
N GLY C 202 -65.93 96.52 31.44
CA GLY C 202 -64.61 96.19 30.88
C GLY C 202 -63.50 95.93 31.90
N ASN C 203 -63.78 95.92 33.19
CA ASN C 203 -62.79 95.63 34.23
C ASN C 203 -62.45 94.13 34.25
N LEU C 204 -61.29 93.76 34.80
CA LEU C 204 -60.95 92.35 34.96
C LEU C 204 -61.96 91.68 35.88
N ALA C 205 -62.52 90.55 35.47
CA ALA C 205 -63.56 89.87 36.24
C ALA C 205 -63.04 89.22 37.54
N PHE C 206 -61.73 88.92 37.63
CA PHE C 206 -61.14 88.11 38.70
C PHE C 206 -59.91 88.76 39.30
N ARG C 207 -59.47 88.23 40.46
CA ARG C 207 -58.25 88.61 41.18
C ARG C 207 -57.51 87.32 41.61
N ASP C 208 -56.64 87.40 42.60
CA ASP C 208 -56.06 86.21 43.23
C ASP C 208 -57.17 85.30 43.81
N GLY C 209 -56.91 83.99 43.88
CA GLY C 209 -57.95 82.96 44.02
C GLY C 209 -58.48 82.44 42.67
N SER C 210 -58.03 83.01 41.55
CA SER C 210 -58.06 82.34 40.24
C SER C 210 -57.35 80.98 40.34
N PHE C 211 -57.92 79.94 39.71
CA PHE C 211 -57.57 78.53 39.93
C PHE C 211 -57.83 77.98 41.35
N LEU C 212 -58.65 78.66 42.16
CA LEU C 212 -59.45 78.06 43.23
C LEU C 212 -58.66 77.35 44.35
N GLY C 213 -57.37 77.63 44.48
CA GLY C 213 -56.48 76.91 45.39
C GLY C 213 -56.19 75.45 45.00
N PHE C 214 -56.59 75.02 43.80
CA PHE C 214 -56.30 73.69 43.27
C PHE C 214 -54.83 73.55 42.87
N ASN C 215 -54.29 72.35 43.06
CA ASN C 215 -53.05 71.95 42.42
C ASN C 215 -53.29 71.99 40.91
N THR C 216 -52.60 72.85 40.19
CA THR C 216 -52.87 73.06 38.76
C THR C 216 -51.72 72.52 37.94
N HIS C 217 -52.02 71.60 37.03
CA HIS C 217 -51.05 70.97 36.14
C HIS C 217 -51.34 71.36 34.71
N PHE C 218 -50.32 71.85 34.00
CA PHE C 218 -50.47 72.25 32.60
C PHE C 218 -49.88 71.20 31.67
N ASN C 219 -50.66 70.72 30.72
CA ASN C 219 -50.21 69.76 29.74
C ASN C 219 -49.32 70.43 28.69
N ARG C 220 -48.04 70.06 28.65
CA ARG C 220 -47.04 70.59 27.71
C ARG C 220 -46.69 69.65 26.55
N ASN C 221 -46.87 68.34 26.72
CA ASN C 221 -46.53 67.32 25.73
C ASN C 221 -47.52 67.22 24.55
N GLY C 222 -48.54 68.08 24.48
CA GLY C 222 -49.47 68.10 23.35
C GLY C 222 -50.54 67.00 23.37
N ALA C 223 -50.72 66.31 24.49
CA ALA C 223 -51.85 65.40 24.67
C ALA C 223 -53.20 66.11 24.81
N TRP C 224 -53.24 67.40 25.19
CA TRP C 224 -54.49 68.10 25.43
C TRP C 224 -55.36 68.21 24.17
N ALA C 225 -56.66 67.92 24.30
CA ALA C 225 -57.62 67.99 23.21
C ALA C 225 -58.60 69.15 23.46
N PRO C 226 -58.30 70.38 23.00
CA PRO C 226 -59.06 71.58 23.36
C PRO C 226 -60.50 71.59 22.84
N THR C 227 -60.85 70.74 21.88
CA THR C 227 -62.24 70.53 21.44
C THR C 227 -63.04 69.62 22.37
N SER C 228 -62.38 68.84 23.23
CA SER C 228 -63.03 68.02 24.26
C SER C 228 -63.18 68.76 25.58
N ALA C 229 -62.12 69.40 26.10
CA ALA C 229 -62.15 70.04 27.41
C ALA C 229 -61.34 71.33 27.50
N VAL C 230 -61.84 72.29 28.27
CA VAL C 230 -61.14 73.49 28.73
C VAL C 230 -60.34 73.17 29.99
N GLY C 231 -60.89 72.38 30.91
CA GLY C 231 -60.20 71.93 32.11
C GLY C 231 -60.87 70.70 32.71
N VAL C 232 -60.10 69.86 33.39
CA VAL C 232 -60.58 68.67 34.10
C VAL C 232 -60.28 68.85 35.58
N ILE C 233 -61.31 68.73 36.42
CA ILE C 233 -61.23 68.98 37.86
C ILE C 233 -61.49 67.67 38.59
N ALA C 234 -60.58 67.24 39.45
CA ALA C 234 -60.64 65.93 40.07
C ALA C 234 -60.29 65.97 41.57
N ASP C 235 -60.83 65.02 42.32
CA ASP C 235 -60.21 64.63 43.59
C ASP C 235 -59.03 63.72 43.28
N SER C 236 -57.82 64.25 43.28
CA SER C 236 -56.65 63.47 42.90
C SER C 236 -56.34 62.31 43.84
N SER C 237 -56.99 62.18 45.00
CA SER C 237 -56.85 60.99 45.82
C SER C 237 -57.49 59.76 45.19
N ARG C 238 -58.45 59.95 44.28
CA ARG C 238 -59.29 58.88 43.70
C ARG C 238 -58.83 58.39 42.34
N VAL C 239 -57.81 58.99 41.74
CA VAL C 239 -57.22 58.54 40.48
C VAL C 239 -55.86 57.94 40.79
N LYS C 240 -55.57 56.74 40.32
CA LYS C 240 -54.24 56.12 40.48
C LYS C 240 -53.70 55.70 39.12
N ILE C 241 -52.40 55.90 38.92
CA ILE C 241 -51.71 55.43 37.73
C ILE C 241 -50.80 54.28 38.16
N GLY C 242 -50.96 53.11 37.57
CA GLY C 242 -50.09 51.97 37.83
C GLY C 242 -48.85 52.03 36.96
N VAL C 243 -47.68 51.76 37.50
CA VAL C 243 -46.41 51.75 36.77
C VAL C 243 -45.78 50.37 36.89
N ARG C 244 -46.13 49.47 35.98
CA ARG C 244 -45.55 48.12 35.91
C ARG C 244 -44.12 48.14 35.37
N GLN C 245 -43.81 49.09 34.50
CA GLN C 245 -42.47 49.32 34.00
C GLN C 245 -42.38 50.76 33.51
N ASP C 246 -41.50 51.55 34.11
CA ASP C 246 -41.22 52.90 33.62
C ASP C 246 -40.39 52.84 32.33
N ILE C 247 -40.26 53.96 31.62
CA ILE C 247 -39.64 54.01 30.29
C ILE C 247 -38.27 53.36 30.29
N THR C 248 -38.15 52.29 29.51
CA THR C 248 -37.06 51.31 29.50
C THR C 248 -36.49 51.23 28.10
N VAL C 249 -35.16 51.18 27.99
CA VAL C 249 -34.43 51.25 26.71
C VAL C 249 -33.68 49.96 26.44
N LYS C 250 -33.74 49.47 25.21
CA LYS C 250 -32.87 48.39 24.70
C LYS C 250 -32.23 48.79 23.39
N PHE C 251 -30.95 48.51 23.24
CA PHE C 251 -30.19 48.79 22.02
C PHE C 251 -30.24 47.59 21.08
N LEU C 252 -30.86 47.75 19.92
CA LEU C 252 -31.01 46.72 18.89
C LEU C 252 -29.99 46.94 17.80
N ASP C 253 -29.33 45.88 17.35
CA ASP C 253 -28.23 45.94 16.40
C ASP C 253 -28.18 44.75 15.45
N GLN C 254 -29.04 43.75 15.63
CA GLN C 254 -29.26 42.63 14.72
C GLN C 254 -30.72 42.47 14.28
N ALA C 255 -31.65 43.14 14.96
CA ALA C 255 -33.08 42.97 14.73
C ALA C 255 -33.55 43.33 13.31
N THR C 256 -34.72 42.82 12.94
CA THR C 256 -35.43 43.18 11.71
C THR C 256 -36.65 44.00 12.08
N LEU C 257 -36.86 45.13 11.42
CA LEU C 257 -38.01 46.01 11.66
C LEU C 257 -38.93 45.97 10.45
N GLY C 258 -40.23 45.76 10.63
CA GLY C 258 -41.19 45.64 9.53
C GLY C 258 -41.01 44.36 8.71
N THR C 259 -41.77 44.25 7.62
CA THR C 259 -41.75 43.10 6.71
C THR C 259 -42.12 43.52 5.29
N GLY C 260 -41.74 42.74 4.28
CA GLY C 260 -41.98 43.06 2.88
C GLY C 260 -41.15 44.23 2.38
N GLU C 261 -41.73 45.09 1.54
CA GLU C 261 -41.01 46.23 0.96
C GLU C 261 -40.50 47.23 2.01
N ASN C 262 -41.18 47.33 3.16
CA ASN C 262 -40.80 48.20 4.26
C ASN C 262 -39.76 47.59 5.22
N GLN C 263 -39.26 46.38 4.98
CA GLN C 263 -38.35 45.71 5.91
C GLN C 263 -36.99 46.41 6.03
N ILE C 264 -36.53 46.65 7.25
CA ILE C 264 -35.18 47.11 7.56
C ILE C 264 -34.45 46.01 8.30
N ASN C 265 -33.38 45.48 7.72
CA ASN C 265 -32.48 44.53 8.38
C ASN C 265 -31.35 45.33 9.04
N LEU C 266 -31.32 45.47 10.37
CA LEU C 266 -30.40 46.43 11.00
C LEU C 266 -28.93 46.09 10.74
N ALA C 267 -28.53 44.83 10.88
CA ALA C 267 -27.13 44.43 10.76
C ALA C 267 -26.57 44.67 9.35
N GLU C 268 -27.23 44.21 8.29
CA GLU C 268 -26.72 44.38 6.92
C GLU C 268 -26.91 45.79 6.34
N ARG C 269 -27.52 46.73 7.06
CA ARG C 269 -27.48 48.16 6.72
C ARG C 269 -26.52 48.97 7.60
N ASP C 270 -25.78 48.32 8.48
CA ASP C 270 -24.94 48.97 9.50
C ASP C 270 -25.73 49.95 10.38
N MET C 271 -26.97 49.60 10.69
CA MET C 271 -27.86 50.38 11.55
C MET C 271 -28.00 49.78 12.93
N VAL C 272 -28.54 50.57 13.83
CA VAL C 272 -28.96 50.21 15.18
C VAL C 272 -30.30 50.88 15.46
N ALA C 273 -30.95 50.53 16.55
CA ALA C 273 -32.14 51.22 17.01
C ALA C 273 -32.21 51.24 18.52
N LEU C 274 -32.92 52.22 19.07
CA LEU C 274 -33.43 52.11 20.43
C LEU C 274 -34.86 51.60 20.39
N ARG C 275 -35.14 50.53 21.11
CA ARG C 275 -36.50 50.16 21.52
C ARG C 275 -36.77 50.82 22.86
N LEU C 276 -37.81 51.64 22.92
CA LEU C 276 -38.29 52.28 24.11
C LEU C 276 -39.64 51.71 24.46
N LYS C 277 -39.84 51.22 25.68
CA LYS C 277 -41.14 50.71 26.13
C LYS C 277 -41.43 51.05 27.58
N ALA C 278 -42.71 51.10 27.92
CA ALA C 278 -43.21 51.23 29.29
C ALA C 278 -44.49 50.44 29.43
N ARG C 279 -44.82 49.98 30.63
CA ARG C 279 -46.12 49.38 30.95
C ARG C 279 -46.82 50.20 32.02
N PHE C 280 -48.00 50.70 31.69
CA PHE C 280 -48.80 51.59 32.53
C PHE C 280 -50.23 51.07 32.69
N ALA C 281 -50.88 51.47 33.77
CA ALA C 281 -52.28 51.15 34.05
C ALA C 281 -53.01 52.36 34.63
N TYR C 282 -54.32 52.37 34.58
CA TYR C 282 -55.14 53.44 35.14
C TYR C 282 -56.37 52.87 35.84
N VAL C 283 -56.73 53.45 36.98
CA VAL C 283 -57.98 53.15 37.68
C VAL C 283 -58.63 54.42 38.20
N LEU C 284 -59.95 54.50 38.09
CA LEU C 284 -60.75 55.58 38.64
C LEU C 284 -61.55 55.05 39.82
N GLY C 285 -61.36 55.63 41.00
CA GLY C 285 -61.98 55.21 42.25
C GLY C 285 -63.43 55.63 42.39
N VAL C 286 -64.26 55.38 41.37
CA VAL C 286 -65.72 55.53 41.45
C VAL C 286 -66.25 54.54 42.47
N SER C 287 -66.83 55.02 43.56
CA SER C 287 -67.20 54.19 44.71
C SER C 287 -68.31 54.86 45.52
N ALA C 288 -68.66 54.31 46.67
CA ALA C 288 -69.58 54.97 47.57
C ALA C 288 -68.97 56.18 48.27
N THR C 289 -69.82 57.15 48.62
CA THR C 289 -69.55 58.25 49.56
C THR C 289 -70.76 58.37 50.49
N SER C 290 -70.70 59.28 51.45
CA SER C 290 -71.85 59.66 52.27
C SER C 290 -73.08 60.15 51.48
N VAL C 291 -72.93 60.48 50.20
CA VAL C 291 -74.02 60.90 49.32
C VAL C 291 -74.72 59.70 48.65
N GLY C 292 -74.01 58.61 48.37
CA GLY C 292 -74.58 57.45 47.69
C GLY C 292 -73.54 56.51 47.11
N ALA C 293 -73.98 55.46 46.42
CA ALA C 293 -73.13 54.54 45.67
C ALA C 293 -72.59 55.16 44.36
N ASN C 294 -71.49 54.62 43.84
CA ASN C 294 -70.96 54.92 42.50
C ASN C 294 -70.87 56.41 42.14
N GLN C 295 -70.39 57.24 43.07
CA GLN C 295 -70.19 58.67 42.86
C GLN C 295 -68.90 58.92 42.08
N THR C 296 -68.95 59.65 40.96
CA THR C 296 -67.76 59.91 40.12
C THR C 296 -66.87 61.03 40.71
N PRO C 297 -65.54 60.83 40.85
CA PRO C 297 -64.64 61.78 41.53
C PRO C 297 -64.02 62.85 40.61
N VAL C 298 -64.61 63.10 39.45
CA VAL C 298 -64.07 64.00 38.43
C VAL C 298 -65.16 64.69 37.65
N GLY C 299 -64.94 65.96 37.29
CA GLY C 299 -65.82 66.79 36.50
C GLY C 299 -65.04 67.54 35.42
N VAL C 300 -65.71 68.04 34.39
CA VAL C 300 -65.05 68.66 33.24
C VAL C 300 -65.72 69.98 32.84
N VAL C 301 -64.93 71.00 32.56
CA VAL C 301 -65.42 72.18 31.84
C VAL C 301 -65.19 71.92 30.36
N THR C 302 -66.24 71.71 29.59
CA THR C 302 -66.14 71.56 28.14
C THR C 302 -66.04 72.93 27.49
N PRO C 303 -65.49 73.07 26.28
CA PRO C 303 -65.72 74.28 25.49
C PRO C 303 -67.21 74.41 25.16
N ASP C 304 -67.59 75.52 24.52
CA ASP C 304 -68.92 75.62 23.92
C ASP C 304 -68.85 76.10 22.47
N VAL C 305 -69.70 75.48 21.64
CA VAL C 305 -69.82 75.67 20.20
C VAL C 305 -70.76 76.82 19.87
N THR C 306 -71.61 77.21 20.82
CA THR C 306 -72.40 78.43 20.79
C THR C 306 -72.07 79.28 22.02
N ALA C 307 -72.01 80.61 21.86
CA ALA C 307 -71.26 81.50 22.77
C ALA C 307 -69.82 81.00 22.97
N ALA D 2 -24.95 35.49 -1.07
CA ALA D 2 -23.93 34.45 -1.08
C ALA D 2 -23.58 33.95 0.34
N ASP D 3 -23.18 32.69 0.45
CA ASP D 3 -22.84 32.02 1.70
C ASP D 3 -21.86 30.86 1.46
N ILE D 4 -21.16 30.44 2.51
CA ILE D 4 -20.23 29.29 2.47
C ILE D 4 -21.01 28.00 2.73
N SER D 5 -21.20 27.17 1.70
CA SER D 5 -21.83 25.85 1.82
C SER D 5 -20.88 24.82 2.44
N ARG D 6 -21.41 23.77 3.09
CA ARG D 6 -20.61 22.59 3.42
C ARG D 6 -19.78 21.88 2.32
N ALA D 7 -20.14 21.99 1.04
CA ALA D 7 -19.31 21.50 -0.06
C ALA D 7 -18.10 22.42 -0.32
N GLU D 8 -18.28 23.73 -0.10
CA GLU D 8 -17.29 24.76 -0.42
C GLU D 8 -16.22 24.93 0.64
N VAL D 9 -16.44 24.36 1.82
CA VAL D 9 -15.39 24.12 2.82
C VAL D 9 -14.46 22.99 2.39
N ALA D 10 -14.89 22.14 1.44
CA ALA D 10 -14.15 21.01 0.89
C ALA D 10 -13.52 20.14 1.98
N THR D 11 -12.36 19.55 1.72
CA THR D 11 -11.72 18.59 2.63
C THR D 11 -11.14 19.18 3.93
N LEU D 12 -11.45 20.43 4.29
CA LEU D 12 -11.26 20.89 5.67
C LEU D 12 -12.19 20.15 6.63
N ILE D 13 -13.36 19.73 6.16
CA ILE D 13 -14.20 18.75 6.85
C ILE D 13 -13.71 17.37 6.40
N GLN D 14 -12.88 16.75 7.22
CA GLN D 14 -12.39 15.39 7.01
C GLN D 14 -13.50 14.37 7.24
N GLU D 15 -13.22 13.08 7.11
CA GLU D 15 -14.12 12.00 7.49
C GLU D 15 -13.40 10.99 8.35
N ALA D 16 -14.07 10.49 9.38
CA ALA D 16 -13.42 9.72 10.44
C ALA D 16 -13.54 8.21 10.23
N TYR D 17 -12.70 7.45 10.93
CA TYR D 17 -12.80 5.99 11.02
C TYR D 17 -12.93 5.31 12.39
N SER D 18 -13.61 4.17 12.44
CA SER D 18 -13.74 3.38 13.68
C SER D 18 -13.90 1.90 13.39
N ASP D 19 -12.98 1.08 13.87
CA ASP D 19 -13.03 -0.37 13.76
C ASP D 19 -13.93 -1.04 14.81
N THR D 20 -14.75 -0.30 15.56
CA THR D 20 -15.56 -0.87 16.66
C THR D 20 -16.60 -1.89 16.22
N LEU D 21 -17.03 -1.89 14.96
CA LEU D 21 -17.90 -2.93 14.39
C LEU D 21 -17.14 -4.04 13.62
N LEU D 22 -15.83 -3.94 13.46
CA LEU D 22 -15.07 -4.79 12.54
C LEU D 22 -14.88 -6.22 13.04
N ALA D 23 -14.57 -6.37 14.33
CA ALA D 23 -14.19 -7.66 14.89
C ALA D 23 -15.34 -8.68 14.86
N ALA D 24 -15.05 -9.88 14.35
CA ALA D 24 -15.96 -11.01 14.33
C ALA D 24 -15.23 -12.25 14.85
N ALA D 25 -15.90 -13.01 15.72
CA ALA D 25 -15.37 -14.25 16.29
C ALA D 25 -15.26 -15.35 15.22
N LYS D 26 -14.26 -16.23 15.36
CA LYS D 26 -14.08 -17.44 14.54
C LYS D 26 -14.47 -18.67 15.35
N GLN D 27 -15.23 -19.57 14.75
CA GLN D 27 -15.76 -20.77 15.39
C GLN D 27 -15.11 -22.04 14.85
N GLY D 28 -14.63 -22.90 15.72
CA GLY D 28 -14.00 -24.17 15.36
C GLY D 28 -14.98 -25.23 14.86
N SER D 29 -14.46 -26.38 14.46
CA SER D 29 -15.27 -27.56 14.15
C SER D 29 -15.86 -28.18 15.42
N THR D 30 -17.15 -28.47 15.39
CA THR D 30 -17.83 -29.25 16.42
C THR D 30 -17.25 -30.64 16.49
N VAL D 31 -17.14 -31.37 15.38
CA VAL D 31 -16.76 -32.78 15.44
C VAL D 31 -15.33 -32.95 15.89
N LEU D 32 -14.43 -32.04 15.50
CA LEU D 32 -13.02 -32.03 15.89
C LEU D 32 -12.80 -31.70 17.37
N SER D 33 -13.85 -31.40 18.13
CA SER D 33 -13.82 -31.13 19.58
C SER D 33 -14.77 -32.03 20.38
N ALA D 34 -15.85 -32.52 19.79
CA ALA D 34 -16.75 -33.49 20.40
C ALA D 34 -16.18 -34.92 20.46
N PHE D 35 -15.25 -35.27 19.57
CA PHE D 35 -14.77 -36.65 19.36
C PHE D 35 -13.26 -36.72 19.42
N GLN D 36 -12.69 -37.92 19.56
CA GLN D 36 -11.24 -38.09 19.65
C GLN D 36 -10.57 -37.79 18.31
N ASN D 37 -9.52 -36.98 18.34
CA ASN D 37 -8.65 -36.75 17.19
C ASN D 37 -7.55 -37.81 17.16
N VAL D 38 -7.49 -38.60 16.10
CA VAL D 38 -6.57 -39.72 15.89
C VAL D 38 -5.47 -39.32 14.91
N ASN D 39 -4.20 -39.49 15.28
CA ASN D 39 -3.09 -39.23 14.35
C ASN D 39 -3.03 -40.28 13.25
N MET D 40 -2.57 -39.90 12.05
CA MET D 40 -2.34 -40.82 10.93
C MET D 40 -0.99 -40.56 10.29
N GLY D 41 -0.26 -41.60 9.92
CA GLY D 41 1.04 -41.50 9.22
C GLY D 41 0.97 -41.79 7.72
N THR D 42 -0.21 -42.08 7.19
CA THR D 42 -0.46 -42.55 5.82
C THR D 42 -1.93 -42.29 5.47
N LYS D 43 -2.32 -42.36 4.20
CA LYS D 43 -3.69 -42.09 3.77
C LYS D 43 -4.72 -43.03 4.38
N THR D 44 -4.41 -44.29 4.64
CA THR D 44 -5.41 -45.30 5.05
C THR D 44 -5.00 -46.03 6.32
N THR D 45 -5.95 -46.25 7.24
CA THR D 45 -5.80 -47.09 8.42
C THR D 45 -6.94 -48.10 8.48
N HIS D 46 -6.65 -49.34 8.86
CA HIS D 46 -7.60 -50.42 9.02
C HIS D 46 -7.86 -50.69 10.50
N LEU D 47 -9.13 -50.69 10.89
CA LEU D 47 -9.58 -50.96 12.25
C LEU D 47 -10.48 -52.20 12.23
N PRO D 48 -10.05 -53.34 12.79
CA PRO D 48 -10.90 -54.52 12.91
C PRO D 48 -11.91 -54.33 14.04
N VAL D 49 -13.15 -54.78 13.84
CA VAL D 49 -14.23 -54.72 14.84
C VAL D 49 -14.95 -56.05 14.88
N LEU D 50 -15.47 -56.45 16.04
CA LEU D 50 -16.32 -57.63 16.16
C LEU D 50 -17.63 -57.41 15.40
N ALA D 51 -18.09 -58.36 14.61
CA ALA D 51 -19.23 -58.19 13.72
C ALA D 51 -20.44 -59.04 14.09
N THR D 52 -20.27 -60.31 14.47
CA THR D 52 -21.37 -61.18 14.90
C THR D 52 -20.96 -62.07 16.08
N LEU D 53 -21.95 -62.61 16.79
CA LEU D 53 -21.82 -63.33 18.04
C LEU D 53 -22.19 -64.82 17.90
N PRO D 54 -21.55 -65.74 18.64
CA PRO D 54 -21.92 -67.14 18.64
C PRO D 54 -23.23 -67.38 19.38
N GLU D 55 -23.90 -68.50 19.10
CA GLU D 55 -25.15 -68.90 19.76
C GLU D 55 -25.06 -70.30 20.37
N ALA D 56 -25.29 -70.41 21.68
CA ALA D 56 -25.32 -71.67 22.41
C ALA D 56 -26.66 -72.40 22.28
N GLY D 57 -26.77 -73.59 22.84
CA GLY D 57 -28.02 -74.34 22.95
C GLY D 57 -28.09 -75.21 24.20
N TRP D 58 -29.26 -75.78 24.45
CA TRP D 58 -29.48 -76.82 25.47
C TRP D 58 -29.45 -78.18 24.78
N VAL D 59 -28.70 -79.14 25.33
CA VAL D 59 -28.61 -80.49 24.80
C VAL D 59 -29.29 -81.49 25.71
N GLY D 60 -30.17 -82.31 25.15
CA GLY D 60 -30.85 -83.38 25.85
C GLY D 60 -30.11 -84.68 25.58
N GLU D 61 -29.30 -85.14 26.52
CA GLU D 61 -28.28 -86.15 26.24
C GLU D 61 -28.86 -87.43 25.62
N SER D 62 -28.25 -87.87 24.53
CA SER D 62 -28.68 -88.99 23.71
C SER D 62 -27.54 -89.40 22.76
N ALA D 63 -27.35 -90.69 22.56
CA ALA D 63 -26.44 -91.22 21.55
C ALA D 63 -27.04 -91.24 20.14
N THR D 64 -28.32 -90.92 19.98
CA THR D 64 -29.07 -91.24 18.74
C THR D 64 -30.06 -90.18 18.28
N GLU D 65 -30.69 -89.40 19.16
CA GLU D 65 -31.61 -88.33 18.78
C GLU D 65 -30.89 -86.98 18.56
N PRO D 66 -31.34 -86.13 17.62
CA PRO D 66 -30.64 -84.91 17.25
C PRO D 66 -30.53 -83.88 18.38
N GLU D 67 -31.41 -83.90 19.37
CA GLU D 67 -31.31 -83.07 20.57
C GLU D 67 -30.05 -83.34 21.41
N GLY D 68 -29.37 -84.48 21.20
CA GLY D 68 -28.13 -84.81 21.90
C GLY D 68 -26.90 -84.11 21.34
N VAL D 69 -26.98 -83.53 20.14
CA VAL D 69 -25.86 -82.93 19.41
C VAL D 69 -25.60 -81.49 19.86
N ILE D 70 -24.39 -81.17 20.29
CA ILE D 70 -24.02 -79.79 20.63
C ILE D 70 -24.04 -78.95 19.33
N PRO D 71 -24.75 -77.81 19.29
CA PRO D 71 -24.82 -77.00 18.09
C PRO D 71 -23.47 -76.32 17.81
N THR D 72 -23.00 -76.39 16.57
CA THR D 72 -21.80 -75.67 16.14
C THR D 72 -22.14 -74.22 15.82
N SER D 73 -21.22 -73.30 16.08
CA SER D 73 -21.47 -71.86 15.90
C SER D 73 -20.20 -71.08 15.60
N LYS D 74 -20.40 -69.80 15.31
CA LYS D 74 -19.55 -68.95 14.48
C LYS D 74 -19.37 -67.58 15.12
N VAL D 75 -18.16 -67.01 15.03
CA VAL D 75 -17.85 -65.63 15.43
C VAL D 75 -17.25 -64.94 14.23
N THR D 76 -17.54 -63.66 13.99
CA THR D 76 -16.99 -62.96 12.84
C THR D 76 -16.60 -61.54 13.18
N TRP D 77 -15.69 -60.98 12.39
CA TRP D 77 -15.18 -59.63 12.46
C TRP D 77 -15.34 -58.93 11.12
N ALA D 78 -15.22 -57.61 11.13
CA ALA D 78 -15.31 -56.75 9.97
C ALA D 78 -14.24 -55.66 10.04
N ASN D 79 -13.98 -55.02 8.91
CA ASN D 79 -12.99 -53.95 8.77
C ASN D 79 -13.70 -52.60 8.64
N ARG D 80 -13.31 -51.63 9.46
CA ARG D 80 -13.69 -50.21 9.35
C ARG D 80 -12.44 -49.41 9.01
N THR D 81 -12.52 -48.42 8.12
CA THR D 81 -11.33 -47.67 7.67
C THR D 81 -11.43 -46.18 7.92
N LEU D 82 -10.29 -45.59 8.29
CA LEU D 82 -10.03 -44.15 8.17
C LEU D 82 -9.30 -43.93 6.85
N VAL D 83 -9.89 -43.18 5.92
CA VAL D 83 -9.24 -42.77 4.66
C VAL D 83 -9.11 -41.26 4.63
N ALA D 84 -7.90 -40.74 4.58
CA ALA D 84 -7.65 -39.31 4.61
C ALA D 84 -7.99 -38.65 3.28
N GLU D 85 -8.75 -37.57 3.33
CA GLU D 85 -9.17 -36.78 2.19
C GLU D 85 -8.84 -35.32 2.43
N GLU D 86 -8.60 -34.56 1.37
CA GLU D 86 -8.07 -33.22 1.46
C GLU D 86 -9.13 -32.14 1.22
N VAL D 87 -9.13 -31.14 2.11
CA VAL D 87 -9.96 -29.94 2.01
C VAL D 87 -9.05 -28.73 1.96
N ALA D 88 -9.31 -27.79 1.05
CA ALA D 88 -8.39 -26.69 0.79
C ALA D 88 -9.05 -25.47 0.14
N VAL D 89 -8.35 -24.33 0.20
CA VAL D 89 -8.72 -23.09 -0.49
C VAL D 89 -7.47 -22.26 -0.81
N ILE D 90 -7.50 -21.47 -1.88
CA ILE D 90 -6.50 -20.43 -2.15
C ILE D 90 -7.19 -19.06 -2.16
N ILE D 91 -6.61 -18.06 -1.52
CA ILE D 91 -7.19 -16.71 -1.45
C ILE D 91 -6.16 -15.69 -1.96
N PRO D 92 -6.25 -15.23 -3.23
CA PRO D 92 -5.33 -14.27 -3.82
C PRO D 92 -5.73 -12.82 -3.53
N VAL D 93 -4.75 -11.94 -3.40
CA VAL D 93 -4.92 -10.51 -3.05
C VAL D 93 -3.78 -9.65 -3.59
N PRO D 94 -3.99 -8.38 -3.98
CA PRO D 94 -2.91 -7.52 -4.46
C PRO D 94 -1.96 -7.12 -3.35
N GLU D 95 -0.66 -7.13 -3.60
CA GLU D 95 0.31 -6.83 -2.53
C GLU D 95 0.22 -5.37 -2.06
N ALA D 96 -0.17 -4.45 -2.95
CA ALA D 96 -0.48 -3.08 -2.56
C ALA D 96 -1.65 -2.97 -1.58
N VAL D 97 -2.68 -3.80 -1.71
CA VAL D 97 -3.82 -3.82 -0.77
C VAL D 97 -3.36 -4.28 0.59
N ILE D 98 -2.49 -5.29 0.66
CA ILE D 98 -1.90 -5.70 1.94
C ILE D 98 -1.13 -4.55 2.59
N ASP D 99 -0.39 -3.77 1.81
CA ASP D 99 0.38 -2.65 2.30
C ASP D 99 -0.48 -1.45 2.72
N ASP D 100 -1.56 -1.14 2.00
CA ASP D 100 -2.41 0.02 2.26
C ASP D 100 -3.47 -0.20 3.34
N ALA D 101 -3.89 -1.44 3.60
CA ALA D 101 -4.88 -1.75 4.62
C ALA D 101 -4.40 -1.42 6.04
N THR D 102 -5.33 -0.97 6.89
CA THR D 102 -5.07 -0.58 8.28
C THR D 102 -5.05 -1.76 9.26
N VAL D 103 -5.25 -2.99 8.77
CA VAL D 103 -5.26 -4.24 9.54
C VAL D 103 -4.46 -5.32 8.82
N ALA D 104 -4.03 -6.35 9.52
CA ALA D 104 -3.35 -7.49 8.93
C ALA D 104 -4.32 -8.35 8.10
N ILE D 105 -4.56 -7.98 6.83
CA ILE D 105 -5.49 -8.68 5.93
C ILE D 105 -5.14 -10.16 5.82
N LEU D 106 -3.86 -10.52 5.66
CA LEU D 106 -3.46 -11.93 5.54
C LEU D 106 -3.74 -12.73 6.81
N THR D 107 -3.66 -12.13 7.99
CA THR D 107 -4.08 -12.80 9.23
C THR D 107 -5.58 -13.05 9.25
N GLU D 108 -6.41 -12.07 8.93
CA GLU D 108 -7.86 -12.32 8.91
C GLU D 108 -8.25 -13.31 7.82
N VAL D 109 -7.63 -13.26 6.65
CA VAL D 109 -7.83 -14.26 5.60
C VAL D 109 -7.44 -15.66 6.06
N ALA D 110 -6.34 -15.82 6.80
CA ALA D 110 -5.96 -17.12 7.32
C ALA D 110 -6.99 -17.66 8.32
N GLU D 111 -7.47 -16.83 9.23
CA GLU D 111 -8.46 -17.23 10.23
C GLU D 111 -9.84 -17.50 9.62
N GLN D 112 -10.31 -16.68 8.68
CA GLN D 112 -11.53 -16.93 7.94
C GLN D 112 -11.45 -18.18 7.07
N GLY D 113 -10.31 -18.46 6.45
CA GLY D 113 -10.07 -19.69 5.71
C GLY D 113 -10.08 -20.93 6.61
N GLY D 114 -9.44 -20.85 7.78
CA GLY D 114 -9.50 -21.91 8.80
C GLY D 114 -10.93 -22.22 9.25
N GLN D 115 -11.75 -21.19 9.50
CA GLN D 115 -13.16 -21.37 9.83
C GLN D 115 -13.94 -22.05 8.70
N ALA D 116 -13.72 -21.65 7.45
CA ALA D 116 -14.40 -22.25 6.30
C ALA D 116 -14.04 -23.72 6.09
N ILE D 117 -12.81 -24.13 6.38
CA ILE D 117 -12.43 -25.54 6.36
C ILE D 117 -13.16 -26.31 7.47
N GLY D 118 -13.19 -25.78 8.69
CA GLY D 118 -13.92 -26.37 9.81
C GLY D 118 -15.40 -26.62 9.52
N LYS D 119 -16.08 -25.69 8.85
CA LYS D 119 -17.46 -25.88 8.38
C LYS D 119 -17.60 -27.07 7.43
N LYS D 120 -16.69 -27.28 6.47
CA LYS D 120 -16.78 -28.43 5.54
C LYS D 120 -16.63 -29.76 6.27
N LEU D 121 -15.77 -29.85 7.29
CA LEU D 121 -15.61 -31.06 8.07
C LEU D 121 -16.91 -31.41 8.83
N ASP D 122 -17.49 -30.46 9.56
CA ASP D 122 -18.74 -30.68 10.28
C ASP D 122 -19.89 -31.06 9.35
N GLN D 123 -20.01 -30.40 8.20
CA GLN D 123 -21.01 -30.76 7.18
C GLN D 123 -20.85 -32.20 6.71
N ALA D 124 -19.62 -32.65 6.44
CA ALA D 124 -19.38 -33.99 5.97
C ALA D 124 -19.70 -35.04 7.04
N VAL D 125 -19.14 -34.88 8.24
CA VAL D 125 -19.23 -35.88 9.31
C VAL D 125 -20.62 -36.00 9.90
N ILE D 126 -21.30 -34.88 10.20
CA ILE D 126 -22.59 -34.94 10.90
C ILE D 126 -23.70 -35.28 9.91
N PHE D 127 -23.76 -34.61 8.77
CA PHE D 127 -24.92 -34.65 7.87
C PHE D 127 -24.67 -35.35 6.54
N GLY D 128 -23.41 -35.64 6.19
CA GLY D 128 -23.08 -36.25 4.92
C GLY D 128 -23.05 -35.27 3.75
N ILE D 129 -23.17 -33.96 4.00
CA ILE D 129 -23.16 -32.91 2.99
C ILE D 129 -21.76 -32.82 2.40
N ASP D 130 -21.63 -33.06 1.09
CA ASP D 130 -20.35 -33.19 0.38
C ASP D 130 -19.36 -34.20 1.00
N LYS D 131 -19.84 -35.25 1.68
CA LYS D 131 -18.94 -36.28 2.24
C LYS D 131 -18.09 -36.88 1.12
N PRO D 132 -16.75 -36.96 1.25
CA PRO D 132 -15.89 -37.58 0.24
C PRO D 132 -16.30 -39.03 -0.05
N ALA D 133 -16.32 -39.42 -1.32
CA ALA D 133 -16.82 -40.73 -1.73
C ALA D 133 -15.99 -41.92 -1.22
N SER D 134 -14.74 -41.69 -0.82
CA SER D 134 -13.85 -42.69 -0.22
C SER D 134 -14.10 -42.94 1.27
N TRP D 135 -14.93 -42.14 1.95
CA TRP D 135 -15.36 -42.41 3.32
C TRP D 135 -16.54 -43.38 3.31
N VAL D 136 -16.32 -44.64 3.66
CA VAL D 136 -17.36 -45.68 3.64
C VAL D 136 -18.29 -45.62 4.85
N SER D 137 -17.84 -45.06 5.97
CA SER D 137 -18.70 -44.85 7.15
C SER D 137 -19.82 -43.88 6.81
N PRO D 138 -21.08 -44.19 7.14
CA PRO D 138 -22.18 -43.25 6.97
C PRO D 138 -22.01 -42.06 7.92
N ALA D 139 -22.45 -40.87 7.51
CA ALA D 139 -22.43 -39.69 8.38
C ALA D 139 -23.42 -39.86 9.54
N LEU D 140 -23.19 -39.18 10.67
CA LEU D 140 -23.90 -39.46 11.93
C LEU D 140 -25.42 -39.41 11.81
N VAL D 141 -26.00 -38.43 11.10
CA VAL D 141 -27.44 -38.35 10.90
C VAL D 141 -27.97 -39.45 9.96
N PRO D 142 -27.43 -39.65 8.75
CA PRO D 142 -27.83 -40.78 7.91
C PRO D 142 -27.66 -42.15 8.57
N ALA D 143 -26.61 -42.35 9.36
CA ALA D 143 -26.40 -43.57 10.12
C ALA D 143 -27.55 -43.83 11.09
N ALA D 144 -27.91 -42.85 11.92
CA ALA D 144 -28.98 -42.97 12.89
C ALA D 144 -30.34 -43.23 12.23
N VAL D 145 -30.62 -42.58 11.10
CA VAL D 145 -31.87 -42.79 10.36
C VAL D 145 -31.93 -44.18 9.75
N ALA D 146 -30.87 -44.63 9.06
CA ALA D 146 -30.83 -45.95 8.44
C ALA D 146 -30.90 -47.09 9.45
N ALA D 147 -30.36 -46.90 10.65
CA ALA D 147 -30.45 -47.84 11.77
C ALA D 147 -31.82 -47.88 12.46
N GLY D 148 -32.77 -47.02 12.10
CA GLY D 148 -34.06 -46.91 12.80
C GLY D 148 -33.97 -46.29 14.18
N GLN D 149 -32.91 -45.52 14.46
CA GLN D 149 -32.67 -44.83 15.73
C GLN D 149 -32.99 -43.33 15.63
N ALA D 150 -33.97 -42.97 14.82
CA ALA D 150 -34.48 -41.62 14.67
C ALA D 150 -35.83 -41.47 15.37
N ILE D 151 -36.00 -40.44 16.20
CA ILE D 151 -37.26 -40.09 16.87
C ILE D 151 -37.71 -38.72 16.39
N ALA D 152 -38.94 -38.60 15.89
CA ALA D 152 -39.51 -37.31 15.56
C ALA D 152 -39.88 -36.52 16.82
N HIS D 153 -39.40 -35.29 16.95
CA HIS D 153 -39.90 -34.35 17.95
C HIS D 153 -41.40 -34.10 17.76
N VAL D 154 -42.16 -33.97 18.85
CA VAL D 154 -43.53 -33.47 18.85
C VAL D 154 -43.59 -32.17 19.65
N SER D 155 -43.72 -31.07 18.93
CA SER D 155 -43.74 -29.71 19.46
C SER D 155 -45.10 -29.34 20.05
N GLY D 156 -45.14 -28.22 20.79
CA GLY D 156 -46.32 -27.78 21.53
C GLY D 156 -46.20 -28.08 23.01
N VAL D 157 -47.28 -28.55 23.65
CA VAL D 157 -47.32 -28.84 25.08
C VAL D 157 -46.31 -29.94 25.45
N ALA D 158 -45.68 -29.85 26.60
CA ALA D 158 -44.75 -30.86 27.11
C ALA D 158 -45.38 -32.25 27.09
N ASN D 159 -44.67 -33.23 26.55
CA ASN D 159 -45.18 -34.56 26.25
C ASN D 159 -44.01 -35.53 26.10
N GLU D 160 -44.25 -36.84 26.07
CA GLU D 160 -43.15 -37.82 26.03
C GLU D 160 -42.28 -37.77 24.76
N PHE D 161 -42.68 -37.03 23.72
CA PHE D 161 -41.89 -36.73 22.52
C PHE D 161 -41.52 -35.25 22.38
N ASP D 162 -41.65 -34.42 23.41
CA ASP D 162 -41.04 -33.09 23.41
C ASP D 162 -39.49 -33.18 23.35
N LEU D 163 -38.77 -32.06 23.33
CA LEU D 163 -37.31 -32.10 23.17
C LEU D 163 -36.59 -32.93 24.22
N VAL D 164 -37.06 -32.95 25.46
CA VAL D 164 -36.45 -33.73 26.53
C VAL D 164 -36.92 -35.18 26.43
N GLY D 165 -38.19 -35.39 26.11
CA GLY D 165 -38.75 -36.72 25.91
C GLY D 165 -38.12 -37.45 24.74
N ALA D 166 -38.05 -36.82 23.57
CA ALA D 166 -37.42 -37.38 22.39
C ALA D 166 -35.92 -37.63 22.60
N SER D 167 -35.20 -36.73 23.26
CA SER D 167 -33.80 -36.99 23.60
C SER D 167 -33.65 -38.20 24.52
N ASN D 168 -34.54 -38.38 25.50
CA ASN D 168 -34.53 -39.56 26.36
C ASN D 168 -34.83 -40.83 25.56
N LYS D 169 -35.87 -40.82 24.70
CA LYS D 169 -36.21 -41.97 23.86
C LYS D 169 -35.09 -42.37 22.90
N VAL D 170 -34.41 -41.40 22.29
CA VAL D 170 -33.23 -41.67 21.46
C VAL D 170 -32.10 -42.29 22.29
N ALA D 171 -31.77 -41.72 23.45
CA ALA D 171 -30.71 -42.27 24.27
C ALA D 171 -31.03 -43.69 24.73
N GLU D 172 -32.27 -44.00 25.09
CA GLU D 172 -32.64 -45.37 25.43
C GLU D 172 -32.58 -46.31 24.22
N LYS D 173 -32.86 -45.87 22.98
CA LYS D 173 -32.56 -46.70 21.80
C LYS D 173 -31.07 -47.01 21.66
N VAL D 174 -30.20 -46.02 21.81
CA VAL D 174 -28.75 -46.23 21.77
C VAL D 174 -28.29 -47.15 22.91
N ALA D 175 -28.87 -47.04 24.11
CA ALA D 175 -28.55 -47.91 25.23
C ALA D 175 -29.04 -49.35 25.03
N LEU D 176 -30.24 -49.55 24.50
CA LEU D 176 -30.73 -50.87 24.13
C LEU D 176 -29.96 -51.50 22.96
N ALA D 177 -29.28 -50.72 22.13
CA ALA D 177 -28.32 -51.24 21.16
C ALA D 177 -27.01 -51.72 21.81
N GLY D 178 -26.79 -51.47 23.09
CA GLY D 178 -25.61 -51.89 23.83
C GLY D 178 -24.47 -50.87 23.86
N TRP D 179 -24.68 -49.67 23.32
CA TRP D 179 -23.74 -48.55 23.39
C TRP D 179 -24.04 -47.63 24.57
N ALA D 180 -23.10 -46.78 24.98
CA ALA D 180 -23.31 -45.85 26.09
C ALA D 180 -23.44 -44.42 25.54
N PRO D 181 -24.65 -43.90 25.29
CA PRO D 181 -24.81 -42.54 24.76
C PRO D 181 -24.26 -41.54 25.77
N ASP D 182 -23.36 -40.66 25.35
CA ASP D 182 -22.68 -39.74 26.26
C ASP D 182 -22.51 -38.32 25.70
N THR D 183 -22.82 -38.12 24.42
CA THR D 183 -22.53 -36.88 23.72
C THR D 183 -23.76 -36.43 22.95
N LEU D 184 -24.11 -35.15 23.04
CA LEU D 184 -25.20 -34.51 22.32
C LEU D 184 -24.65 -33.37 21.46
N LEU D 185 -24.91 -33.39 20.16
CA LEU D 185 -24.62 -32.30 19.24
C LEU D 185 -25.91 -31.57 18.87
N SER D 186 -25.93 -30.24 18.87
CA SER D 186 -27.09 -29.48 18.40
C SER D 186 -26.74 -28.05 18.00
N SER D 187 -27.63 -27.30 17.37
CA SER D 187 -27.52 -25.85 17.25
C SER D 187 -27.95 -25.17 18.55
N LEU D 188 -27.81 -23.85 18.67
CA LEU D 188 -28.31 -23.12 19.85
C LEU D 188 -29.82 -23.21 20.03
N ALA D 189 -30.59 -23.59 19.01
CA ALA D 189 -32.03 -23.64 19.07
C ALA D 189 -32.51 -24.55 20.21
N LEU D 190 -31.85 -25.69 20.42
CA LEU D 190 -32.23 -26.63 21.47
C LEU D 190 -32.20 -25.99 22.85
N ARG D 191 -31.17 -25.20 23.17
CA ARG D 191 -31.02 -24.53 24.46
C ARG D 191 -32.11 -23.50 24.70
N TYR D 192 -32.49 -22.73 23.69
CA TYR D 192 -33.61 -21.80 23.80
C TYR D 192 -34.95 -22.51 23.85
N GLN D 193 -35.15 -23.59 23.11
CA GLN D 193 -36.46 -24.22 23.01
C GLN D 193 -36.81 -25.04 24.26
N VAL D 194 -35.88 -25.75 24.90
CA VAL D 194 -36.20 -26.40 26.19
C VAL D 194 -36.49 -25.37 27.28
N ALA D 195 -35.90 -24.19 27.21
CA ALA D 195 -36.16 -23.12 28.16
C ALA D 195 -37.57 -22.51 28.02
N ASN D 196 -38.38 -22.90 27.02
CA ASN D 196 -39.71 -22.33 26.79
C ASN D 196 -40.82 -23.36 26.50
N VAL D 197 -40.57 -24.67 26.53
CA VAL D 197 -41.66 -25.65 26.40
C VAL D 197 -42.55 -25.59 27.63
N ARG D 198 -43.87 -25.64 27.43
CA ARG D 198 -44.87 -25.36 28.48
C ARG D 198 -45.67 -26.59 28.84
N ASP D 199 -46.03 -26.75 30.10
CA ASP D 199 -47.01 -27.77 30.48
C ASP D 199 -48.43 -27.39 30.02
N ALA D 200 -49.42 -28.24 30.26
CA ALA D 200 -50.78 -28.00 29.81
C ALA D 200 -51.45 -26.77 30.45
N ASP D 201 -50.92 -26.26 31.58
CA ASP D 201 -51.41 -25.02 32.19
C ASP D 201 -50.71 -23.78 31.63
N GLY D 202 -49.63 -23.95 30.88
CA GLY D 202 -48.84 -22.89 30.30
C GLY D 202 -47.60 -22.52 31.09
N ASN D 203 -47.37 -23.11 32.27
CA ASN D 203 -46.16 -22.88 33.05
C ASN D 203 -44.93 -23.45 32.34
N LEU D 204 -43.75 -22.97 32.70
CA LEU D 204 -42.48 -23.49 32.19
C LEU D 204 -42.24 -24.91 32.71
N ALA D 205 -42.30 -25.92 31.86
CA ALA D 205 -41.64 -27.18 32.18
C ALA D 205 -40.12 -27.00 32.07
N PHE D 206 -39.34 -27.81 32.77
CA PHE D 206 -37.87 -27.79 32.68
C PHE D 206 -37.22 -26.43 33.03
N ARG D 207 -37.47 -25.91 34.24
CA ARG D 207 -36.74 -24.75 34.78
C ARG D 207 -35.22 -24.97 34.85
N ASP D 208 -34.78 -26.21 35.04
CA ASP D 208 -33.40 -26.61 35.27
C ASP D 208 -33.17 -28.09 34.92
N GLY D 209 -31.90 -28.51 34.89
CA GLY D 209 -31.51 -29.93 34.89
C GLY D 209 -31.71 -30.71 33.59
N SER D 210 -32.14 -30.06 32.50
CA SER D 210 -32.28 -30.71 31.19
C SER D 210 -30.92 -31.15 30.65
N PHE D 211 -30.88 -32.30 29.96
CA PHE D 211 -29.71 -32.83 29.25
C PHE D 211 -28.46 -33.10 30.09
N LEU D 212 -28.58 -33.16 31.42
CA LEU D 212 -27.55 -33.76 32.26
C LEU D 212 -27.30 -35.21 31.83
N GLY D 213 -26.06 -35.68 32.01
CA GLY D 213 -25.62 -36.98 31.49
C GLY D 213 -25.16 -36.97 30.03
N PHE D 214 -25.35 -35.87 29.29
CA PHE D 214 -24.70 -35.63 28.01
C PHE D 214 -23.64 -34.53 28.13
N ASN D 215 -22.45 -34.78 27.60
CA ASN D 215 -21.61 -33.68 27.15
C ASN D 215 -22.30 -33.03 25.95
N THR D 216 -22.61 -31.74 26.03
CA THR D 216 -23.34 -31.04 24.97
C THR D 216 -22.42 -30.11 24.21
N HIS D 217 -22.40 -30.23 22.89
CA HIS D 217 -21.61 -29.37 22.00
C HIS D 217 -22.54 -28.64 21.04
N PHE D 218 -22.41 -27.32 20.98
CA PHE D 218 -23.23 -26.48 20.12
C PHE D 218 -22.49 -26.09 18.85
N ASN D 219 -23.09 -26.31 17.69
CA ASN D 219 -22.52 -25.91 16.41
C ASN D 219 -22.78 -24.43 16.11
N ARG D 220 -21.73 -23.62 15.97
CA ARG D 220 -21.82 -22.19 15.67
C ARG D 220 -21.19 -21.76 14.34
N ASN D 221 -20.52 -22.65 13.62
CA ASN D 221 -19.86 -22.35 12.34
C ASN D 221 -20.79 -22.46 11.12
N GLY D 222 -22.11 -22.54 11.31
CA GLY D 222 -23.07 -22.58 10.21
C GLY D 222 -23.17 -23.91 9.47
N ALA D 223 -22.52 -24.98 9.94
CA ALA D 223 -22.64 -26.31 9.36
C ALA D 223 -23.98 -27.00 9.65
N TRP D 224 -24.66 -26.67 10.76
CA TRP D 224 -25.87 -27.37 11.19
C TRP D 224 -27.00 -27.27 10.17
N ALA D 225 -27.64 -28.40 9.85
CA ALA D 225 -28.80 -28.48 8.98
C ALA D 225 -30.07 -28.73 9.81
N PRO D 226 -30.79 -27.69 10.25
CA PRO D 226 -31.94 -27.85 11.15
C PRO D 226 -33.12 -28.59 10.50
N THR D 227 -33.18 -28.67 9.18
CA THR D 227 -34.15 -29.49 8.45
C THR D 227 -33.86 -30.99 8.56
N SER D 228 -32.60 -31.38 8.83
CA SER D 228 -32.21 -32.79 8.98
C SER D 228 -32.34 -33.28 10.42
N ALA D 229 -31.87 -32.50 11.40
CA ALA D 229 -31.83 -32.92 12.80
C ALA D 229 -32.05 -31.77 13.77
N VAL D 230 -32.72 -32.05 14.88
CA VAL D 230 -32.79 -31.20 16.07
C VAL D 230 -31.59 -31.43 16.97
N GLY D 231 -31.17 -32.68 17.15
CA GLY D 231 -29.98 -33.03 17.90
C GLY D 231 -29.52 -34.44 17.58
N VAL D 232 -28.24 -34.70 17.71
CA VAL D 232 -27.61 -36.01 17.48
C VAL D 232 -27.04 -36.52 18.78
N ILE D 233 -27.37 -37.74 19.16
CA ILE D 233 -26.91 -38.37 20.39
C ILE D 233 -26.02 -39.53 20.00
N ALA D 234 -24.82 -39.60 20.57
CA ALA D 234 -23.81 -40.59 20.20
C ALA D 234 -23.07 -41.14 21.41
N ASP D 235 -22.56 -42.37 21.29
CA ASP D 235 -21.48 -42.86 22.13
C ASP D 235 -20.16 -42.39 21.52
N SER D 236 -19.60 -41.33 22.06
CA SER D 236 -18.40 -40.71 21.51
C SER D 236 -17.15 -41.58 21.61
N SER D 237 -17.18 -42.75 22.26
CA SER D 237 -16.06 -43.69 22.17
C SER D 237 -15.98 -44.35 20.80
N ARG D 238 -17.09 -44.40 20.04
CA ARG D 238 -17.21 -45.09 18.75
C ARG D 238 -17.12 -44.18 17.54
N VAL D 239 -16.84 -42.90 17.72
CA VAL D 239 -16.62 -41.95 16.62
C VAL D 239 -15.19 -41.44 16.73
N LYS D 240 -14.39 -41.61 15.67
CA LYS D 240 -13.03 -41.09 15.62
C LYS D 240 -12.88 -40.17 14.44
N ILE D 241 -12.19 -39.05 14.63
CA ILE D 241 -11.79 -38.15 13.53
C ILE D 241 -10.30 -38.33 13.34
N GLY D 242 -9.86 -38.73 12.16
CA GLY D 242 -8.45 -38.85 11.83
C GLY D 242 -7.91 -37.52 11.34
N VAL D 243 -6.83 -37.03 11.92
CA VAL D 243 -6.15 -35.81 11.49
C VAL D 243 -4.83 -36.20 10.86
N ARG D 244 -4.84 -36.44 9.55
CA ARG D 244 -3.65 -36.78 8.77
C ARG D 244 -2.75 -35.57 8.56
N GLN D 245 -3.32 -34.38 8.43
CA GLN D 245 -2.63 -33.10 8.44
C GLN D 245 -3.58 -32.00 8.89
N ASP D 246 -3.26 -31.30 9.97
CA ASP D 246 -4.06 -30.19 10.48
C ASP D 246 -3.96 -28.95 9.56
N ILE D 247 -4.80 -27.93 9.77
CA ILE D 247 -4.84 -26.72 8.93
C ILE D 247 -3.43 -26.15 8.76
N THR D 248 -2.97 -26.13 7.51
CA THR D 248 -1.60 -25.77 7.13
C THR D 248 -1.63 -24.67 6.10
N VAL D 249 -0.85 -23.61 6.30
CA VAL D 249 -0.85 -22.39 5.48
C VAL D 249 0.46 -22.23 4.73
N LYS D 250 0.42 -21.99 3.41
CA LYS D 250 1.57 -21.55 2.60
C LYS D 250 1.30 -20.20 1.98
N PHE D 251 2.26 -19.30 2.08
CA PHE D 251 2.25 -18.02 1.38
C PHE D 251 2.83 -18.18 -0.04
N LEU D 252 2.03 -17.90 -1.05
CA LEU D 252 2.39 -17.97 -2.47
C LEU D 252 2.66 -16.56 -3.01
N ASP D 253 3.74 -16.37 -3.74
CA ASP D 253 4.17 -15.08 -4.27
C ASP D 253 4.72 -15.15 -5.70
N GLN D 254 5.01 -16.35 -6.22
CA GLN D 254 5.40 -16.58 -7.61
C GLN D 254 4.43 -17.47 -8.37
N ALA D 255 3.53 -18.17 -7.68
CA ALA D 255 2.64 -19.15 -8.28
C ALA D 255 1.71 -18.59 -9.37
N THR D 256 1.23 -19.48 -10.22
CA THR D 256 0.19 -19.22 -11.22
C THR D 256 -1.09 -19.90 -10.79
N LEU D 257 -2.21 -19.19 -10.81
CA LEU D 257 -3.52 -19.73 -10.47
C LEU D 257 -4.39 -19.78 -11.73
N GLY D 258 -5.03 -20.90 -12.04
CA GLY D 258 -5.85 -21.05 -13.25
C GLY D 258 -5.05 -21.18 -14.55
N THR D 259 -5.76 -21.32 -15.66
CA THR D 259 -5.19 -21.56 -17.01
C THR D 259 -5.92 -20.75 -18.08
N GLY D 260 -5.23 -20.37 -19.16
CA GLY D 260 -5.86 -19.70 -20.30
C GLY D 260 -6.36 -18.29 -19.96
N GLU D 261 -7.60 -17.98 -20.35
CA GLU D 261 -8.21 -16.67 -20.10
C GLU D 261 -8.44 -16.35 -18.60
N ASN D 262 -8.46 -17.38 -17.75
CA ASN D 262 -8.60 -17.24 -16.30
C ASN D 262 -7.27 -17.11 -15.55
N GLN D 263 -6.13 -17.16 -16.24
CA GLN D 263 -4.83 -17.31 -15.60
C GLN D 263 -4.36 -16.07 -14.85
N ILE D 264 -4.12 -16.20 -13.54
CA ILE D 264 -3.51 -15.17 -12.70
C ILE D 264 -2.06 -15.56 -12.45
N ASN D 265 -1.11 -14.95 -13.15
CA ASN D 265 0.31 -15.03 -12.79
C ASN D 265 0.57 -14.11 -11.60
N LEU D 266 0.78 -14.60 -10.38
CA LEU D 266 0.85 -13.70 -9.21
C LEU D 266 1.98 -12.68 -9.29
N ALA D 267 3.19 -13.07 -9.72
CA ALA D 267 4.35 -12.20 -9.64
C ALA D 267 4.30 -11.00 -10.59
N GLU D 268 3.95 -11.19 -11.86
CA GLU D 268 3.86 -10.10 -12.83
C GLU D 268 2.60 -9.24 -12.69
N ARG D 269 1.66 -9.61 -11.81
CA ARG D 269 0.49 -8.80 -11.47
C ARG D 269 0.61 -8.15 -10.08
N ASP D 270 1.76 -8.32 -9.44
CA ASP D 270 2.07 -7.87 -8.09
C ASP D 270 1.08 -8.34 -7.02
N MET D 271 0.66 -9.60 -7.12
CA MET D 271 -0.26 -10.23 -6.18
C MET D 271 0.46 -11.25 -5.30
N VAL D 272 -0.21 -11.69 -4.24
CA VAL D 272 0.17 -12.79 -3.36
C VAL D 272 -1.06 -13.61 -3.04
N ALA D 273 -0.91 -14.80 -2.50
CA ALA D 273 -2.04 -15.60 -2.04
C ALA D 273 -1.68 -16.42 -0.82
N LEU D 274 -2.69 -16.83 -0.05
CA LEU D 274 -2.55 -17.91 0.92
C LEU D 274 -3.16 -19.17 0.35
N ARG D 275 -2.48 -20.31 0.50
CA ARG D 275 -3.04 -21.64 0.32
C ARG D 275 -3.26 -22.23 1.70
N LEU D 276 -4.48 -22.63 2.02
CA LEU D 276 -4.82 -23.34 3.24
C LEU D 276 -5.26 -24.75 2.87
N LYS D 277 -4.72 -25.77 3.52
CA LYS D 277 -5.14 -27.16 3.31
C LYS D 277 -5.10 -27.97 4.60
N ALA D 278 -5.87 -29.04 4.65
CA ALA D 278 -5.82 -30.05 5.68
C ALA D 278 -6.25 -31.40 5.13
N ARG D 279 -5.85 -32.49 5.77
CA ARG D 279 -6.33 -33.84 5.45
C ARG D 279 -7.00 -34.47 6.66
N PHE D 280 -8.25 -34.86 6.49
CA PHE D 280 -9.10 -35.42 7.53
C PHE D 280 -9.66 -36.78 7.12
N ALA D 281 -9.98 -37.60 8.10
CA ALA D 281 -10.66 -38.87 7.93
C ALA D 281 -11.74 -39.04 8.99
N TYR D 282 -12.73 -39.87 8.76
CA TYR D 282 -13.80 -40.15 9.71
C TYR D 282 -14.16 -41.63 9.69
N VAL D 283 -14.34 -42.24 10.86
CA VAL D 283 -14.84 -43.62 10.99
C VAL D 283 -15.89 -43.74 12.07
N LEU D 284 -16.91 -44.53 11.82
CA LEU D 284 -17.96 -44.89 12.76
C LEU D 284 -17.85 -46.37 13.14
N GLY D 285 -17.69 -46.67 14.43
CA GLY D 285 -17.51 -48.02 14.96
C GLY D 285 -18.78 -48.86 15.02
N VAL D 286 -19.57 -48.94 13.95
CA VAL D 286 -20.71 -49.87 13.83
C VAL D 286 -20.20 -51.31 13.96
N SER D 287 -20.64 -52.04 14.98
CA SER D 287 -20.04 -53.33 15.39
C SER D 287 -20.94 -54.09 16.36
N ALA D 288 -20.63 -55.34 16.68
CA ALA D 288 -21.41 -56.10 17.65
C ALA D 288 -21.17 -55.58 19.07
N THR D 289 -22.26 -55.40 19.82
CA THR D 289 -22.24 -55.22 21.28
C THR D 289 -22.69 -56.52 21.93
N SER D 290 -22.74 -56.61 23.25
CA SER D 290 -23.28 -57.78 23.94
C SER D 290 -24.73 -58.11 23.58
N VAL D 291 -25.47 -57.15 23.00
CA VAL D 291 -26.88 -57.31 22.66
C VAL D 291 -27.08 -57.93 21.28
N GLY D 292 -26.16 -57.77 20.34
CA GLY D 292 -26.35 -58.26 18.98
C GLY D 292 -25.32 -57.77 17.97
N ALA D 293 -25.45 -58.24 16.74
CA ALA D 293 -24.56 -57.92 15.64
C ALA D 293 -24.79 -56.52 15.07
N ASN D 294 -23.73 -55.88 14.57
CA ASN D 294 -23.79 -54.65 13.74
C ASN D 294 -24.73 -53.56 14.29
N GLN D 295 -24.46 -53.09 15.50
CA GLN D 295 -25.27 -52.10 16.22
C GLN D 295 -24.73 -50.69 16.01
N THR D 296 -25.57 -49.72 15.66
CA THR D 296 -25.14 -48.33 15.39
C THR D 296 -25.03 -47.51 16.68
N PRO D 297 -23.91 -46.82 16.96
CA PRO D 297 -23.70 -46.09 18.21
C PRO D 297 -24.27 -44.67 18.24
N VAL D 298 -25.25 -44.37 17.39
CA VAL D 298 -25.76 -43.01 17.13
C VAL D 298 -27.26 -43.04 16.96
N GLY D 299 -27.95 -42.07 17.55
CA GLY D 299 -29.36 -41.81 17.34
C GLY D 299 -29.62 -40.33 17.09
N VAL D 300 -30.77 -39.97 16.53
CA VAL D 300 -31.07 -38.59 16.13
C VAL D 300 -32.49 -38.19 16.51
N VAL D 301 -32.67 -36.97 17.02
CA VAL D 301 -33.99 -36.35 17.13
C VAL D 301 -34.25 -35.61 15.82
N THR D 302 -35.22 -36.02 15.02
CA THR D 302 -35.57 -35.33 13.77
C THR D 302 -36.61 -34.24 14.04
N PRO D 303 -36.65 -33.16 13.23
CA PRO D 303 -37.55 -32.05 13.48
C PRO D 303 -39.02 -32.44 13.36
N ASP D 304 -39.87 -31.66 14.01
CA ASP D 304 -41.31 -31.80 13.88
C ASP D 304 -41.78 -31.18 12.56
N VAL D 305 -42.20 -32.02 11.62
CA VAL D 305 -42.73 -31.61 10.31
C VAL D 305 -44.23 -31.89 10.17
N THR D 306 -44.93 -32.14 11.28
CA THR D 306 -46.33 -32.61 11.26
C THR D 306 -47.26 -31.88 12.24
N ALA D 307 -46.80 -31.51 13.45
CA ALA D 307 -47.62 -30.72 14.39
C ALA D 307 -47.79 -29.25 13.95
N ALA E 2 55.69 -20.09 -50.29
CA ALA E 2 54.75 -20.71 -49.37
C ALA E 2 54.89 -20.15 -47.94
N ASP E 3 54.23 -19.03 -47.69
CA ASP E 3 54.21 -18.32 -46.41
C ASP E 3 53.39 -19.05 -45.33
N ILE E 4 53.59 -18.72 -44.05
CA ILE E 4 52.64 -19.03 -42.96
C ILE E 4 51.90 -17.74 -42.56
N SER E 5 50.59 -17.69 -42.81
CA SER E 5 49.72 -16.53 -42.58
C SER E 5 49.18 -16.48 -41.15
N ARG E 6 48.65 -15.35 -40.65
CA ARG E 6 47.94 -15.32 -39.36
C ARG E 6 46.79 -16.32 -39.28
N ALA E 7 46.03 -16.45 -40.37
CA ALA E 7 44.93 -17.40 -40.48
C ALA E 7 45.37 -18.87 -40.34
N GLU E 8 46.62 -19.19 -40.69
CA GLU E 8 47.17 -20.54 -40.67
C GLU E 8 47.77 -20.91 -39.32
N VAL E 9 47.86 -19.96 -38.39
CA VAL E 9 48.34 -20.11 -37.00
C VAL E 9 47.13 -20.18 -36.05
N ALA E 10 45.98 -20.61 -36.56
CA ALA E 10 44.68 -20.41 -35.95
C ALA E 10 44.63 -20.79 -34.47
N THR E 11 44.22 -19.85 -33.61
CA THR E 11 44.07 -20.01 -32.15
C THR E 11 45.32 -20.36 -31.36
N LEU E 12 46.50 -20.43 -31.98
CA LEU E 12 47.77 -20.16 -31.26
C LEU E 12 47.94 -18.68 -30.96
N ILE E 13 47.25 -17.82 -31.71
CA ILE E 13 47.06 -16.39 -31.48
C ILE E 13 45.66 -16.22 -30.91
N GLN E 14 45.50 -15.60 -29.73
CA GLN E 14 44.22 -15.55 -29.02
C GLN E 14 43.91 -14.16 -28.46
N GLU E 15 42.69 -13.66 -28.66
CA GLU E 15 42.32 -12.30 -28.28
C GLU E 15 42.27 -12.06 -26.77
N ALA E 16 42.61 -10.84 -26.37
CA ALA E 16 42.48 -10.37 -25.00
C ALA E 16 41.12 -9.69 -24.77
N TYR E 17 40.77 -9.44 -23.52
CA TYR E 17 39.55 -8.74 -23.10
C TYR E 17 39.88 -7.62 -22.11
N SER E 18 39.24 -6.45 -22.22
CA SER E 18 39.38 -5.34 -21.27
C SER E 18 38.04 -4.72 -20.91
N ASP E 19 37.78 -4.50 -19.63
CA ASP E 19 36.55 -3.84 -19.18
C ASP E 19 36.66 -2.31 -19.11
N THR E 20 37.74 -1.70 -19.59
CA THR E 20 38.00 -0.25 -19.39
C THR E 20 36.95 0.68 -20.00
N LEU E 21 36.19 0.25 -21.00
CA LEU E 21 35.07 1.02 -21.56
C LEU E 21 33.70 0.67 -20.95
N LEU E 22 33.59 -0.36 -20.10
CA LEU E 22 32.31 -0.96 -19.72
C LEU E 22 31.50 -0.13 -18.73
N ALA E 23 32.14 0.39 -17.69
CA ALA E 23 31.46 1.07 -16.61
C ALA E 23 30.72 2.32 -17.10
N ALA E 24 29.48 2.51 -16.64
CA ALA E 24 28.65 3.66 -16.98
C ALA E 24 28.00 4.25 -15.72
N ALA E 25 28.17 5.56 -15.52
CA ALA E 25 27.51 6.32 -14.47
C ALA E 25 26.00 6.41 -14.70
N LYS E 26 25.24 6.65 -13.62
CA LYS E 26 23.78 6.54 -13.61
C LYS E 26 23.15 7.73 -12.92
N GLN E 27 22.03 8.21 -13.46
CA GLN E 27 21.42 9.48 -13.07
C GLN E 27 20.04 9.22 -12.45
N GLY E 28 19.79 9.78 -11.26
CA GLY E 28 18.51 9.65 -10.55
C GLY E 28 17.39 10.48 -11.17
N SER E 29 16.21 10.45 -10.55
CA SER E 29 15.12 11.38 -10.89
C SER E 29 15.50 12.81 -10.50
N THR E 30 15.12 13.77 -11.34
CA THR E 30 15.25 15.20 -11.10
C THR E 30 14.22 15.66 -10.09
N VAL E 31 12.98 15.17 -10.21
CA VAL E 31 11.89 15.66 -9.37
C VAL E 31 12.02 15.19 -7.93
N LEU E 32 12.67 14.06 -7.67
CA LEU E 32 12.99 13.62 -6.32
C LEU E 32 14.02 14.50 -5.60
N SER E 33 14.84 15.26 -6.31
CA SER E 33 15.80 16.18 -5.69
C SER E 33 15.36 17.64 -5.76
N ALA E 34 14.58 18.02 -6.77
CA ALA E 34 14.07 19.37 -6.92
C ALA E 34 12.99 19.76 -5.89
N PHE E 35 12.19 18.79 -5.43
CA PHE E 35 10.95 19.03 -4.69
C PHE E 35 10.82 18.15 -3.46
N GLN E 36 9.90 18.47 -2.57
CA GLN E 36 9.72 17.74 -1.32
C GLN E 36 9.18 16.32 -1.55
N ASN E 37 9.88 15.32 -1.02
CA ASN E 37 9.43 13.94 -1.00
C ASN E 37 8.49 13.71 0.20
N VAL E 38 7.19 13.73 -0.04
CA VAL E 38 6.16 13.45 0.96
C VAL E 38 6.04 11.94 1.18
N ASN E 39 6.26 11.45 2.39
CA ASN E 39 6.04 10.04 2.71
C ASN E 39 4.54 9.72 2.78
N MET E 40 4.08 8.73 2.03
CA MET E 40 2.68 8.31 2.02
C MET E 40 2.50 6.94 2.69
N GLY E 41 1.41 6.74 3.43
CA GLY E 41 1.04 5.47 4.07
C GLY E 41 -0.21 4.80 3.50
N THR E 42 -0.79 5.33 2.44
CA THR E 42 -2.04 4.88 1.80
C THR E 42 -2.05 5.38 0.36
N LYS E 43 -2.87 4.82 -0.53
CA LYS E 43 -2.91 5.24 -1.94
C LYS E 43 -3.22 6.73 -2.10
N THR E 44 -4.13 7.31 -1.33
CA THR E 44 -4.58 8.70 -1.52
C THR E 44 -4.31 9.55 -0.30
N THR E 45 -3.88 10.80 -0.50
CA THR E 45 -3.89 11.88 0.49
C THR E 45 -4.69 13.05 -0.05
N HIS E 46 -5.56 13.65 0.75
CA HIS E 46 -6.32 14.84 0.39
C HIS E 46 -5.68 16.08 1.01
N LEU E 47 -5.41 17.09 0.21
CA LEU E 47 -4.87 18.37 0.65
C LEU E 47 -5.91 19.46 0.37
N PRO E 48 -6.42 20.19 1.37
CA PRO E 48 -7.25 21.36 1.12
C PRO E 48 -6.41 22.54 0.67
N VAL E 49 -6.95 23.38 -0.22
CA VAL E 49 -6.36 24.65 -0.65
C VAL E 49 -7.42 25.73 -0.70
N LEU E 50 -7.05 26.98 -0.47
CA LEU E 50 -7.95 28.12 -0.67
C LEU E 50 -8.28 28.27 -2.16
N ALA E 51 -9.52 28.54 -2.52
CA ALA E 51 -9.97 28.52 -3.91
C ALA E 51 -10.75 29.75 -4.38
N THR E 52 -11.23 30.61 -3.48
CA THR E 52 -11.92 31.87 -3.83
C THR E 52 -11.79 32.87 -2.69
N LEU E 53 -11.68 34.15 -3.03
CA LEU E 53 -11.51 35.26 -2.11
C LEU E 53 -12.83 36.03 -1.93
N PRO E 54 -13.14 36.56 -0.74
CA PRO E 54 -14.27 37.44 -0.54
C PRO E 54 -14.05 38.78 -1.25
N GLU E 55 -15.13 39.45 -1.64
CA GLU E 55 -15.10 40.75 -2.32
C GLU E 55 -15.88 41.80 -1.51
N ALA E 56 -15.21 42.87 -1.09
CA ALA E 56 -15.84 44.02 -0.47
C ALA E 56 -16.60 45.10 -1.28
N GLY E 57 -17.07 46.15 -0.62
CA GLY E 57 -17.73 47.29 -1.25
C GLY E 57 -17.71 48.54 -0.38
N TRP E 58 -18.01 49.69 -0.98
CA TRP E 58 -18.28 50.93 -0.26
C TRP E 58 -19.79 51.06 -0.03
N VAL E 59 -20.28 51.00 1.23
CA VAL E 59 -21.72 50.71 1.54
C VAL E 59 -22.72 51.86 1.80
N GLY E 60 -22.52 53.10 1.33
CA GLY E 60 -23.54 54.14 1.42
C GLY E 60 -24.09 54.37 2.83
N GLU E 61 -25.35 54.83 3.00
CA GLU E 61 -25.98 54.93 4.36
C GLU E 61 -27.53 54.88 4.42
N SER E 62 -28.28 54.56 3.34
CA SER E 62 -29.74 54.60 3.39
C SER E 62 -30.38 53.43 4.16
N ALA E 63 -31.41 53.72 4.95
CA ALA E 63 -32.31 52.71 5.51
C ALA E 63 -33.27 52.10 4.47
N THR E 64 -33.37 52.66 3.27
CA THR E 64 -34.41 52.34 2.28
C THR E 64 -33.86 51.95 0.92
N GLU E 65 -32.84 52.65 0.44
CA GLU E 65 -32.27 52.47 -0.90
C GLU E 65 -31.20 51.38 -0.94
N PRO E 66 -31.06 50.63 -2.06
CA PRO E 66 -30.17 49.47 -2.15
C PRO E 66 -28.69 49.81 -2.02
N GLU E 67 -28.30 51.06 -2.27
CA GLU E 67 -26.92 51.51 -2.03
C GLU E 67 -26.50 51.42 -0.56
N GLY E 68 -27.45 51.36 0.38
CA GLY E 68 -27.20 51.28 1.82
C GLY E 68 -26.93 49.89 2.38
N VAL E 69 -27.01 48.84 1.56
CA VAL E 69 -26.92 47.44 2.02
C VAL E 69 -25.51 46.89 1.83
N ILE E 70 -24.93 46.34 2.90
CA ILE E 70 -23.61 45.70 2.86
C ILE E 70 -23.69 44.45 1.97
N PRO E 71 -22.80 44.29 0.97
CA PRO E 71 -22.86 43.15 0.08
C PRO E 71 -22.43 41.86 0.78
N THR E 72 -23.18 40.77 0.61
CA THR E 72 -22.68 39.43 0.89
C THR E 72 -21.55 38.83 0.06
N SER E 73 -20.71 38.00 0.69
CA SER E 73 -19.60 37.35 0.00
C SER E 73 -19.20 36.02 0.66
N LYS E 74 -18.20 35.36 0.08
CA LYS E 74 -18.05 33.91 0.12
C LYS E 74 -16.58 33.52 -0.07
N VAL E 75 -15.92 33.04 0.98
CA VAL E 75 -14.65 32.34 0.87
C VAL E 75 -14.91 30.88 0.49
N THR E 76 -14.09 30.26 -0.36
CA THR E 76 -14.21 28.82 -0.64
C THR E 76 -12.86 28.14 -0.72
N TRP E 77 -12.87 26.82 -0.59
CA TRP E 77 -11.72 25.93 -0.63
C TRP E 77 -11.97 24.82 -1.65
N ALA E 78 -10.90 24.14 -2.04
CA ALA E 78 -10.92 23.04 -2.99
C ALA E 78 -9.98 21.93 -2.51
N ASN E 79 -10.08 20.75 -3.10
CA ASN E 79 -9.24 19.62 -2.77
C ASN E 79 -8.26 19.30 -3.90
N ARG E 80 -6.96 19.28 -3.60
CA ARG E 80 -5.91 18.66 -4.40
C ARG E 80 -5.55 17.29 -3.81
N THR E 81 -5.15 16.31 -4.61
CA THR E 81 -4.85 14.96 -4.12
C THR E 81 -3.53 14.40 -4.64
N LEU E 82 -2.74 13.79 -3.76
CA LEU E 82 -1.71 12.83 -4.12
C LEU E 82 -2.37 11.46 -4.28
N VAL E 83 -2.34 10.85 -5.47
CA VAL E 83 -2.76 9.46 -5.68
C VAL E 83 -1.56 8.64 -6.11
N ALA E 84 -1.19 7.62 -5.34
CA ALA E 84 -0.01 6.82 -5.58
C ALA E 84 -0.26 5.78 -6.67
N GLU E 85 0.50 5.86 -7.76
CA GLU E 85 0.43 4.98 -8.91
C GLU E 85 1.75 4.24 -9.07
N GLU E 86 1.71 3.05 -9.64
CA GLU E 86 2.87 2.16 -9.66
C GLU E 86 3.59 2.17 -11.01
N VAL E 87 4.91 2.30 -10.96
CA VAL E 87 5.81 2.17 -12.10
C VAL E 87 6.69 0.96 -11.88
N ALA E 88 6.77 0.07 -12.86
CA ALA E 88 7.42 -1.22 -12.72
C ALA E 88 8.01 -1.76 -14.02
N VAL E 89 8.95 -2.69 -13.90
CA VAL E 89 9.50 -3.48 -15.03
C VAL E 89 9.95 -4.86 -14.56
N ILE E 90 9.87 -5.87 -15.43
CA ILE E 90 10.50 -7.19 -15.24
C ILE E 90 11.54 -7.40 -16.32
N ILE E 91 12.74 -7.83 -15.95
CA ILE E 91 13.86 -8.04 -16.88
C ILE E 91 14.36 -9.49 -16.77
N PRO E 92 13.97 -10.39 -17.69
CA PRO E 92 14.31 -11.81 -17.64
C PRO E 92 15.62 -12.14 -18.35
N VAL E 93 16.36 -13.13 -17.85
CA VAL E 93 17.66 -13.57 -18.36
C VAL E 93 17.89 -15.07 -18.13
N PRO E 94 18.59 -15.81 -19.01
CA PRO E 94 18.91 -17.21 -18.75
C PRO E 94 19.87 -17.39 -17.59
N GLU E 95 19.63 -18.40 -16.76
CA GLU E 95 20.43 -18.69 -15.58
C GLU E 95 21.88 -19.07 -15.97
N ALA E 96 22.08 -19.67 -17.15
CA ALA E 96 23.40 -19.94 -17.71
C ALA E 96 24.18 -18.67 -18.12
N VAL E 97 23.51 -17.67 -18.68
CA VAL E 97 24.18 -16.42 -19.11
C VAL E 97 24.76 -15.69 -17.90
N ILE E 98 24.03 -15.65 -16.79
CA ILE E 98 24.54 -15.11 -15.52
C ILE E 98 25.79 -15.89 -15.08
N ASP E 99 25.79 -17.21 -15.19
CA ASP E 99 26.91 -18.04 -14.78
C ASP E 99 28.15 -17.89 -15.67
N ASP E 100 27.97 -17.68 -16.96
CA ASP E 100 29.07 -17.56 -17.92
C ASP E 100 29.66 -16.16 -18.04
N ALA E 101 28.90 -15.10 -17.75
CA ALA E 101 29.37 -13.72 -17.78
C ALA E 101 30.48 -13.43 -16.77
N THR E 102 31.39 -12.51 -17.10
CA THR E 102 32.51 -12.11 -16.24
C THR E 102 32.15 -11.04 -15.19
N VAL E 103 30.94 -10.48 -15.27
CA VAL E 103 30.43 -9.42 -14.39
C VAL E 103 29.06 -9.79 -13.83
N ALA E 104 28.67 -9.21 -12.70
CA ALA E 104 27.37 -9.46 -12.07
C ALA E 104 26.23 -8.82 -12.89
N ILE E 105 25.73 -9.54 -13.90
CA ILE E 105 24.69 -9.05 -14.83
C ILE E 105 23.47 -8.54 -14.05
N LEU E 106 23.02 -9.25 -13.02
CA LEU E 106 21.86 -8.84 -12.24
C LEU E 106 22.07 -7.56 -11.44
N THR E 107 23.30 -7.26 -11.01
CA THR E 107 23.60 -5.97 -10.36
C THR E 107 23.48 -4.83 -11.35
N GLU E 108 23.99 -4.98 -12.57
CA GLU E 108 23.83 -3.95 -13.58
C GLU E 108 22.37 -3.84 -14.05
N VAL E 109 21.65 -4.94 -14.19
CA VAL E 109 20.21 -4.93 -14.52
C VAL E 109 19.41 -4.21 -13.44
N ALA E 110 19.70 -4.42 -12.16
CA ALA E 110 19.00 -3.73 -11.08
C ALA E 110 19.22 -2.22 -11.14
N GLU E 111 20.46 -1.78 -11.35
CA GLU E 111 20.79 -0.37 -11.41
C GLU E 111 20.27 0.32 -12.67
N GLN E 112 20.37 -0.33 -13.83
CA GLN E 112 19.77 0.17 -15.06
C GLN E 112 18.24 0.23 -14.96
N GLY E 113 17.59 -0.71 -14.29
CA GLY E 113 16.16 -0.67 -14.02
C GLY E 113 15.76 0.48 -13.09
N GLY E 114 16.53 0.74 -12.04
CA GLY E 114 16.33 1.90 -11.16
C GLY E 114 16.36 3.23 -11.93
N GLN E 115 17.36 3.42 -12.80
CA GLN E 115 17.46 4.61 -13.65
C GLN E 115 16.26 4.76 -14.58
N ALA E 116 15.79 3.68 -15.20
CA ALA E 116 14.66 3.71 -16.11
C ALA E 116 13.34 4.08 -15.42
N ILE E 117 13.16 3.66 -14.17
CA ILE E 117 12.01 4.09 -13.35
C ILE E 117 12.10 5.60 -13.06
N GLY E 118 13.28 6.10 -12.68
CA GLY E 118 13.50 7.53 -12.44
C GLY E 118 13.21 8.40 -13.67
N LYS E 119 13.63 7.98 -14.87
CA LYS E 119 13.29 8.66 -16.12
C LYS E 119 11.78 8.71 -16.34
N LYS E 120 11.07 7.62 -16.10
CA LYS E 120 9.63 7.53 -16.32
C LYS E 120 8.86 8.46 -15.40
N LEU E 121 9.30 8.63 -14.15
CA LEU E 121 8.75 9.61 -13.23
C LEU E 121 8.99 11.05 -13.69
N ASP E 122 10.21 11.44 -14.06
CA ASP E 122 10.48 12.80 -14.53
C ASP E 122 9.66 13.16 -15.77
N GLN E 123 9.57 12.26 -16.73
CA GLN E 123 8.74 12.43 -17.92
C GLN E 123 7.27 12.68 -17.58
N ALA E 124 6.71 11.96 -16.60
CA ALA E 124 5.35 12.17 -16.17
C ALA E 124 5.18 13.54 -15.51
N VAL E 125 5.99 13.84 -14.49
CA VAL E 125 5.81 15.03 -13.65
C VAL E 125 6.13 16.33 -14.37
N ILE E 126 7.23 16.40 -15.12
CA ILE E 126 7.66 17.65 -15.74
C ILE E 126 6.90 17.90 -17.04
N PHE E 127 6.79 16.89 -17.91
CA PHE E 127 6.28 17.07 -19.28
C PHE E 127 4.91 16.45 -19.52
N GLY E 128 4.40 15.62 -18.63
CA GLY E 128 3.10 14.96 -18.79
C GLY E 128 3.12 13.77 -19.74
N ILE E 129 4.30 13.24 -20.05
CA ILE E 129 4.46 12.09 -20.95
C ILE E 129 4.08 10.82 -20.20
N ASP E 130 3.09 10.09 -20.71
CA ASP E 130 2.48 8.92 -20.04
C ASP E 130 2.06 9.18 -18.58
N LYS E 131 1.62 10.40 -18.25
CA LYS E 131 1.13 10.72 -16.90
C LYS E 131 -0.02 9.77 -16.54
N PRO E 132 -0.02 9.11 -15.37
CA PRO E 132 -1.12 8.28 -14.91
C PRO E 132 -2.45 9.03 -14.92
N ALA E 133 -3.54 8.38 -15.35
CA ALA E 133 -4.82 9.06 -15.51
C ALA E 133 -5.43 9.56 -14.19
N SER E 134 -5.06 8.98 -13.06
CA SER E 134 -5.52 9.42 -11.73
C SER E 134 -4.78 10.64 -11.18
N TRP E 135 -3.64 11.02 -11.76
CA TRP E 135 -2.96 12.26 -11.38
C TRP E 135 -3.69 13.45 -12.00
N VAL E 136 -4.66 14.03 -11.31
CA VAL E 136 -5.49 15.14 -11.82
C VAL E 136 -4.73 16.47 -11.93
N SER E 137 -3.61 16.64 -11.23
CA SER E 137 -2.74 17.80 -11.42
C SER E 137 -2.14 17.80 -12.83
N PRO E 138 -2.12 18.94 -13.55
CA PRO E 138 -1.37 19.04 -14.78
C PRO E 138 0.13 18.90 -14.49
N ALA E 139 0.90 18.31 -15.39
CA ALA E 139 2.35 18.28 -15.29
C ALA E 139 2.94 19.70 -15.43
N LEU E 140 4.15 19.94 -14.93
CA LEU E 140 4.69 21.30 -14.80
C LEU E 140 4.67 22.12 -16.09
N VAL E 141 5.15 21.58 -17.22
CA VAL E 141 5.16 22.32 -18.50
C VAL E 141 3.75 22.54 -19.04
N PRO E 142 2.87 21.53 -19.15
CA PRO E 142 1.47 21.76 -19.53
C PRO E 142 0.73 22.75 -18.63
N ALA E 143 0.99 22.74 -17.32
CA ALA E 143 0.42 23.70 -16.38
C ALA E 143 0.81 25.13 -16.73
N ALA E 144 2.11 25.39 -16.88
CA ALA E 144 2.64 26.70 -17.19
C ALA E 144 2.12 27.24 -18.53
N VAL E 145 2.10 26.42 -19.58
CA VAL E 145 1.58 26.81 -20.89
C VAL E 145 0.08 27.13 -20.81
N ALA E 146 -0.72 26.27 -20.18
CA ALA E 146 -2.15 26.49 -20.05
C ALA E 146 -2.50 27.75 -19.24
N ALA E 147 -1.71 28.07 -18.23
CA ALA E 147 -1.83 29.29 -17.43
C ALA E 147 -1.43 30.57 -18.17
N GLY E 148 -0.86 30.48 -19.38
CA GLY E 148 -0.32 31.62 -20.12
C GLY E 148 1.03 32.11 -19.59
N GLN E 149 1.70 31.32 -18.75
CA GLN E 149 2.96 31.67 -18.10
C GLN E 149 4.16 31.09 -18.86
N ALA E 150 4.10 31.11 -20.18
CA ALA E 150 5.15 30.66 -21.08
C ALA E 150 5.73 31.84 -21.88
N ILE E 151 7.05 32.03 -21.82
CA ILE E 151 7.77 33.06 -22.58
C ILE E 151 8.69 32.38 -23.59
N ALA E 152 8.58 32.72 -24.88
CA ALA E 152 9.48 32.21 -25.88
C ALA E 152 10.84 32.91 -25.80
N HIS E 153 11.90 32.14 -25.68
CA HIS E 153 13.27 32.63 -25.80
C HIS E 153 13.52 33.22 -27.19
N VAL E 154 14.29 34.29 -27.29
CA VAL E 154 14.80 34.85 -28.54
C VAL E 154 16.31 34.76 -28.53
N SER E 155 16.85 33.95 -29.44
CA SER E 155 18.27 33.60 -29.51
C SER E 155 19.09 34.61 -30.32
N GLY E 156 20.41 34.54 -30.21
CA GLY E 156 21.34 35.46 -30.86
C GLY E 156 21.96 36.44 -29.89
N VAL E 157 22.01 37.72 -30.26
CA VAL E 157 22.55 38.80 -29.42
C VAL E 157 21.77 38.94 -28.12
N ALA E 158 22.44 39.29 -27.03
CA ALA E 158 21.81 39.57 -25.74
C ALA E 158 20.69 40.60 -25.91
N ASN E 159 19.51 40.30 -25.37
CA ASN E 159 18.27 41.03 -25.59
C ASN E 159 17.30 40.67 -24.46
N GLU E 160 16.21 41.41 -24.24
CA GLU E 160 15.36 41.16 -23.07
C GLU E 160 14.62 39.81 -23.08
N PHE E 161 14.71 39.00 -24.15
CA PHE E 161 14.25 37.61 -24.23
C PHE E 161 15.39 36.59 -24.43
N ASP E 162 16.64 36.94 -24.18
CA ASP E 162 17.73 35.95 -24.09
C ASP E 162 17.50 35.03 -22.89
N LEU E 163 18.39 34.07 -22.58
CA LEU E 163 18.09 33.12 -21.50
C LEU E 163 17.92 33.78 -20.13
N VAL E 164 18.65 34.85 -19.82
CA VAL E 164 18.42 35.59 -18.57
C VAL E 164 17.16 36.42 -18.67
N GLY E 165 16.97 37.12 -19.79
CA GLY E 165 15.79 37.96 -20.02
C GLY E 165 14.48 37.18 -19.95
N ALA E 166 14.38 36.08 -20.68
CA ALA E 166 13.20 35.22 -20.66
C ALA E 166 12.98 34.57 -19.29
N SER E 167 14.03 34.16 -18.58
CA SER E 167 13.87 33.64 -17.22
C SER E 167 13.38 34.71 -16.24
N ASN E 168 13.90 35.92 -16.33
CA ASN E 168 13.42 37.06 -15.54
C ASN E 168 11.94 37.32 -15.84
N LYS E 169 11.56 37.40 -17.12
CA LYS E 169 10.16 37.61 -17.50
C LYS E 169 9.24 36.52 -16.97
N VAL E 170 9.61 35.25 -17.06
CA VAL E 170 8.82 34.14 -16.50
C VAL E 170 8.71 34.24 -14.99
N ALA E 171 9.81 34.47 -14.28
CA ALA E 171 9.77 34.60 -12.85
C ALA E 171 8.90 35.76 -12.41
N GLU E 172 8.94 36.91 -13.07
CA GLU E 172 8.02 37.99 -12.76
C GLU E 172 6.55 37.63 -13.04
N LYS E 173 6.20 36.83 -14.05
CA LYS E 173 4.81 36.35 -14.20
C LYS E 173 4.38 35.46 -13.04
N VAL E 174 5.23 34.53 -12.61
CA VAL E 174 4.97 33.67 -11.44
C VAL E 174 4.85 34.52 -10.17
N ALA E 175 5.67 35.55 -10.00
CA ALA E 175 5.60 36.45 -8.85
C ALA E 175 4.35 37.34 -8.87
N LEU E 176 3.95 37.86 -10.03
CA LEU E 176 2.71 38.62 -10.19
C LEU E 176 1.45 37.76 -10.08
N ALA E 177 1.55 36.43 -10.08
CA ALA E 177 0.49 35.52 -9.68
C ALA E 177 0.43 35.30 -8.15
N GLY E 178 1.33 35.89 -7.38
CA GLY E 178 1.37 35.80 -5.91
C GLY E 178 2.28 34.72 -5.35
N TRP E 179 2.94 33.95 -6.20
CA TRP E 179 3.85 32.88 -5.78
C TRP E 179 5.29 33.35 -5.61
N ALA E 180 6.15 32.55 -5.00
CA ALA E 180 7.57 32.87 -4.81
C ALA E 180 8.43 31.91 -5.62
N PRO E 181 8.75 32.21 -6.90
CA PRO E 181 9.55 31.32 -7.73
C PRO E 181 10.95 31.16 -7.15
N ASP E 182 11.42 29.92 -7.02
CA ASP E 182 12.70 29.65 -6.37
C ASP E 182 13.43 28.40 -6.88
N THR E 183 12.85 27.64 -7.79
CA THR E 183 13.49 26.51 -8.46
C THR E 183 13.51 26.72 -9.97
N LEU E 184 14.63 26.40 -10.60
CA LEU E 184 14.79 26.29 -12.05
C LEU E 184 15.15 24.84 -12.42
N LEU E 185 14.39 24.21 -13.30
CA LEU E 185 14.75 22.94 -13.93
C LEU E 185 15.18 23.20 -15.37
N SER E 186 16.25 22.58 -15.83
CA SER E 186 16.66 22.62 -17.24
C SER E 186 17.49 21.40 -17.61
N SER E 187 17.85 21.23 -18.89
CA SER E 187 18.97 20.37 -19.28
C SER E 187 20.30 21.11 -19.08
N LEU E 188 21.43 20.46 -19.33
CA LEU E 188 22.73 21.14 -19.30
C LEU E 188 22.86 22.26 -20.35
N ALA E 189 21.99 22.30 -21.37
CA ALA E 189 22.06 23.29 -22.44
C ALA E 189 22.02 24.72 -21.90
N LEU E 190 21.17 25.00 -20.92
CA LEU E 190 21.05 26.32 -20.33
C LEU E 190 22.34 26.79 -19.67
N ARG E 191 23.10 25.88 -19.04
CA ARG E 191 24.38 26.21 -18.41
C ARG E 191 25.44 26.59 -19.44
N TYR E 192 25.51 25.87 -20.55
CA TYR E 192 26.43 26.19 -21.62
C TYR E 192 26.02 27.45 -22.39
N GLN E 193 24.74 27.62 -22.71
CA GLN E 193 24.29 28.73 -23.54
C GLN E 193 24.39 30.07 -22.82
N VAL E 194 24.01 30.16 -21.55
CA VAL E 194 24.15 31.43 -20.80
C VAL E 194 25.61 31.87 -20.70
N ALA E 195 26.56 30.94 -20.68
CA ALA E 195 27.99 31.21 -20.64
C ALA E 195 28.60 31.69 -21.97
N ASN E 196 27.82 31.79 -23.06
CA ASN E 196 28.32 32.21 -24.37
C ASN E 196 27.43 33.24 -25.10
N VAL E 197 26.29 33.65 -24.57
CA VAL E 197 25.49 34.73 -25.18
C VAL E 197 26.29 36.03 -25.18
N ARG E 198 26.26 36.74 -26.31
CA ARG E 198 27.13 37.89 -26.61
C ARG E 198 26.36 39.19 -26.68
N ASP E 199 26.95 40.28 -26.22
CA ASP E 199 26.40 41.61 -26.49
C ASP E 199 26.58 42.01 -27.96
N ALA E 200 26.10 43.18 -28.34
CA ALA E 200 26.19 43.64 -29.72
C ALA E 200 27.63 43.90 -30.21
N ASP E 201 28.62 44.03 -29.32
CA ASP E 201 30.03 44.15 -29.69
C ASP E 201 30.72 42.79 -29.82
N GLY E 202 30.08 41.72 -29.35
CA GLY E 202 30.59 40.37 -29.42
C GLY E 202 31.23 39.89 -28.12
N ASN E 203 31.27 40.72 -27.08
CA ASN E 203 31.79 40.34 -25.78
C ASN E 203 30.80 39.45 -25.04
N LEU E 204 31.26 38.65 -24.09
CA LEU E 204 30.39 37.81 -23.25
C LEU E 204 29.49 38.71 -22.40
N ALA E 205 28.17 38.55 -22.49
CA ALA E 205 27.23 39.41 -21.77
C ALA E 205 27.11 39.07 -20.29
N PHE E 206 27.31 37.81 -19.90
CA PHE E 206 27.08 37.31 -18.54
C PHE E 206 28.28 36.52 -18.02
N ARG E 207 29.28 37.22 -17.48
CA ARG E 207 30.49 36.60 -16.91
C ARG E 207 30.24 35.83 -15.62
N ASP E 208 29.27 36.26 -14.82
CA ASP E 208 28.94 35.69 -13.50
C ASP E 208 27.50 36.03 -13.06
N GLY E 209 27.04 35.39 -11.98
CA GLY E 209 25.78 35.73 -11.31
C GLY E 209 24.49 35.31 -12.05
N SER E 210 24.61 34.44 -13.05
CA SER E 210 23.48 33.91 -13.81
C SER E 210 22.51 33.12 -12.92
N PHE E 211 21.21 33.35 -13.05
CA PHE E 211 20.15 32.58 -12.41
C PHE E 211 20.21 32.49 -10.88
N LEU E 212 20.90 33.42 -10.22
CA LEU E 212 20.87 33.54 -8.76
C LEU E 212 19.43 33.75 -8.27
N GLY E 213 19.16 33.29 -7.05
CA GLY E 213 17.82 33.24 -6.50
C GLY E 213 17.00 32.01 -6.93
N PHE E 214 17.46 31.24 -7.93
CA PHE E 214 16.92 29.90 -8.20
C PHE E 214 17.86 28.81 -7.72
N ASN E 215 17.34 27.86 -6.95
CA ASN E 215 17.94 26.53 -6.86
C ASN E 215 17.86 25.91 -8.26
N THR E 216 18.98 25.52 -8.85
CA THR E 216 19.01 25.04 -10.24
C THR E 216 19.32 23.56 -10.32
N HIS E 217 18.45 22.81 -10.97
CA HIS E 217 18.58 21.36 -11.15
C HIS E 217 18.68 21.03 -12.63
N PHE E 218 19.64 20.20 -13.00
CA PHE E 218 19.85 19.80 -14.38
C PHE E 218 19.38 18.36 -14.60
N ASN E 219 18.45 18.15 -15.53
CA ASN E 219 18.02 16.81 -15.90
C ASN E 219 19.12 16.11 -16.71
N ARG E 220 19.53 14.91 -16.28
CA ARG E 220 20.60 14.14 -16.92
C ARG E 220 20.24 12.70 -17.26
N ASN E 221 19.06 12.23 -16.86
CA ASN E 221 18.55 10.89 -17.18
C ASN E 221 17.84 10.81 -18.54
N GLY E 222 17.95 11.84 -19.39
CA GLY E 222 17.36 11.82 -20.73
C GLY E 222 15.85 12.01 -20.76
N ALA E 223 15.21 12.36 -19.65
CA ALA E 223 13.79 12.70 -19.62
C ALA E 223 13.45 14.00 -20.34
N TRP E 224 14.37 14.98 -20.41
CA TRP E 224 14.08 16.32 -20.91
C TRP E 224 13.60 16.33 -22.36
N ALA E 225 12.54 17.07 -22.66
CA ALA E 225 12.06 17.31 -24.02
C ALA E 225 12.42 18.74 -24.45
N PRO E 226 13.57 18.98 -25.10
CA PRO E 226 14.05 20.33 -25.38
C PRO E 226 13.18 21.11 -26.38
N THR E 227 12.35 20.43 -27.16
CA THR E 227 11.33 21.04 -28.03
C THR E 227 10.13 21.57 -27.25
N SER E 228 9.91 21.12 -26.01
CA SER E 228 8.84 21.60 -25.14
C SER E 228 9.28 22.76 -24.24
N ALA E 229 10.47 22.71 -23.66
CA ALA E 229 10.96 23.73 -22.74
C ALA E 229 12.48 23.88 -22.77
N VAL E 230 12.95 25.11 -22.62
CA VAL E 230 14.36 25.43 -22.32
C VAL E 230 14.61 25.38 -20.82
N GLY E 231 13.65 25.84 -20.01
CA GLY E 231 13.74 25.77 -18.56
C GLY E 231 12.37 25.97 -17.93
N VAL E 232 12.14 25.37 -16.77
CA VAL E 232 10.90 25.47 -15.99
C VAL E 232 11.20 26.17 -14.69
N ILE E 233 10.44 27.21 -14.36
CA ILE E 233 10.64 27.99 -13.13
C ILE E 233 9.43 27.80 -12.24
N ALA E 234 9.63 27.41 -10.98
CA ALA E 234 8.56 27.00 -10.09
C ALA E 234 8.74 27.53 -8.67
N ASP E 235 7.64 27.74 -7.96
CA ASP E 235 7.64 27.88 -6.51
C ASP E 235 7.69 26.48 -5.91
N SER E 236 8.87 26.06 -5.50
CA SER E 236 9.10 24.72 -4.98
C SER E 236 8.28 24.39 -3.75
N SER E 237 7.72 25.37 -3.04
CA SER E 237 6.85 25.09 -1.89
C SER E 237 5.53 24.47 -2.32
N ARG E 238 5.12 24.67 -3.57
CA ARG E 238 3.82 24.28 -4.12
C ARG E 238 3.82 22.99 -4.93
N VAL E 239 4.96 22.31 -5.04
CA VAL E 239 5.10 21.04 -5.75
C VAL E 239 5.51 19.96 -4.76
N LYS E 240 4.75 18.88 -4.63
CA LYS E 240 5.10 17.75 -3.76
C LYS E 240 5.12 16.47 -4.56
N ILE E 241 6.14 15.64 -4.34
CA ILE E 241 6.20 14.28 -4.90
C ILE E 241 5.92 13.31 -3.76
N GLY E 242 4.88 12.50 -3.87
CA GLY E 242 4.55 11.52 -2.86
C GLY E 242 5.30 10.23 -3.10
N VAL E 243 6.12 9.78 -2.17
CA VAL E 243 6.80 8.49 -2.24
C VAL E 243 6.03 7.50 -1.38
N ARG E 244 5.18 6.67 -1.99
CA ARG E 244 4.44 5.62 -1.29
C ARG E 244 5.25 4.36 -1.09
N GLN E 245 6.13 4.04 -2.04
CA GLN E 245 7.09 2.95 -1.97
C GLN E 245 8.27 3.29 -2.88
N ASP E 246 9.48 3.29 -2.35
CA ASP E 246 10.70 3.54 -3.12
C ASP E 246 11.02 2.37 -4.07
N ILE E 247 12.06 2.46 -4.91
CA ILE E 247 12.47 1.33 -5.76
C ILE E 247 12.71 0.09 -4.91
N THR E 248 11.93 -0.97 -5.15
CA THR E 248 12.07 -2.28 -4.51
C THR E 248 12.27 -3.35 -5.56
N VAL E 249 13.03 -4.39 -5.23
CA VAL E 249 13.51 -5.41 -6.17
C VAL E 249 13.23 -6.81 -5.64
N LYS E 250 12.72 -7.69 -6.50
CA LYS E 250 12.50 -9.11 -6.19
C LYS E 250 13.13 -9.97 -7.26
N PHE E 251 13.86 -11.00 -6.84
CA PHE E 251 14.40 -12.04 -7.70
C PHE E 251 13.34 -13.12 -7.95
N LEU E 252 12.87 -13.24 -9.20
CA LEU E 252 11.93 -14.25 -9.63
C LEU E 252 12.67 -15.41 -10.27
N ASP E 253 12.32 -16.63 -9.89
CA ASP E 253 12.96 -17.86 -10.39
C ASP E 253 11.96 -19.00 -10.63
N GLN E 254 10.70 -18.85 -10.23
CA GLN E 254 9.62 -19.80 -10.51
C GLN E 254 8.43 -19.19 -11.24
N ALA E 255 8.34 -17.87 -11.32
CA ALA E 255 7.21 -17.16 -11.89
C ALA E 255 6.96 -17.47 -13.38
N THR E 256 5.73 -17.26 -13.80
CA THR E 256 5.32 -17.26 -15.20
C THR E 256 5.08 -15.84 -15.66
N LEU E 257 5.60 -15.47 -16.81
CA LEU E 257 5.42 -14.16 -17.43
C LEU E 257 4.60 -14.34 -18.70
N GLY E 258 3.60 -13.50 -18.94
CA GLY E 258 2.71 -13.61 -20.09
C GLY E 258 1.77 -14.83 -20.05
N THR E 259 0.97 -15.00 -21.09
CA THR E 259 -0.05 -16.07 -21.17
C THR E 259 -0.28 -16.53 -22.61
N GLY E 260 -0.89 -17.71 -22.79
CA GLY E 260 -1.10 -18.32 -24.11
C GLY E 260 0.20 -18.60 -24.86
N GLU E 261 0.24 -18.28 -26.15
CA GLU E 261 1.43 -18.49 -26.99
C GLU E 261 2.67 -17.70 -26.55
N ASN E 262 2.48 -16.63 -25.78
CA ASN E 262 3.56 -15.79 -25.27
C ASN E 262 4.07 -16.22 -23.88
N GLN E 263 3.56 -17.30 -23.30
CA GLN E 263 3.86 -17.69 -21.92
C GLN E 263 5.31 -18.11 -21.73
N ILE E 264 6.05 -17.45 -20.84
CA ILE E 264 7.39 -17.86 -20.38
C ILE E 264 7.23 -18.40 -18.97
N ASN E 265 7.54 -19.67 -18.72
CA ASN E 265 7.65 -20.21 -17.37
C ASN E 265 9.12 -20.21 -16.99
N LEU E 266 9.55 -19.42 -16.01
CA LEU E 266 10.98 -19.20 -15.77
C LEU E 266 11.70 -20.48 -15.37
N ALA E 267 11.09 -21.32 -14.53
CA ALA E 267 11.74 -22.51 -14.00
C ALA E 267 12.05 -23.57 -15.07
N GLU E 268 11.12 -23.85 -15.98
CA GLU E 268 11.31 -24.87 -17.01
C GLU E 268 12.11 -24.38 -18.22
N ARG E 269 12.37 -23.08 -18.36
CA ARG E 269 13.29 -22.55 -19.38
C ARG E 269 14.69 -22.26 -18.84
N ASP E 270 14.95 -22.61 -17.59
CA ASP E 270 16.18 -22.31 -16.88
C ASP E 270 16.52 -20.81 -16.84
N MET E 271 15.54 -19.98 -16.52
CA MET E 271 15.67 -18.52 -16.46
C MET E 271 15.42 -17.97 -15.07
N VAL E 272 15.80 -16.72 -14.88
CA VAL E 272 15.48 -15.91 -13.71
C VAL E 272 15.15 -14.50 -14.18
N ALA E 273 14.52 -13.69 -13.34
CA ALA E 273 14.21 -12.31 -13.67
C ALA E 273 14.30 -11.42 -12.44
N LEU E 274 14.50 -10.13 -12.65
CA LEU E 274 14.31 -9.11 -11.62
C LEU E 274 13.00 -8.41 -11.89
N ARG E 275 12.17 -8.27 -10.87
CA ARG E 275 11.02 -7.35 -10.86
C ARG E 275 11.43 -6.12 -10.07
N LEU E 276 11.33 -4.95 -10.68
CA LEU E 276 11.51 -3.67 -9.99
C LEU E 276 10.20 -2.92 -9.98
N LYS E 277 9.86 -2.29 -8.86
CA LYS E 277 8.66 -1.47 -8.74
C LYS E 277 8.82 -0.34 -7.73
N ALA E 278 8.08 0.73 -7.92
CA ALA E 278 7.90 1.82 -6.96
C ALA E 278 6.52 2.42 -7.12
N ARG E 279 5.99 3.05 -6.06
CA ARG E 279 4.73 3.79 -6.11
C ARG E 279 4.97 5.26 -5.81
N PHE E 280 4.53 6.12 -6.72
CA PHE E 280 4.73 7.57 -6.68
C PHE E 280 3.42 8.32 -6.88
N ALA E 281 3.34 9.52 -6.34
CA ALA E 281 2.27 10.47 -6.58
C ALA E 281 2.85 11.85 -6.87
N TYR E 282 2.08 12.73 -7.48
CA TYR E 282 2.45 14.12 -7.72
C TYR E 282 1.24 15.01 -7.55
N VAL E 283 1.42 16.18 -6.92
CA VAL E 283 0.40 17.22 -6.81
C VAL E 283 1.00 18.59 -7.08
N LEU E 284 0.26 19.43 -7.80
CA LEU E 284 0.60 20.83 -8.01
C LEU E 284 -0.39 21.70 -7.24
N GLY E 285 0.07 22.53 -6.32
CA GLY E 285 -0.76 23.32 -5.43
C GLY E 285 -1.37 24.56 -6.06
N VAL E 286 -2.02 24.43 -7.23
CA VAL E 286 -2.77 25.50 -7.89
C VAL E 286 -3.91 25.94 -6.99
N SER E 287 -3.96 27.20 -6.59
CA SER E 287 -4.90 27.70 -5.58
C SER E 287 -5.11 29.20 -5.72
N ALA E 288 -6.03 29.76 -4.95
CA ALA E 288 -6.04 31.19 -4.76
C ALA E 288 -4.75 31.68 -4.07
N THR E 289 -4.40 32.92 -4.34
CA THR E 289 -3.36 33.73 -3.66
C THR E 289 -3.96 35.12 -3.46
N SER E 290 -3.31 36.02 -2.73
CA SER E 290 -3.79 37.38 -2.53
C SER E 290 -4.17 38.13 -3.81
N VAL E 291 -3.61 37.75 -4.96
CA VAL E 291 -3.88 38.34 -6.28
C VAL E 291 -5.24 37.93 -6.85
N GLY E 292 -5.69 36.69 -6.61
CA GLY E 292 -6.90 36.16 -7.22
C GLY E 292 -7.05 34.65 -7.07
N ALA E 293 -8.13 34.10 -7.61
CA ALA E 293 -8.40 32.67 -7.61
C ALA E 293 -7.57 31.93 -8.66
N ASN E 294 -7.34 30.62 -8.47
CA ASN E 294 -6.76 29.71 -9.46
C ASN E 294 -5.44 30.21 -10.08
N GLN E 295 -4.42 30.45 -9.27
CA GLN E 295 -3.13 30.96 -9.70
C GLN E 295 -2.11 29.82 -9.78
N THR E 296 -1.44 29.65 -10.92
CA THR E 296 -0.49 28.54 -11.15
C THR E 296 0.91 28.85 -10.63
N PRO E 297 1.55 27.98 -9.83
CA PRO E 297 2.85 28.25 -9.21
C PRO E 297 4.08 27.94 -10.08
N VAL E 298 3.91 27.80 -11.38
CA VAL E 298 4.97 27.38 -12.32
C VAL E 298 4.85 28.10 -13.65
N GLY E 299 5.99 28.47 -14.23
CA GLY E 299 6.13 29.10 -15.54
C GLY E 299 7.23 28.43 -16.35
N VAL E 300 7.28 28.66 -17.66
CA VAL E 300 8.21 27.98 -18.56
C VAL E 300 8.85 28.92 -19.58
N VAL E 301 10.14 28.76 -19.84
CA VAL E 301 10.82 29.37 -20.99
C VAL E 301 10.75 28.38 -22.14
N THR E 302 10.02 28.67 -23.19
CA THR E 302 9.91 27.79 -24.37
C THR E 302 11.01 28.09 -25.39
N PRO E 303 11.44 27.13 -26.23
CA PRO E 303 12.55 27.33 -27.14
C PRO E 303 12.26 28.36 -28.22
N ASP E 304 13.33 28.91 -28.79
CA ASP E 304 13.24 29.78 -29.95
C ASP E 304 12.96 28.95 -31.21
N VAL E 305 11.82 29.18 -31.85
CA VAL E 305 11.40 28.45 -33.05
C VAL E 305 11.19 29.37 -34.26
N THR E 306 11.58 30.64 -34.17
CA THR E 306 11.43 31.61 -35.28
C THR E 306 12.64 32.50 -35.51
N ALA E 307 13.44 32.81 -34.48
CA ALA E 307 14.63 33.67 -34.52
C ALA E 307 15.95 32.88 -34.37
N ALA F 2 100.82 43.19 -59.62
CA ALA F 2 101.04 44.37 -58.78
C ALA F 2 100.61 44.17 -57.32
N ASP F 3 99.80 43.15 -57.02
CA ASP F 3 99.30 42.85 -55.68
C ASP F 3 98.96 41.36 -55.51
N ILE F 4 98.85 40.89 -54.27
CA ILE F 4 98.33 39.56 -53.95
C ILE F 4 96.86 39.71 -53.56
N SER F 5 95.93 39.17 -54.35
CA SER F 5 94.51 39.12 -53.97
C SER F 5 94.21 37.93 -53.06
N ARG F 6 93.08 37.98 -52.36
CA ARG F 6 92.64 36.87 -51.50
C ARG F 6 92.44 35.57 -52.26
N ALA F 7 91.94 35.65 -53.50
CA ALA F 7 91.74 34.49 -54.35
C ALA F 7 93.04 33.72 -54.60
N GLU F 8 94.13 34.42 -54.93
CA GLU F 8 95.40 33.79 -55.27
C GLU F 8 96.30 33.45 -54.07
N VAL F 9 95.82 33.66 -52.85
CA VAL F 9 96.32 32.98 -51.64
C VAL F 9 95.75 31.56 -51.51
N ALA F 10 94.64 31.27 -52.19
CA ALA F 10 94.00 29.95 -52.26
C ALA F 10 93.88 29.25 -50.89
N THR F 11 94.12 27.95 -50.83
CA THR F 11 93.85 27.09 -49.67
C THR F 11 94.76 27.35 -48.47
N LEU F 12 95.65 28.34 -48.52
CA LEU F 12 96.35 28.82 -47.32
C LEU F 12 95.40 29.47 -46.31
N ILE F 13 94.23 29.93 -46.78
CA ILE F 13 93.10 30.31 -45.94
C ILE F 13 92.16 29.12 -45.86
N GLN F 14 91.95 28.56 -44.68
CA GLN F 14 91.09 27.40 -44.44
C GLN F 14 89.69 27.84 -43.98
N GLU F 15 88.65 27.22 -44.52
CA GLU F 15 87.26 27.42 -44.08
C GLU F 15 87.00 26.61 -42.81
N ALA F 16 86.26 27.17 -41.84
CA ALA F 16 85.98 26.53 -40.57
C ALA F 16 84.59 25.86 -40.54
N TYR F 17 84.38 24.99 -39.57
CA TYR F 17 83.07 24.42 -39.25
C TYR F 17 82.44 24.68 -37.87
N SER F 18 81.11 24.78 -37.82
CA SER F 18 80.40 24.99 -36.55
C SER F 18 79.01 24.37 -36.55
N ASP F 19 78.74 23.45 -35.65
CA ASP F 19 77.44 22.76 -35.55
C ASP F 19 76.36 23.56 -34.81
N THR F 20 76.57 24.86 -34.57
CA THR F 20 75.73 25.71 -33.72
C THR F 20 74.26 25.74 -34.15
N LEU F 21 73.99 25.66 -35.46
CA LEU F 21 72.64 25.66 -36.02
C LEU F 21 72.07 24.25 -36.28
N LEU F 22 72.84 23.18 -36.07
CA LEU F 22 72.50 21.84 -36.54
C LEU F 22 71.35 21.21 -35.77
N ALA F 23 71.43 21.24 -34.43
CA ALA F 23 70.54 20.51 -33.57
C ALA F 23 69.07 20.93 -33.72
N ALA F 24 68.17 19.95 -33.75
CA ALA F 24 66.73 20.15 -33.85
C ALA F 24 66.01 19.31 -32.78
N ALA F 25 65.06 19.91 -32.07
CA ALA F 25 64.21 19.21 -31.11
C ALA F 25 63.20 18.32 -31.83
N LYS F 26 62.88 17.16 -31.26
CA LYS F 26 61.88 16.22 -31.78
C LYS F 26 60.60 16.30 -30.97
N GLN F 27 59.46 16.27 -31.66
CA GLN F 27 58.13 16.33 -31.05
C GLN F 27 57.47 14.95 -31.10
N GLY F 28 57.01 14.45 -29.95
CA GLY F 28 56.31 13.17 -29.85
C GLY F 28 54.91 13.20 -30.46
N SER F 29 54.21 12.07 -30.42
CA SER F 29 52.77 12.00 -30.74
C SER F 29 51.94 12.80 -29.72
N THR F 30 50.94 13.52 -30.21
CA THR F 30 49.90 14.11 -29.37
C THR F 30 49.02 13.05 -28.76
N VAL F 31 48.49 12.11 -29.54
CA VAL F 31 47.49 11.18 -29.02
C VAL F 31 48.03 10.25 -27.94
N LEU F 32 49.30 9.85 -28.01
CA LEU F 32 49.94 9.08 -26.94
C LEU F 32 50.12 9.85 -25.62
N SER F 33 49.86 11.15 -25.60
CA SER F 33 49.94 11.98 -24.39
C SER F 33 48.58 12.53 -23.95
N ALA F 34 47.64 12.70 -24.89
CA ALA F 34 46.29 13.15 -24.60
C ALA F 34 45.39 12.07 -23.97
N PHE F 35 45.67 10.80 -24.24
CA PHE F 35 44.78 9.68 -23.96
C PHE F 35 45.50 8.55 -23.22
N GLN F 36 44.75 7.60 -22.65
CA GLN F 36 45.35 6.45 -21.97
C GLN F 36 45.98 5.49 -22.98
N ASN F 37 47.20 5.05 -22.68
CA ASN F 37 47.91 4.04 -23.44
C ASN F 37 47.67 2.67 -22.80
N VAL F 38 47.10 1.74 -23.55
CA VAL F 38 46.71 0.40 -23.11
C VAL F 38 47.72 -0.60 -23.66
N ASN F 39 48.37 -1.39 -22.81
CA ASN F 39 49.26 -2.45 -23.28
C ASN F 39 48.45 -3.53 -24.01
N MET F 40 49.02 -4.10 -25.07
CA MET F 40 48.44 -5.25 -25.77
C MET F 40 49.47 -6.37 -25.87
N GLY F 41 49.03 -7.63 -25.73
CA GLY F 41 49.85 -8.82 -25.93
C GLY F 41 49.47 -9.65 -27.16
N THR F 42 48.42 -9.27 -27.88
CA THR F 42 47.90 -9.91 -29.09
C THR F 42 47.49 -8.82 -30.08
N LYS F 43 47.27 -9.15 -31.35
CA LYS F 43 46.71 -8.21 -32.32
C LYS F 43 45.40 -7.58 -31.85
N THR F 44 44.47 -8.33 -31.27
CA THR F 44 43.13 -7.84 -30.95
C THR F 44 42.81 -7.92 -29.46
N THR F 45 42.26 -6.83 -28.91
CA THR F 45 41.58 -6.81 -27.61
C THR F 45 40.11 -6.45 -27.82
N HIS F 46 39.21 -7.18 -27.17
CA HIS F 46 37.78 -6.91 -27.09
C HIS F 46 37.42 -6.08 -25.86
N LEU F 47 36.51 -5.13 -26.01
CA LEU F 47 36.00 -4.27 -24.95
C LEU F 47 34.46 -4.26 -25.00
N PRO F 48 33.75 -4.86 -24.03
CA PRO F 48 32.31 -4.75 -23.95
C PRO F 48 31.90 -3.34 -23.53
N VAL F 49 30.80 -2.83 -24.09
CA VAL F 49 30.18 -1.55 -23.72
C VAL F 49 28.69 -1.73 -23.54
N LEU F 50 28.07 -0.97 -22.66
CA LEU F 50 26.62 -0.91 -22.57
C LEU F 50 26.04 -0.30 -23.86
N ALA F 51 24.94 -0.84 -24.39
CA ALA F 51 24.45 -0.48 -25.72
C ALA F 51 22.94 -0.22 -25.82
N THR F 52 22.14 -0.56 -24.82
CA THR F 52 20.70 -0.25 -24.78
C THR F 52 20.21 -0.20 -23.33
N LEU F 53 19.22 0.65 -23.06
CA LEU F 53 18.66 0.91 -21.75
C LEU F 53 17.29 0.21 -21.60
N PRO F 54 16.94 -0.34 -20.42
CA PRO F 54 15.62 -0.89 -20.19
C PRO F 54 14.58 0.22 -20.12
N GLU F 55 13.30 -0.11 -20.25
CA GLU F 55 12.20 0.85 -20.17
C GLU F 55 11.09 0.35 -19.25
N ALA F 56 10.74 1.13 -18.23
CA ALA F 56 9.66 0.83 -17.29
C ALA F 56 8.29 1.30 -17.82
N GLY F 57 7.21 0.86 -17.19
CA GLY F 57 5.86 1.32 -17.49
C GLY F 57 5.02 1.57 -16.24
N TRP F 58 4.05 2.46 -16.32
CA TRP F 58 3.02 2.61 -15.30
C TRP F 58 2.03 1.45 -15.39
N VAL F 59 1.64 0.87 -14.26
CA VAL F 59 0.75 -0.31 -14.21
C VAL F 59 -0.49 -0.02 -13.37
N GLY F 60 -1.61 -0.62 -13.76
CA GLY F 60 -2.85 -0.57 -13.00
C GLY F 60 -2.83 -1.49 -11.79
N GLU F 61 -4.00 -1.95 -11.40
CA GLU F 61 -4.16 -2.98 -10.36
C GLU F 61 -5.39 -3.80 -10.70
N SER F 62 -5.19 -5.04 -11.16
CA SER F 62 -6.27 -5.92 -11.57
C SER F 62 -5.79 -7.37 -11.69
N ALA F 63 -6.59 -8.33 -11.23
CA ALA F 63 -6.37 -9.75 -11.48
C ALA F 63 -6.77 -10.19 -12.90
N THR F 64 -7.49 -9.37 -13.67
CA THR F 64 -8.11 -9.79 -14.94
C THR F 64 -7.79 -8.91 -16.14
N GLU F 65 -7.63 -7.60 -15.97
CA GLU F 65 -7.47 -6.65 -17.08
C GLU F 65 -6.00 -6.51 -17.52
N PRO F 66 -5.68 -6.33 -18.81
CA PRO F 66 -4.31 -6.30 -19.29
C PRO F 66 -3.47 -5.15 -18.74
N GLU F 67 -4.08 -4.05 -18.29
CA GLU F 67 -3.39 -2.94 -17.63
C GLU F 67 -2.74 -3.34 -16.30
N GLY F 68 -3.18 -4.44 -15.68
CA GLY F 68 -2.65 -4.89 -14.39
C GLY F 68 -1.31 -5.61 -14.45
N VAL F 69 -0.74 -5.83 -15.64
CA VAL F 69 0.43 -6.68 -15.86
C VAL F 69 1.70 -5.85 -16.02
N ILE F 70 2.76 -6.18 -15.29
CA ILE F 70 4.05 -5.49 -15.35
C ILE F 70 4.74 -5.77 -16.70
N PRO F 71 5.26 -4.75 -17.42
CA PRO F 71 5.95 -4.96 -18.69
C PRO F 71 7.28 -5.69 -18.54
N THR F 72 7.61 -6.52 -19.52
CA THR F 72 9.00 -6.90 -19.74
C THR F 72 9.96 -5.96 -20.50
N SER F 73 11.26 -6.05 -20.21
CA SER F 73 12.27 -5.22 -20.86
C SER F 73 13.65 -5.85 -20.85
N LYS F 74 14.59 -5.29 -21.61
CA LYS F 74 15.94 -5.81 -21.82
C LYS F 74 17.01 -4.72 -21.68
N VAL F 75 18.12 -5.03 -21.03
CA VAL F 75 19.39 -4.30 -21.15
C VAL F 75 20.24 -4.98 -22.22
N THR F 76 21.04 -4.28 -23.03
CA THR F 76 21.95 -4.95 -23.97
C THR F 76 23.33 -4.31 -24.01
N TRP F 77 24.32 -5.07 -24.49
CA TRP F 77 25.73 -4.70 -24.59
C TRP F 77 26.26 -5.00 -26.00
N ALA F 78 27.34 -4.34 -26.38
CA ALA F 78 27.98 -4.47 -27.68
C ALA F 78 29.50 -4.52 -27.52
N ASN F 79 30.23 -4.89 -28.58
CA ASN F 79 31.68 -5.00 -28.56
C ASN F 79 32.33 -3.82 -29.28
N ARG F 80 33.45 -3.34 -28.74
CA ARG F 80 34.40 -2.44 -29.39
C ARG F 80 35.75 -3.14 -29.37
N THR F 81 36.61 -2.95 -30.37
CA THR F 81 37.89 -3.66 -30.45
C THR F 81 39.06 -2.73 -30.69
N LEU F 82 40.12 -2.87 -29.91
CA LEU F 82 41.46 -2.43 -30.27
C LEU F 82 42.07 -3.48 -31.21
N VAL F 83 42.42 -3.12 -32.43
CA VAL F 83 43.13 -3.99 -33.39
C VAL F 83 44.47 -3.35 -33.73
N ALA F 84 45.58 -3.98 -33.36
CA ALA F 84 46.90 -3.45 -33.62
C ALA F 84 47.28 -3.57 -35.09
N GLU F 85 47.86 -2.51 -35.63
CA GLU F 85 48.38 -2.45 -36.99
C GLU F 85 49.76 -1.81 -36.97
N GLU F 86 50.57 -2.08 -37.99
CA GLU F 86 51.98 -1.71 -38.00
C GLU F 86 52.26 -0.47 -38.84
N VAL F 87 53.04 0.44 -38.30
CA VAL F 87 53.55 1.62 -38.98
C VAL F 87 55.06 1.56 -38.95
N ALA F 88 55.70 1.85 -40.08
CA ALA F 88 57.13 1.65 -40.24
C ALA F 88 57.75 2.51 -41.34
N VAL F 89 59.08 2.60 -41.34
CA VAL F 89 59.89 3.20 -42.41
C VAL F 89 61.26 2.53 -42.48
N ILE F 90 61.88 2.48 -43.65
CA ILE F 90 63.29 2.12 -43.83
C ILE F 90 64.06 3.31 -44.37
N ILE F 91 65.18 3.70 -43.75
CA ILE F 91 65.99 4.82 -44.24
C ILE F 91 67.37 4.31 -44.69
N PRO F 92 67.65 4.18 -46.00
CA PRO F 92 68.90 3.68 -46.52
C PRO F 92 69.94 4.78 -46.74
N VAL F 93 71.22 4.48 -46.50
CA VAL F 93 72.35 5.42 -46.61
C VAL F 93 73.65 4.68 -46.99
N PRO F 94 74.56 5.26 -47.79
CA PRO F 94 75.83 4.62 -48.11
C PRO F 94 76.73 4.46 -46.89
N GLU F 95 77.41 3.33 -46.77
CA GLU F 95 78.28 3.07 -45.62
C GLU F 95 79.50 4.00 -45.60
N ALA F 96 79.94 4.48 -46.77
CA ALA F 96 80.98 5.48 -46.89
C ALA F 96 80.60 6.82 -46.26
N VAL F 97 79.36 7.27 -46.44
CA VAL F 97 78.85 8.52 -45.86
C VAL F 97 78.85 8.46 -44.34
N ILE F 98 78.48 7.32 -43.75
CA ILE F 98 78.52 7.13 -42.30
C ILE F 98 79.95 7.23 -41.76
N ASP F 99 80.95 6.79 -42.51
CA ASP F 99 82.36 6.88 -42.11
C ASP F 99 82.94 8.29 -42.32
N ASP F 100 82.59 8.96 -43.40
CA ASP F 100 83.04 10.32 -43.69
C ASP F 100 82.48 11.35 -42.71
N ALA F 101 81.20 11.26 -42.35
CA ALA F 101 80.51 12.24 -41.53
C ALA F 101 81.09 12.38 -40.12
N THR F 102 81.11 13.60 -39.60
CA THR F 102 81.68 13.95 -38.28
C THR F 102 80.69 13.81 -37.12
N VAL F 103 79.43 13.50 -37.41
CA VAL F 103 78.36 13.21 -36.45
C VAL F 103 77.79 11.83 -36.70
N ALA F 104 77.25 11.17 -35.69
CA ALA F 104 76.59 9.88 -35.83
C ALA F 104 75.26 10.00 -36.59
N ILE F 105 75.30 9.97 -37.93
CA ILE F 105 74.11 10.11 -38.80
C ILE F 105 73.04 9.11 -38.40
N LEU F 106 73.41 7.87 -38.10
CA LEU F 106 72.44 6.83 -37.72
C LEU F 106 71.68 7.15 -36.42
N THR F 107 72.23 7.94 -35.52
CA THR F 107 71.49 8.42 -34.34
C THR F 107 70.41 9.41 -34.74
N GLU F 108 70.73 10.45 -35.51
CA GLU F 108 69.70 11.40 -35.92
C GLU F 108 68.68 10.74 -36.86
N VAL F 109 69.08 9.81 -37.71
CA VAL F 109 68.14 9.08 -38.58
C VAL F 109 67.14 8.26 -37.77
N ALA F 110 67.57 7.62 -36.68
CA ALA F 110 66.66 6.92 -35.79
C ALA F 110 65.68 7.89 -35.11
N GLU F 111 66.14 9.02 -34.61
CA GLU F 111 65.30 10.03 -33.96
C GLU F 111 64.30 10.67 -34.93
N GLN F 112 64.72 11.01 -36.15
CA GLN F 112 63.83 11.53 -37.17
C GLN F 112 62.78 10.49 -37.62
N GLY F 113 63.16 9.22 -37.70
CA GLY F 113 62.21 8.14 -38.01
C GLY F 113 61.18 7.93 -36.90
N GLY F 114 61.60 8.01 -35.63
CA GLY F 114 60.67 7.96 -34.50
C GLY F 114 59.65 9.09 -34.52
N GLN F 115 60.07 10.32 -34.80
CA GLN F 115 59.15 11.45 -34.99
C GLN F 115 58.19 11.25 -36.16
N ALA F 116 58.65 10.69 -37.28
CA ALA F 116 57.81 10.43 -38.44
C ALA F 116 56.72 9.38 -38.16
N ILE F 117 57.03 8.36 -37.35
CA ILE F 117 56.02 7.41 -36.88
C ILE F 117 55.01 8.11 -35.96
N GLY F 118 55.46 8.92 -35.02
CA GLY F 118 54.59 9.72 -34.15
C GLY F 118 53.61 10.61 -34.92
N LYS F 119 54.07 11.30 -35.97
CA LYS F 119 53.19 12.06 -36.87
C LYS F 119 52.16 11.16 -37.53
N LYS F 120 52.56 10.02 -38.06
CA LYS F 120 51.69 9.12 -38.83
C LYS F 120 50.62 8.47 -37.94
N LEU F 121 50.89 8.27 -36.66
CA LEU F 121 49.88 7.88 -35.68
C LEU F 121 48.83 8.97 -35.44
N ASP F 122 49.25 10.20 -35.13
CA ASP F 122 48.32 11.30 -34.89
C ASP F 122 47.41 11.58 -36.07
N GLN F 123 47.93 11.53 -37.30
CA GLN F 123 47.13 11.69 -38.51
C GLN F 123 46.01 10.66 -38.63
N ALA F 124 46.28 9.40 -38.30
CA ALA F 124 45.29 8.34 -38.41
C ALA F 124 44.21 8.49 -37.34
N VAL F 125 44.61 8.66 -36.08
CA VAL F 125 43.68 8.74 -34.95
C VAL F 125 42.81 9.99 -34.99
N ILE F 126 43.38 11.16 -35.26
CA ILE F 126 42.63 12.42 -35.21
C ILE F 126 41.85 12.64 -36.49
N PHE F 127 42.51 12.59 -37.65
CA PHE F 127 41.90 13.02 -38.91
C PHE F 127 41.39 11.89 -39.79
N GLY F 128 41.79 10.65 -39.52
CA GLY F 128 41.46 9.50 -40.36
C GLY F 128 42.31 9.41 -41.63
N ILE F 129 43.40 10.17 -41.70
CA ILE F 129 44.33 10.19 -42.84
C ILE F 129 45.15 8.90 -42.81
N ASP F 130 45.08 8.10 -43.88
CA ASP F 130 45.72 6.78 -43.97
C ASP F 130 45.31 5.76 -42.90
N LYS F 131 44.16 5.94 -42.22
CA LYS F 131 43.73 5.04 -41.14
C LYS F 131 43.68 3.59 -41.63
N PRO F 132 44.26 2.61 -40.91
CA PRO F 132 44.13 1.20 -41.25
C PRO F 132 42.68 0.75 -41.36
N ALA F 133 42.35 -0.08 -42.35
CA ALA F 133 40.98 -0.52 -42.58
C ALA F 133 40.40 -1.39 -41.46
N SER F 134 41.26 -2.09 -40.71
CA SER F 134 40.86 -2.92 -39.57
C SER F 134 40.52 -2.11 -38.32
N TRP F 135 40.87 -0.82 -38.24
CA TRP F 135 40.40 0.06 -37.17
C TRP F 135 38.95 0.47 -37.45
N VAL F 136 37.99 -0.26 -36.90
CA VAL F 136 36.56 -0.01 -37.18
C VAL F 136 36.00 1.24 -36.50
N SER F 137 36.64 1.71 -35.43
CA SER F 137 36.30 3.02 -34.83
C SER F 137 36.57 4.13 -35.83
N PRO F 138 35.65 5.09 -36.05
CA PRO F 138 35.94 6.26 -36.85
C PRO F 138 36.99 7.13 -36.15
N ALA F 139 37.81 7.85 -36.90
CA ALA F 139 38.79 8.79 -36.33
C ALA F 139 38.07 10.00 -35.71
N LEU F 140 38.72 10.70 -34.77
CA LEU F 140 38.05 11.71 -33.94
C LEU F 140 37.29 12.78 -34.75
N VAL F 141 37.87 13.33 -35.82
CA VAL F 141 37.18 14.33 -36.66
C VAL F 141 36.02 13.73 -37.45
N PRO F 142 36.18 12.65 -38.24
CA PRO F 142 35.05 12.00 -38.91
C PRO F 142 33.96 11.51 -37.97
N ALA F 143 34.30 11.03 -36.77
CA ALA F 143 33.35 10.61 -35.76
C ALA F 143 32.43 11.77 -35.34
N ALA F 144 33.01 12.91 -34.99
CA ALA F 144 32.28 14.10 -34.61
C ALA F 144 31.40 14.63 -35.75
N VAL F 145 31.91 14.68 -36.97
CA VAL F 145 31.14 15.12 -38.14
C VAL F 145 29.95 14.20 -38.40
N ALA F 146 30.15 12.88 -38.44
CA ALA F 146 29.08 11.93 -38.67
C ALA F 146 28.03 11.94 -37.56
N ALA F 147 28.44 12.15 -36.31
CA ALA F 147 27.55 12.27 -35.16
C ALA F 147 26.72 13.57 -35.12
N GLY F 148 27.00 14.55 -35.98
CA GLY F 148 26.35 15.86 -35.94
C GLY F 148 26.87 16.78 -34.83
N GLN F 149 28.09 16.53 -34.34
CA GLN F 149 28.76 17.28 -33.28
C GLN F 149 29.87 18.20 -33.81
N ALA F 150 29.71 18.67 -35.05
CA ALA F 150 30.60 19.61 -35.71
C ALA F 150 30.00 21.01 -35.76
N ILE F 151 30.76 22.02 -35.35
CA ILE F 151 30.37 23.45 -35.40
C ILE F 151 31.36 24.22 -36.27
N ALA F 152 30.89 24.93 -37.29
CA ALA F 152 31.76 25.77 -38.10
C ALA F 152 32.15 27.04 -37.35
N HIS F 153 33.45 27.30 -37.24
CA HIS F 153 33.98 28.56 -36.75
C HIS F 153 33.57 29.73 -37.66
N VAL F 154 33.31 30.90 -37.09
CA VAL F 154 33.14 32.15 -37.83
C VAL F 154 34.21 33.14 -37.41
N SER F 155 35.11 33.45 -38.33
CA SER F 155 36.26 34.31 -38.11
C SER F 155 35.87 35.80 -38.12
N GLY F 156 36.80 36.67 -37.74
CA GLY F 156 36.60 38.12 -37.69
C GLY F 156 36.28 38.62 -36.29
N VAL F 157 35.29 39.50 -36.17
CA VAL F 157 34.85 40.08 -34.89
C VAL F 157 34.37 39.01 -33.93
N ALA F 158 34.53 39.22 -32.62
CA ALA F 158 34.01 38.33 -31.59
C ALA F 158 32.51 38.07 -31.81
N ASN F 159 32.08 36.82 -31.69
CA ASN F 159 30.73 36.39 -32.02
C ASN F 159 30.47 35.03 -31.39
N GLU F 160 29.23 34.56 -31.30
CA GLU F 160 28.93 33.28 -30.62
C GLU F 160 29.57 32.04 -31.26
N PHE F 161 30.14 32.14 -32.46
CA PHE F 161 30.92 31.12 -33.16
C PHE F 161 32.41 31.48 -33.35
N ASP F 162 32.95 32.47 -32.63
CA ASP F 162 34.40 32.66 -32.58
C ASP F 162 35.09 31.46 -31.91
N LEU F 163 36.42 31.42 -31.80
CA LEU F 163 37.10 30.21 -31.33
C LEU F 163 36.63 29.78 -29.93
N VAL F 164 36.33 30.72 -29.05
CA VAL F 164 35.76 30.43 -27.73
C VAL F 164 34.31 29.97 -27.87
N GLY F 165 33.51 30.68 -28.63
CA GLY F 165 32.09 30.38 -28.77
C GLY F 165 31.80 29.07 -29.46
N ALA F 166 32.48 28.77 -30.55
CA ALA F 166 32.35 27.50 -31.24
C ALA F 166 32.83 26.34 -30.37
N SER F 167 33.89 26.51 -29.58
CA SER F 167 34.30 25.48 -28.62
C SER F 167 33.25 25.24 -27.55
N ASN F 168 32.59 26.29 -27.07
CA ASN F 168 31.49 26.18 -26.12
C ASN F 168 30.29 25.43 -26.72
N LYS F 169 29.88 25.75 -27.95
CA LYS F 169 28.78 25.04 -28.64
C LYS F 169 29.11 23.56 -28.87
N VAL F 170 30.36 23.23 -29.14
CA VAL F 170 30.80 21.83 -29.27
C VAL F 170 30.78 21.12 -27.93
N ALA F 171 31.34 21.70 -26.88
CA ALA F 171 31.28 21.10 -25.55
C ALA F 171 29.84 20.91 -25.08
N GLU F 172 28.93 21.84 -25.37
CA GLU F 172 27.51 21.67 -25.10
C GLU F 172 26.97 20.40 -25.74
N LYS F 173 27.23 20.14 -27.02
CA LYS F 173 26.79 18.90 -27.70
C LYS F 173 27.40 17.64 -27.10
N VAL F 174 28.69 17.63 -26.74
CA VAL F 174 29.30 16.47 -26.08
C VAL F 174 28.70 16.24 -24.69
N ALA F 175 28.39 17.30 -23.94
CA ALA F 175 27.75 17.19 -22.64
C ALA F 175 26.28 16.74 -22.74
N LEU F 176 25.54 17.22 -23.71
CA LEU F 176 24.15 16.78 -23.97
C LEU F 176 24.06 15.35 -24.50
N ALA F 177 25.14 14.78 -25.03
CA ALA F 177 25.24 13.35 -25.29
C ALA F 177 25.44 12.52 -24.01
N GLY F 178 25.74 13.15 -22.88
CA GLY F 178 25.97 12.48 -21.60
C GLY F 178 27.43 12.19 -21.28
N TRP F 179 28.36 12.61 -22.12
CA TRP F 179 29.80 12.51 -21.88
C TRP F 179 30.33 13.76 -21.17
N ALA F 180 31.56 13.73 -20.66
CA ALA F 180 32.20 14.86 -20.02
C ALA F 180 33.30 15.43 -20.92
N PRO F 181 33.07 16.50 -21.70
CA PRO F 181 34.11 17.08 -22.53
C PRO F 181 35.22 17.66 -21.65
N ASP F 182 36.42 17.11 -21.72
CA ASP F 182 37.49 17.43 -20.77
C ASP F 182 38.85 17.69 -21.44
N THR F 183 38.93 17.52 -22.75
CA THR F 183 40.19 17.56 -23.50
C THR F 183 39.99 18.32 -24.79
N LEU F 184 40.93 19.21 -25.13
CA LEU F 184 40.97 19.94 -26.39
C LEU F 184 42.28 19.64 -27.13
N LEU F 185 42.21 19.16 -28.36
CA LEU F 185 43.36 19.01 -29.26
C LEU F 185 43.33 20.14 -30.29
N SER F 186 44.44 20.81 -30.54
CA SER F 186 44.53 21.85 -31.57
C SER F 186 45.97 22.10 -32.02
N SER F 187 46.19 22.89 -33.07
CA SER F 187 47.50 23.45 -33.39
C SER F 187 47.81 24.64 -32.49
N LEU F 188 49.04 25.16 -32.52
CA LEU F 188 49.36 26.41 -31.81
C LEU F 188 48.55 27.63 -32.31
N ALA F 189 47.90 27.57 -33.48
CA ALA F 189 47.12 28.68 -34.01
C ALA F 189 46.02 29.11 -33.04
N LEU F 190 45.33 28.16 -32.41
CA LEU F 190 44.25 28.46 -31.48
C LEU F 190 44.74 29.30 -30.28
N ARG F 191 45.99 29.13 -29.85
CA ARG F 191 46.57 29.92 -28.76
C ARG F 191 46.81 31.37 -29.16
N TYR F 192 47.36 31.63 -30.34
CA TYR F 192 47.60 32.99 -30.81
C TYR F 192 46.33 33.67 -31.31
N GLN F 193 45.41 32.97 -31.95
CA GLN F 193 44.22 33.57 -32.53
C GLN F 193 43.23 34.03 -31.47
N VAL F 194 43.06 33.29 -30.37
CA VAL F 194 42.20 33.75 -29.26
C VAL F 194 42.70 35.05 -28.66
N ALA F 195 44.00 35.18 -28.42
CA ALA F 195 44.60 36.38 -27.87
C ALA F 195 44.51 37.63 -28.76
N ASN F 196 43.97 37.52 -29.98
CA ASN F 196 43.76 38.65 -30.89
C ASN F 196 42.33 38.75 -31.44
N VAL F 197 41.35 38.00 -30.92
CA VAL F 197 39.94 38.22 -31.31
C VAL F 197 39.54 39.60 -30.82
N ARG F 198 38.98 40.43 -31.70
CA ARG F 198 38.57 41.80 -31.36
C ARG F 198 37.06 41.92 -31.26
N ASP F 199 36.57 42.65 -30.28
CA ASP F 199 35.17 43.07 -30.29
C ASP F 199 34.91 44.12 -31.38
N ALA F 200 33.67 44.56 -31.54
CA ALA F 200 33.31 45.49 -32.61
C ALA F 200 33.96 46.89 -32.49
N ASP F 201 34.51 47.25 -31.34
CA ASP F 201 35.29 48.48 -31.17
C ASP F 201 36.78 48.30 -31.47
N GLY F 202 37.22 47.06 -31.62
CA GLY F 202 38.63 46.74 -31.85
C GLY F 202 39.39 46.37 -30.59
N ASN F 203 38.76 46.37 -29.43
CA ASN F 203 39.42 45.96 -28.18
C ASN F 203 39.60 44.44 -28.12
N LEU F 204 40.56 43.95 -27.34
CA LEU F 204 40.75 42.52 -27.13
C LEU F 204 39.53 41.91 -26.44
N ALA F 205 38.86 40.95 -27.07
CA ALA F 205 37.65 40.35 -26.52
C ALA F 205 37.96 39.36 -25.39
N PHE F 206 39.06 38.62 -25.50
CA PHE F 206 39.45 37.55 -24.56
C PHE F 206 40.83 37.83 -23.95
N ARG F 207 40.92 38.95 -23.23
CA ARG F 207 42.15 39.37 -22.54
C ARG F 207 42.50 38.45 -21.35
N ASP F 208 41.49 37.84 -20.74
CA ASP F 208 41.61 36.85 -19.66
C ASP F 208 42.24 35.52 -20.12
N GLY F 209 42.49 34.61 -19.18
CA GLY F 209 42.71 33.19 -19.49
C GLY F 209 41.42 32.52 -20.00
N SER F 210 41.54 31.59 -20.94
CA SER F 210 40.41 30.96 -21.64
C SER F 210 40.64 29.47 -21.91
N PHE F 211 39.60 28.74 -22.34
CA PHE F 211 39.55 27.28 -22.45
C PHE F 211 39.80 26.52 -21.14
N LEU F 212 39.56 27.16 -19.99
CA LEU F 212 39.56 26.47 -18.71
C LEU F 212 38.54 25.32 -18.72
N GLY F 213 38.83 24.26 -17.97
CA GLY F 213 38.01 23.05 -17.95
C GLY F 213 38.33 22.05 -19.08
N PHE F 214 39.14 22.44 -20.07
CA PHE F 214 39.80 21.49 -20.96
C PHE F 214 41.26 21.33 -20.57
N ASN F 215 41.76 20.10 -20.48
CA ASN F 215 43.18 19.87 -20.71
C ASN F 215 43.46 20.17 -22.18
N THR F 216 44.36 21.09 -22.50
CA THR F 216 44.66 21.45 -23.89
C THR F 216 45.98 20.82 -24.32
N HIS F 217 45.98 20.13 -25.45
CA HIS F 217 47.18 19.57 -26.06
C HIS F 217 47.41 20.22 -27.42
N PHE F 218 48.59 20.77 -27.64
CA PHE F 218 48.96 21.39 -28.90
C PHE F 218 49.78 20.43 -29.74
N ASN F 219 49.38 20.20 -30.99
CA ASN F 219 50.12 19.37 -31.92
C ASN F 219 51.27 20.14 -32.58
N ARG F 220 52.52 19.76 -32.27
CA ARG F 220 53.73 20.39 -32.82
C ARG F 220 54.47 19.55 -33.86
N ASN F 221 54.15 18.26 -34.00
CA ASN F 221 54.81 17.36 -34.95
C ASN F 221 54.31 17.48 -36.40
N GLY F 222 53.51 18.49 -36.72
CA GLY F 222 53.01 18.72 -38.08
C GLY F 222 51.89 17.78 -38.52
N ALA F 223 51.35 16.93 -37.64
CA ALA F 223 50.20 16.10 -37.98
C ALA F 223 48.91 16.89 -38.21
N TRP F 224 48.76 18.06 -37.57
CA TRP F 224 47.51 18.81 -37.63
C TRP F 224 47.10 19.19 -39.06
N ALA F 225 45.84 18.95 -39.43
CA ALA F 225 45.30 19.27 -40.73
C ALA F 225 44.33 20.45 -40.62
N PRO F 226 44.80 21.71 -40.75
CA PRO F 226 44.00 22.89 -40.42
C PRO F 226 42.81 23.12 -41.37
N THR F 227 42.77 22.45 -42.52
CA THR F 227 41.61 22.43 -43.42
C THR F 227 40.48 21.53 -42.93
N SER F 228 40.74 20.62 -41.99
CA SER F 228 39.74 19.72 -41.41
C SER F 228 39.18 20.22 -40.08
N ALA F 229 40.02 20.68 -39.16
CA ALA F 229 39.59 21.13 -37.84
C ALA F 229 40.40 22.31 -37.29
N VAL F 230 39.75 23.21 -36.56
CA VAL F 230 40.35 24.22 -35.70
C VAL F 230 40.68 23.63 -34.34
N GLY F 231 39.84 22.74 -33.84
CA GLY F 231 40.08 22.01 -32.61
C GLY F 231 39.12 20.85 -32.45
N VAL F 232 39.55 19.81 -31.73
CA VAL F 232 38.77 18.62 -31.41
C VAL F 232 38.56 18.56 -29.91
N ILE F 233 37.31 18.44 -29.47
CA ILE F 233 36.95 18.39 -28.05
C ILE F 233 36.44 17.00 -27.73
N ALA F 234 37.01 16.34 -26.73
CA ALA F 234 36.72 14.94 -26.43
C ALA F 234 36.51 14.70 -24.94
N ASP F 235 35.72 13.68 -24.61
CA ASP F 235 35.80 13.02 -23.31
C ASP F 235 36.93 12.02 -23.36
N SER F 236 38.10 12.41 -22.86
CA SER F 236 39.30 11.58 -22.93
C SER F 236 39.22 10.27 -22.15
N SER F 237 38.16 10.02 -21.36
CA SER F 237 37.96 8.70 -20.76
C SER F 237 37.51 7.67 -21.80
N ARG F 238 36.88 8.11 -22.89
CA ARG F 238 36.28 7.26 -23.92
C ARG F 238 37.16 7.02 -25.13
N VAL F 239 38.38 7.55 -25.16
CA VAL F 239 39.36 7.33 -26.22
C VAL F 239 40.53 6.56 -25.64
N LYS F 240 40.91 5.42 -26.23
CA LYS F 240 42.09 4.64 -25.80
C LYS F 240 43.03 4.42 -26.98
N ILE F 241 44.33 4.44 -26.73
CA ILE F 241 45.35 4.08 -27.70
C ILE F 241 46.01 2.78 -27.24
N GLY F 242 45.99 1.73 -28.05
CA GLY F 242 46.66 0.48 -27.74
C GLY F 242 48.09 0.50 -28.22
N VAL F 243 49.05 0.19 -27.36
CA VAL F 243 50.47 0.18 -27.71
C VAL F 243 50.98 -1.25 -27.68
N ARG F 244 50.81 -1.96 -28.81
CA ARG F 244 51.23 -3.36 -28.95
C ARG F 244 52.74 -3.50 -29.01
N GLN F 245 53.42 -2.56 -29.65
CA GLN F 245 54.87 -2.51 -29.74
C GLN F 245 55.31 -1.07 -29.92
N ASP F 246 56.13 -0.55 -29.00
CA ASP F 246 56.73 0.76 -29.11
C ASP F 246 57.75 0.83 -30.25
N ILE F 247 58.25 2.01 -30.63
CA ILE F 247 59.19 2.15 -31.75
C ILE F 247 60.47 1.35 -31.49
N THR F 248 60.77 0.42 -32.40
CA THR F 248 61.95 -0.46 -32.37
C THR F 248 62.82 -0.22 -33.60
N VAL F 249 64.14 -0.36 -33.44
CA VAL F 249 65.14 -0.13 -34.49
C VAL F 249 65.84 -1.43 -34.85
N LYS F 250 65.92 -1.75 -36.14
CA LYS F 250 66.75 -2.85 -36.69
C LYS F 250 67.73 -2.29 -37.70
N PHE F 251 69.01 -2.59 -37.53
CA PHE F 251 70.06 -2.25 -38.49
C PHE F 251 70.15 -3.29 -39.60
N LEU F 252 69.94 -2.88 -40.85
CA LEU F 252 70.01 -3.73 -42.04
C LEU F 252 71.27 -3.40 -42.84
N ASP F 253 72.13 -4.37 -43.12
CA ASP F 253 73.36 -4.21 -43.89
C ASP F 253 73.48 -5.18 -45.07
N GLN F 254 72.45 -5.97 -45.32
CA GLN F 254 72.49 -7.10 -46.25
C GLN F 254 71.14 -7.39 -46.94
N ALA F 255 70.06 -6.73 -46.53
CA ALA F 255 68.73 -6.88 -47.11
C ALA F 255 68.63 -6.30 -48.53
N THR F 256 67.57 -6.71 -49.24
CA THR F 256 67.12 -6.07 -50.49
C THR F 256 65.86 -5.26 -50.20
N LEU F 257 65.82 -4.03 -50.71
CA LEU F 257 64.68 -3.13 -50.62
C LEU F 257 64.08 -2.95 -52.02
N GLY F 258 62.78 -2.78 -52.15
CA GLY F 258 62.14 -2.60 -53.46
C GLY F 258 62.16 -3.86 -54.34
N THR F 259 61.80 -3.70 -55.61
CA THR F 259 61.75 -4.76 -56.63
C THR F 259 61.86 -4.13 -58.02
N GLY F 260 62.33 -4.88 -59.02
CA GLY F 260 62.44 -4.39 -60.40
C GLY F 260 63.37 -3.17 -60.52
N GLU F 261 62.93 -2.14 -61.23
CA GLU F 261 63.71 -0.92 -61.43
C GLU F 261 63.95 -0.11 -60.14
N ASN F 262 63.17 -0.35 -59.09
CA ASN F 262 63.32 0.31 -57.79
C ASN F 262 64.19 -0.48 -56.80
N GLN F 263 64.78 -1.61 -57.20
CA GLN F 263 65.47 -2.50 -56.28
C GLN F 263 66.81 -1.95 -55.80
N ILE F 264 67.06 -1.98 -54.48
CA ILE F 264 68.33 -1.67 -53.85
C ILE F 264 68.80 -2.92 -53.14
N ASN F 265 69.95 -3.48 -53.53
CA ASN F 265 70.60 -4.56 -52.80
C ASN F 265 71.65 -3.92 -51.88
N LEU F 266 71.46 -3.93 -50.57
CA LEU F 266 72.29 -3.10 -49.68
C LEU F 266 73.76 -3.50 -49.69
N ALA F 267 74.06 -4.80 -49.61
CA ALA F 267 75.46 -5.26 -49.59
C ALA F 267 76.18 -4.97 -50.92
N GLU F 268 75.51 -5.20 -52.03
CA GLU F 268 76.04 -4.98 -53.38
C GLU F 268 76.39 -3.51 -53.63
N ARG F 269 75.54 -2.59 -53.18
CA ARG F 269 75.74 -1.14 -53.31
C ARG F 269 76.56 -0.53 -52.19
N ASP F 270 77.07 -1.35 -51.26
CA ASP F 270 77.81 -0.90 -50.08
C ASP F 270 77.04 0.12 -49.21
N MET F 271 75.74 -0.10 -49.07
CA MET F 271 74.82 0.68 -48.27
C MET F 271 74.44 -0.06 -46.99
N VAL F 272 73.79 0.65 -46.08
CA VAL F 272 73.09 0.13 -44.90
C VAL F 272 71.76 0.87 -44.76
N ALA F 273 70.87 0.41 -43.89
CA ALA F 273 69.64 1.08 -43.59
C ALA F 273 69.21 0.85 -42.13
N LEU F 274 68.38 1.75 -41.59
CA LEU F 274 67.63 1.48 -40.36
C LEU F 274 66.18 1.20 -40.73
N ARG F 275 65.61 0.13 -40.19
CA ARG F 275 64.18 -0.12 -40.17
C ARG F 275 63.65 0.33 -38.83
N LEU F 276 62.69 1.24 -38.83
CA LEU F 276 61.94 1.66 -37.65
C LEU F 276 60.54 1.09 -37.78
N LYS F 277 60.01 0.44 -36.74
CA LYS F 277 58.62 -0.01 -36.74
C LYS F 277 57.96 0.07 -35.36
N ALA F 278 56.66 0.23 -35.35
CA ALA F 278 55.82 0.21 -34.15
C ALA F 278 54.45 -0.38 -34.48
N ARG F 279 53.75 -0.91 -33.47
CA ARG F 279 52.39 -1.44 -33.62
C ARG F 279 51.43 -0.74 -32.67
N PHE F 280 50.36 -0.17 -33.21
CA PHE F 280 49.40 0.64 -32.47
C PHE F 280 47.97 0.27 -32.81
N ALA F 281 47.05 0.58 -31.91
CA ALA F 281 45.61 0.42 -32.08
C ALA F 281 44.88 1.64 -31.53
N TYR F 282 43.63 1.85 -31.94
CA TYR F 282 42.77 2.92 -31.42
C TYR F 282 41.32 2.46 -31.33
N VAL F 283 40.63 2.88 -30.28
CA VAL F 283 39.21 2.60 -30.08
C VAL F 283 38.50 3.83 -29.54
N LEU F 284 37.29 4.08 -30.05
CA LEU F 284 36.41 5.13 -29.58
C LEU F 284 35.20 4.51 -28.89
N GLY F 285 34.99 4.82 -27.61
CA GLY F 285 33.94 4.26 -26.77
C GLY F 285 32.53 4.77 -27.05
N VAL F 286 32.11 4.80 -28.30
CA VAL F 286 30.72 5.09 -28.71
C VAL F 286 29.81 4.02 -28.11
N SER F 287 28.87 4.41 -27.27
CA SER F 287 28.12 3.49 -26.39
C SER F 287 26.90 4.19 -25.81
N ALA F 288 26.10 3.50 -25.00
CA ALA F 288 24.96 4.13 -24.32
C ALA F 288 25.39 4.95 -23.09
N THR F 289 24.82 6.14 -22.94
CA THR F 289 24.87 6.94 -21.71
C THR F 289 23.48 6.95 -21.09
N SER F 290 23.30 7.59 -19.94
CA SER F 290 21.96 7.83 -19.37
C SER F 290 21.01 8.56 -20.32
N VAL F 291 21.52 9.30 -21.30
CA VAL F 291 20.72 10.03 -22.28
C VAL F 291 20.13 9.12 -23.35
N GLY F 292 20.81 8.03 -23.71
CA GLY F 292 20.38 7.13 -24.79
C GLY F 292 21.50 6.28 -25.36
N ALA F 293 21.19 5.47 -26.38
CA ALA F 293 22.14 4.62 -27.09
C ALA F 293 23.01 5.39 -28.10
N ASN F 294 24.13 4.80 -28.54
CA ASN F 294 25.00 5.30 -29.63
C ASN F 294 25.50 6.75 -29.48
N GLN F 295 25.88 7.15 -28.28
CA GLN F 295 26.32 8.50 -27.99
C GLN F 295 27.81 8.65 -28.29
N THR F 296 28.19 9.60 -29.16
CA THR F 296 29.59 9.81 -29.57
C THR F 296 30.32 10.76 -28.59
N PRO F 297 31.50 10.40 -28.07
CA PRO F 297 32.18 11.16 -27.01
C PRO F 297 33.10 12.29 -27.49
N VAL F 298 32.98 12.74 -28.72
CA VAL F 298 33.87 13.72 -29.34
C VAL F 298 33.11 14.66 -30.28
N GLY F 299 33.47 15.93 -30.25
CA GLY F 299 32.96 16.98 -31.13
C GLY F 299 34.09 17.77 -31.77
N VAL F 300 33.82 18.54 -32.82
CA VAL F 300 34.85 19.26 -33.58
C VAL F 300 34.45 20.69 -33.94
N VAL F 301 35.39 21.63 -33.85
CA VAL F 301 35.23 22.97 -34.42
C VAL F 301 35.86 22.94 -35.81
N THR F 302 35.08 23.03 -36.88
CA THR F 302 35.58 23.02 -38.25
C THR F 302 35.95 24.43 -38.70
N PRO F 303 36.90 24.60 -39.65
CA PRO F 303 37.39 25.92 -40.03
C PRO F 303 36.35 26.77 -40.75
N ASP F 304 36.55 28.08 -40.70
CA ASP F 304 35.75 29.03 -41.45
C ASP F 304 36.12 28.99 -42.94
N VAL F 305 35.18 28.56 -43.79
CA VAL F 305 35.36 28.48 -45.25
C VAL F 305 34.42 29.43 -46.00
N THR F 306 33.82 30.41 -45.32
CA THR F 306 32.80 31.29 -45.92
C THR F 306 32.90 32.75 -45.49
N ALA F 307 33.28 33.04 -44.24
CA ALA F 307 33.50 34.40 -43.73
C ALA F 307 34.99 34.78 -43.70
N ALA G 2 82.06 113.04 -21.70
CA ALA G 2 82.83 111.81 -21.49
C ALA G 2 81.96 110.68 -20.92
N ASP G 3 82.39 109.45 -21.15
CA ASP G 3 81.71 108.20 -20.77
C ASP G 3 82.72 107.03 -20.82
N ILE G 4 82.39 105.87 -20.25
CA ILE G 4 83.13 104.61 -20.47
C ILE G 4 82.10 103.54 -20.85
N SER G 5 81.97 103.26 -22.14
CA SER G 5 81.11 102.18 -22.63
C SER G 5 81.73 100.80 -22.38
N ARG G 6 80.94 99.73 -22.45
CA ARG G 6 81.52 98.38 -22.52
C ARG G 6 82.50 98.01 -23.65
N ALA G 7 82.46 98.70 -24.81
CA ALA G 7 83.46 98.52 -25.86
C ALA G 7 84.81 99.10 -25.43
N GLU G 8 84.81 100.26 -24.80
CA GLU G 8 86.01 100.99 -24.36
C GLU G 8 86.75 100.32 -23.19
N VAL G 9 86.11 99.39 -22.50
CA VAL G 9 86.76 98.52 -21.50
C VAL G 9 87.50 97.35 -22.14
N ALA G 10 87.12 96.96 -23.36
CA ALA G 10 87.75 95.92 -24.17
C ALA G 10 88.02 94.61 -23.40
N THR G 11 89.16 93.96 -23.63
CA THR G 11 89.48 92.61 -23.17
C THR G 11 89.67 92.48 -21.65
N LEU G 12 89.46 93.54 -20.86
CA LEU G 12 89.30 93.41 -19.41
C LEU G 12 88.03 92.63 -19.03
N ILE G 13 87.03 92.62 -19.91
CA ILE G 13 85.84 91.77 -19.80
C ILE G 13 86.09 90.50 -20.61
N GLN G 14 86.45 89.42 -19.93
CA GLN G 14 86.73 88.13 -20.56
C GLN G 14 85.46 87.35 -20.89
N GLU G 15 85.43 86.66 -22.02
CA GLU G 15 84.41 85.66 -22.34
C GLU G 15 84.73 84.32 -21.67
N ALA G 16 83.72 83.48 -21.45
CA ALA G 16 83.85 82.24 -20.68
C ALA G 16 83.29 81.02 -21.40
N TYR G 17 83.74 79.84 -20.99
CA TYR G 17 83.51 78.56 -21.65
C TYR G 17 82.95 77.52 -20.67
N SER G 18 82.11 76.60 -21.15
CA SER G 18 81.64 75.46 -20.36
C SER G 18 81.42 74.20 -21.20
N ASP G 19 81.71 73.04 -20.63
CA ASP G 19 81.46 71.73 -21.25
C ASP G 19 80.02 71.24 -21.00
N THR G 20 79.17 72.01 -20.34
CA THR G 20 77.90 71.52 -19.79
C THR G 20 76.91 70.98 -20.85
N LEU G 21 76.96 71.47 -22.09
CA LEU G 21 76.18 70.95 -23.22
C LEU G 21 76.97 70.00 -24.13
N LEU G 22 78.26 69.75 -23.88
CA LEU G 22 79.14 69.06 -24.82
C LEU G 22 78.93 67.55 -24.84
N ALA G 23 78.91 66.91 -23.68
CA ALA G 23 78.91 65.47 -23.57
C ALA G 23 77.67 64.85 -24.25
N ALA G 24 77.87 63.77 -24.99
CA ALA G 24 76.83 63.04 -25.71
C ALA G 24 76.99 61.53 -25.53
N ALA G 25 75.90 60.85 -25.20
CA ALA G 25 75.87 59.40 -25.04
C ALA G 25 76.00 58.68 -26.39
N LYS G 26 76.67 57.53 -26.40
CA LYS G 26 76.90 56.73 -27.60
C LYS G 26 76.02 55.48 -27.58
N GLN G 27 75.34 55.18 -28.68
CA GLN G 27 74.45 54.03 -28.82
C GLN G 27 75.16 52.90 -29.56
N GLY G 28 75.18 51.70 -28.97
CA GLY G 28 75.77 50.52 -29.59
C GLY G 28 74.94 49.95 -30.74
N SER G 29 75.43 48.89 -31.37
CA SER G 29 74.64 48.10 -32.32
C SER G 29 73.50 47.39 -31.61
N THR G 30 72.32 47.36 -32.24
CA THR G 30 71.21 46.54 -31.80
C THR G 30 71.53 45.07 -31.97
N VAL G 31 71.97 44.63 -33.17
CA VAL G 31 72.08 43.20 -33.46
C VAL G 31 73.16 42.51 -32.62
N LEU G 32 74.26 43.18 -32.30
CA LEU G 32 75.30 42.65 -31.41
C LEU G 32 74.83 42.45 -29.96
N SER G 33 73.63 42.92 -29.61
CA SER G 33 73.02 42.72 -28.29
C SER G 33 71.78 41.84 -28.34
N ALA G 34 71.03 41.83 -29.44
CA ALA G 34 69.84 41.02 -29.60
C ALA G 34 70.14 39.53 -29.82
N PHE G 35 71.29 39.22 -30.43
CA PHE G 35 71.62 37.90 -30.96
C PHE G 35 72.99 37.42 -30.47
N GLN G 36 73.28 36.13 -30.58
CA GLN G 36 74.56 35.60 -30.13
C GLN G 36 75.72 36.05 -31.04
N ASN G 37 76.78 36.56 -30.41
CA ASN G 37 78.03 36.87 -31.08
C ASN G 37 78.90 35.60 -31.18
N VAL G 38 79.23 35.17 -32.38
CA VAL G 38 80.01 33.96 -32.68
C VAL G 38 81.42 34.38 -33.05
N ASN G 39 82.44 33.86 -32.37
CA ASN G 39 83.82 34.20 -32.66
C ASN G 39 84.30 33.51 -33.95
N MET G 40 85.07 34.21 -34.79
CA MET G 40 85.61 33.65 -36.04
C MET G 40 87.12 33.82 -36.12
N GLY G 41 87.84 32.80 -36.61
CA GLY G 41 89.29 32.82 -36.83
C GLY G 41 89.72 32.88 -38.29
N THR G 42 88.78 33.00 -39.22
CA THR G 42 88.94 32.92 -40.68
C THR G 42 87.74 33.57 -41.36
N LYS G 43 87.80 33.85 -42.66
CA LYS G 43 86.72 34.54 -43.38
C LYS G 43 85.43 33.74 -43.41
N THR G 44 85.48 32.45 -43.71
CA THR G 44 84.27 31.62 -43.89
C THR G 44 84.14 30.56 -42.81
N THR G 45 82.94 30.45 -42.23
CA THR G 45 82.54 29.31 -41.39
C THR G 45 81.29 28.67 -41.97
N HIS G 46 81.27 27.35 -42.06
CA HIS G 46 80.15 26.53 -42.52
C HIS G 46 79.38 25.98 -41.33
N LEU G 47 78.06 26.12 -41.38
CA LEU G 47 77.15 25.56 -40.40
C LEU G 47 76.18 24.61 -41.11
N PRO G 48 76.16 23.32 -40.79
CA PRO G 48 75.20 22.39 -41.35
C PRO G 48 73.85 22.54 -40.64
N VAL G 49 72.76 22.26 -41.33
CA VAL G 49 71.39 22.31 -40.78
C VAL G 49 70.54 21.19 -41.35
N LEU G 50 69.57 20.68 -40.59
CA LEU G 50 68.60 19.72 -41.10
C LEU G 50 67.74 20.37 -42.21
N ALA G 51 67.40 19.64 -43.28
CA ALA G 51 66.73 20.22 -44.44
C ALA G 51 65.42 19.53 -44.84
N THR G 52 65.26 18.21 -44.67
CA THR G 52 63.97 17.51 -44.88
C THR G 52 63.78 16.35 -43.92
N LEU G 53 62.53 15.93 -43.73
CA LEU G 53 62.11 14.92 -42.77
C LEU G 53 61.70 13.62 -43.50
N PRO G 54 61.89 12.43 -42.89
CA PRO G 54 61.43 11.17 -43.44
C PRO G 54 59.91 11.01 -43.31
N GLU G 55 59.32 10.02 -43.98
CA GLU G 55 57.90 9.67 -43.83
C GLU G 55 57.69 8.18 -43.63
N ALA G 56 56.93 7.80 -42.60
CA ALA G 56 56.50 6.45 -42.36
C ALA G 56 55.18 6.13 -43.08
N GLY G 57 54.86 4.85 -43.23
CA GLY G 57 53.59 4.37 -43.78
C GLY G 57 53.00 3.27 -42.94
N TRP G 58 51.69 3.08 -43.01
CA TRP G 58 51.02 1.91 -42.46
C TRP G 58 51.23 0.71 -43.37
N VAL G 59 51.43 -0.47 -42.80
CA VAL G 59 51.85 -1.67 -43.53
C VAL G 59 50.87 -2.81 -43.26
N GLY G 60 50.49 -3.54 -44.30
CA GLY G 60 49.65 -4.72 -44.20
C GLY G 60 50.38 -5.93 -43.64
N GLU G 61 49.90 -7.12 -44.00
CA GLU G 61 50.38 -8.38 -43.45
C GLU G 61 50.28 -9.44 -44.54
N SER G 62 51.22 -9.43 -45.49
CA SER G 62 51.29 -10.47 -46.52
C SER G 62 52.71 -10.64 -47.07
N ALA G 63 52.97 -11.81 -47.66
CA ALA G 63 54.12 -12.05 -48.51
C ALA G 63 53.87 -11.72 -50.00
N THR G 64 52.61 -11.52 -50.39
CA THR G 64 52.18 -11.54 -51.81
C THR G 64 52.01 -10.17 -52.44
N GLU G 65 51.51 -9.18 -51.71
CA GLU G 65 50.92 -7.97 -52.31
C GLU G 65 51.45 -6.67 -51.68
N PRO G 66 51.52 -5.57 -52.45
CA PRO G 66 52.40 -4.45 -52.15
C PRO G 66 52.08 -3.70 -50.87
N GLU G 67 50.85 -3.79 -50.36
CA GLU G 67 50.48 -3.24 -49.06
C GLU G 67 51.35 -3.78 -47.92
N GLY G 68 51.95 -4.96 -48.07
CA GLY G 68 52.79 -5.60 -47.04
C GLY G 68 54.22 -5.07 -46.96
N VAL G 69 54.63 -4.11 -47.79
CA VAL G 69 56.02 -3.67 -47.94
C VAL G 69 56.27 -2.38 -47.18
N ILE G 70 57.29 -2.34 -46.31
CA ILE G 70 57.66 -1.14 -45.56
C ILE G 70 58.23 -0.09 -46.52
N PRO G 71 57.73 1.16 -46.55
CA PRO G 71 58.23 2.18 -47.45
C PRO G 71 59.63 2.67 -47.06
N THR G 72 60.45 3.02 -48.06
CA THR G 72 61.73 3.70 -47.85
C THR G 72 61.57 5.22 -47.81
N SER G 73 62.46 5.92 -47.11
CA SER G 73 62.45 7.39 -47.06
C SER G 73 63.83 7.96 -46.72
N LYS G 74 64.05 9.27 -46.89
CA LYS G 74 65.35 9.94 -46.78
C LYS G 74 65.28 11.14 -45.83
N VAL G 75 66.24 11.26 -44.92
CA VAL G 75 66.56 12.50 -44.20
C VAL G 75 67.56 13.30 -45.02
N THR G 76 67.52 14.63 -45.04
CA THR G 76 68.55 15.43 -45.70
C THR G 76 68.96 16.65 -44.90
N TRP G 77 70.13 17.21 -45.22
CA TRP G 77 70.73 18.39 -44.58
C TRP G 77 71.16 19.41 -45.64
N ALA G 78 71.45 20.63 -45.21
CA ALA G 78 71.88 21.76 -46.03
C ALA G 78 72.94 22.58 -45.30
N ASN G 79 73.52 23.57 -45.96
CA ASN G 79 74.62 24.38 -45.44
C ASN G 79 74.25 25.87 -45.35
N ARG G 80 74.73 26.56 -44.32
CA ARG G 80 74.61 28.01 -44.12
C ARG G 80 76.00 28.57 -43.80
N THR G 81 76.38 29.73 -44.30
CA THR G 81 77.72 30.29 -44.10
C THR G 81 77.73 31.64 -43.43
N LEU G 82 78.52 31.77 -42.36
CA LEU G 82 79.06 33.06 -41.92
C LEU G 82 80.22 33.42 -42.85
N VAL G 83 80.17 34.55 -43.55
CA VAL G 83 81.30 35.09 -44.30
C VAL G 83 81.65 36.49 -43.84
N ALA G 84 82.86 36.70 -43.31
CA ALA G 84 83.27 37.98 -42.75
C ALA G 84 83.55 39.03 -43.83
N GLU G 85 83.00 40.22 -43.63
CA GLU G 85 83.17 41.38 -44.48
C GLU G 85 83.55 42.58 -43.64
N GLU G 86 84.27 43.54 -44.22
CA GLU G 86 84.89 44.65 -43.50
C GLU G 86 84.09 45.95 -43.61
N VAL G 87 83.98 46.66 -42.50
CA VAL G 87 83.37 47.99 -42.40
C VAL G 87 84.34 48.90 -41.68
N ALA G 88 84.55 50.10 -42.20
CA ALA G 88 85.62 50.98 -41.75
C ALA G 88 85.38 52.45 -42.11
N VAL G 89 86.10 53.35 -41.45
CA VAL G 89 86.12 54.79 -41.74
C VAL G 89 87.49 55.37 -41.42
N ILE G 90 87.94 56.37 -42.17
CA ILE G 90 89.15 57.16 -41.87
C ILE G 90 88.74 58.60 -41.60
N ILE G 91 89.20 59.16 -40.48
CA ILE G 91 88.85 60.52 -40.06
C ILE G 91 90.13 61.35 -39.84
N PRO G 92 90.48 62.28 -40.76
CA PRO G 92 91.69 63.10 -40.69
C PRO G 92 91.47 64.45 -40.00
N VAL G 93 92.50 64.97 -39.33
CA VAL G 93 92.47 66.24 -38.58
C VAL G 93 93.86 66.89 -38.53
N PRO G 94 94.01 68.23 -38.49
CA PRO G 94 95.30 68.86 -38.35
C PRO G 94 95.93 68.62 -36.99
N GLU G 95 97.23 68.35 -36.93
CA GLU G 95 97.89 68.07 -35.66
C GLU G 95 97.93 69.30 -34.74
N ALA G 96 97.92 70.50 -35.33
CA ALA G 96 97.76 71.76 -34.59
C ALA G 96 96.40 71.83 -33.85
N VAL G 97 95.31 71.37 -34.47
CA VAL G 97 93.98 71.37 -33.86
C VAL G 97 93.94 70.40 -32.68
N ILE G 98 94.58 69.24 -32.77
CA ILE G 98 94.70 68.33 -31.62
C ILE G 98 95.49 68.99 -30.47
N ASP G 99 96.53 69.76 -30.77
CA ASP G 99 97.32 70.43 -29.74
C ASP G 99 96.59 71.62 -29.10
N ASP G 100 95.88 72.42 -29.89
CA ASP G 100 95.14 73.58 -29.40
C ASP G 100 93.88 73.24 -28.62
N ALA G 101 93.20 72.14 -28.93
CA ALA G 101 91.93 71.79 -28.32
C ALA G 101 92.04 71.46 -26.83
N THR G 102 91.00 71.81 -26.07
CA THR G 102 90.91 71.63 -24.61
C THR G 102 90.36 70.27 -24.19
N VAL G 103 90.06 69.39 -25.16
CA VAL G 103 89.54 68.03 -24.97
C VAL G 103 90.29 67.06 -25.89
N ALA G 104 90.33 65.78 -25.52
CA ALA G 104 90.95 64.75 -26.35
C ALA G 104 90.12 64.45 -27.59
N ILE G 105 90.30 65.23 -28.66
CA ILE G 105 89.53 65.09 -29.91
C ILE G 105 89.62 63.67 -30.46
N LEU G 106 90.79 63.04 -30.46
CA LEU G 106 90.96 61.69 -30.97
C LEU G 106 90.13 60.65 -30.20
N THR G 107 89.86 60.87 -28.92
CA THR G 107 88.97 59.99 -28.14
C THR G 107 87.52 60.11 -28.60
N GLU G 108 87.01 61.31 -28.83
CA GLU G 108 85.65 61.47 -29.33
C GLU G 108 85.53 60.98 -30.78
N VAL G 109 86.55 61.17 -31.61
CA VAL G 109 86.59 60.61 -32.97
C VAL G 109 86.56 59.09 -32.94
N ALA G 110 87.31 58.44 -32.05
CA ALA G 110 87.27 56.98 -31.92
C ALA G 110 85.88 56.49 -31.51
N GLU G 111 85.22 57.15 -30.54
CA GLU G 111 83.86 56.80 -30.13
C GLU G 111 82.82 57.04 -31.22
N GLN G 112 82.89 58.14 -31.96
CA GLN G 112 81.97 58.43 -33.04
C GLN G 112 82.12 57.46 -34.22
N GLY G 113 83.34 57.04 -34.55
CA GLY G 113 83.56 55.98 -35.53
C GLY G 113 83.02 54.63 -35.07
N GLY G 114 83.10 54.33 -33.78
CA GLY G 114 82.44 53.18 -33.16
C GLY G 114 80.93 53.17 -33.43
N GLN G 115 80.21 54.28 -33.19
CA GLN G 115 78.80 54.39 -33.55
C GLN G 115 78.56 54.19 -35.04
N ALA G 116 79.35 54.82 -35.91
CA ALA G 116 79.10 54.79 -37.34
C ALA G 116 79.19 53.36 -37.89
N ILE G 117 80.16 52.58 -37.41
CA ILE G 117 80.28 51.16 -37.70
C ILE G 117 79.08 50.38 -37.12
N GLY G 118 78.73 50.61 -35.87
CA GLY G 118 77.58 49.96 -35.23
C GLY G 118 76.26 50.18 -35.98
N LYS G 119 75.98 51.41 -36.42
CA LYS G 119 74.84 51.75 -37.27
C LYS G 119 74.87 50.98 -38.58
N LYS G 120 76.03 50.95 -39.24
CA LYS G 120 76.19 50.35 -40.56
C LYS G 120 75.99 48.83 -40.52
N LEU G 121 76.41 48.16 -39.44
CA LEU G 121 76.10 46.76 -39.20
C LEU G 121 74.60 46.49 -39.07
N ASP G 122 73.90 47.21 -38.20
CA ASP G 122 72.45 47.05 -38.00
C ASP G 122 71.66 47.27 -39.30
N GLN G 123 72.01 48.29 -40.08
CA GLN G 123 71.40 48.54 -41.38
C GLN G 123 71.54 47.34 -42.32
N ALA G 124 72.72 46.71 -42.35
CA ALA G 124 72.98 45.58 -43.21
C ALA G 124 72.21 44.33 -42.75
N VAL G 125 72.31 43.97 -41.47
CA VAL G 125 71.68 42.76 -40.93
C VAL G 125 70.16 42.83 -40.93
N ILE G 126 69.56 43.95 -40.54
CA ILE G 126 68.12 44.04 -40.39
C ILE G 126 67.44 44.35 -41.72
N PHE G 127 67.91 45.34 -42.47
CA PHE G 127 67.21 45.86 -43.64
C PHE G 127 67.83 45.47 -44.98
N GLY G 128 69.04 44.91 -44.99
CA GLY G 128 69.77 44.66 -46.22
C GLY G 128 70.34 45.94 -46.86
N ILE G 129 70.32 47.06 -46.15
CA ILE G 129 70.83 48.35 -46.64
C ILE G 129 72.34 48.29 -46.67
N ASP G 130 72.94 48.51 -47.84
CA ASP G 130 74.38 48.35 -48.10
C ASP G 130 74.94 46.97 -47.71
N LYS G 131 74.11 45.92 -47.66
CA LYS G 131 74.55 44.57 -47.28
C LYS G 131 75.64 44.09 -48.23
N PRO G 132 76.76 43.52 -47.75
CA PRO G 132 77.76 42.91 -48.61
C PRO G 132 77.15 41.82 -49.49
N ALA G 133 77.50 41.79 -50.78
CA ALA G 133 77.00 40.76 -51.69
C ALA G 133 77.44 39.33 -51.31
N SER G 134 78.50 39.22 -50.51
CA SER G 134 79.00 37.96 -49.99
C SER G 134 78.08 37.28 -48.98
N TRP G 135 77.14 37.99 -48.35
CA TRP G 135 76.25 37.43 -47.34
C TRP G 135 75.05 36.76 -48.00
N VAL G 136 75.09 35.44 -48.17
CA VAL G 136 74.02 34.70 -48.87
C VAL G 136 72.74 34.54 -48.07
N SER G 137 72.80 34.64 -46.73
CA SER G 137 71.60 34.77 -45.92
C SER G 137 70.86 36.06 -46.27
N PRO G 138 69.55 36.04 -46.53
CA PRO G 138 68.78 37.25 -46.69
C PRO G 138 68.73 38.02 -45.37
N ALA G 139 68.73 39.35 -45.40
CA ALA G 139 68.60 40.17 -44.20
C ALA G 139 67.23 39.99 -43.55
N LEU G 140 67.07 40.31 -42.27
CA LEU G 140 65.87 39.93 -41.50
C LEU G 140 64.55 40.39 -42.13
N VAL G 141 64.45 41.62 -42.64
CA VAL G 141 63.23 42.10 -43.32
C VAL G 141 63.01 41.40 -44.67
N PRO G 142 63.96 41.37 -45.61
CA PRO G 142 63.83 40.59 -46.84
C PRO G 142 63.55 39.11 -46.64
N ALA G 143 64.12 38.47 -45.61
CA ALA G 143 63.88 37.07 -45.29
C ALA G 143 62.41 36.82 -44.95
N ALA G 144 61.84 37.64 -44.07
CA ALA G 144 60.45 37.55 -43.69
C ALA G 144 59.51 37.76 -44.87
N VAL G 145 59.79 38.73 -45.73
CA VAL G 145 58.98 39.00 -46.93
C VAL G 145 59.06 37.83 -47.91
N ALA G 146 60.25 37.30 -48.18
CA ALA G 146 60.44 36.17 -49.08
C ALA G 146 59.73 34.90 -48.59
N ALA G 147 59.73 34.67 -47.27
CA ALA G 147 59.04 33.55 -46.65
C ALA G 147 57.51 33.70 -46.57
N GLY G 148 56.96 34.86 -46.92
CA GLY G 148 55.53 35.16 -46.73
C GLY G 148 55.12 35.39 -45.27
N GLN G 149 56.08 35.62 -44.37
CA GLN G 149 55.85 35.94 -42.96
C GLN G 149 55.82 37.45 -42.70
N ALA G 150 55.34 38.22 -43.67
CA ALA G 150 55.17 39.66 -43.57
C ALA G 150 53.69 40.05 -43.45
N ILE G 151 53.35 40.94 -42.51
CA ILE G 151 51.98 41.42 -42.26
C ILE G 151 51.97 42.94 -42.34
N ALA G 152 51.02 43.54 -43.03
CA ALA G 152 50.90 44.99 -43.11
C ALA G 152 50.14 45.56 -41.91
N HIS G 153 50.74 46.51 -41.19
CA HIS G 153 50.08 47.18 -40.08
C HIS G 153 48.97 48.12 -40.57
N VAL G 154 47.71 47.75 -40.40
CA VAL G 154 46.56 48.62 -40.69
C VAL G 154 46.42 49.67 -39.59
N SER G 155 46.72 50.92 -39.91
CA SER G 155 46.66 52.03 -38.96
C SER G 155 45.25 52.60 -38.79
N GLY G 156 45.07 53.49 -37.83
CA GLY G 156 43.78 54.10 -37.49
C GLY G 156 43.15 53.44 -36.26
N VAL G 157 41.88 53.06 -36.35
CA VAL G 157 41.16 52.39 -35.25
C VAL G 157 41.85 51.08 -34.89
N ALA G 158 41.90 50.72 -33.61
CA ALA G 158 42.35 49.41 -33.15
C ALA G 158 41.61 48.31 -33.90
N ASN G 159 42.32 47.29 -34.35
CA ASN G 159 41.81 46.24 -35.23
C ASN G 159 42.77 45.04 -35.21
N GLU G 160 42.39 43.89 -35.76
CA GLU G 160 43.23 42.69 -35.67
C GLU G 160 44.60 42.82 -36.37
N PHE G 161 44.82 43.84 -37.19
CA PHE G 161 46.09 44.23 -37.82
C PHE G 161 46.65 45.57 -37.31
N ASP G 162 46.21 46.10 -36.16
CA ASP G 162 46.90 47.21 -35.51
C ASP G 162 48.29 46.78 -34.99
N LEU G 163 49.04 47.62 -34.30
CA LEU G 163 50.42 47.31 -33.93
C LEU G 163 50.55 46.06 -33.06
N VAL G 164 49.61 45.83 -32.14
CA VAL G 164 49.57 44.62 -31.33
C VAL G 164 49.05 43.45 -32.14
N GLY G 165 48.03 43.66 -32.97
CA GLY G 165 47.42 42.63 -33.80
C GLY G 165 48.36 42.09 -34.87
N ALA G 166 49.00 42.95 -35.64
CA ALA G 166 49.98 42.54 -36.64
C ALA G 166 51.17 41.84 -35.99
N SER G 167 51.63 42.29 -34.82
CA SER G 167 52.69 41.58 -34.09
C SER G 167 52.25 40.19 -33.64
N ASN G 168 51.02 40.03 -33.17
CA ASN G 168 50.47 38.73 -32.83
C ASN G 168 50.36 37.83 -34.07
N LYS G 169 49.86 38.34 -35.19
CA LYS G 169 49.77 37.57 -36.45
C LYS G 169 51.13 37.16 -37.01
N VAL G 170 52.18 37.95 -36.78
CA VAL G 170 53.54 37.57 -37.14
C VAL G 170 54.09 36.49 -36.21
N ALA G 171 53.94 36.63 -34.90
CA ALA G 171 54.39 35.59 -33.97
C ALA G 171 53.65 34.27 -34.20
N GLU G 172 52.36 34.32 -34.49
CA GLU G 172 51.54 33.23 -35.02
C GLU G 172 52.23 32.50 -36.18
N LYS G 173 52.66 33.20 -37.23
CA LYS G 173 53.31 32.57 -38.39
C LYS G 173 54.67 31.96 -38.02
N VAL G 174 55.49 32.63 -37.23
CA VAL G 174 56.77 32.08 -36.76
C VAL G 174 56.55 30.84 -35.87
N ALA G 175 55.53 30.82 -35.02
CA ALA G 175 55.20 29.68 -34.18
C ALA G 175 54.68 28.48 -34.97
N LEU G 176 53.79 28.71 -35.95
CA LEU G 176 53.33 27.65 -36.86
C LEU G 176 54.43 27.12 -37.78
N ALA G 177 55.53 27.86 -37.97
CA ALA G 177 56.73 27.34 -38.62
C ALA G 177 57.57 26.41 -37.71
N GLY G 178 57.21 26.27 -36.43
CA GLY G 178 57.94 25.43 -35.48
C GLY G 178 59.06 26.15 -34.73
N TRP G 179 59.24 27.45 -34.96
CA TRP G 179 60.22 28.28 -34.25
C TRP G 179 59.60 28.99 -33.04
N ALA G 180 60.40 29.41 -32.07
CA ALA G 180 59.90 30.16 -30.92
C ALA G 180 60.11 31.67 -31.13
N PRO G 181 59.11 32.46 -31.55
CA PRO G 181 59.26 33.91 -31.64
C PRO G 181 59.49 34.46 -30.25
N ASP G 182 60.68 35.01 -29.97
CA ASP G 182 61.07 35.41 -28.62
C ASP G 182 61.66 36.82 -28.55
N THR G 183 61.89 37.46 -29.68
CA THR G 183 62.63 38.70 -29.78
C THR G 183 61.93 39.64 -30.72
N LEU G 184 61.76 40.90 -30.32
CA LEU G 184 61.17 41.97 -31.12
C LEU G 184 62.20 43.10 -31.30
N LEU G 185 62.51 43.46 -32.54
CA LEU G 185 63.32 44.64 -32.85
C LEU G 185 62.40 45.75 -33.37
N SER G 186 62.56 46.98 -32.89
CA SER G 186 61.89 48.16 -33.47
C SER G 186 62.58 49.48 -33.09
N SER G 187 62.18 50.61 -33.67
CA SER G 187 62.53 51.93 -33.14
C SER G 187 61.68 52.30 -31.93
N LEU G 188 62.02 53.36 -31.21
CA LEU G 188 61.21 53.87 -30.09
C LEU G 188 59.79 54.28 -30.51
N ALA G 189 59.53 54.54 -31.78
CA ALA G 189 58.22 54.92 -32.27
C ALA G 189 57.16 53.87 -31.97
N LEU G 190 57.51 52.59 -31.96
CA LEU G 190 56.56 51.54 -31.64
C LEU G 190 56.00 51.69 -30.22
N ARG G 191 56.83 52.03 -29.24
CA ARG G 191 56.44 52.18 -27.85
C ARG G 191 55.47 53.34 -27.64
N TYR G 192 55.72 54.47 -28.30
CA TYR G 192 54.81 55.62 -28.25
C TYR G 192 53.52 55.36 -29.01
N GLN G 193 53.54 54.63 -30.12
CA GLN G 193 52.34 54.41 -30.91
C GLN G 193 51.40 53.37 -30.30
N VAL G 194 51.87 52.28 -29.68
CA VAL G 194 50.93 51.41 -28.94
C VAL G 194 50.31 52.11 -27.73
N ALA G 195 51.01 53.04 -27.10
CA ALA G 195 50.46 53.84 -26.03
C ALA G 195 49.37 54.82 -26.47
N ASN G 196 49.12 54.99 -27.78
CA ASN G 196 48.20 56.00 -28.30
C ASN G 196 47.15 55.47 -29.30
N VAL G 197 47.20 54.20 -29.73
CA VAL G 197 46.17 53.66 -30.63
C VAL G 197 44.83 53.56 -29.90
N ARG G 198 43.74 53.91 -30.60
CA ARG G 198 42.41 54.14 -30.04
C ARG G 198 41.40 53.12 -30.54
N ASP G 199 40.47 52.70 -29.69
CA ASP G 199 39.34 51.90 -30.14
C ASP G 199 38.33 52.74 -30.94
N ALA G 200 37.22 52.16 -31.37
CA ALA G 200 36.22 52.86 -32.15
C ALA G 200 35.50 54.00 -31.42
N ASP G 201 35.61 54.10 -30.10
CA ASP G 201 35.06 55.21 -29.32
C ASP G 201 36.09 56.33 -29.10
N GLY G 202 37.37 56.06 -29.31
CA GLY G 202 38.46 57.00 -29.11
C GLY G 202 39.17 56.83 -27.78
N ASN G 203 38.81 55.83 -26.98
CA ASN G 203 39.53 55.48 -25.75
C ASN G 203 40.83 54.75 -26.08
N LEU G 204 41.81 54.78 -25.18
CA LEU G 204 43.07 54.06 -25.36
C LEU G 204 42.81 52.56 -25.45
N ALA G 205 43.23 51.90 -26.52
CA ALA G 205 42.98 50.47 -26.68
C ALA G 205 43.90 49.60 -25.81
N PHE G 206 45.13 50.05 -25.55
CA PHE G 206 46.13 49.33 -24.75
C PHE G 206 46.75 50.25 -23.70
N ARG G 207 46.81 49.81 -22.44
CA ARG G 207 47.41 50.55 -21.31
C ARG G 207 48.52 49.78 -20.58
N ASP G 208 48.50 48.46 -20.65
CA ASP G 208 49.47 47.56 -20.02
C ASP G 208 49.52 46.23 -20.79
N GLY G 209 50.57 45.43 -20.60
CA GLY G 209 50.69 44.07 -21.14
C GLY G 209 51.02 43.96 -22.63
N SER G 210 51.15 45.07 -23.35
CA SER G 210 51.57 45.10 -24.75
C SER G 210 53.00 44.60 -24.92
N PHE G 211 53.23 43.69 -25.86
CA PHE G 211 54.54 43.10 -26.20
C PHE G 211 55.26 42.37 -25.06
N LEU G 212 54.52 41.91 -24.05
CA LEU G 212 54.97 40.81 -23.22
C LEU G 212 55.11 39.54 -24.09
N GLY G 213 55.96 38.60 -23.64
CA GLY G 213 56.32 37.43 -24.45
C GLY G 213 57.40 37.69 -25.50
N PHE G 214 57.93 38.91 -25.59
CA PHE G 214 59.13 39.24 -26.37
C PHE G 214 60.19 39.89 -25.48
N ASN G 215 61.45 39.54 -25.68
CA ASN G 215 62.54 40.46 -25.37
C ASN G 215 62.49 41.57 -26.41
N THR G 216 62.34 42.82 -26.00
CA THR G 216 62.22 43.94 -26.94
C THR G 216 63.50 44.74 -26.95
N HIS G 217 64.07 44.94 -28.13
CA HIS G 217 65.26 45.75 -28.35
C HIS G 217 64.89 46.98 -29.18
N PHE G 218 65.19 48.17 -28.67
CA PHE G 218 64.91 49.42 -29.36
C PHE G 218 66.15 49.95 -30.05
N ASN G 219 66.07 50.22 -31.35
CA ASN G 219 67.18 50.76 -32.12
C ASN G 219 67.30 52.28 -31.93
N ARG G 220 68.35 52.73 -31.24
CA ARG G 220 68.58 54.15 -30.95
C ARG G 220 69.67 54.81 -31.81
N ASN G 221 70.51 54.05 -32.49
CA ASN G 221 71.62 54.56 -33.30
C ASN G 221 71.21 55.08 -34.70
N GLY G 222 69.91 55.15 -35.00
CA GLY G 222 69.40 55.68 -36.27
C GLY G 222 69.49 54.73 -37.45
N ALA G 223 69.81 53.46 -37.24
CA ALA G 223 69.80 52.45 -38.29
C ALA G 223 68.39 52.10 -38.80
N TRP G 224 67.34 52.23 -37.99
CA TRP G 224 65.99 51.79 -38.33
C TRP G 224 65.42 52.51 -39.55
N ALA G 225 64.85 51.76 -40.51
CA ALA G 225 64.16 52.31 -41.68
C ALA G 225 62.64 52.13 -41.55
N PRO G 226 61.88 53.14 -41.09
CA PRO G 226 60.45 52.98 -40.84
C PRO G 226 59.62 52.80 -42.11
N THR G 227 60.15 53.10 -43.28
CA THR G 227 59.55 52.80 -44.58
C THR G 227 59.66 51.33 -44.96
N SER G 228 60.56 50.57 -44.35
CA SER G 228 60.70 49.12 -44.59
C SER G 228 59.95 48.28 -43.56
N ALA G 229 60.06 48.58 -42.27
CA ALA G 229 59.39 47.81 -41.22
C ALA G 229 58.97 48.66 -40.02
N VAL G 230 57.86 48.27 -39.40
CA VAL G 230 57.39 48.74 -38.10
C VAL G 230 58.06 47.95 -36.98
N GLY G 231 58.25 46.65 -37.17
CA GLY G 231 58.94 45.79 -36.20
C GLY G 231 59.27 44.43 -36.80
N VAL G 232 60.33 43.80 -36.31
CA VAL G 232 60.80 42.48 -36.75
C VAL G 232 60.72 41.54 -35.57
N ILE G 233 60.08 40.38 -35.76
CA ILE G 233 59.90 39.37 -34.71
C ILE G 233 60.68 38.13 -35.11
N ALA G 234 61.58 37.67 -34.26
CA ALA G 234 62.49 36.58 -34.59
C ALA G 234 62.60 35.55 -33.47
N ASP G 235 62.96 34.32 -33.82
CA ASP G 235 63.54 33.38 -32.89
C ASP G 235 65.03 33.68 -32.78
N SER G 236 65.43 34.38 -31.72
CA SER G 236 66.81 34.81 -31.55
C SER G 236 67.81 33.67 -31.37
N SER G 237 67.39 32.41 -31.23
CA SER G 237 68.33 31.29 -31.26
C SER G 237 68.84 31.00 -32.66
N ARG G 238 68.11 31.41 -33.70
CA ARG G 238 68.40 31.10 -35.11
C ARG G 238 69.06 32.24 -35.89
N VAL G 239 69.51 33.28 -35.21
CA VAL G 239 70.28 34.39 -35.78
C VAL G 239 71.61 34.45 -35.07
N LYS G 240 72.72 34.49 -35.81
CA LYS G 240 74.06 34.60 -35.23
C LYS G 240 74.83 35.72 -35.93
N ILE G 241 75.59 36.49 -35.17
CA ILE G 241 76.46 37.54 -35.71
C ILE G 241 77.90 37.08 -35.53
N GLY G 242 78.62 36.86 -36.62
CA GLY G 242 80.02 36.48 -36.55
C GLY G 242 80.90 37.70 -36.36
N VAL G 243 81.77 37.71 -35.36
CA VAL G 243 82.69 38.82 -35.08
C VAL G 243 84.11 38.39 -35.40
N ARG G 244 84.54 38.55 -36.65
CA ARG G 244 85.89 38.18 -37.08
C ARG G 244 86.95 39.12 -36.55
N GLN G 245 86.63 40.40 -36.42
CA GLN G 245 87.48 41.41 -35.82
C GLN G 245 86.62 42.53 -35.25
N ASP G 246 86.73 42.81 -33.96
CA ASP G 246 86.00 43.89 -33.31
C ASP G 246 86.52 45.27 -33.75
N ILE G 247 85.94 46.38 -33.27
CA ILE G 247 86.44 47.73 -33.58
C ILE G 247 87.92 47.85 -33.23
N THR G 248 88.76 48.19 -34.21
CA THR G 248 90.19 48.45 -34.04
C THR G 248 90.55 49.82 -34.60
N VAL G 249 91.48 50.50 -33.93
CA VAL G 249 91.98 51.84 -34.28
C VAL G 249 93.43 51.75 -34.71
N LYS G 250 93.79 52.31 -35.87
CA LYS G 250 95.17 52.63 -36.22
C LYS G 250 95.33 54.14 -36.35
N PHE G 251 96.32 54.71 -35.67
CA PHE G 251 96.72 56.10 -35.83
C PHE G 251 97.66 56.27 -37.04
N LEU G 252 97.25 57.08 -38.01
CA LEU G 252 97.99 57.36 -39.24
C LEU G 252 98.60 58.75 -39.19
N ASP G 253 99.90 58.88 -39.42
CA ASP G 253 100.60 60.17 -39.46
C ASP G 253 101.48 60.37 -40.70
N GLN G 254 101.61 59.38 -41.58
CA GLN G 254 102.31 59.49 -42.87
C GLN G 254 101.49 59.05 -44.09
N ALA G 255 100.32 58.45 -43.89
CA ALA G 255 99.51 57.90 -44.97
C ALA G 255 99.01 58.97 -45.96
N THR G 256 98.75 58.56 -47.19
CA THR G 256 98.13 59.40 -48.22
C THR G 256 96.70 58.95 -48.43
N LEU G 257 95.75 59.88 -48.38
CA LEU G 257 94.32 59.61 -48.48
C LEU G 257 93.77 60.21 -49.77
N GLY G 258 92.79 59.56 -50.39
CA GLY G 258 92.23 60.03 -51.65
C GLY G 258 93.20 59.93 -52.83
N THR G 259 92.82 60.50 -53.98
CA THR G 259 93.60 60.52 -55.22
C THR G 259 93.21 61.74 -56.07
N GLY G 260 94.12 62.21 -56.93
CA GLY G 260 93.87 63.36 -57.81
C GLY G 260 93.65 64.65 -57.02
N GLU G 261 92.66 65.45 -57.42
CA GLU G 261 92.33 66.70 -56.75
C GLU G 261 91.84 66.51 -55.30
N ASN G 262 91.40 65.31 -54.93
CA ASN G 262 90.92 64.99 -53.59
C ASN G 262 92.04 64.58 -52.62
N GLN G 263 93.28 64.46 -53.08
CA GLN G 263 94.35 63.83 -52.32
C GLN G 263 94.79 64.63 -51.09
N ILE G 264 94.98 63.96 -49.96
CA ILE G 264 95.55 64.52 -48.73
C ILE G 264 96.81 63.74 -48.39
N ASN G 265 97.98 64.37 -48.48
CA ASN G 265 99.23 63.81 -47.99
C ASN G 265 99.38 64.18 -46.51
N LEU G 266 99.11 63.28 -45.56
CA LEU G 266 98.99 63.68 -44.15
C LEU G 266 100.26 64.34 -43.60
N ALA G 267 101.44 63.84 -43.94
CA ALA G 267 102.69 64.32 -43.38
C ALA G 267 103.04 65.75 -43.79
N GLU G 268 103.03 66.06 -45.10
CA GLU G 268 103.40 67.39 -45.58
C GLU G 268 102.33 68.45 -45.33
N ARG G 269 101.11 68.07 -44.97
CA ARG G 269 100.05 68.99 -44.52
C ARG G 269 99.95 69.09 -43.00
N ASP G 270 100.84 68.42 -42.27
CA ASP G 270 100.90 68.41 -40.80
C ASP G 270 99.61 67.88 -40.14
N MET G 271 98.99 66.89 -40.76
CA MET G 271 97.76 66.24 -40.32
C MET G 271 98.04 64.85 -39.76
N VAL G 272 97.04 64.28 -39.10
CA VAL G 272 96.98 62.88 -38.68
C VAL G 272 95.58 62.36 -38.94
N ALA G 273 95.36 61.04 -38.90
CA ALA G 273 94.04 60.45 -39.01
C ALA G 273 93.91 59.23 -38.10
N LEU G 274 92.69 58.89 -37.73
CA LEU G 274 92.38 57.56 -37.22
C LEU G 274 91.74 56.74 -38.33
N ARG G 275 92.17 55.49 -38.49
CA ARG G 275 91.43 54.47 -39.22
C ARG G 275 90.74 53.58 -38.21
N LEU G 276 89.44 53.47 -38.32
CA LEU G 276 88.56 52.62 -37.54
C LEU G 276 88.13 51.47 -38.46
N LYS G 277 88.29 50.21 -38.06
CA LYS G 277 87.79 49.07 -38.83
C LYS G 277 87.33 47.90 -37.97
N ALA G 278 86.40 47.11 -38.50
CA ALA G 278 85.92 45.86 -37.94
C ALA G 278 85.51 44.90 -39.05
N ARG G 279 85.48 43.60 -38.76
CA ARG G 279 84.98 42.56 -39.66
C ARG G 279 83.86 41.76 -39.03
N PHE G 280 82.73 41.68 -39.72
CA PHE G 280 81.51 41.05 -39.24
C PHE G 280 80.91 40.11 -40.27
N ALA G 281 80.13 39.15 -39.82
CA ALA G 281 79.42 38.18 -40.63
C ALA G 281 78.01 37.96 -40.08
N TYR G 282 77.11 37.44 -40.89
CA TYR G 282 75.72 37.21 -40.52
C TYR G 282 75.21 35.92 -41.12
N VAL G 283 74.45 35.13 -40.35
CA VAL G 283 73.79 33.92 -40.84
C VAL G 283 72.39 33.80 -40.27
N LEU G 284 71.43 33.40 -41.12
CA LEU G 284 70.07 33.11 -40.71
C LEU G 284 69.82 31.60 -40.78
N GLY G 285 69.49 30.99 -39.65
CA GLY G 285 69.38 29.54 -39.48
C GLY G 285 68.12 28.91 -40.05
N VAL G 286 67.75 29.24 -41.28
CA VAL G 286 66.63 28.64 -42.03
C VAL G 286 66.89 27.15 -42.22
N SER G 287 66.02 26.30 -41.69
CA SER G 287 66.20 24.84 -41.67
C SER G 287 64.86 24.14 -41.63
N ALA G 288 64.85 22.81 -41.67
CA ALA G 288 63.70 22.05 -41.23
C ALA G 288 63.42 22.25 -39.74
N THR G 289 62.17 22.08 -39.37
CA THR G 289 61.64 21.95 -38.00
C THR G 289 60.66 20.77 -38.00
N SER G 290 60.16 20.34 -36.85
CA SER G 290 59.17 19.24 -36.80
C SER G 290 57.93 19.44 -37.68
N VAL G 291 57.60 20.68 -38.04
CA VAL G 291 56.48 20.98 -38.93
C VAL G 291 56.79 20.73 -40.40
N GLY G 292 58.04 20.90 -40.84
CA GLY G 292 58.41 20.71 -42.25
C GLY G 292 59.79 21.25 -42.62
N ALA G 293 60.14 21.09 -43.89
CA ALA G 293 61.35 21.61 -44.50
C ALA G 293 61.35 23.14 -44.62
N ASN G 294 62.53 23.76 -44.71
CA ASN G 294 62.71 25.14 -45.19
C ASN G 294 61.85 26.19 -44.44
N GLN G 295 61.96 26.27 -43.12
CA GLN G 295 61.15 27.14 -42.28
C GLN G 295 61.96 28.36 -41.82
N THR G 296 61.51 29.57 -42.16
CA THR G 296 62.22 30.83 -41.82
C THR G 296 61.93 31.28 -40.39
N PRO G 297 62.94 31.60 -39.56
CA PRO G 297 62.77 31.89 -38.14
C PRO G 297 62.46 33.36 -37.81
N VAL G 298 62.01 34.15 -38.77
CA VAL G 298 61.75 35.58 -38.60
C VAL G 298 60.56 36.03 -39.43
N GLY G 299 59.76 36.94 -38.88
CA GLY G 299 58.66 37.60 -39.55
C GLY G 299 58.69 39.10 -39.33
N VAL G 300 57.91 39.86 -40.08
CA VAL G 300 57.97 41.32 -40.08
C VAL G 300 56.59 41.96 -40.10
N VAL G 301 56.42 43.03 -39.34
CA VAL G 301 55.30 43.94 -39.49
C VAL G 301 55.74 45.04 -40.42
N THR G 302 55.22 45.12 -41.63
CA THR G 302 55.49 46.23 -42.54
C THR G 302 54.60 47.41 -42.17
N PRO G 303 54.96 48.67 -42.50
CA PRO G 303 53.96 49.74 -42.50
C PRO G 303 52.86 49.43 -43.51
N ASP G 304 51.75 50.16 -43.47
CA ASP G 304 50.74 50.12 -44.53
C ASP G 304 50.69 51.44 -45.27
N VAL G 305 50.87 51.34 -46.58
CA VAL G 305 51.00 52.44 -47.53
C VAL G 305 49.66 52.96 -48.04
N THR G 306 48.53 52.33 -47.68
CA THR G 306 47.18 52.77 -48.05
C THR G 306 46.25 52.94 -46.83
N ALA G 307 46.42 52.11 -45.79
CA ALA G 307 45.78 52.27 -44.48
C ALA G 307 46.79 52.79 -43.45
N ALA H 2 8.23 -142.62 -4.07
CA ALA H 2 9.19 -143.58 -3.56
C ALA H 2 10.46 -142.93 -2.97
N ASP H 3 10.50 -141.61 -2.88
CA ASP H 3 11.58 -140.83 -2.27
C ASP H 3 11.03 -139.54 -1.65
N ILE H 4 11.73 -138.97 -0.66
CA ILE H 4 11.31 -137.73 0.02
C ILE H 4 11.71 -136.52 -0.82
N SER H 5 10.77 -135.85 -1.46
CA SER H 5 11.01 -134.61 -2.20
C SER H 5 11.05 -133.39 -1.27
N ARG H 6 11.64 -132.28 -1.73
CA ARG H 6 11.57 -131.02 -0.98
C ARG H 6 10.21 -130.36 -0.64
N ALA H 7 9.13 -130.75 -1.32
CA ALA H 7 7.77 -130.41 -0.95
C ALA H 7 7.28 -131.24 0.25
N GLU H 8 7.63 -132.52 0.31
CA GLU H 8 7.19 -133.44 1.35
C GLU H 8 7.88 -133.20 2.70
N VAL H 9 9.02 -132.51 2.69
CA VAL H 9 9.69 -132.03 3.91
C VAL H 9 8.93 -130.85 4.55
N ALA H 10 8.08 -130.16 3.78
CA ALA H 10 7.24 -129.03 4.21
C ALA H 10 8.03 -128.00 5.05
N THR H 11 7.42 -127.43 6.08
CA THR H 11 8.00 -126.32 6.86
C THR H 11 9.19 -126.71 7.75
N LEU H 12 9.74 -127.91 7.63
CA LEU H 12 11.05 -128.21 8.21
C LEU H 12 12.19 -127.46 7.49
N ILE H 13 11.94 -126.99 6.27
CA ILE H 13 12.79 -126.05 5.56
C ILE H 13 12.17 -124.67 5.69
N GLN H 14 12.91 -123.73 6.26
CA GLN H 14 12.43 -122.37 6.55
C GLN H 14 12.97 -121.39 5.51
N GLU H 15 12.12 -120.51 5.01
CA GLU H 15 12.55 -119.33 4.26
C GLU H 15 13.16 -118.28 5.19
N ALA H 16 14.02 -117.42 4.65
CA ALA H 16 14.81 -116.47 5.41
C ALA H 16 14.69 -115.06 4.85
N TYR H 17 14.98 -114.08 5.69
CA TYR H 17 14.72 -112.67 5.43
C TYR H 17 15.98 -111.84 5.51
N SER H 18 16.08 -110.80 4.68
CA SER H 18 17.20 -109.87 4.66
C SER H 18 16.75 -108.48 4.22
N ASP H 19 17.42 -107.44 4.73
CA ASP H 19 17.09 -106.04 4.46
C ASP H 19 18.20 -105.29 3.72
N THR H 20 19.19 -106.00 3.14
CA THR H 20 20.28 -105.36 2.40
C THR H 20 19.81 -104.52 1.23
N LEU H 21 18.66 -104.83 0.62
CA LEU H 21 18.06 -104.06 -0.46
C LEU H 21 16.99 -103.06 0.00
N LEU H 22 16.65 -103.00 1.29
CA LEU H 22 15.49 -102.24 1.76
C LEU H 22 15.72 -100.73 1.74
N ALA H 23 16.86 -100.28 2.26
CA ALA H 23 17.13 -98.85 2.45
C ALA H 23 17.25 -98.10 1.12
N ALA H 24 16.66 -96.91 1.07
CA ALA H 24 16.72 -96.00 -0.08
C ALA H 24 16.99 -94.57 0.39
N ALA H 25 17.81 -93.83 -0.35
CA ALA H 25 18.08 -92.42 -0.09
C ALA H 25 16.87 -91.53 -0.45
N LYS H 26 16.79 -90.37 0.19
CA LYS H 26 15.72 -89.37 -0.01
C LYS H 26 16.30 -88.00 -0.34
N GLN H 27 15.66 -87.29 -1.25
CA GLN H 27 16.13 -86.06 -1.87
C GLN H 27 15.32 -84.83 -1.45
N GLY H 28 15.98 -83.75 -1.06
CA GLY H 28 15.35 -82.49 -0.69
C GLY H 28 14.77 -81.72 -1.87
N SER H 29 14.11 -80.60 -1.59
CA SER H 29 13.73 -79.62 -2.61
C SER H 29 14.97 -78.95 -3.20
N THR H 30 14.97 -78.77 -4.51
CA THR H 30 15.99 -78.01 -5.23
C THR H 30 15.87 -76.54 -4.87
N VAL H 31 14.67 -75.98 -4.92
CA VAL H 31 14.49 -74.53 -4.79
C VAL H 31 14.77 -74.03 -3.39
N LEU H 32 14.50 -74.82 -2.34
CA LEU H 32 14.90 -74.51 -0.97
C LEU H 32 16.41 -74.51 -0.73
N SER H 33 17.20 -75.02 -1.67
CA SER H 33 18.66 -75.00 -1.58
C SER H 33 19.28 -73.98 -2.53
N ALA H 34 18.68 -73.77 -3.71
CA ALA H 34 19.15 -72.83 -4.70
C ALA H 34 18.92 -71.37 -4.30
N PHE H 35 17.74 -71.06 -3.77
CA PHE H 35 17.26 -69.69 -3.55
C PHE H 35 17.10 -69.36 -2.08
N GLN H 36 17.00 -68.08 -1.75
CA GLN H 36 16.85 -67.65 -0.36
C GLN H 36 15.48 -68.05 0.20
N ASN H 37 15.50 -68.73 1.34
CA ASN H 37 14.32 -69.02 2.13
C ASN H 37 13.99 -67.81 3.01
N VAL H 38 12.83 -67.19 2.79
CA VAL H 38 12.37 -66.00 3.48
C VAL H 38 11.34 -66.42 4.53
N ASN H 39 11.53 -66.06 5.79
CA ASN H 39 10.56 -66.35 6.84
C ASN H 39 9.29 -65.50 6.67
N MET H 40 8.11 -66.06 6.93
CA MET H 40 6.83 -65.32 6.88
C MET H 40 6.05 -65.46 8.19
N GLY H 41 5.41 -64.39 8.63
CA GLY H 41 4.57 -64.35 9.84
C GLY H 41 3.05 -64.25 9.57
N THR H 42 2.64 -64.20 8.32
CA THR H 42 1.26 -64.01 7.85
C THR H 42 1.14 -64.56 6.44
N LYS H 43 -0.06 -64.74 5.90
CA LYS H 43 -0.26 -65.30 4.55
C LYS H 43 0.39 -64.44 3.47
N THR H 44 0.38 -63.12 3.55
CA THR H 44 0.81 -62.25 2.44
C THR H 44 1.86 -61.24 2.84
N THR H 45 2.92 -61.13 2.03
CA THR H 45 3.92 -60.06 2.08
C THR H 45 3.91 -59.30 0.76
N HIS H 46 3.84 -57.98 0.80
CA HIS H 46 4.03 -57.08 -0.34
C HIS H 46 5.47 -56.64 -0.46
N LEU H 47 5.99 -56.60 -1.67
CA LEU H 47 7.35 -56.20 -1.97
C LEU H 47 7.29 -55.16 -3.10
N PRO H 48 7.54 -53.87 -2.83
CA PRO H 48 7.59 -52.87 -3.88
C PRO H 48 8.85 -53.05 -4.73
N VAL H 49 8.75 -52.76 -6.02
CA VAL H 49 9.87 -52.81 -6.98
C VAL H 49 9.84 -51.59 -7.88
N LEU H 50 10.98 -51.13 -8.37
CA LEU H 50 11.06 -50.09 -9.39
C LEU H 50 10.47 -50.59 -10.71
N ALA H 51 9.67 -49.80 -11.41
CA ALA H 51 8.92 -50.27 -12.58
C ALA H 51 9.24 -49.55 -13.90
N THR H 52 9.51 -48.24 -13.91
CA THR H 52 9.91 -47.49 -15.13
C THR H 52 10.93 -46.41 -14.82
N LEU H 53 11.75 -46.07 -15.81
CA LEU H 53 12.83 -45.07 -15.71
C LEU H 53 12.37 -43.70 -16.25
N PRO H 54 12.87 -42.57 -15.70
CA PRO H 54 12.65 -41.26 -16.27
C PRO H 54 13.51 -41.04 -17.52
N GLU H 55 13.32 -39.93 -18.22
CA GLU H 55 14.04 -39.62 -19.46
C GLU H 55 14.34 -38.12 -19.60
N ALA H 56 15.63 -37.78 -19.69
CA ALA H 56 16.10 -36.41 -19.90
C ALA H 56 16.18 -36.05 -21.39
N GLY H 57 16.34 -34.77 -21.70
CA GLY H 57 16.58 -34.31 -23.07
C GLY H 57 17.52 -33.13 -23.13
N TRP H 58 18.15 -32.91 -24.28
CA TRP H 58 18.75 -31.61 -24.56
C TRP H 58 17.85 -30.38 -24.73
N VAL H 59 18.30 -29.24 -24.23
CA VAL H 59 17.56 -27.98 -24.29
C VAL H 59 18.40 -26.84 -24.83
N GLY H 60 17.81 -26.00 -25.67
CA GLY H 60 18.42 -24.77 -26.13
C GLY H 60 18.35 -23.68 -25.06
N GLU H 61 18.80 -22.47 -25.41
CA GLU H 61 18.41 -21.27 -24.69
C GLU H 61 17.43 -20.50 -25.57
N SER H 62 16.19 -20.33 -25.12
CA SER H 62 15.21 -19.51 -25.81
C SER H 62 14.02 -19.20 -24.90
N ALA H 63 13.60 -17.94 -24.87
CA ALA H 63 12.34 -17.54 -24.25
C ALA H 63 11.11 -17.87 -25.11
N THR H 64 11.27 -18.18 -26.39
CA THR H 64 10.17 -18.26 -27.36
C THR H 64 10.04 -19.61 -28.06
N GLU H 65 11.14 -20.30 -28.35
CA GLU H 65 11.12 -21.52 -29.16
C GLU H 65 10.93 -22.78 -28.29
N PRO H 66 10.20 -23.81 -28.75
CA PRO H 66 9.93 -25.02 -27.96
C PRO H 66 11.16 -25.78 -27.51
N GLU H 67 12.28 -25.68 -28.23
CA GLU H 67 13.55 -26.30 -27.85
C GLU H 67 14.11 -25.75 -26.52
N GLY H 68 13.63 -24.59 -26.08
CA GLY H 68 14.06 -23.99 -24.82
C GLY H 68 13.45 -24.61 -23.57
N VAL H 69 12.44 -25.48 -23.69
CA VAL H 69 11.68 -26.01 -22.56
C VAL H 69 12.26 -27.34 -22.07
N ILE H 70 12.52 -27.48 -20.77
CA ILE H 70 12.95 -28.74 -20.15
C ILE H 70 11.79 -29.73 -20.12
N PRO H 71 11.97 -30.97 -20.61
CA PRO H 71 10.91 -31.97 -20.61
C PRO H 71 10.57 -32.45 -19.21
N THR H 72 9.29 -32.69 -18.95
CA THR H 72 8.82 -33.41 -17.76
C THR H 72 8.91 -34.91 -17.96
N SER H 73 9.14 -35.67 -16.89
CA SER H 73 9.18 -37.14 -16.92
C SER H 73 8.80 -37.74 -15.57
N LYS H 74 8.64 -39.07 -15.47
CA LYS H 74 8.26 -39.77 -14.24
C LYS H 74 9.05 -41.05 -13.99
N VAL H 75 9.38 -41.30 -12.73
CA VAL H 75 9.71 -42.63 -12.20
C VAL H 75 8.41 -43.33 -11.81
N THR H 76 8.31 -44.65 -11.88
CA THR H 76 7.17 -45.39 -11.32
C THR H 76 7.60 -46.69 -10.65
N TRP H 77 6.74 -47.26 -9.81
CA TRP H 77 6.96 -48.49 -9.05
C TRP H 77 5.81 -49.48 -9.23
N ALA H 78 6.01 -50.72 -8.84
CA ALA H 78 5.03 -51.80 -8.91
C ALA H 78 5.12 -52.71 -7.69
N ASN H 79 4.13 -53.58 -7.49
CA ASN H 79 4.05 -54.48 -6.35
C ASN H 79 4.27 -55.93 -6.78
N ARG H 80 5.01 -56.70 -5.98
CA ARG H 80 5.17 -58.15 -6.10
C ARG H 80 4.75 -58.79 -4.78
N THR H 81 4.12 -59.95 -4.79
CA THR H 81 3.61 -60.58 -3.56
C THR H 81 4.08 -62.00 -3.36
N LEU H 82 4.58 -62.28 -2.15
CA LEU H 82 4.60 -63.63 -1.59
C LEU H 82 3.23 -63.91 -0.99
N VAL H 83 2.54 -64.96 -1.44
CA VAL H 83 1.31 -65.47 -0.82
C VAL H 83 1.52 -66.92 -0.41
N ALA H 84 1.39 -67.24 0.87
CA ALA H 84 1.60 -68.58 1.40
C ALA H 84 0.46 -69.52 1.06
N GLU H 85 0.77 -70.67 0.50
CA GLU H 85 -0.15 -71.72 0.09
C GLU H 85 0.25 -73.06 0.70
N GLU H 86 -0.71 -73.91 1.01
CA GLU H 86 -0.48 -75.13 1.78
C GLU H 86 -0.39 -76.36 0.90
N VAL H 87 0.61 -77.20 1.15
CA VAL H 87 0.81 -78.50 0.53
C VAL H 87 0.84 -79.55 1.64
N ALA H 88 0.06 -80.62 1.49
CA ALA H 88 -0.15 -81.60 2.53
C ALA H 88 -0.57 -82.97 1.98
N VAL H 89 -0.38 -84.02 2.78
CA VAL H 89 -0.81 -85.39 2.49
C VAL H 89 -1.13 -86.12 3.79
N ILE H 90 -2.09 -87.04 3.75
CA ILE H 90 -2.38 -87.96 4.86
C ILE H 90 -2.13 -89.39 4.39
N ILE H 91 -1.31 -90.16 5.12
CA ILE H 91 -1.10 -91.59 4.85
C ILE H 91 -1.68 -92.41 6.01
N PRO H 92 -2.79 -93.14 5.82
CA PRO H 92 -3.35 -94.03 6.82
C PRO H 92 -2.78 -95.44 6.72
N VAL H 93 -2.68 -96.16 7.83
CA VAL H 93 -2.14 -97.51 7.92
C VAL H 93 -2.80 -98.29 9.07
N PRO H 94 -3.04 -99.61 8.97
CA PRO H 94 -3.58 -100.38 10.08
C PRO H 94 -2.62 -100.49 11.25
N GLU H 95 -3.10 -100.38 12.48
CA GLU H 95 -2.22 -100.44 13.66
C GLU H 95 -1.65 -101.85 13.88
N ALA H 96 -2.35 -102.89 13.42
CA ALA H 96 -1.82 -104.25 13.39
C ALA H 96 -0.58 -104.37 12.47
N VAL H 97 -0.61 -103.75 11.29
CA VAL H 97 0.52 -103.75 10.36
C VAL H 97 1.74 -103.08 10.98
N ILE H 98 1.57 -101.95 11.68
CA ILE H 98 2.68 -101.28 12.37
C ILE H 98 3.33 -102.20 13.40
N ASP H 99 2.53 -102.95 14.17
CA ASP H 99 3.05 -103.86 15.20
C ASP H 99 3.74 -105.09 14.62
N ASP H 100 3.23 -105.65 13.52
CA ASP H 100 3.80 -106.80 12.85
C ASP H 100 5.09 -106.51 12.09
N ALA H 101 5.24 -105.32 11.51
CA ALA H 101 6.38 -104.94 10.70
C ALA H 101 7.71 -104.95 11.48
N THR H 102 8.79 -105.34 10.82
CA THR H 102 10.13 -105.45 11.42
C THR H 102 10.93 -104.15 11.40
N VAL H 103 10.45 -103.10 10.73
CA VAL H 103 11.01 -101.75 10.71
C VAL H 103 9.94 -100.71 11.07
N ALA H 104 10.34 -99.56 11.58
CA ALA H 104 9.43 -98.48 11.93
C ALA H 104 8.76 -97.87 10.67
N ILE H 105 7.59 -98.40 10.31
CA ILE H 105 6.85 -97.97 9.11
C ILE H 105 6.53 -96.49 9.17
N LEU H 106 6.11 -95.96 10.32
CA LEU H 106 5.75 -94.55 10.44
C LEU H 106 6.95 -93.61 10.21
N THR H 107 8.17 -94.03 10.56
CA THR H 107 9.38 -93.26 10.24
C THR H 107 9.59 -93.19 8.74
N GLU H 108 9.51 -94.32 8.03
CA GLU H 108 9.65 -94.31 6.58
C GLU H 108 8.52 -93.53 5.90
N VAL H 109 7.28 -93.64 6.38
CA VAL H 109 6.14 -92.87 5.85
C VAL H 109 6.34 -91.38 6.05
N ALA H 110 6.83 -90.93 7.20
CA ALA H 110 7.12 -89.53 7.44
C ALA H 110 8.21 -89.00 6.49
N GLU H 111 9.28 -89.76 6.28
CA GLU H 111 10.37 -89.36 5.40
C GLU H 111 9.99 -89.40 3.92
N GLN H 112 9.22 -90.39 3.47
CA GLN H 112 8.68 -90.41 2.12
C GLN H 112 7.68 -89.27 1.88
N GLY H 113 6.84 -88.93 2.85
CA GLY H 113 5.91 -87.81 2.76
C GLY H 113 6.63 -86.46 2.68
N GLY H 114 7.69 -86.25 3.45
CA GLY H 114 8.55 -85.06 3.34
C GLY H 114 9.16 -84.90 1.95
N GLN H 115 9.67 -85.97 1.35
CA GLN H 115 10.12 -85.95 -0.04
C GLN H 115 8.98 -85.65 -1.04
N ALA H 116 7.78 -86.20 -0.85
CA ALA H 116 6.66 -85.96 -1.75
C ALA H 116 6.23 -84.50 -1.77
N ILE H 117 6.30 -83.82 -0.61
CA ILE H 117 6.06 -82.39 -0.50
C ILE H 117 7.16 -81.59 -1.21
N GLY H 118 8.43 -81.90 -0.96
CA GLY H 118 9.55 -81.23 -1.64
C GLY H 118 9.48 -81.32 -3.16
N LYS H 119 9.08 -82.46 -3.72
CA LYS H 119 8.84 -82.62 -5.15
C LYS H 119 7.74 -81.67 -5.64
N LYS H 120 6.58 -81.63 -4.98
CA LYS H 120 5.45 -80.78 -5.40
C LYS H 120 5.81 -79.29 -5.38
N LEU H 121 6.67 -78.86 -4.45
CA LEU H 121 7.17 -77.49 -4.44
C LEU H 121 8.05 -77.19 -5.65
N ASP H 122 9.07 -78.00 -5.94
CA ASP H 122 9.94 -77.77 -7.11
C ASP H 122 9.15 -77.74 -8.42
N GLN H 123 8.20 -78.65 -8.59
CA GLN H 123 7.32 -78.68 -9.77
C GLN H 123 6.53 -77.39 -9.96
N ALA H 124 6.05 -76.78 -8.88
CA ALA H 124 5.35 -75.51 -8.94
C ALA H 124 6.30 -74.36 -9.28
N VAL H 125 7.39 -74.20 -8.53
CA VAL H 125 8.28 -73.04 -8.66
C VAL H 125 9.04 -73.02 -9.98
N ILE H 126 9.56 -74.16 -10.44
CA ILE H 126 10.39 -74.20 -11.64
C ILE H 126 9.52 -74.26 -12.89
N PHE H 127 8.61 -75.22 -12.96
CA PHE H 127 7.88 -75.53 -14.20
C PHE H 127 6.45 -74.99 -14.23
N GLY H 128 5.89 -74.56 -13.11
CA GLY H 128 4.50 -74.12 -13.03
C GLY H 128 3.48 -75.25 -13.01
N ILE H 129 3.92 -76.49 -12.76
CA ILE H 129 3.05 -77.67 -12.73
C ILE H 129 2.24 -77.64 -11.44
N ASP H 130 0.91 -77.58 -11.54
CA ASP H 130 0.00 -77.39 -10.40
C ASP H 130 0.34 -76.17 -9.52
N LYS H 131 0.87 -75.08 -10.11
CA LYS H 131 1.14 -73.85 -9.37
C LYS H 131 -0.16 -73.33 -8.74
N PRO H 132 -0.20 -72.97 -7.44
CA PRO H 132 -1.37 -72.37 -6.82
C PRO H 132 -1.81 -71.09 -7.54
N ALA H 133 -3.10 -70.91 -7.79
CA ALA H 133 -3.59 -69.78 -8.57
C ALA H 133 -3.38 -68.41 -7.89
N SER H 134 -3.18 -68.37 -6.58
CA SER H 134 -2.86 -67.16 -5.82
C SER H 134 -1.41 -66.72 -5.97
N TRP H 135 -0.51 -67.55 -6.49
CA TRP H 135 0.86 -67.13 -6.82
C TRP H 135 0.85 -66.39 -8.16
N VAL H 136 0.93 -65.07 -8.15
CA VAL H 136 0.88 -64.24 -9.37
C VAL H 136 2.20 -64.17 -10.12
N SER H 137 3.33 -64.47 -9.48
CA SER H 137 4.61 -64.62 -10.19
C SER H 137 4.57 -65.82 -11.13
N PRO H 138 4.94 -65.68 -12.41
CA PRO H 138 5.06 -66.83 -13.30
C PRO H 138 6.20 -67.73 -12.83
N ALA H 139 6.06 -69.04 -12.97
CA ALA H 139 7.13 -69.98 -12.62
C ALA H 139 8.36 -69.77 -13.50
N LEU H 140 9.54 -70.21 -13.06
CA LEU H 140 10.82 -69.85 -13.68
C LEU H 140 10.91 -70.18 -15.18
N VAL H 141 10.45 -71.35 -15.62
CA VAL H 141 10.47 -71.71 -17.04
C VAL H 141 9.44 -70.91 -17.85
N PRO H 142 8.15 -70.82 -17.49
CA PRO H 142 7.20 -69.96 -18.20
C PRO H 142 7.61 -68.48 -18.22
N ALA H 143 8.22 -67.98 -17.14
CA ALA H 143 8.73 -66.62 -17.08
C ALA H 143 9.81 -66.37 -18.13
N ALA H 144 10.82 -67.23 -18.20
CA ALA H 144 11.89 -67.14 -19.18
C ALA H 144 11.38 -67.20 -20.62
N VAL H 145 10.43 -68.08 -20.92
CA VAL H 145 9.86 -68.22 -22.25
C VAL H 145 9.04 -66.99 -22.63
N ALA H 146 8.17 -66.51 -21.75
CA ALA H 146 7.34 -65.32 -22.00
C ALA H 146 8.19 -64.05 -22.20
N ALA H 147 9.29 -63.93 -21.46
CA ALA H 147 10.26 -62.86 -21.60
C ALA H 147 11.09 -62.90 -22.89
N GLY H 148 11.03 -63.98 -23.66
CA GLY H 148 11.86 -64.19 -24.84
C GLY H 148 13.31 -64.55 -24.52
N GLN H 149 13.59 -65.00 -23.30
CA GLN H 149 14.91 -65.41 -22.84
C GLN H 149 15.12 -66.93 -22.89
N ALA H 150 14.48 -67.60 -23.84
CA ALA H 150 14.62 -69.02 -24.10
C ALA H 150 15.53 -69.25 -25.31
N ILE H 151 16.54 -70.11 -25.19
CA ILE H 151 17.40 -70.55 -26.30
C ILE H 151 17.18 -72.03 -26.52
N ALA H 152 16.84 -72.46 -27.72
CA ALA H 152 16.75 -73.88 -28.03
C ALA H 152 18.15 -74.50 -28.15
N HIS H 153 18.40 -75.57 -27.43
CA HIS H 153 19.60 -76.37 -27.57
C HIS H 153 19.65 -77.05 -28.94
N VAL H 154 20.84 -77.14 -29.55
CA VAL H 154 21.09 -77.92 -30.77
C VAL H 154 22.11 -79.01 -30.46
N SER H 155 21.66 -80.25 -30.56
CA SER H 155 22.44 -81.45 -30.26
C SER H 155 23.34 -81.88 -31.42
N GLY H 156 24.19 -82.89 -31.21
CA GLY H 156 25.18 -83.34 -32.18
C GLY H 156 26.54 -82.71 -31.93
N VAL H 157 27.21 -82.26 -32.99
CA VAL H 157 28.56 -81.69 -32.94
C VAL H 157 28.60 -80.46 -32.04
N ALA H 158 29.71 -80.23 -31.35
CA ALA H 158 29.94 -78.97 -30.64
C ALA H 158 29.67 -77.78 -31.55
N ASN H 159 28.89 -76.81 -31.10
CA ASN H 159 28.39 -75.70 -31.89
C ASN H 159 27.93 -74.57 -30.97
N GLU H 160 27.69 -73.37 -31.48
CA GLU H 160 27.36 -72.23 -30.62
C GLU H 160 26.06 -72.37 -29.82
N PHE H 161 25.22 -73.36 -30.13
CA PHE H 161 24.01 -73.76 -29.44
C PHE H 161 24.08 -75.16 -28.80
N ASP H 162 25.28 -75.73 -28.62
CA ASP H 162 25.43 -76.92 -27.78
C ASP H 162 25.16 -76.58 -26.32
N LEU H 163 25.29 -77.52 -25.39
CA LEU H 163 24.91 -77.26 -23.99
C LEU H 163 25.69 -76.12 -23.36
N VAL H 164 26.95 -75.95 -23.71
CA VAL H 164 27.77 -74.83 -23.22
C VAL H 164 27.41 -73.55 -23.96
N GLY H 165 27.21 -73.62 -25.26
CA GLY H 165 26.90 -72.47 -26.09
C GLY H 165 25.53 -71.88 -25.80
N ALA H 166 24.49 -72.71 -25.75
CA ALA H 166 23.15 -72.28 -25.38
C ALA H 166 23.10 -71.72 -23.97
N SER H 167 23.82 -72.29 -23.01
CA SER H 167 23.92 -71.71 -21.67
C SER H 167 24.61 -70.35 -21.68
N ASN H 168 25.66 -70.16 -22.48
CA ASN H 168 26.33 -68.87 -22.63
C ASN H 168 25.40 -67.83 -23.27
N LYS H 169 24.66 -68.20 -24.32
CA LYS H 169 23.68 -67.31 -24.96
C LYS H 169 22.56 -66.91 -24.01
N VAL H 170 22.09 -67.82 -23.16
CA VAL H 170 21.07 -67.50 -22.15
C VAL H 170 21.63 -66.54 -21.10
N ALA H 171 22.81 -66.81 -20.55
CA ALA H 171 23.41 -65.92 -19.57
C ALA H 171 23.69 -64.54 -20.14
N GLU H 172 24.16 -64.43 -21.38
CA GLU H 172 24.26 -63.15 -22.08
C GLU H 172 22.91 -62.44 -22.12
N LYS H 173 21.86 -63.12 -22.54
CA LYS H 173 20.54 -62.51 -22.68
C LYS H 173 19.95 -62.08 -21.34
N VAL H 174 20.19 -62.83 -20.26
CA VAL H 174 19.88 -62.39 -18.89
C VAL H 174 20.72 -61.18 -18.50
N ALA H 175 22.02 -61.15 -18.81
CA ALA H 175 22.91 -60.05 -18.45
C ALA H 175 22.61 -58.75 -19.20
N LEU H 176 22.14 -58.82 -20.44
CA LEU H 176 21.69 -57.66 -21.21
C LEU H 176 20.33 -57.14 -20.78
N ALA H 177 19.54 -57.90 -20.01
CA ALA H 177 18.41 -57.37 -19.28
C ALA H 177 18.84 -56.56 -18.03
N GLY H 178 20.12 -56.52 -17.71
CA GLY H 178 20.68 -55.78 -16.57
C GLY H 178 20.85 -56.60 -15.30
N TRP H 179 20.52 -57.90 -15.33
CA TRP H 179 20.66 -58.81 -14.20
C TRP H 179 22.01 -59.52 -14.14
N ALA H 180 22.32 -60.19 -13.03
CA ALA H 180 23.58 -60.90 -12.84
C ALA H 180 23.31 -62.41 -12.71
N PRO H 181 23.28 -63.18 -13.82
CA PRO H 181 22.96 -64.60 -13.77
C PRO H 181 24.02 -65.35 -12.98
N ASP H 182 23.63 -66.17 -12.00
CA ASP H 182 24.58 -66.85 -11.13
C ASP H 182 24.15 -68.24 -10.66
N THR H 183 22.90 -68.65 -10.84
CA THR H 183 22.43 -69.99 -10.54
C THR H 183 22.05 -70.72 -11.81
N LEU H 184 22.43 -71.99 -11.91
CA LEU H 184 21.99 -72.93 -12.94
C LEU H 184 21.24 -74.10 -12.28
N LEU H 185 19.99 -74.35 -12.67
CA LEU H 185 19.22 -75.51 -12.25
C LEU H 185 19.14 -76.50 -13.40
N SER H 186 19.33 -77.80 -13.17
CA SER H 186 19.20 -78.82 -14.21
C SER H 186 18.98 -80.23 -13.64
N SER H 187 18.67 -81.23 -14.46
CA SER H 187 18.78 -82.64 -14.04
C SER H 187 20.23 -83.13 -14.17
N LEU H 188 20.54 -84.32 -13.66
CA LEU H 188 21.89 -84.89 -13.79
C LEU H 188 22.32 -85.12 -15.25
N ALA H 189 21.40 -85.18 -16.21
CA ALA H 189 21.72 -85.36 -17.62
C ALA H 189 22.70 -84.31 -18.15
N LEU H 190 22.71 -83.10 -17.61
CA LEU H 190 23.64 -82.07 -18.04
C LEU H 190 25.09 -82.45 -17.79
N ARG H 191 25.45 -83.13 -16.68
CA ARG H 191 26.82 -83.59 -16.46
C ARG H 191 27.25 -84.59 -17.52
N TYR H 192 26.45 -85.64 -17.68
CA TYR H 192 26.77 -86.73 -18.60
C TYR H 192 26.78 -86.29 -20.06
N GLN H 193 25.93 -85.35 -20.45
CA GLN H 193 25.89 -84.86 -21.82
C GLN H 193 27.01 -83.86 -22.10
N VAL H 194 27.35 -82.93 -21.21
CA VAL H 194 28.49 -82.03 -21.42
C VAL H 194 29.80 -82.79 -21.52
N ALA H 195 30.01 -83.79 -20.66
CA ALA H 195 31.19 -84.63 -20.70
C ALA H 195 31.33 -85.47 -21.99
N ASN H 196 30.35 -85.47 -22.88
CA ASN H 196 30.32 -86.25 -24.11
C ASN H 196 29.98 -85.44 -25.37
N VAL H 197 30.00 -84.10 -25.35
CA VAL H 197 29.88 -83.33 -26.60
C VAL H 197 31.14 -83.53 -27.40
N ARG H 198 31.03 -83.80 -28.71
CA ARG H 198 32.17 -84.10 -29.58
C ARG H 198 32.40 -82.99 -30.58
N ASP H 199 33.65 -82.60 -30.84
CA ASP H 199 33.96 -81.73 -31.97
C ASP H 199 33.79 -82.47 -33.31
N ALA H 200 33.94 -81.80 -34.44
CA ALA H 200 33.70 -82.40 -35.75
C ALA H 200 34.63 -83.57 -36.07
N ASP H 201 35.80 -83.64 -35.45
CA ASP H 201 36.72 -84.78 -35.54
C ASP H 201 36.36 -85.93 -34.60
N GLY H 202 35.41 -85.74 -33.69
CA GLY H 202 34.92 -86.76 -32.78
C GLY H 202 35.58 -86.77 -31.40
N ASN H 203 36.49 -85.85 -31.12
CA ASN H 203 37.14 -85.75 -29.80
C ASN H 203 36.21 -85.09 -28.78
N LEU H 204 36.44 -85.31 -27.49
CA LEU H 204 35.70 -84.63 -26.44
C LEU H 204 35.95 -83.12 -26.53
N ALA H 205 34.90 -82.31 -26.70
CA ALA H 205 35.03 -80.87 -26.85
C ALA H 205 35.25 -80.14 -25.52
N PHE H 206 34.68 -80.64 -24.42
CA PHE H 206 34.70 -80.00 -23.09
C PHE H 206 35.32 -80.90 -22.02
N ARG H 207 36.45 -81.54 -22.33
CA ARG H 207 37.14 -82.49 -21.43
C ARG H 207 37.49 -81.86 -20.07
N ASP H 208 37.78 -80.57 -20.05
CA ASP H 208 38.13 -79.81 -18.83
C ASP H 208 36.94 -79.53 -17.90
N GLY H 209 35.70 -79.72 -18.36
CA GLY H 209 34.50 -79.26 -17.67
C GLY H 209 34.25 -77.75 -17.83
N SER H 210 32.99 -77.35 -17.64
CA SER H 210 32.49 -75.99 -17.95
C SER H 210 31.52 -75.50 -16.86
N PHE H 211 30.74 -74.44 -17.12
CA PHE H 211 29.79 -73.83 -16.18
C PHE H 211 30.41 -73.22 -14.93
N LEU H 212 31.70 -72.85 -14.99
CA LEU H 212 32.31 -72.00 -13.98
C LEU H 212 31.54 -70.67 -13.89
N GLY H 213 31.44 -70.10 -12.70
CA GLY H 213 30.67 -68.87 -12.47
C GLY H 213 29.16 -69.06 -12.35
N PHE H 214 28.63 -70.29 -12.48
CA PHE H 214 27.31 -70.66 -11.99
C PHE H 214 27.42 -71.52 -10.75
N ASN H 215 26.66 -71.22 -9.70
CA ASN H 215 26.30 -72.20 -8.69
C ASN H 215 25.30 -73.17 -9.33
N THR H 216 25.66 -74.45 -9.43
CA THR H 216 24.85 -75.44 -10.15
C THR H 216 24.14 -76.36 -9.18
N HIS H 217 22.83 -76.51 -9.32
CA HIS H 217 21.99 -77.38 -8.52
C HIS H 217 21.31 -78.43 -9.38
N PHE H 218 21.46 -79.70 -9.02
CA PHE H 218 20.88 -80.81 -9.77
C PHE H 218 19.59 -81.31 -9.10
N ASN H 219 18.48 -81.33 -9.83
CA ASN H 219 17.25 -81.91 -9.32
C ASN H 219 17.33 -83.43 -9.30
N ARG H 220 16.98 -84.06 -8.17
CA ARG H 220 16.97 -85.51 -8.01
C ARG H 220 15.67 -86.10 -7.47
N ASN H 221 14.76 -85.29 -6.93
CA ASN H 221 13.46 -85.74 -6.42
C ASN H 221 12.43 -86.06 -7.52
N GLY H 222 12.81 -86.03 -8.79
CA GLY H 222 11.94 -86.35 -9.92
C GLY H 222 10.99 -85.22 -10.33
N ALA H 223 11.15 -84.02 -9.79
CA ALA H 223 10.36 -82.87 -10.22
C ALA H 223 10.71 -82.37 -11.62
N TRP H 224 11.91 -82.63 -12.12
CA TRP H 224 12.38 -82.09 -13.40
C TRP H 224 11.52 -82.53 -14.59
N ALA H 225 11.08 -81.61 -15.42
CA ALA H 225 10.38 -81.90 -16.67
C ALA H 225 11.35 -81.72 -17.86
N PRO H 226 12.00 -82.79 -18.36
CA PRO H 226 13.02 -82.69 -19.39
C PRO H 226 12.48 -82.24 -20.75
N THR H 227 11.18 -82.35 -21.01
CA THR H 227 10.54 -81.80 -22.21
C THR H 227 10.28 -80.30 -22.13
N SER H 228 10.40 -79.69 -20.94
CA SER H 228 10.21 -78.24 -20.74
C SER H 228 11.54 -77.48 -20.71
N ALA H 229 12.57 -78.01 -20.06
CA ALA H 229 13.88 -77.37 -19.99
C ALA H 229 15.03 -78.37 -19.92
N VAL H 230 16.16 -77.99 -20.49
CA VAL H 230 17.46 -78.62 -20.26
C VAL H 230 18.13 -78.01 -19.04
N GLY H 231 18.04 -76.70 -18.87
CA GLY H 231 18.55 -76.00 -17.70
C GLY H 231 17.96 -74.60 -17.58
N VAL H 232 17.87 -74.09 -16.37
CA VAL H 232 17.37 -72.75 -16.05
C VAL H 232 18.50 -71.92 -15.48
N ILE H 233 18.80 -70.76 -16.08
CA ILE H 233 19.82 -69.83 -15.60
C ILE H 233 19.09 -68.65 -14.98
N ALA H 234 19.42 -68.30 -13.73
CA ALA H 234 18.72 -67.26 -12.98
C ALA H 234 19.69 -66.36 -12.24
N ASP H 235 19.33 -65.09 -12.09
CA ASP H 235 19.91 -64.24 -11.05
C ASP H 235 19.24 -64.59 -9.73
N SER H 236 19.91 -65.38 -8.91
CA SER H 236 19.36 -65.90 -7.67
C SER H 236 19.06 -64.82 -6.64
N SER H 237 19.50 -63.57 -6.81
CA SER H 237 19.12 -62.50 -5.91
C SER H 237 17.64 -62.13 -6.05
N ARG H 238 17.05 -62.35 -7.22
CA ARG H 238 15.68 -61.95 -7.58
C ARG H 238 14.64 -63.03 -7.43
N VAL H 239 15.04 -64.24 -7.03
CA VAL H 239 14.15 -65.37 -6.84
C VAL H 239 14.13 -65.66 -5.35
N LYS H 240 12.96 -65.64 -4.71
CA LYS H 240 12.85 -65.88 -3.27
C LYS H 240 11.70 -66.82 -2.96
N ILE H 241 11.92 -67.73 -2.02
CA ILE H 241 10.93 -68.72 -1.60
C ILE H 241 10.50 -68.36 -0.19
N GLY H 242 9.22 -68.09 0.02
CA GLY H 242 8.70 -67.83 1.36
C GLY H 242 8.39 -69.14 2.06
N VAL H 243 8.85 -69.31 3.29
CA VAL H 243 8.60 -70.51 4.09
C VAL H 243 7.77 -70.11 5.30
N ARG H 244 6.45 -70.11 5.13
CA ARG H 244 5.50 -69.75 6.19
C ARG H 244 5.39 -70.86 7.25
N GLN H 245 5.47 -72.11 6.84
CA GLN H 245 5.55 -73.26 7.74
C GLN H 245 6.34 -74.38 7.08
N ASP H 246 7.39 -74.86 7.73
CA ASP H 246 8.18 -76.01 7.27
C ASP H 246 7.40 -77.34 7.34
N ILE H 247 7.96 -78.46 6.89
CA ILE H 247 7.29 -79.76 7.00
C ILE H 247 6.96 -80.08 8.47
N THR H 248 5.69 -80.29 8.78
CA THR H 248 5.20 -80.68 10.11
C THR H 248 4.40 -81.97 10.03
N VAL H 249 4.56 -82.84 11.03
CA VAL H 249 3.88 -84.13 11.16
C VAL H 249 2.91 -84.10 12.34
N LYS H 250 1.65 -84.51 12.14
CA LYS H 250 0.73 -84.86 13.21
C LYS H 250 0.33 -86.32 13.12
N PHE H 251 0.48 -87.06 14.20
CA PHE H 251 -0.06 -88.41 14.35
C PHE H 251 -1.55 -88.37 14.65
N LEU H 252 -2.37 -89.00 13.81
CA LEU H 252 -3.82 -89.07 13.92
C LEU H 252 -4.23 -90.50 14.30
N ASP H 253 -4.96 -90.64 15.40
CA ASP H 253 -5.44 -91.93 15.91
C ASP H 253 -6.95 -91.96 16.19
N GLN H 254 -7.63 -90.81 16.09
CA GLN H 254 -9.08 -90.68 16.27
C GLN H 254 -9.79 -89.96 15.12
N ALA H 255 -9.06 -89.41 14.16
CA ALA H 255 -9.65 -88.63 13.07
C ALA H 255 -10.52 -89.48 12.14
N THR H 256 -11.40 -88.82 11.41
CA THR H 256 -12.22 -89.40 10.34
C THR H 256 -11.77 -88.84 9.00
N LEU H 257 -11.53 -89.70 8.02
CA LEU H 257 -11.11 -89.34 6.66
C LEU H 257 -12.27 -89.62 5.70
N GLY H 258 -12.66 -88.66 4.88
CA GLY H 258 -13.78 -88.79 3.94
C GLY H 258 -15.17 -88.80 4.57
N THR H 259 -16.21 -88.90 3.75
CA THR H 259 -17.62 -88.85 4.15
C THR H 259 -18.47 -89.86 3.39
N GLY H 260 -19.66 -90.18 3.92
CA GLY H 260 -20.60 -91.09 3.29
C GLY H 260 -20.07 -92.53 3.19
N GLU H 261 -20.33 -93.19 2.07
CA GLU H 261 -19.90 -94.58 1.85
C GLU H 261 -18.38 -94.77 1.84
N ASN H 262 -17.63 -93.71 1.50
CA ASN H 262 -16.17 -93.73 1.44
C ASN H 262 -15.50 -93.38 2.80
N GLN H 263 -16.27 -93.15 3.85
CA GLN H 263 -15.75 -92.69 5.13
C GLN H 263 -14.88 -93.73 5.85
N ILE H 264 -13.73 -93.31 6.37
CA ILE H 264 -12.86 -94.11 7.22
C ILE H 264 -12.80 -93.46 8.61
N ASN H 265 -13.19 -94.16 9.66
CA ASN H 265 -12.99 -93.70 11.04
C ASN H 265 -11.78 -94.43 11.61
N LEU H 266 -10.68 -93.74 11.90
CA LEU H 266 -9.44 -94.42 12.24
C LEU H 266 -9.56 -95.24 13.51
N ALA H 267 -10.21 -94.72 14.56
CA ALA H 267 -10.30 -95.37 15.85
C ALA H 267 -11.08 -96.68 15.82
N GLU H 268 -12.25 -96.72 15.22
CA GLU H 268 -13.06 -97.96 15.19
C GLU H 268 -12.51 -99.00 14.23
N ARG H 269 -11.85 -98.59 13.14
CA ARG H 269 -11.21 -99.52 12.19
C ARG H 269 -9.82 -99.95 12.64
N ASP H 270 -9.36 -99.47 13.78
CA ASP H 270 -8.03 -99.75 14.35
C ASP H 270 -6.87 -99.37 13.42
N MET H 271 -7.05 -98.26 12.69
CA MET H 271 -6.00 -97.63 11.90
C MET H 271 -5.41 -96.42 12.64
N VAL H 272 -4.30 -95.91 12.12
CA VAL H 272 -3.73 -94.61 12.45
C VAL H 272 -3.29 -93.93 11.16
N ALA H 273 -2.95 -92.67 11.20
CA ALA H 273 -2.43 -91.95 10.04
C ALA H 273 -1.38 -90.92 10.46
N LEU H 274 -0.50 -90.54 9.54
CA LEU H 274 0.28 -89.30 9.64
C LEU H 274 -0.31 -88.28 8.71
N ARG H 275 -0.51 -87.06 9.20
CA ARG H 275 -0.72 -85.88 8.38
C ARG H 275 0.58 -85.11 8.27
N LEU H 276 1.03 -84.89 7.05
CA LEU H 276 2.21 -84.12 6.70
C LEU H 276 1.73 -82.82 6.08
N LYS H 277 2.17 -81.66 6.57
CA LYS H 277 1.86 -80.37 5.91
C LYS H 277 2.92 -79.30 6.03
N ALA H 278 2.93 -78.39 5.06
CA ALA H 278 3.81 -77.22 5.00
C ALA H 278 3.14 -76.09 4.23
N ARG H 279 3.59 -74.85 4.42
CA ARG H 279 3.12 -73.67 3.68
C ARG H 279 4.26 -72.92 3.05
N PHE H 280 4.17 -72.67 1.75
CA PHE H 280 5.23 -72.09 0.94
C PHE H 280 4.69 -70.94 0.08
N ALA H 281 5.57 -70.04 -0.31
CA ALA H 281 5.29 -68.93 -1.21
C ALA H 281 6.45 -68.72 -2.16
N TYR H 282 6.22 -68.01 -3.25
CA TYR H 282 7.22 -67.81 -4.29
C TYR H 282 7.04 -66.44 -4.94
N VAL H 283 8.14 -65.71 -5.11
CA VAL H 283 8.15 -64.42 -5.81
C VAL H 283 9.32 -64.33 -6.78
N LEU H 284 9.05 -63.82 -7.97
CA LEU H 284 10.06 -63.48 -8.97
C LEU H 284 10.13 -61.96 -9.10
N GLY H 285 11.27 -61.38 -8.76
CA GLY H 285 11.49 -59.93 -8.74
C GLY H 285 11.71 -59.30 -10.12
N VAL H 286 10.78 -59.53 -11.05
CA VAL H 286 10.70 -58.83 -12.35
C VAL H 286 10.49 -57.35 -12.10
N SER H 287 11.40 -56.51 -12.56
CA SER H 287 11.41 -55.07 -12.27
C SER H 287 12.17 -54.30 -13.35
N ALA H 288 12.21 -52.98 -13.26
CA ALA H 288 13.18 -52.22 -14.02
C ALA H 288 14.60 -52.47 -13.52
N THR H 289 15.56 -52.28 -14.42
CA THR H 289 17.01 -52.21 -14.18
C THR H 289 17.53 -50.99 -14.93
N SER H 290 18.80 -50.62 -14.79
CA SER H 290 19.39 -49.53 -15.56
C SER H 290 19.19 -49.63 -17.08
N VAL H 291 18.96 -50.83 -17.62
CA VAL H 291 18.83 -51.06 -19.06
C VAL H 291 17.38 -50.87 -19.54
N GLY H 292 16.37 -50.91 -18.66
CA GLY H 292 14.97 -50.65 -19.05
C GLY H 292 13.93 -51.19 -18.07
N ALA H 293 12.66 -51.04 -18.41
CA ALA H 293 11.52 -51.54 -17.64
C ALA H 293 11.31 -53.05 -17.77
N ASN H 294 10.60 -53.66 -16.81
CA ASN H 294 9.99 -55.00 -16.95
C ASN H 294 10.97 -56.13 -17.32
N GLN H 295 12.14 -56.15 -16.71
CA GLN H 295 13.24 -57.06 -17.05
C GLN H 295 13.17 -58.36 -16.25
N THR H 296 13.07 -59.50 -16.92
CA THR H 296 12.97 -60.81 -16.26
C THR H 296 14.34 -61.37 -15.87
N PRO H 297 14.57 -61.78 -14.60
CA PRO H 297 15.88 -62.20 -14.10
C PRO H 297 16.19 -63.69 -14.31
N VAL H 298 15.55 -64.34 -15.29
CA VAL H 298 15.70 -65.77 -15.53
C VAL H 298 15.57 -66.08 -17.02
N GLY H 299 16.40 -67.01 -17.50
CA GLY H 299 16.40 -67.53 -18.85
C GLY H 299 16.47 -69.05 -18.86
N VAL H 300 16.15 -69.69 -20.00
CA VAL H 300 16.03 -71.15 -20.07
C VAL H 300 16.68 -71.71 -21.33
N VAL H 301 17.39 -72.83 -21.22
CA VAL H 301 17.80 -73.62 -22.38
C VAL H 301 16.71 -74.65 -22.62
N THR H 302 15.97 -74.56 -23.71
CA THR H 302 14.88 -75.49 -24.02
C THR H 302 15.42 -76.70 -24.79
N PRO H 303 14.78 -77.88 -24.72
CA PRO H 303 15.30 -79.10 -25.32
C PRO H 303 15.31 -79.06 -26.85
N ASP H 304 16.10 -79.94 -27.44
CA ASP H 304 16.26 -80.02 -28.88
C ASP H 304 15.17 -80.87 -29.53
N VAL H 305 14.15 -80.20 -30.07
CA VAL H 305 12.99 -80.86 -30.69
C VAL H 305 13.29 -81.42 -32.09
N THR H 306 14.34 -80.96 -32.78
CA THR H 306 14.53 -81.22 -34.23
C THR H 306 15.97 -81.47 -34.68
N ALA H 307 16.98 -81.06 -33.92
CA ALA H 307 18.42 -81.16 -34.19
C ALA H 307 18.83 -80.60 -35.56
N ALA I 2 -21.67 -71.89 10.79
CA ALA I 2 -21.25 -73.11 11.45
C ALA I 2 -19.74 -73.17 11.75
N ASP I 3 -18.93 -72.35 11.06
CA ASP I 3 -17.48 -72.29 11.17
C ASP I 3 -16.92 -70.89 10.83
N ILE I 4 -15.77 -70.54 11.41
CA ILE I 4 -14.99 -69.36 11.04
C ILE I 4 -13.99 -69.38 9.86
N SER I 5 -14.39 -68.79 8.73
CA SER I 5 -13.53 -68.70 7.53
C SER I 5 -12.49 -67.60 7.65
N ARG I 6 -11.39 -67.68 6.89
CA ARG I 6 -10.43 -66.56 6.78
C ARG I 6 -10.91 -65.17 6.31
N ALA I 7 -12.04 -65.05 5.60
CA ALA I 7 -12.66 -63.77 5.28
C ALA I 7 -13.34 -63.15 6.51
N GLU I 8 -13.80 -63.97 7.44
CA GLU I 8 -14.54 -63.55 8.64
C GLU I 8 -13.64 -63.18 9.81
N VAL I 9 -12.33 -63.32 9.68
CA VAL I 9 -11.31 -62.86 10.63
C VAL I 9 -10.75 -61.50 10.16
N ALA I 10 -11.54 -60.74 9.41
CA ALA I 10 -11.08 -59.64 8.56
C ALA I 10 -10.15 -58.65 9.26
N THR I 11 -8.97 -58.42 8.70
CA THR I 11 -7.94 -57.48 9.20
C THR I 11 -7.42 -57.70 10.62
N LEU I 12 -7.83 -58.76 11.31
CA LEU I 12 -7.00 -59.34 12.38
C LEU I 12 -5.79 -60.07 11.78
N ILE I 13 -5.94 -60.61 10.57
CA ILE I 13 -4.85 -61.02 9.68
C ILE I 13 -4.36 -59.78 8.92
N GLN I 14 -3.17 -59.30 9.27
CA GLN I 14 -2.51 -58.17 8.63
C GLN I 14 -1.64 -58.62 7.45
N GLU I 15 -1.40 -57.76 6.47
CA GLU I 15 -0.50 -58.02 5.36
C GLU I 15 0.82 -57.29 5.58
N ALA I 16 1.94 -57.99 5.43
CA ALA I 16 3.26 -57.46 5.72
C ALA I 16 3.89 -56.76 4.51
N TYR I 17 4.99 -56.05 4.74
CA TYR I 17 5.75 -55.32 3.72
C TYR I 17 7.25 -55.62 3.84
N SER I 18 7.95 -55.73 2.71
CA SER I 18 9.40 -55.96 2.70
C SER I 18 10.06 -55.29 1.49
N ASP I 19 10.98 -54.38 1.73
CA ASP I 19 11.71 -53.63 0.69
C ASP I 19 12.88 -54.42 0.06
N THR I 20 12.98 -55.72 0.32
CA THR I 20 14.12 -56.56 -0.08
C THR I 20 14.29 -56.74 -1.59
N LEU I 21 13.26 -56.50 -2.41
CA LEU I 21 13.37 -56.46 -3.87
C LEU I 21 13.50 -55.04 -4.44
N LEU I 22 13.39 -53.99 -3.63
CA LEU I 22 13.26 -52.60 -4.09
C LEU I 22 14.56 -51.99 -4.60
N ALA I 23 15.67 -52.22 -3.90
CA ALA I 23 16.93 -51.57 -4.20
C ALA I 23 17.42 -51.87 -5.62
N ALA I 24 17.76 -50.81 -6.36
CA ALA I 24 18.29 -50.89 -7.71
C ALA I 24 19.56 -50.06 -7.82
N ALA I 25 20.62 -50.63 -8.39
CA ALA I 25 21.88 -49.93 -8.66
C ALA I 25 21.72 -48.90 -9.77
N LYS I 26 22.53 -47.85 -9.75
CA LYS I 26 22.59 -46.82 -10.81
C LYS I 26 23.93 -46.85 -11.52
N GLN I 27 23.91 -46.68 -12.83
CA GLN I 27 25.07 -46.75 -13.70
C GLN I 27 25.45 -45.34 -14.19
N GLY I 28 26.72 -44.98 -14.08
CA GLY I 28 27.23 -43.69 -14.54
C GLY I 28 27.27 -43.57 -16.06
N SER I 29 27.68 -42.42 -16.57
CA SER I 29 28.07 -42.29 -17.98
C SER I 29 29.32 -43.11 -18.27
N THR I 30 29.33 -43.83 -19.38
CA THR I 30 30.53 -44.46 -19.91
C THR I 30 31.56 -43.42 -20.30
N VAL I 31 31.19 -42.39 -21.07
CA VAL I 31 32.18 -41.47 -21.62
C VAL I 31 32.87 -40.64 -20.54
N LEU I 32 32.18 -40.27 -19.45
CA LEU I 32 32.80 -39.59 -18.32
C LEU I 32 33.81 -40.45 -17.54
N SER I 33 33.86 -41.76 -17.79
CA SER I 33 34.84 -42.67 -17.19
C SER I 33 35.91 -43.11 -18.19
N ALA I 34 35.58 -43.18 -19.48
CA ALA I 34 36.50 -43.61 -20.53
C ALA I 34 37.49 -42.51 -20.94
N PHE I 35 37.10 -41.25 -20.88
CA PHE I 35 37.84 -40.12 -21.45
C PHE I 35 38.07 -39.01 -20.43
N GLN I 36 39.02 -38.11 -20.69
CA GLN I 36 39.36 -37.05 -19.75
C GLN I 36 38.23 -36.03 -19.61
N ASN I 37 37.88 -35.72 -18.36
CA ASN I 37 36.93 -34.68 -18.02
C ASN I 37 37.64 -33.33 -17.94
N VAL I 38 37.27 -32.39 -18.81
CA VAL I 38 37.87 -31.06 -18.93
C VAL I 38 36.97 -30.03 -18.26
N ASN I 39 37.49 -29.29 -17.29
CA ASN I 39 36.76 -28.23 -16.61
C ASN I 39 36.52 -27.04 -17.53
N MET I 40 35.35 -26.39 -17.46
CA MET I 40 35.01 -25.19 -18.22
C MET I 40 34.38 -24.11 -17.34
N GLY I 41 34.72 -22.84 -17.55
CA GLY I 41 34.12 -21.69 -16.86
C GLY I 41 33.15 -20.86 -17.70
N THR I 42 32.98 -21.18 -18.98
CA THR I 42 32.16 -20.46 -19.96
C THR I 42 31.70 -21.43 -21.05
N LYS I 43 30.76 -21.06 -21.92
CA LYS I 43 30.19 -21.97 -22.90
C LYS I 43 31.22 -22.52 -23.89
N THR I 44 32.06 -21.68 -24.48
CA THR I 44 32.96 -22.09 -25.57
C THR I 44 34.41 -22.10 -25.14
N THR I 45 35.14 -23.16 -25.49
CA THR I 45 36.60 -23.28 -25.34
C THR I 45 37.20 -23.63 -26.68
N HIS I 46 38.30 -22.98 -27.07
CA HIS I 46 39.01 -23.19 -28.32
C HIS I 46 40.30 -23.99 -28.07
N LEU I 47 40.53 -25.03 -28.86
CA LEU I 47 41.71 -25.88 -28.80
C LEU I 47 42.43 -25.82 -30.15
N PRO I 48 43.67 -25.32 -30.24
CA PRO I 48 44.45 -25.37 -31.47
C PRO I 48 44.99 -26.78 -31.71
N VAL I 49 45.05 -27.22 -32.96
CA VAL I 49 45.62 -28.51 -33.38
C VAL I 49 46.47 -28.33 -34.64
N LEU I 50 47.51 -29.13 -34.82
CA LEU I 50 48.30 -29.14 -36.05
C LEU I 50 47.45 -29.66 -37.22
N ALA I 51 47.49 -29.04 -38.40
CA ALA I 51 46.57 -29.32 -39.49
C ALA I 51 47.23 -29.74 -40.80
N THR I 52 48.43 -29.24 -41.14
CA THR I 52 49.22 -29.72 -42.28
C THR I 52 50.71 -29.71 -41.98
N LEU I 53 51.48 -30.47 -42.75
CA LEU I 53 52.91 -30.71 -42.56
C LEU I 53 53.73 -30.12 -43.71
N PRO I 54 54.96 -29.64 -43.46
CA PRO I 54 55.85 -29.11 -44.48
C PRO I 54 56.43 -30.21 -45.39
N GLU I 55 56.88 -29.85 -46.57
CA GLU I 55 57.58 -30.73 -47.50
C GLU I 55 59.00 -30.24 -47.80
N ALA I 56 60.01 -31.07 -47.55
CA ALA I 56 61.36 -30.88 -48.07
C ALA I 56 61.45 -31.26 -49.55
N GLY I 57 62.60 -31.02 -50.18
CA GLY I 57 62.91 -31.47 -51.54
C GLY I 57 64.40 -31.65 -51.75
N TRP I 58 64.79 -32.23 -52.88
CA TRP I 58 66.19 -32.40 -53.28
C TRP I 58 66.63 -31.27 -54.20
N VAL I 59 67.82 -30.73 -54.00
CA VAL I 59 68.36 -29.57 -54.72
C VAL I 59 69.72 -29.86 -55.34
N GLY I 60 70.01 -29.28 -56.49
CA GLY I 60 71.35 -29.30 -57.09
C GLY I 60 72.23 -28.19 -56.52
N GLU I 61 73.54 -28.25 -56.76
CA GLU I 61 74.37 -27.05 -56.68
C GLU I 61 74.20 -26.27 -57.97
N SER I 62 73.63 -25.07 -57.92
CA SER I 62 73.59 -24.18 -59.08
C SER I 62 73.22 -22.75 -58.70
N ALA I 63 73.97 -21.78 -59.19
CA ALA I 63 73.42 -20.44 -59.44
C ALA I 63 72.65 -20.52 -60.77
N THR I 64 72.09 -19.42 -61.27
CA THR I 64 71.42 -19.32 -62.58
C THR I 64 70.12 -20.11 -62.78
N GLU I 65 70.01 -21.36 -62.31
CA GLU I 65 68.99 -22.33 -62.76
C GLU I 65 68.08 -22.87 -61.64
N PRO I 66 66.82 -23.22 -61.93
CA PRO I 66 65.81 -23.53 -60.91
C PRO I 66 66.16 -24.73 -60.02
N GLU I 67 66.94 -25.68 -60.55
CA GLU I 67 67.41 -26.85 -59.83
C GLU I 67 68.18 -26.50 -58.54
N GLY I 68 68.80 -25.31 -58.48
CA GLY I 68 69.61 -24.86 -57.37
C GLY I 68 68.85 -24.18 -56.23
N VAL I 69 67.55 -23.94 -56.37
CA VAL I 69 66.76 -23.12 -55.43
C VAL I 69 66.06 -23.99 -54.39
N ILE I 70 66.22 -23.67 -53.11
CA ILE I 70 65.59 -24.41 -52.01
C ILE I 70 64.07 -24.14 -51.98
N PRO I 71 63.19 -25.16 -51.93
CA PRO I 71 61.75 -24.96 -51.83
C PRO I 71 61.31 -24.34 -50.51
N THR I 72 60.28 -23.49 -50.54
CA THR I 72 59.54 -23.04 -49.35
C THR I 72 58.37 -23.98 -49.04
N SER I 73 57.88 -24.02 -47.79
CA SER I 73 56.69 -24.79 -47.42
C SER I 73 55.93 -24.23 -46.21
N LYS I 74 54.61 -24.48 -46.15
CA LYS I 74 53.72 -24.15 -45.04
C LYS I 74 53.95 -25.07 -43.84
N VAL I 75 53.56 -24.60 -42.67
CA VAL I 75 53.11 -25.43 -41.55
C VAL I 75 51.82 -24.77 -41.10
N THR I 76 50.74 -25.51 -40.84
CA THR I 76 49.46 -24.89 -40.50
C THR I 76 48.77 -25.61 -39.36
N TRP I 77 47.93 -24.86 -38.66
CA TRP I 77 47.11 -25.26 -37.55
C TRP I 77 45.64 -24.98 -37.85
N ALA I 78 44.76 -25.64 -37.10
CA ALA I 78 43.32 -25.48 -37.18
C ALA I 78 42.73 -25.45 -35.78
N ASN I 79 41.46 -25.11 -35.67
CA ASN I 79 40.76 -24.98 -34.40
C ASN I 79 39.73 -26.10 -34.20
N ARG I 80 39.64 -26.59 -32.97
CA ARG I 80 38.56 -27.46 -32.48
C ARG I 80 37.89 -26.78 -31.29
N THR I 81 36.61 -27.00 -31.06
CA THR I 81 35.88 -26.36 -29.96
C THR I 81 35.12 -27.34 -29.07
N LEU I 82 35.13 -27.04 -27.77
CA LEU I 82 34.14 -27.52 -26.82
C LEU I 82 33.07 -26.44 -26.71
N VAL I 83 31.79 -26.77 -26.94
CA VAL I 83 30.67 -25.84 -26.76
C VAL I 83 29.67 -26.46 -25.80
N ALA I 84 29.51 -25.91 -24.60
CA ALA I 84 28.67 -26.49 -23.57
C ALA I 84 27.19 -26.43 -23.94
N GLU I 85 26.51 -27.55 -23.79
CA GLU I 85 25.09 -27.71 -24.08
C GLU I 85 24.41 -28.38 -22.90
N GLU I 86 23.13 -28.08 -22.72
CA GLU I 86 22.41 -28.41 -21.50
C GLU I 86 21.46 -29.59 -21.68
N VAL I 87 21.55 -30.54 -20.76
CA VAL I 87 20.69 -31.72 -20.67
C VAL I 87 19.99 -31.71 -19.34
N ALA I 88 18.67 -31.91 -19.33
CA ALA I 88 17.85 -31.69 -18.16
C ALA I 88 16.54 -32.47 -18.16
N VAL I 89 15.92 -32.59 -16.99
CA VAL I 89 14.59 -33.17 -16.80
C VAL I 89 13.89 -32.52 -15.61
N ILE I 90 12.55 -32.46 -15.62
CA ILE I 90 11.75 -32.10 -14.45
C ILE I 90 10.83 -33.25 -14.07
N ILE I 91 10.73 -33.61 -12.79
CA ILE I 91 9.92 -34.74 -12.34
C ILE I 91 8.94 -34.28 -11.24
N PRO I 92 7.65 -34.09 -11.56
CA PRO I 92 6.65 -33.61 -10.60
C PRO I 92 5.96 -34.73 -9.80
N VAL I 93 5.57 -34.45 -8.56
CA VAL I 93 5.00 -35.40 -7.60
C VAL I 93 3.99 -34.67 -6.68
N PRO I 94 2.89 -35.29 -6.22
CA PRO I 94 2.03 -34.68 -5.21
C PRO I 94 2.71 -34.59 -3.84
N GLU I 95 2.52 -33.51 -3.08
CA GLU I 95 3.06 -33.42 -1.73
C GLU I 95 2.53 -34.54 -0.82
N ALA I 96 1.25 -34.89 -0.95
CA ALA I 96 0.62 -35.95 -0.19
C ALA I 96 1.31 -37.30 -0.38
N VAL I 97 1.70 -37.64 -1.61
CA VAL I 97 2.44 -38.87 -1.92
C VAL I 97 3.79 -38.88 -1.22
N ILE I 98 4.55 -37.79 -1.27
CA ILE I 98 5.85 -37.69 -0.59
C ILE I 98 5.69 -37.79 0.93
N ASP I 99 4.63 -37.22 1.49
CA ASP I 99 4.34 -37.29 2.92
C ASP I 99 3.93 -38.70 3.37
N ASP I 100 3.15 -39.42 2.58
CA ASP I 100 2.63 -40.74 2.92
C ASP I 100 3.61 -41.90 2.66
N ALA I 101 4.54 -41.74 1.73
CA ALA I 101 5.52 -42.78 1.38
C ALA I 101 6.44 -43.15 2.56
N THR I 102 6.85 -44.42 2.60
CA THR I 102 7.74 -44.98 3.63
C THR I 102 9.23 -44.81 3.34
N VAL I 103 9.57 -44.28 2.17
CA VAL I 103 10.94 -44.03 1.68
C VAL I 103 11.06 -42.61 1.14
N ALA I 104 12.26 -42.05 1.10
CA ALA I 104 12.49 -40.73 0.55
C ALA I 104 12.38 -40.73 -0.98
N ILE I 105 11.16 -40.56 -1.51
CA ILE I 105 10.91 -40.57 -2.96
C ILE I 105 11.78 -39.56 -3.69
N LEU I 106 11.96 -38.35 -3.15
CA LEU I 106 12.78 -37.33 -3.82
C LEU I 106 14.25 -37.72 -3.94
N THR I 107 14.80 -38.51 -3.00
CA THR I 107 16.16 -39.04 -3.14
C THR I 107 16.25 -40.07 -4.26
N GLU I 108 15.28 -40.98 -4.37
CA GLU I 108 15.28 -41.94 -5.46
C GLU I 108 15.06 -41.26 -6.82
N VAL I 109 14.15 -40.28 -6.90
CA VAL I 109 13.92 -39.49 -8.10
C VAL I 109 15.18 -38.72 -8.52
N ALA I 110 15.94 -38.15 -7.58
CA ALA I 110 17.17 -37.47 -7.91
C ALA I 110 18.23 -38.43 -8.49
N GLU I 111 18.37 -39.63 -7.93
CA GLU I 111 19.30 -40.64 -8.44
C GLU I 111 18.88 -41.20 -9.81
N GLN I 112 17.60 -41.45 -10.00
CA GLN I 112 17.08 -41.93 -11.26
C GLN I 112 17.16 -40.88 -12.36
N GLY I 113 16.91 -39.61 -12.06
CA GLY I 113 17.12 -38.50 -12.99
C GLY I 113 18.58 -38.31 -13.35
N GLY I 114 19.49 -38.42 -12.39
CA GLY I 114 20.93 -38.38 -12.66
C GLY I 114 21.39 -39.46 -13.63
N GLN I 115 20.92 -40.70 -13.44
CA GLN I 115 21.20 -41.80 -14.37
C GLN I 115 20.66 -41.55 -15.78
N ALA I 116 19.46 -40.96 -15.91
CA ALA I 116 18.89 -40.63 -17.22
C ALA I 116 19.72 -39.57 -17.95
N ILE I 117 20.31 -38.62 -17.24
CA ILE I 117 21.24 -37.64 -17.81
C ILE I 117 22.52 -38.33 -18.31
N GLY I 118 23.08 -39.27 -17.55
CA GLY I 118 24.22 -40.07 -18.00
C GLY I 118 23.95 -40.82 -19.30
N LYS I 119 22.82 -41.52 -19.41
CA LYS I 119 22.40 -42.20 -20.66
C LYS I 119 22.32 -41.24 -21.83
N LYS I 120 21.75 -40.06 -21.64
CA LYS I 120 21.56 -39.08 -22.71
C LYS I 120 22.88 -38.49 -23.20
N LEU I 121 23.88 -38.33 -22.33
CA LEU I 121 25.25 -37.96 -22.70
C LEU I 121 25.94 -39.04 -23.54
N ASP I 122 25.93 -40.30 -23.10
CA ASP I 122 26.60 -41.38 -23.85
C ASP I 122 25.98 -41.59 -25.23
N GLN I 123 24.66 -41.52 -25.34
CA GLN I 123 23.97 -41.56 -26.62
C GLN I 123 24.47 -40.48 -27.58
N ALA I 124 24.61 -39.24 -27.12
CA ALA I 124 25.07 -38.13 -27.94
C ALA I 124 26.53 -38.32 -28.35
N VAL I 125 27.42 -38.57 -27.41
CA VAL I 125 28.87 -38.62 -27.67
C VAL I 125 29.27 -39.83 -28.50
N ILE I 126 28.75 -41.02 -28.20
CA ILE I 126 29.19 -42.24 -28.89
C ILE I 126 28.47 -42.38 -30.23
N PHE I 127 27.15 -42.23 -30.25
CA PHE I 127 26.33 -42.58 -31.42
C PHE I 127 25.80 -41.38 -32.20
N GLY I 128 25.87 -40.17 -31.66
CA GLY I 128 25.28 -38.99 -32.28
C GLY I 128 23.76 -38.94 -32.14
N ILE I 129 23.17 -39.77 -31.28
CA ILE I 129 21.73 -39.81 -31.04
C ILE I 129 21.34 -38.55 -30.25
N ASP I 130 20.41 -37.76 -30.79
CA ASP I 130 20.00 -36.45 -30.25
C ASP I 130 21.13 -35.42 -30.11
N LYS I 131 22.27 -35.58 -30.78
CA LYS I 131 23.47 -34.75 -30.54
C LYS I 131 23.13 -33.26 -30.74
N PRO I 132 23.51 -32.36 -29.82
CA PRO I 132 23.35 -30.93 -30.02
C PRO I 132 24.05 -30.45 -31.28
N ALA I 133 23.37 -29.64 -32.10
CA ALA I 133 23.92 -29.13 -33.36
C ALA I 133 25.13 -28.20 -33.17
N SER I 134 25.30 -27.67 -31.96
CA SER I 134 26.46 -26.86 -31.55
C SER I 134 27.76 -27.64 -31.47
N TRP I 135 27.70 -28.96 -31.31
CA TRP I 135 28.89 -29.81 -31.28
C TRP I 135 29.34 -30.09 -32.71
N VAL I 136 30.37 -29.41 -33.18
CA VAL I 136 30.85 -29.56 -34.57
C VAL I 136 31.67 -30.82 -34.79
N SER I 137 32.23 -31.41 -33.72
CA SER I 137 32.85 -32.73 -33.79
C SER I 137 31.81 -33.80 -34.17
N PRO I 138 32.11 -34.72 -35.09
CA PRO I 138 31.26 -35.87 -35.33
C PRO I 138 31.30 -36.78 -34.10
N ALA I 139 30.18 -37.43 -33.75
CA ALA I 139 30.16 -38.39 -32.66
C ALA I 139 30.99 -39.63 -33.02
N LEU I 140 31.48 -40.41 -32.05
CA LEU I 140 32.50 -41.43 -32.30
C LEU I 140 32.14 -42.42 -33.41
N VAL I 141 30.91 -42.95 -33.45
CA VAL I 141 30.51 -43.87 -34.52
C VAL I 141 30.41 -43.16 -35.87
N PRO I 142 29.67 -42.06 -36.04
CA PRO I 142 29.69 -41.31 -37.29
C PRO I 142 31.08 -40.88 -37.77
N ALA I 143 31.97 -40.50 -36.86
CA ALA I 143 33.34 -40.12 -37.17
C ALA I 143 34.10 -41.27 -37.82
N ALA I 144 34.10 -42.44 -37.17
CA ALA I 144 34.77 -43.62 -37.68
C ALA I 144 34.21 -44.08 -39.03
N VAL I 145 32.89 -44.05 -39.21
CA VAL I 145 32.26 -44.43 -40.47
C VAL I 145 32.63 -43.47 -41.60
N ALA I 146 32.55 -42.15 -41.36
CA ALA I 146 32.90 -41.14 -42.36
C ALA I 146 34.39 -41.18 -42.73
N ALA I 147 35.27 -41.45 -41.76
CA ALA I 147 36.70 -41.62 -41.97
C ALA I 147 37.09 -42.91 -42.72
N GLY I 148 36.16 -43.82 -42.98
CA GLY I 148 36.46 -45.13 -43.58
C GLY I 148 37.15 -46.11 -42.63
N GLN I 149 37.10 -45.84 -41.31
CA GLN I 149 37.70 -46.66 -40.26
C GLN I 149 36.66 -47.60 -39.60
N ALA I 150 35.68 -48.04 -40.37
CA ALA I 150 34.63 -48.96 -39.95
C ALA I 150 34.85 -50.34 -40.57
N ILE I 151 34.81 -51.40 -39.77
CA ILE I 151 34.91 -52.80 -40.22
C ILE I 151 33.62 -53.53 -39.89
N ALA I 152 32.94 -54.10 -40.88
CA ALA I 152 31.76 -54.90 -40.64
C ALA I 152 32.15 -56.27 -40.07
N HIS I 153 31.62 -56.62 -38.91
CA HIS I 153 31.79 -57.94 -38.30
C HIS I 153 31.16 -59.04 -39.17
N VAL I 154 31.79 -60.22 -39.23
CA VAL I 154 31.24 -61.44 -39.83
C VAL I 154 31.04 -62.48 -38.73
N SER I 155 29.79 -62.83 -38.48
CA SER I 155 29.36 -63.74 -37.43
C SER I 155 29.45 -65.22 -37.85
N GLY I 156 29.36 -66.13 -36.89
CA GLY I 156 29.42 -67.57 -37.12
C GLY I 156 30.81 -68.11 -36.84
N VAL I 157 31.39 -68.87 -37.78
CA VAL I 157 32.70 -69.51 -37.61
C VAL I 157 33.77 -68.46 -37.35
N ALA I 158 34.72 -68.74 -36.46
CA ALA I 158 35.88 -67.89 -36.24
C ALA I 158 36.61 -67.60 -37.55
N ASN I 159 36.90 -66.32 -37.83
CA ASN I 159 37.40 -65.84 -39.11
C ASN I 159 38.04 -64.47 -38.93
N GLU I 160 38.77 -63.95 -39.90
CA GLU I 160 39.48 -62.67 -39.74
C GLU I 160 38.59 -61.45 -39.48
N PHE I 161 37.28 -61.52 -39.71
CA PHE I 161 36.28 -60.52 -39.35
C PHE I 161 35.35 -60.93 -38.21
N ASP I 162 35.68 -61.98 -37.45
CA ASP I 162 34.99 -62.26 -36.19
C ASP I 162 35.22 -61.14 -35.17
N LEU I 163 34.69 -61.22 -33.95
CA LEU I 163 34.77 -60.13 -32.99
C LEU I 163 36.21 -59.74 -32.63
N VAL I 164 37.11 -60.70 -32.51
CA VAL I 164 38.53 -60.43 -32.22
C VAL I 164 39.24 -59.97 -33.49
N GLY I 165 38.97 -60.60 -34.62
CA GLY I 165 39.56 -60.22 -35.89
C GLY I 165 39.18 -58.82 -36.33
N ALA I 166 37.91 -58.47 -36.32
CA ALA I 166 37.42 -57.15 -36.68
C ALA I 166 37.97 -56.07 -35.72
N SER I 167 38.05 -56.35 -34.42
CA SER I 167 38.71 -55.43 -33.50
C SER I 167 40.17 -55.20 -33.83
N ASN I 168 40.91 -56.25 -34.20
CA ASN I 168 42.30 -56.14 -34.64
C ASN I 168 42.41 -55.32 -35.94
N LYS I 169 41.54 -55.55 -36.92
CA LYS I 169 41.52 -54.75 -38.16
C LYS I 169 41.21 -53.29 -37.93
N VAL I 170 40.29 -52.97 -37.02
CA VAL I 170 39.99 -51.58 -36.65
C VAL I 170 41.18 -50.92 -35.96
N ALA I 171 41.80 -51.58 -34.98
CA ALA I 171 42.98 -51.02 -34.35
C ALA I 171 44.13 -50.82 -35.35
N GLU I 172 44.31 -51.71 -36.33
CA GLU I 172 45.28 -51.49 -37.41
C GLU I 172 45.00 -50.19 -38.15
N LYS I 173 43.77 -49.93 -38.59
CA LYS I 173 43.43 -48.67 -39.27
C LYS I 173 43.71 -47.44 -38.41
N VAL I 174 43.41 -47.48 -37.12
CA VAL I 174 43.72 -46.35 -36.21
C VAL I 174 45.23 -46.20 -36.02
N ALA I 175 45.99 -47.29 -35.93
CA ALA I 175 47.45 -47.23 -35.84
C ALA I 175 48.12 -46.70 -37.11
N LEU I 176 47.65 -47.11 -38.29
CA LEU I 176 48.12 -46.59 -39.57
C LEU I 176 47.73 -45.13 -39.83
N ALA I 177 46.70 -44.61 -39.15
CA ALA I 177 46.42 -43.17 -39.14
C ALA I 177 47.42 -42.37 -38.28
N GLY I 178 48.33 -43.02 -37.56
CA GLY I 178 49.31 -42.39 -36.69
C GLY I 178 48.85 -42.20 -35.26
N TRP I 179 47.69 -42.72 -34.88
CA TRP I 179 47.15 -42.67 -33.52
C TRP I 179 47.49 -43.92 -32.71
N ALA I 180 47.32 -43.88 -31.39
CA ALA I 180 47.55 -45.01 -30.50
C ALA I 180 46.21 -45.56 -30.00
N PRO I 181 45.58 -46.53 -30.68
CA PRO I 181 44.32 -47.10 -30.22
C PRO I 181 44.52 -47.80 -28.88
N ASP I 182 43.80 -47.37 -27.84
CA ASP I 182 44.06 -47.84 -26.48
C ASP I 182 42.81 -48.14 -25.68
N THR I 183 41.63 -47.82 -26.20
CA THR I 183 40.37 -47.86 -25.47
C THR I 183 39.31 -48.52 -26.33
N LEU I 184 38.54 -49.43 -25.75
CA LEU I 184 37.44 -50.14 -26.38
C LEU I 184 36.15 -49.87 -25.59
N LEU I 185 35.12 -49.34 -26.24
CA LEU I 185 33.78 -49.17 -25.67
C LEU I 185 32.85 -50.23 -26.25
N SER I 186 32.01 -50.87 -25.44
CA SER I 186 31.08 -51.90 -25.90
C SER I 186 29.90 -52.11 -24.96
N SER I 187 28.81 -52.75 -25.39
CA SER I 187 27.90 -53.43 -24.46
C SER I 187 28.53 -54.69 -23.89
N LEU I 188 27.92 -55.28 -22.85
CA LEU I 188 28.36 -56.58 -22.30
C LEU I 188 28.27 -57.73 -23.30
N ALA I 189 27.52 -57.62 -24.39
CA ALA I 189 27.35 -58.69 -25.35
C ALA I 189 28.67 -59.13 -25.98
N LEU I 190 29.64 -58.23 -26.13
CA LEU I 190 30.96 -58.56 -26.66
C LEU I 190 31.68 -59.58 -25.77
N ARG I 191 31.61 -59.42 -24.45
CA ARG I 191 32.29 -60.29 -23.50
C ARG I 191 31.75 -61.71 -23.54
N TYR I 192 30.44 -61.87 -23.62
CA TYR I 192 29.81 -63.18 -23.74
C TYR I 192 30.03 -63.80 -25.11
N GLN I 193 29.97 -63.05 -26.20
CA GLN I 193 30.10 -63.62 -27.53
C GLN I 193 31.53 -64.07 -27.85
N VAL I 194 32.54 -63.35 -27.40
CA VAL I 194 33.93 -63.80 -27.57
C VAL I 194 34.20 -65.10 -26.81
N ALA I 195 33.56 -65.31 -25.67
CA ALA I 195 33.65 -66.56 -24.93
C ALA I 195 32.99 -67.76 -25.63
N ASN I 196 32.23 -67.58 -26.72
CA ASN I 196 31.49 -68.64 -27.40
C ASN I 196 31.65 -68.67 -28.92
N VAL I 197 32.34 -67.71 -29.57
CA VAL I 197 32.59 -67.82 -31.04
C VAL I 197 33.43 -69.09 -31.17
N ARG I 198 33.20 -69.95 -32.17
CA ARG I 198 33.90 -71.27 -32.28
C ARG I 198 34.39 -71.55 -33.69
N ASP I 199 35.51 -72.28 -33.84
CA ASP I 199 36.14 -72.57 -35.14
C ASP I 199 35.33 -73.60 -35.95
N ALA I 200 35.87 -74.14 -37.07
CA ALA I 200 35.13 -75.02 -37.95
C ALA I 200 34.84 -76.41 -37.35
N ASP I 201 35.60 -76.86 -36.36
CA ASP I 201 35.38 -78.13 -35.67
C ASP I 201 34.38 -78.00 -34.50
N GLY I 202 34.16 -76.78 -34.03
CA GLY I 202 33.15 -76.45 -33.04
C GLY I 202 33.70 -76.19 -31.65
N ASN I 203 35.02 -76.32 -31.45
CA ASN I 203 35.67 -75.98 -30.20
C ASN I 203 35.74 -74.46 -30.02
N LEU I 204 35.87 -73.99 -28.78
CA LEU I 204 35.95 -72.56 -28.48
C LEU I 204 37.22 -71.97 -29.08
N ALA I 205 37.11 -70.88 -29.84
CA ALA I 205 38.25 -70.32 -30.54
C ALA I 205 39.15 -69.46 -29.63
N PHE I 206 38.56 -68.70 -28.71
CA PHE I 206 39.26 -67.75 -27.85
C PHE I 206 38.98 -68.06 -26.38
N ARG I 207 39.63 -69.09 -25.85
CA ARG I 207 39.36 -69.56 -24.48
C ARG I 207 39.86 -68.59 -23.40
N ASP I 208 40.85 -67.76 -23.70
CA ASP I 208 41.37 -66.71 -22.80
C ASP I 208 42.13 -65.60 -23.57
N GLY I 209 42.38 -64.46 -22.91
CA GLY I 209 43.39 -63.47 -23.33
C GLY I 209 42.99 -62.49 -24.43
N SER I 210 41.70 -62.37 -24.75
CA SER I 210 41.20 -61.43 -25.74
C SER I 210 41.22 -59.98 -25.26
N PHE I 211 41.37 -59.03 -26.19
CA PHE I 211 41.33 -57.58 -25.95
C PHE I 211 42.35 -57.02 -24.94
N LEU I 212 43.42 -57.76 -24.67
CA LEU I 212 44.60 -57.18 -24.03
C LEU I 212 45.14 -56.03 -24.90
N GLY I 213 45.71 -55.02 -24.27
CA GLY I 213 46.11 -53.78 -24.94
C GLY I 213 44.97 -52.77 -25.18
N PHE I 214 43.71 -53.11 -24.88
CA PHE I 214 42.63 -52.14 -24.76
C PHE I 214 42.20 -51.99 -23.30
N ASN I 215 42.11 -50.76 -22.80
CA ASN I 215 41.22 -50.46 -21.67
C ASN I 215 39.79 -50.68 -22.15
N THR I 216 39.06 -51.60 -21.54
CA THR I 216 37.70 -51.94 -22.00
C THR I 216 36.68 -51.38 -21.05
N HIS I 217 35.71 -50.63 -21.55
CA HIS I 217 34.60 -50.06 -20.80
C HIS I 217 33.30 -50.64 -21.32
N PHE I 218 32.47 -51.16 -20.43
CA PHE I 218 31.17 -51.73 -20.78
C PHE I 218 30.05 -50.77 -20.44
N ASN I 219 29.19 -50.44 -21.40
CA ASN I 219 28.04 -49.57 -21.21
C ASN I 219 26.89 -50.34 -20.56
N ARG I 220 26.55 -50.01 -19.31
CA ARG I 220 25.46 -50.63 -18.54
C ARG I 220 24.22 -49.75 -18.35
N ASN I 221 24.26 -48.46 -18.67
CA ASN I 221 23.13 -47.54 -18.52
C ASN I 221 22.11 -47.58 -19.67
N GLY I 222 22.22 -48.53 -20.59
CA GLY I 222 21.28 -48.68 -21.70
C GLY I 222 21.42 -47.68 -22.85
N ALA I 223 22.49 -46.89 -22.89
CA ALA I 223 22.77 -45.99 -24.01
C ALA I 223 23.14 -46.73 -25.31
N TRP I 224 23.77 -47.89 -25.22
CA TRP I 224 24.34 -48.58 -26.38
C TRP I 224 23.30 -48.90 -27.46
N ALA I 225 23.65 -48.67 -28.71
CA ALA I 225 22.82 -48.99 -29.87
C ALA I 225 23.44 -50.15 -30.65
N PRO I 226 23.07 -51.41 -30.37
CA PRO I 226 23.70 -52.58 -30.98
C PRO I 226 23.43 -52.72 -32.48
N THR I 227 22.48 -51.98 -33.02
CA THR I 227 22.23 -51.86 -34.48
C THR I 227 23.22 -50.91 -35.17
N SER I 228 23.96 -50.10 -34.42
CA SER I 228 24.94 -49.13 -34.93
C SER I 228 26.37 -49.59 -34.75
N ALA I 229 26.74 -50.15 -33.61
CA ALA I 229 28.10 -50.66 -33.37
C ALA I 229 28.14 -51.91 -32.51
N VAL I 230 29.09 -52.78 -32.78
CA VAL I 230 29.51 -53.87 -31.89
C VAL I 230 30.52 -53.37 -30.87
N GLY I 231 31.43 -52.50 -31.29
CA GLY I 231 32.42 -51.89 -30.41
C GLY I 231 33.12 -50.72 -31.06
N VAL I 232 33.53 -49.75 -30.26
CA VAL I 232 34.23 -48.53 -30.70
C VAL I 232 35.64 -48.55 -30.13
N ILE I 233 36.64 -48.38 -30.98
CA ILE I 233 38.06 -48.40 -30.59
C ILE I 233 38.64 -47.02 -30.82
N ALA I 234 39.21 -46.40 -29.79
CA ALA I 234 39.67 -45.03 -29.84
C ALA I 234 41.04 -44.84 -29.22
N ASP I 235 41.78 -43.84 -29.70
CA ASP I 235 42.89 -43.26 -28.95
C ASP I 235 42.32 -42.30 -27.92
N SER I 236 42.21 -42.74 -26.68
CA SER I 236 41.58 -41.95 -25.62
C SER I 236 42.38 -40.72 -25.23
N SER I 237 43.56 -40.45 -25.79
CA SER I 237 44.20 -39.14 -25.63
C SER I 237 43.49 -38.06 -26.43
N ARG I 238 42.79 -38.42 -27.50
CA ARG I 238 42.21 -37.49 -28.50
C ARG I 238 40.73 -37.20 -28.33
N VAL I 239 40.09 -37.73 -27.32
CA VAL I 239 38.69 -37.44 -26.98
C VAL I 239 38.66 -36.74 -25.64
N LYS I 240 38.01 -35.59 -25.55
CA LYS I 240 37.78 -34.88 -24.28
C LYS I 240 36.30 -34.66 -24.07
N ILE I 241 35.83 -34.88 -22.86
CA ILE I 241 34.46 -34.53 -22.47
C ILE I 241 34.57 -33.32 -21.55
N GLY I 242 33.95 -32.21 -21.92
CA GLY I 242 33.99 -31.00 -21.13
C GLY I 242 32.81 -30.93 -20.18
N VAL I 243 33.04 -30.63 -18.91
CA VAL I 243 32.00 -30.52 -17.89
C VAL I 243 31.89 -29.07 -17.44
N ARG I 244 30.97 -28.31 -18.03
CA ARG I 244 30.70 -26.93 -17.64
C ARG I 244 29.90 -26.86 -16.34
N GLN I 245 28.98 -27.78 -16.13
CA GLN I 245 28.20 -27.90 -14.90
C GLN I 245 27.82 -29.35 -14.68
N ASP I 246 28.23 -29.90 -13.54
CA ASP I 246 27.82 -31.23 -13.10
C ASP I 246 26.32 -31.27 -12.78
N ILE I 247 25.73 -32.45 -12.58
CA ILE I 247 24.30 -32.59 -12.31
C ILE I 247 23.93 -31.82 -11.03
N THR I 248 23.04 -30.85 -11.18
CA THR I 248 22.54 -29.97 -10.10
C THR I 248 21.04 -30.08 -10.03
N VAL I 249 20.49 -29.96 -8.82
CA VAL I 249 19.08 -30.23 -8.53
C VAL I 249 18.43 -29.03 -7.84
N LYS I 250 17.26 -28.61 -8.32
CA LYS I 250 16.43 -27.57 -7.70
C LYS I 250 15.06 -28.12 -7.37
N PHE I 251 14.62 -27.96 -6.13
CA PHE I 251 13.26 -28.25 -5.72
C PHE I 251 12.31 -27.10 -6.11
N LEU I 252 11.28 -27.40 -6.89
CA LEU I 252 10.25 -26.46 -7.34
C LEU I 252 8.94 -26.71 -6.60
N ASP I 253 8.30 -25.67 -6.11
CA ASP I 253 7.08 -25.74 -5.32
C ASP I 253 6.03 -24.70 -5.70
N GLN I 254 6.36 -23.70 -6.52
CA GLN I 254 5.41 -22.71 -7.04
C GLN I 254 5.32 -22.69 -8.57
N ALA I 255 6.28 -23.29 -9.28
CA ALA I 255 6.41 -23.17 -10.72
C ALA I 255 5.22 -23.68 -11.54
N THR I 256 5.08 -23.20 -12.77
CA THR I 256 4.20 -23.78 -13.77
C THR I 256 5.03 -24.58 -14.75
N LEU I 257 4.61 -25.81 -15.04
CA LEU I 257 5.23 -26.68 -16.02
C LEU I 257 4.28 -26.81 -17.21
N GLY I 258 4.76 -26.68 -18.43
CA GLY I 258 3.94 -26.78 -19.65
C GLY I 258 2.96 -25.62 -19.85
N THR I 259 2.16 -25.68 -20.90
CA THR I 259 1.24 -24.61 -21.30
C THR I 259 -0.04 -25.19 -21.91
N GLY I 260 -1.17 -24.49 -21.77
CA GLY I 260 -2.45 -24.91 -22.34
C GLY I 260 -2.97 -26.21 -21.72
N GLU I 261 -3.36 -27.17 -22.55
CA GLU I 261 -3.92 -28.45 -22.08
C GLU I 261 -2.96 -29.30 -21.25
N ASN I 262 -1.64 -29.06 -21.35
CA ASN I 262 -0.61 -29.78 -20.59
C ASN I 262 -0.16 -29.04 -19.32
N GLN I 263 -0.77 -27.91 -18.97
CA GLN I 263 -0.26 -27.02 -17.93
C GLN I 263 -0.46 -27.57 -16.51
N ILE I 264 0.63 -27.81 -15.78
CA ILE I 264 0.62 -28.14 -14.36
C ILE I 264 1.05 -26.89 -13.60
N ASN I 265 0.15 -26.23 -12.90
CA ASN I 265 0.49 -25.20 -11.93
C ASN I 265 0.80 -25.90 -10.60
N LEU I 266 2.05 -26.02 -10.16
CA LEU I 266 2.38 -26.88 -9.03
C LEU I 266 1.63 -26.51 -7.74
N ALA I 267 1.57 -25.23 -7.40
CA ALA I 267 1.03 -24.79 -6.11
C ALA I 267 -0.47 -25.10 -5.93
N GLU I 268 -1.31 -24.80 -6.92
CA GLU I 268 -2.76 -25.03 -6.83
C GLU I 268 -3.16 -26.48 -7.08
N ARG I 269 -2.23 -27.35 -7.45
CA ARG I 269 -2.46 -28.80 -7.55
C ARG I 269 -1.81 -29.55 -6.39
N ASP I 270 -1.24 -28.83 -5.43
CA ASP I 270 -0.53 -29.35 -4.28
C ASP I 270 0.66 -30.26 -4.60
N MET I 271 1.36 -29.96 -5.68
CA MET I 271 2.51 -30.72 -6.16
C MET I 271 3.82 -30.00 -5.86
N VAL I 272 4.92 -30.73 -6.02
CA VAL I 272 6.30 -30.26 -6.04
C VAL I 272 7.02 -30.96 -7.18
N ALA I 273 8.20 -30.50 -7.56
CA ALA I 273 9.00 -31.15 -8.58
C ALA I 273 10.49 -31.03 -8.28
N LEU I 274 11.32 -31.89 -8.86
CA LEU I 274 12.75 -31.66 -8.98
C LEU I 274 13.09 -31.28 -10.41
N ARG I 275 13.86 -30.22 -10.60
CA ARG I 275 14.56 -29.92 -11.85
C ARG I 275 15.98 -30.41 -11.72
N LEU I 276 16.40 -31.33 -12.57
CA LEU I 276 17.79 -31.77 -12.69
C LEU I 276 18.37 -31.24 -13.99
N LYS I 277 19.57 -30.66 -13.93
CA LYS I 277 20.29 -30.20 -15.13
C LYS I 277 21.79 -30.33 -15.02
N ALA I 278 22.45 -30.45 -16.17
CA ALA I 278 23.90 -30.45 -16.32
C ALA I 278 24.28 -29.82 -17.66
N ARG I 279 25.51 -29.30 -17.78
CA ARG I 279 26.05 -28.79 -19.04
C ARG I 279 27.33 -29.51 -19.45
N PHE I 280 27.35 -30.04 -20.66
CA PHE I 280 28.45 -30.85 -21.19
C PHE I 280 28.88 -30.40 -22.58
N ALA I 281 30.10 -30.71 -22.97
CA ALA I 281 30.59 -30.57 -24.33
C ALA I 281 31.45 -31.75 -24.70
N TYR I 282 31.67 -31.98 -25.99
CA TYR I 282 32.55 -33.02 -26.48
C TYR I 282 33.36 -32.51 -27.67
N VAL I 283 34.63 -32.89 -27.73
CA VAL I 283 35.52 -32.59 -28.85
C VAL I 283 36.31 -33.83 -29.25
N LEU I 284 36.46 -34.03 -30.55
CA LEU I 284 37.27 -35.09 -31.14
C LEU I 284 38.50 -34.46 -31.80
N GLY I 285 39.69 -34.81 -31.34
CA GLY I 285 40.96 -34.23 -31.75
C GLY I 285 41.48 -34.73 -33.09
N VAL I 286 40.66 -34.66 -34.13
CA VAL I 286 41.05 -34.91 -35.52
C VAL I 286 42.07 -33.87 -35.96
N SER I 287 43.27 -34.29 -36.34
CA SER I 287 44.37 -33.38 -36.65
C SER I 287 45.38 -34.02 -37.60
N ALA I 288 46.45 -33.34 -37.94
CA ALA I 288 47.61 -33.98 -38.53
C ALA I 288 48.30 -34.93 -37.53
N THR I 289 48.94 -35.95 -38.06
CA THR I 289 49.90 -36.85 -37.39
C THR I 289 51.09 -37.02 -38.34
N SER I 290 52.18 -37.64 -37.92
CA SER I 290 53.35 -37.87 -38.79
C SER I 290 53.04 -38.55 -40.13
N VAL I 291 51.92 -39.26 -40.23
CA VAL I 291 51.46 -39.91 -41.46
C VAL I 291 50.85 -38.92 -42.46
N GLY I 292 50.22 -37.84 -42.01
CA GLY I 292 49.54 -36.89 -42.88
C GLY I 292 48.48 -36.04 -42.18
N ALA I 293 47.81 -35.19 -42.95
CA ALA I 293 46.77 -34.28 -42.48
C ALA I 293 45.44 -35.01 -42.16
N ASN I 294 44.60 -34.40 -41.31
CA ASN I 294 43.19 -34.78 -41.12
C ASN I 294 42.97 -36.27 -40.80
N GLN I 295 43.57 -36.78 -39.73
CA GLN I 295 43.54 -38.20 -39.35
C GLN I 295 42.57 -38.43 -38.19
N THR I 296 41.57 -39.29 -38.36
CA THR I 296 40.55 -39.55 -37.31
C THR I 296 41.05 -40.55 -36.27
N PRO I 297 40.97 -40.24 -34.96
CA PRO I 297 41.53 -41.08 -33.89
C PRO I 297 40.60 -42.18 -33.37
N VAL I 298 39.54 -42.53 -34.09
CA VAL I 298 38.55 -43.52 -33.66
C VAL I 298 38.10 -44.40 -34.83
N GLY I 299 37.97 -45.69 -34.58
CA GLY I 299 37.43 -46.69 -35.50
C GLY I 299 36.31 -47.49 -34.86
N VAL I 300 35.52 -48.20 -35.65
CA VAL I 300 34.33 -48.91 -35.17
C VAL I 300 34.17 -50.28 -35.81
N VAL I 301 33.77 -51.28 -35.04
CA VAL I 301 33.30 -52.56 -35.55
C VAL I 301 31.78 -52.45 -35.70
N THR I 302 31.24 -52.48 -36.91
CA THR I 302 29.79 -52.40 -37.13
C THR I 302 29.17 -53.81 -37.17
N PRO I 303 27.88 -53.98 -36.83
CA PRO I 303 27.28 -55.30 -36.69
C PRO I 303 27.10 -56.04 -38.02
N ASP I 304 26.95 -57.36 -37.92
CA ASP I 304 26.75 -58.21 -39.08
C ASP I 304 25.30 -58.15 -39.58
N VAL I 305 25.05 -57.42 -40.66
CA VAL I 305 23.71 -57.29 -41.27
C VAL I 305 23.44 -58.32 -42.38
N THR I 306 24.34 -59.26 -42.65
CA THR I 306 24.19 -60.27 -43.71
C THR I 306 24.23 -61.71 -43.21
N ALA I 307 24.76 -61.93 -42.01
CA ALA I 307 25.41 -63.17 -41.58
C ALA I 307 26.66 -63.49 -42.44
#